data_2KFW
#
_entry.id   2KFW
#
_entity_poly.entity_id   1
_entity_poly.type   'polypeptide(L)'
_entity_poly.pdbx_seq_one_letter_code
;MKVAKDLVVSLAYQVRTEDGVLVDESPVSAPLDYLHGHGSLISGLETALEGHEVGDKFDVAVGANDAYGQYDENLVQRVP
KDVFMGVDELQVGMRFLAETDQGPVPVEITAVEDDHVVVDGNHMLAGQNLKFNVEVVAIREATEEELAHGHVHGAHDHHH
DHDHDGCCGGHGHDHGHEHGGEGCCGGKGNGGCGCH
;
_entity_poly.pdbx_strand_id   A
#
# COMPACT_ATOMS: atom_id res chain seq x y z
N MET A 1 -3.16 -28.17 3.66
CA MET A 1 -2.96 -26.88 4.39
C MET A 1 -3.60 -25.73 3.62
N LYS A 2 -3.90 -24.64 4.29
CA LYS A 2 -4.53 -23.49 3.58
C LYS A 2 -3.71 -22.21 3.82
N VAL A 3 -3.55 -21.41 2.81
CA VAL A 3 -2.77 -20.15 2.98
C VAL A 3 -3.32 -19.33 4.13
N ALA A 4 -2.47 -18.75 4.93
CA ALA A 4 -2.95 -17.94 6.08
C ALA A 4 -1.88 -16.94 6.51
N LYS A 5 -2.16 -16.16 7.53
CA LYS A 5 -1.15 -15.16 7.98
C LYS A 5 0.13 -15.86 8.45
N ASP A 6 1.21 -15.16 8.52
CA ASP A 6 2.49 -15.78 8.96
C ASP A 6 2.82 -16.98 8.07
N LEU A 7 2.71 -16.81 6.78
CA LEU A 7 3.02 -17.95 5.86
C LEU A 7 3.49 -17.42 4.50
N VAL A 8 4.77 -17.34 4.29
CA VAL A 8 5.28 -16.83 2.98
C VAL A 8 4.62 -17.59 1.83
N VAL A 9 4.09 -16.88 0.86
CA VAL A 9 3.44 -17.57 -0.28
C VAL A 9 3.70 -16.81 -1.58
N SER A 10 4.28 -17.46 -2.55
CA SER A 10 4.54 -16.77 -3.84
C SER A 10 3.34 -16.94 -4.78
N LEU A 11 2.58 -15.91 -4.97
CA LEU A 11 1.38 -16.03 -5.87
C LEU A 11 1.36 -14.88 -6.88
N ALA A 12 1.51 -15.19 -8.14
CA ALA A 12 1.48 -14.11 -9.18
C ALA A 12 0.03 -13.68 -9.43
N TYR A 13 -0.19 -12.44 -9.77
CA TYR A 13 -1.59 -11.98 -10.03
C TYR A 13 -1.59 -10.77 -10.96
N GLN A 14 -2.52 -10.72 -11.86
CA GLN A 14 -2.59 -9.56 -12.80
C GLN A 14 -3.75 -8.63 -12.39
N VAL A 15 -3.49 -7.37 -12.24
CA VAL A 15 -4.59 -6.43 -11.84
C VAL A 15 -4.92 -5.48 -12.98
N ARG A 16 -6.17 -5.17 -13.16
CA ARG A 16 -6.58 -4.24 -14.25
C ARG A 16 -7.73 -3.35 -13.79
N THR A 17 -7.66 -2.07 -14.08
CA THR A 17 -8.75 -1.16 -13.65
C THR A 17 -9.89 -1.17 -14.68
N GLU A 18 -11.10 -0.91 -14.24
CA GLU A 18 -12.25 -0.90 -15.19
C GLU A 18 -11.95 0.01 -16.38
N ASP A 19 -11.18 1.03 -16.17
CA ASP A 19 -10.85 1.96 -17.29
C ASP A 19 -10.09 1.21 -18.39
N GLY A 20 -9.67 0.01 -18.11
CA GLY A 20 -8.92 -0.77 -19.15
C GLY A 20 -7.43 -0.51 -19.00
N VAL A 21 -6.97 -0.33 -17.79
CA VAL A 21 -5.52 -0.08 -17.58
C VAL A 21 -4.91 -1.14 -16.67
N LEU A 22 -3.65 -1.44 -16.84
CA LEU A 22 -3.00 -2.46 -15.98
C LEU A 22 -2.06 -1.79 -14.98
N VAL A 23 -2.41 -1.82 -13.72
CA VAL A 23 -1.52 -1.19 -12.70
C VAL A 23 -0.31 -2.07 -12.42
N ASP A 24 -0.49 -3.37 -12.47
CA ASP A 24 0.66 -4.29 -12.21
C ASP A 24 0.27 -5.72 -12.57
N GLU A 25 1.23 -6.52 -12.98
CA GLU A 25 0.91 -7.93 -13.35
C GLU A 25 2.11 -8.84 -13.04
N SER A 26 1.88 -9.94 -12.37
CA SER A 26 3.01 -10.86 -12.06
C SER A 26 2.90 -12.14 -12.91
N PRO A 27 3.94 -12.41 -13.64
CA PRO A 27 3.97 -13.61 -14.51
C PRO A 27 4.13 -14.88 -13.66
N VAL A 28 3.70 -16.01 -14.17
CA VAL A 28 3.83 -17.27 -13.41
C VAL A 28 5.30 -17.66 -13.27
N SER A 29 6.11 -17.29 -14.22
CA SER A 29 7.56 -17.65 -14.14
C SER A 29 8.26 -16.79 -13.08
N ALA A 30 7.55 -15.86 -12.49
CA ALA A 30 8.18 -15.00 -11.44
C ALA A 30 7.12 -14.58 -10.42
N PRO A 31 6.73 -15.51 -9.60
CA PRO A 31 5.72 -15.23 -8.55
C PRO A 31 6.31 -14.38 -7.43
N LEU A 32 5.56 -13.48 -6.89
CA LEU A 32 6.08 -12.61 -5.79
C LEU A 32 5.90 -13.30 -4.45
N ASP A 33 6.98 -13.76 -3.86
CA ASP A 33 6.87 -14.44 -2.53
C ASP A 33 6.83 -13.41 -1.41
N TYR A 34 5.89 -13.54 -0.51
CA TYR A 34 5.80 -12.55 0.62
C TYR A 34 4.98 -13.15 1.76
N LEU A 35 5.01 -12.52 2.91
CA LEU A 35 4.23 -13.03 4.07
C LEU A 35 2.73 -12.79 3.84
N HIS A 36 1.93 -13.82 3.93
CA HIS A 36 0.47 -13.64 3.73
C HIS A 36 -0.13 -12.83 4.88
N GLY A 37 -1.11 -12.02 4.59
CA GLY A 37 -1.74 -11.19 5.67
C GLY A 37 -0.88 -9.96 5.93
N HIS A 38 0.35 -10.15 6.30
CA HIS A 38 1.24 -8.98 6.57
C HIS A 38 2.57 -9.13 5.83
N GLY A 39 2.62 -8.69 4.60
CA GLY A 39 3.89 -8.82 3.82
C GLY A 39 4.04 -7.61 2.89
N SER A 40 3.01 -7.29 2.16
CA SER A 40 3.08 -6.12 1.24
C SER A 40 1.77 -5.98 0.46
N LEU A 41 1.43 -6.95 -0.35
CA LEU A 41 0.17 -6.88 -1.13
C LEU A 41 -0.97 -6.36 -0.25
N ILE A 42 -1.82 -5.54 -0.79
CA ILE A 42 -2.95 -5.01 0.03
C ILE A 42 -3.58 -6.12 0.87
N SER A 43 -3.98 -5.81 2.07
CA SER A 43 -4.60 -6.86 2.94
C SER A 43 -5.82 -7.46 2.26
N GLY A 44 -6.67 -6.63 1.70
CA GLY A 44 -7.89 -7.17 1.01
C GLY A 44 -7.51 -8.38 0.17
N LEU A 45 -6.33 -8.38 -0.39
CA LEU A 45 -5.89 -9.54 -1.23
C LEU A 45 -5.36 -10.67 -0.34
N GLU A 46 -4.61 -10.33 0.67
CA GLU A 46 -4.06 -11.38 1.58
C GLU A 46 -5.20 -12.17 2.23
N THR A 47 -6.07 -11.48 2.93
CA THR A 47 -7.21 -12.19 3.60
C THR A 47 -8.00 -13.00 2.57
N ALA A 48 -8.22 -12.45 1.41
CA ALA A 48 -9.00 -13.19 0.36
C ALA A 48 -8.24 -14.45 -0.06
N LEU A 49 -6.94 -14.47 0.12
CA LEU A 49 -6.16 -15.67 -0.29
C LEU A 49 -6.26 -16.76 0.78
N GLU A 50 -6.51 -16.38 2.01
CA GLU A 50 -6.62 -17.40 3.10
C GLU A 50 -7.62 -18.50 2.70
N GLY A 51 -7.23 -19.73 2.86
CA GLY A 51 -8.15 -20.85 2.49
C GLY A 51 -8.37 -20.87 0.97
N HIS A 52 -7.53 -21.55 0.26
CA HIS A 52 -7.69 -21.61 -1.23
C HIS A 52 -7.04 -22.88 -1.78
N GLU A 53 -5.78 -22.82 -2.12
CA GLU A 53 -5.09 -24.03 -2.65
C GLU A 53 -3.73 -23.64 -3.25
N VAL A 54 -2.74 -24.47 -3.10
CA VAL A 54 -1.40 -24.15 -3.66
C VAL A 54 -1.33 -24.54 -5.13
N GLY A 55 -1.10 -23.58 -5.98
CA GLY A 55 -1.01 -23.89 -7.43
C GLY A 55 -2.36 -23.62 -8.09
N ASP A 56 -3.32 -23.13 -7.35
CA ASP A 56 -4.65 -22.86 -7.95
C ASP A 56 -4.81 -21.36 -8.24
N LYS A 57 -5.50 -21.03 -9.29
CA LYS A 57 -5.68 -19.59 -9.64
C LYS A 57 -7.09 -19.12 -9.25
N PHE A 58 -7.22 -17.93 -8.73
CA PHE A 58 -8.56 -17.43 -8.34
C PHE A 58 -8.64 -15.91 -8.54
N ASP A 59 -9.82 -15.39 -8.76
CA ASP A 59 -9.95 -13.92 -8.98
C ASP A 59 -10.57 -13.27 -7.74
N VAL A 60 -10.00 -12.19 -7.27
CA VAL A 60 -10.56 -11.51 -6.07
C VAL A 60 -10.63 -9.99 -6.31
N ALA A 61 -11.75 -9.40 -6.04
CA ALA A 61 -11.88 -7.92 -6.24
C ALA A 61 -11.52 -7.17 -4.96
N VAL A 62 -10.57 -6.28 -5.03
CA VAL A 62 -10.19 -5.51 -3.80
C VAL A 62 -9.51 -4.20 -4.19
N GLY A 63 -10.18 -3.09 -3.99
CA GLY A 63 -9.56 -1.78 -4.35
C GLY A 63 -10.08 -0.69 -3.41
N ALA A 64 -11.28 -0.22 -3.65
CA ALA A 64 -11.84 0.84 -2.76
C ALA A 64 -12.35 0.24 -1.45
N ASN A 65 -12.69 -1.02 -1.47
CA ASN A 65 -13.19 -1.67 -0.22
C ASN A 65 -12.03 -1.95 0.73
N ASP A 66 -10.83 -2.00 0.23
CA ASP A 66 -9.66 -2.27 1.10
C ASP A 66 -8.41 -2.51 0.25
N ALA A 67 -7.87 -1.47 -0.32
CA ALA A 67 -6.64 -1.65 -1.17
C ALA A 67 -6.08 -0.29 -1.57
N TYR A 68 -6.60 0.30 -2.62
CA TYR A 68 -6.09 1.63 -3.06
C TYR A 68 -7.12 2.72 -2.78
N GLY A 69 -8.38 2.43 -3.00
CA GLY A 69 -9.43 3.45 -2.75
C GLY A 69 -9.68 3.58 -1.24
N GLN A 70 -9.92 2.49 -0.58
CA GLN A 70 -10.16 2.54 0.89
C GLN A 70 -11.41 3.39 1.19
N TYR A 71 -12.45 3.20 0.44
CA TYR A 71 -13.69 4.00 0.68
C TYR A 71 -14.00 4.08 2.17
N ASP A 72 -14.48 5.19 2.63
CA ASP A 72 -14.79 5.34 4.09
C ASP A 72 -16.27 5.02 4.35
N GLU A 73 -16.58 3.77 4.57
CA GLU A 73 -18.00 3.39 4.83
C GLU A 73 -18.49 4.02 6.13
N ASN A 74 -17.59 4.55 6.92
CA ASN A 74 -17.99 5.17 8.21
C ASN A 74 -18.43 6.62 7.98
N LEU A 75 -18.40 7.08 6.76
CA LEU A 75 -18.83 8.48 6.47
C LEU A 75 -20.14 8.49 5.70
N VAL A 76 -20.53 7.37 5.16
CA VAL A 76 -21.80 7.31 4.39
C VAL A 76 -22.96 6.94 5.31
N GLN A 77 -23.98 7.75 5.37
CA GLN A 77 -25.14 7.43 6.25
C GLN A 77 -26.46 7.80 5.55
N ARG A 78 -27.37 6.87 5.46
CA ARG A 78 -28.66 7.17 4.79
C ARG A 78 -29.77 7.33 5.83
N VAL A 79 -30.39 8.48 5.88
CA VAL A 79 -31.48 8.69 6.88
C VAL A 79 -32.55 9.63 6.30
N PRO A 80 -33.77 9.40 6.70
CA PRO A 80 -34.89 10.25 6.22
C PRO A 80 -34.84 11.62 6.88
N LYS A 81 -35.56 12.58 6.33
CA LYS A 81 -35.56 13.94 6.94
C LYS A 81 -36.33 13.94 8.26
N ASP A 82 -36.91 12.82 8.62
CA ASP A 82 -37.68 12.76 9.89
C ASP A 82 -36.80 13.16 11.07
N VAL A 83 -35.51 13.11 10.90
CA VAL A 83 -34.59 13.49 12.02
C VAL A 83 -34.14 14.94 11.87
N PHE A 84 -34.54 15.59 10.82
CA PHE A 84 -34.14 17.01 10.62
C PHE A 84 -34.78 17.57 9.34
N MET A 85 -35.65 18.54 9.48
CA MET A 85 -36.31 19.12 8.27
C MET A 85 -36.45 20.64 8.44
N GLY A 86 -35.66 21.23 9.27
CA GLY A 86 -35.75 22.70 9.48
C GLY A 86 -34.35 23.29 9.66
N VAL A 87 -33.44 22.94 8.79
CA VAL A 87 -32.06 23.49 8.90
C VAL A 87 -31.94 24.79 8.10
N ASP A 88 -33.00 25.55 8.02
CA ASP A 88 -32.94 26.84 7.26
C ASP A 88 -32.86 26.55 5.76
N GLU A 89 -32.87 25.30 5.38
CA GLU A 89 -32.78 24.95 3.93
C GLU A 89 -32.48 23.47 3.76
N LEU A 90 -33.46 22.68 3.40
CA LEU A 90 -33.22 21.22 3.22
C LEU A 90 -33.22 20.86 1.74
N GLN A 91 -32.06 20.62 1.18
CA GLN A 91 -31.99 20.26 -0.26
C GLN A 91 -30.83 19.29 -0.50
N VAL A 92 -30.92 18.49 -1.54
CA VAL A 92 -29.83 17.52 -1.82
C VAL A 92 -28.53 18.26 -2.16
N GLY A 93 -27.42 17.80 -1.64
CA GLY A 93 -26.13 18.49 -1.93
C GLY A 93 -25.73 19.35 -0.74
N MET A 94 -26.68 19.97 -0.09
CA MET A 94 -26.37 20.83 1.08
C MET A 94 -25.38 20.11 2.01
N ARG A 95 -24.63 20.85 2.78
CA ARG A 95 -23.67 20.20 3.72
C ARG A 95 -24.26 20.11 5.12
N PHE A 96 -24.26 18.95 5.71
CA PHE A 96 -24.83 18.80 7.07
C PHE A 96 -23.75 18.32 8.05
N LEU A 97 -23.99 18.45 9.33
CA LEU A 97 -22.98 18.00 10.32
C LEU A 97 -23.59 16.95 11.26
N ALA A 98 -23.16 15.73 11.15
CA ALA A 98 -23.71 14.66 12.04
C ALA A 98 -22.72 14.32 13.14
N GLU A 99 -23.17 14.27 14.37
CA GLU A 99 -22.25 13.94 15.49
C GLU A 99 -22.40 12.47 15.88
N THR A 100 -21.77 11.58 15.15
CA THR A 100 -21.87 10.13 15.48
C THR A 100 -21.01 9.80 16.70
N ASP A 101 -21.10 8.60 17.19
CA ASP A 101 -20.29 8.22 18.38
C ASP A 101 -18.79 8.42 18.09
N GLN A 102 -18.40 8.24 16.85
CA GLN A 102 -16.95 8.44 16.51
C GLN A 102 -16.58 9.91 16.66
N GLY A 103 -17.56 10.75 16.88
CA GLY A 103 -17.27 12.20 17.04
C GLY A 103 -18.06 13.00 16.00
N PRO A 104 -17.61 14.19 15.75
CA PRO A 104 -18.29 15.08 14.76
C PRO A 104 -18.01 14.58 13.34
N VAL A 105 -19.03 14.20 12.63
CA VAL A 105 -18.83 13.72 11.24
C VAL A 105 -19.61 14.59 10.24
N PRO A 106 -18.88 15.34 9.48
CA PRO A 106 -19.50 16.24 8.48
C PRO A 106 -20.04 15.43 7.30
N VAL A 107 -21.27 15.63 6.94
CA VAL A 107 -21.86 14.88 5.80
C VAL A 107 -22.42 15.84 4.75
N GLU A 108 -22.83 15.34 3.62
CA GLU A 108 -23.38 16.23 2.56
C GLU A 108 -24.38 15.46 1.69
N ILE A 109 -25.65 15.74 1.83
CA ILE A 109 -26.66 15.02 1.01
C ILE A 109 -26.25 15.02 -0.46
N THR A 110 -26.35 13.90 -1.11
CA THR A 110 -25.97 13.84 -2.56
C THR A 110 -27.17 13.45 -3.41
N ALA A 111 -28.18 12.88 -2.81
CA ALA A 111 -29.39 12.48 -3.59
C ALA A 111 -30.41 11.82 -2.67
N VAL A 112 -31.53 12.46 -2.45
CA VAL A 112 -32.57 11.87 -1.55
C VAL A 112 -33.13 10.58 -2.18
N GLU A 113 -33.49 9.63 -1.37
CA GLU A 113 -34.04 8.36 -1.92
C GLU A 113 -35.25 7.90 -1.10
N ASP A 114 -36.14 7.15 -1.69
CA ASP A 114 -37.33 6.67 -0.94
C ASP A 114 -36.92 6.11 0.42
N ASP A 115 -37.82 6.07 1.36
CA ASP A 115 -37.48 5.52 2.71
C ASP A 115 -36.60 6.52 3.48
N HIS A 116 -35.48 6.89 2.93
CA HIS A 116 -34.59 7.85 3.64
C HIS A 116 -33.68 8.58 2.64
N VAL A 117 -33.06 9.65 3.06
CA VAL A 117 -32.17 10.41 2.14
C VAL A 117 -30.77 9.78 2.13
N VAL A 118 -29.90 10.24 1.27
CA VAL A 118 -28.53 9.66 1.21
C VAL A 118 -27.48 10.77 1.42
N VAL A 119 -26.66 10.63 2.42
CA VAL A 119 -25.62 11.67 2.68
C VAL A 119 -24.22 11.05 2.59
N ASP A 120 -23.29 11.74 2.00
CA ASP A 120 -21.91 11.17 1.88
C ASP A 120 -20.93 12.26 1.43
N GLY A 121 -19.65 11.97 1.45
CA GLY A 121 -18.65 12.99 1.02
C GLY A 121 -18.36 12.82 -0.48
N ASN A 122 -17.11 12.79 -0.85
CA ASN A 122 -16.77 12.63 -2.29
C ASN A 122 -16.05 11.30 -2.52
N HIS A 123 -16.47 10.56 -3.51
CA HIS A 123 -15.81 9.25 -3.80
C HIS A 123 -14.86 9.38 -4.99
N MET A 124 -14.79 10.54 -5.59
CA MET A 124 -13.88 10.72 -6.76
C MET A 124 -12.50 10.15 -6.45
N LEU A 125 -12.08 10.20 -5.21
CA LEU A 125 -10.74 9.66 -4.85
C LEU A 125 -10.88 8.26 -4.23
N ALA A 126 -12.09 7.81 -4.05
CA ALA A 126 -12.29 6.46 -3.44
C ALA A 126 -13.26 5.64 -4.31
N GLY A 127 -13.75 4.55 -3.79
CA GLY A 127 -14.70 3.71 -4.57
C GLY A 127 -13.98 3.16 -5.81
N GLN A 128 -12.67 3.11 -5.78
CA GLN A 128 -11.93 2.58 -6.96
C GLN A 128 -11.75 1.06 -6.83
N ASN A 129 -12.79 0.31 -7.03
CA ASN A 129 -12.68 -1.17 -6.92
C ASN A 129 -11.94 -1.74 -8.13
N LEU A 130 -10.84 -2.40 -7.92
CA LEU A 130 -10.07 -2.96 -9.06
C LEU A 130 -10.22 -4.49 -9.08
N LYS A 131 -10.08 -5.09 -10.24
CA LYS A 131 -10.22 -6.57 -10.32
C LYS A 131 -8.89 -7.20 -10.77
N PHE A 132 -8.42 -8.20 -10.07
CA PHE A 132 -7.14 -8.84 -10.45
C PHE A 132 -7.18 -10.33 -10.12
N ASN A 133 -6.56 -11.14 -10.94
CA ASN A 133 -6.54 -12.61 -10.68
C ASN A 133 -5.32 -12.99 -9.85
N VAL A 134 -5.46 -13.92 -8.94
CA VAL A 134 -4.29 -14.33 -8.10
C VAL A 134 -4.07 -15.83 -8.20
N GLU A 135 -2.84 -16.27 -8.08
CA GLU A 135 -2.54 -17.73 -8.16
C GLU A 135 -1.50 -18.11 -7.10
N VAL A 136 -1.89 -18.88 -6.12
CA VAL A 136 -0.92 -19.29 -5.06
C VAL A 136 0.03 -20.36 -5.59
N VAL A 137 1.30 -20.25 -5.30
CA VAL A 137 2.27 -21.26 -5.79
C VAL A 137 2.83 -22.08 -4.61
N ALA A 138 3.01 -21.45 -3.48
CA ALA A 138 3.55 -22.20 -2.30
C ALA A 138 3.02 -21.60 -1.00
N ILE A 139 3.09 -22.33 0.08
CA ILE A 139 2.61 -21.79 1.38
C ILE A 139 3.50 -22.29 2.52
N ARG A 140 4.39 -21.45 3.00
CA ARG A 140 5.29 -21.88 4.11
C ARG A 140 5.32 -20.81 5.21
N GLU A 141 5.70 -21.19 6.40
CA GLU A 141 5.75 -20.20 7.52
C GLU A 141 7.17 -19.64 7.65
N ALA A 142 7.28 -18.39 8.04
CA ALA A 142 8.63 -17.79 8.20
C ALA A 142 9.13 -17.97 9.63
N THR A 143 10.42 -17.90 9.83
CA THR A 143 10.97 -18.06 11.21
C THR A 143 10.69 -16.81 12.04
N GLU A 144 11.20 -16.77 13.24
CA GLU A 144 10.95 -15.56 14.10
C GLU A 144 11.50 -14.32 13.42
N GLU A 145 12.69 -14.38 12.89
CA GLU A 145 13.27 -13.20 12.20
C GLU A 145 12.55 -12.94 10.88
N GLU A 146 12.13 -13.99 10.21
CA GLU A 146 11.42 -13.80 8.91
C GLU A 146 10.12 -13.02 9.15
N LEU A 147 9.38 -13.36 10.17
CA LEU A 147 8.11 -12.63 10.45
C LEU A 147 8.41 -11.32 11.20
N ALA A 148 9.60 -11.19 11.71
CA ALA A 148 9.97 -9.95 12.45
C ALA A 148 10.10 -8.78 11.49
N HIS A 149 10.91 -8.94 10.48
CA HIS A 149 11.09 -7.86 9.48
C HIS A 149 10.07 -8.01 8.35
N GLY A 150 9.29 -9.06 8.40
CA GLY A 150 8.27 -9.30 7.34
C GLY A 150 8.96 -9.78 6.06
N HIS A 151 9.89 -10.69 6.19
CA HIS A 151 10.58 -11.20 4.98
C HIS A 151 10.75 -12.73 5.07
N VAL A 152 10.99 -13.37 3.96
CA VAL A 152 11.15 -14.85 3.97
C VAL A 152 12.52 -15.23 3.41
N HIS A 153 13.29 -15.99 4.14
CA HIS A 153 14.64 -16.40 3.65
C HIS A 153 15.37 -15.20 3.05
N GLY A 154 15.60 -14.18 3.85
CA GLY A 154 16.31 -12.98 3.33
C GLY A 154 16.63 -12.04 4.49
N ALA A 155 15.65 -11.30 4.95
CA ALA A 155 15.89 -10.36 6.08
C ALA A 155 17.10 -9.46 5.77
N HIS A 156 18.27 -9.88 6.13
CA HIS A 156 19.48 -9.04 5.85
C HIS A 156 19.84 -9.11 4.36
N ASP A 157 19.68 -10.26 3.75
CA ASP A 157 20.01 -10.39 2.31
C ASP A 157 19.15 -9.45 1.48
N HIS A 158 17.96 -9.14 1.94
CA HIS A 158 17.07 -8.23 1.18
C HIS A 158 17.85 -6.99 0.74
N HIS A 159 17.47 -6.42 -0.38
CA HIS A 159 18.19 -5.20 -0.87
C HIS A 159 18.08 -4.07 0.16
N HIS A 160 18.37 -2.86 -0.24
CA HIS A 160 18.29 -1.72 0.72
C HIS A 160 16.87 -1.62 1.29
N ASP A 161 16.54 -0.51 1.91
CA ASP A 161 15.18 -0.35 2.49
C ASP A 161 14.90 1.13 2.77
N HIS A 162 14.52 1.88 1.77
CA HIS A 162 14.23 3.32 1.98
C HIS A 162 15.45 4.02 2.60
N ASP A 163 16.57 3.99 1.93
CA ASP A 163 17.79 4.64 2.48
C ASP A 163 18.30 5.70 1.50
N HIS A 164 17.90 5.62 0.25
CA HIS A 164 18.36 6.62 -0.75
C HIS A 164 17.58 7.92 -0.59
N ASP A 165 18.06 8.99 -1.18
CA ASP A 165 17.34 10.29 -1.08
C ASP A 165 17.83 11.26 -2.16
N GLY A 166 17.22 12.41 -2.26
CA GLY A 166 17.65 13.39 -3.29
C GLY A 166 16.75 13.27 -4.53
N CYS A 167 16.11 12.14 -4.69
CA CYS A 167 15.23 11.97 -5.88
C CYS A 167 13.89 12.69 -5.65
N CYS A 168 13.27 13.14 -6.70
CA CYS A 168 11.95 13.84 -6.54
C CYS A 168 10.84 13.06 -7.25
N GLY A 169 10.72 13.23 -8.53
CA GLY A 169 9.65 12.50 -9.28
C GLY A 169 8.50 13.46 -9.59
N GLY A 170 8.28 14.44 -8.76
CA GLY A 170 7.18 15.40 -9.02
C GLY A 170 7.69 16.54 -9.89
N HIS A 171 6.95 17.61 -10.00
CA HIS A 171 7.39 18.76 -10.82
C HIS A 171 6.60 20.01 -10.47
N GLY A 172 7.12 21.17 -10.79
CA GLY A 172 6.39 22.43 -10.48
C GLY A 172 7.37 23.44 -9.88
N HIS A 173 8.55 23.01 -9.54
CA HIS A 173 9.55 23.95 -8.95
C HIS A 173 10.02 24.95 -10.01
N ASP A 174 10.82 24.52 -10.94
CA ASP A 174 11.32 25.43 -12.00
C ASP A 174 10.90 24.93 -13.38
N HIS A 175 10.58 25.83 -14.27
CA HIS A 175 10.16 25.39 -15.64
C HIS A 175 10.46 26.49 -16.66
N GLY A 176 10.73 26.13 -17.88
CA GLY A 176 11.03 27.16 -18.92
C GLY A 176 12.40 27.78 -18.63
N HIS A 177 13.45 27.18 -19.14
CA HIS A 177 14.81 27.74 -18.89
C HIS A 177 15.31 28.47 -20.15
N GLU A 178 15.53 27.76 -21.22
CA GLU A 178 16.02 28.41 -22.46
C GLU A 178 15.01 28.21 -23.59
N HIS A 179 13.75 28.24 -23.30
CA HIS A 179 12.72 28.04 -24.36
C HIS A 179 12.82 26.64 -24.94
N GLY A 180 13.82 26.39 -25.75
CA GLY A 180 13.98 25.03 -26.34
C GLY A 180 15.46 24.69 -26.44
N GLY A 181 15.90 24.24 -27.58
CA GLY A 181 17.34 23.88 -27.74
C GLY A 181 18.18 25.15 -27.72
N GLU A 182 19.22 25.20 -28.51
CA GLU A 182 20.09 26.42 -28.53
C GLU A 182 19.23 27.67 -28.78
N GLY A 183 19.82 28.83 -28.68
CA GLY A 183 19.05 30.08 -28.92
C GLY A 183 18.35 30.01 -30.28
N CYS A 184 18.83 29.16 -31.15
CA CYS A 184 18.19 29.04 -32.49
C CYS A 184 18.34 30.35 -33.27
N CYS A 185 18.44 30.27 -34.57
CA CYS A 185 18.58 31.51 -35.37
C CYS A 185 17.20 32.03 -35.79
N GLY A 186 16.67 32.97 -35.05
CA GLY A 186 15.33 33.52 -35.40
C GLY A 186 15.31 35.02 -35.15
N GLY A 187 15.00 35.43 -33.95
CA GLY A 187 14.98 36.89 -33.65
C GLY A 187 14.04 37.61 -34.63
N LYS A 188 14.49 38.68 -35.22
CA LYS A 188 13.62 39.41 -36.18
C LYS A 188 14.40 39.70 -37.48
N GLY A 189 13.72 40.14 -38.50
CA GLY A 189 14.42 40.43 -39.78
C GLY A 189 13.39 40.50 -40.92
N ASN A 190 12.26 41.09 -40.66
CA ASN A 190 11.22 41.19 -41.73
C ASN A 190 11.79 41.90 -42.96
N GLY A 191 11.00 42.07 -43.99
CA GLY A 191 11.50 42.76 -45.21
C GLY A 191 11.75 41.73 -46.31
N GLY A 192 12.57 40.75 -46.04
CA GLY A 192 12.86 39.71 -47.07
C GLY A 192 13.47 38.48 -46.39
N CYS A 193 14.76 38.43 -46.28
CA CYS A 193 15.41 37.25 -45.63
C CYS A 193 15.10 35.98 -46.42
N GLY A 194 14.92 36.10 -47.70
CA GLY A 194 14.62 34.89 -48.53
C GLY A 194 13.37 34.19 -47.98
N CYS A 195 12.24 34.37 -48.61
CA CYS A 195 11.00 33.72 -48.13
C CYS A 195 10.24 33.09 -49.30
N HIS A 196 9.12 32.46 -49.02
CA HIS A 196 8.33 31.84 -50.12
C HIS A 196 7.43 32.87 -50.79
N MET A 1 -4.31 -28.19 4.16
CA MET A 1 -3.42 -27.03 4.43
C MET A 1 -3.83 -25.83 3.56
N LYS A 2 -3.38 -24.65 3.90
CA LYS A 2 -3.74 -23.46 3.10
C LYS A 2 -2.93 -22.25 3.56
N VAL A 3 -3.04 -21.14 2.86
CA VAL A 3 -2.26 -19.93 3.26
C VAL A 3 -2.60 -19.54 4.69
N ALA A 4 -1.62 -19.10 5.43
CA ALA A 4 -1.88 -18.70 6.84
C ALA A 4 -0.87 -17.64 7.29
N LYS A 5 -1.13 -16.97 8.38
CA LYS A 5 -0.18 -15.93 8.86
C LYS A 5 1.17 -16.56 9.20
N ASP A 6 2.21 -15.76 9.28
CA ASP A 6 3.55 -16.30 9.61
C ASP A 6 3.95 -17.37 8.58
N LEU A 7 3.33 -17.36 7.43
CA LEU A 7 3.67 -18.36 6.38
C LEU A 7 3.89 -17.68 5.04
N VAL A 8 5.11 -17.71 4.54
CA VAL A 8 5.39 -17.05 3.23
C VAL A 8 4.60 -17.74 2.11
N VAL A 9 4.01 -16.98 1.22
CA VAL A 9 3.22 -17.59 0.12
C VAL A 9 3.47 -16.85 -1.19
N SER A 10 3.96 -17.53 -2.18
CA SER A 10 4.22 -16.86 -3.50
C SER A 10 3.00 -17.04 -4.41
N LEU A 11 2.50 -15.96 -4.96
CA LEU A 11 1.32 -16.08 -5.87
C LEU A 11 1.36 -15.00 -6.95
N ALA A 12 1.55 -15.38 -8.18
CA ALA A 12 1.59 -14.36 -9.27
C ALA A 12 0.16 -13.94 -9.63
N TYR A 13 -0.04 -12.68 -9.93
CA TYR A 13 -1.42 -12.21 -10.27
C TYR A 13 -1.36 -10.94 -11.11
N GLN A 14 -2.31 -10.76 -12.00
CA GLN A 14 -2.32 -9.54 -12.84
C GLN A 14 -3.51 -8.65 -12.45
N VAL A 15 -3.36 -7.36 -12.55
CA VAL A 15 -4.49 -6.46 -12.17
C VAL A 15 -4.73 -5.40 -13.25
N ARG A 16 -5.94 -4.92 -13.36
CA ARG A 16 -6.25 -3.89 -14.38
C ARG A 16 -7.27 -2.89 -13.83
N THR A 17 -7.07 -1.62 -14.04
CA THR A 17 -8.04 -0.62 -13.51
C THR A 17 -9.19 -0.43 -14.50
N GLU A 18 -10.36 -0.07 -14.00
CA GLU A 18 -11.52 0.14 -14.91
C GLU A 18 -11.10 0.86 -16.18
N ASP A 19 -10.06 1.65 -16.10
CA ASP A 19 -9.60 2.38 -17.32
C ASP A 19 -9.25 1.39 -18.44
N GLY A 20 -9.16 0.13 -18.10
CA GLY A 20 -8.82 -0.89 -19.14
C GLY A 20 -7.30 -1.00 -19.24
N VAL A 21 -6.60 -0.63 -18.20
CA VAL A 21 -5.11 -0.72 -18.23
C VAL A 21 -4.60 -1.62 -17.11
N LEU A 22 -3.48 -2.25 -17.29
CA LEU A 22 -2.93 -3.14 -16.22
C LEU A 22 -1.97 -2.35 -15.32
N VAL A 23 -2.26 -2.29 -14.05
CA VAL A 23 -1.37 -1.55 -13.12
C VAL A 23 -0.09 -2.35 -12.84
N ASP A 24 -0.25 -3.54 -12.32
CA ASP A 24 0.95 -4.38 -12.02
C ASP A 24 0.66 -5.85 -12.38
N GLU A 25 1.68 -6.60 -12.68
CA GLU A 25 1.47 -8.03 -13.04
C GLU A 25 2.67 -8.87 -12.61
N SER A 26 2.44 -10.03 -12.07
CA SER A 26 3.57 -10.89 -11.63
C SER A 26 3.46 -12.28 -12.27
N PRO A 27 4.44 -12.62 -13.08
CA PRO A 27 4.45 -13.92 -13.76
C PRO A 27 4.76 -15.05 -12.77
N VAL A 28 4.52 -16.27 -13.15
CA VAL A 28 4.80 -17.41 -12.23
C VAL A 28 6.30 -17.48 -11.91
N SER A 29 7.12 -16.95 -12.78
CA SER A 29 8.60 -16.98 -12.52
C SER A 29 8.99 -15.85 -11.58
N ALA A 30 8.09 -14.94 -11.31
CA ALA A 30 8.41 -13.81 -10.39
C ALA A 30 7.19 -13.44 -9.54
N PRO A 31 6.69 -14.41 -8.84
CA PRO A 31 5.50 -14.20 -7.98
C PRO A 31 5.88 -13.38 -6.75
N LEU A 32 4.97 -12.58 -6.25
CA LEU A 32 5.28 -11.75 -5.06
C LEU A 32 5.14 -12.58 -3.77
N ASP A 33 6.22 -13.10 -3.27
CA ASP A 33 6.15 -13.92 -2.03
C ASP A 33 6.15 -13.01 -0.80
N TYR A 34 5.05 -12.95 -0.12
CA TYR A 34 4.98 -12.07 1.09
C TYR A 34 4.35 -12.83 2.27
N LEU A 35 4.45 -12.30 3.46
CA LEU A 35 3.86 -12.98 4.63
C LEU A 35 2.35 -12.69 4.72
N HIS A 36 1.56 -13.68 4.99
CA HIS A 36 0.09 -13.47 5.08
C HIS A 36 -0.26 -12.77 6.40
N GLY A 37 -1.29 -11.96 6.41
CA GLY A 37 -1.68 -11.26 7.66
C GLY A 37 -0.71 -10.10 7.92
N HIS A 38 0.56 -10.39 8.01
CA HIS A 38 1.56 -9.30 8.25
C HIS A 38 2.70 -9.40 7.25
N GLY A 39 2.55 -8.78 6.11
CA GLY A 39 3.63 -8.83 5.08
C GLY A 39 3.63 -7.54 4.27
N SER A 40 2.51 -7.18 3.70
CA SER A 40 2.44 -5.92 2.89
C SER A 40 1.12 -5.87 2.12
N LEU A 41 0.72 -6.96 1.52
CA LEU A 41 -0.56 -6.96 0.75
C LEU A 41 -1.66 -6.23 1.54
N ILE A 42 -2.76 -5.94 0.90
CA ILE A 42 -3.86 -5.23 1.62
C ILE A 42 -4.66 -6.22 2.47
N SER A 43 -5.01 -5.83 3.67
CA SER A 43 -5.78 -6.75 4.56
C SER A 43 -7.21 -6.92 4.02
N GLY A 44 -7.69 -5.99 3.25
CA GLY A 44 -9.07 -6.11 2.71
C GLY A 44 -9.14 -7.30 1.76
N LEU A 45 -8.23 -7.39 0.82
CA LEU A 45 -8.25 -8.53 -0.13
C LEU A 45 -7.58 -9.75 0.50
N GLU A 46 -6.70 -9.54 1.44
CA GLU A 46 -6.01 -10.69 2.10
C GLU A 46 -7.02 -11.79 2.41
N THR A 47 -8.21 -11.43 2.80
CA THR A 47 -9.24 -12.46 3.11
C THR A 47 -9.38 -13.44 1.94
N ALA A 48 -9.40 -12.94 0.74
CA ALA A 48 -9.52 -13.85 -0.44
C ALA A 48 -8.32 -14.78 -0.52
N LEU A 49 -7.16 -14.30 -0.15
CA LEU A 49 -5.95 -15.16 -0.20
C LEU A 49 -6.02 -16.24 0.89
N GLU A 50 -6.75 -15.99 1.93
CA GLU A 50 -6.87 -17.00 3.03
C GLU A 50 -7.65 -18.22 2.54
N GLY A 51 -7.13 -19.40 2.76
CA GLY A 51 -7.84 -20.62 2.31
C GLY A 51 -8.24 -20.47 0.84
N HIS A 52 -7.54 -19.66 0.10
CA HIS A 52 -7.88 -19.48 -1.34
C HIS A 52 -7.81 -20.81 -2.08
N GLU A 53 -6.85 -20.98 -2.95
CA GLU A 53 -6.74 -22.26 -3.70
C GLU A 53 -5.26 -22.58 -3.97
N VAL A 54 -4.68 -23.44 -3.18
CA VAL A 54 -3.25 -23.80 -3.40
C VAL A 54 -3.10 -24.72 -4.60
N GLY A 55 -2.38 -24.28 -5.58
CA GLY A 55 -2.19 -25.12 -6.79
C GLY A 55 -3.20 -24.73 -7.86
N ASP A 56 -4.00 -23.73 -7.60
CA ASP A 56 -5.02 -23.30 -8.61
C ASP A 56 -5.05 -21.78 -8.71
N LYS A 57 -6.02 -21.24 -9.41
CA LYS A 57 -6.10 -19.76 -9.55
C LYS A 57 -7.50 -19.27 -9.16
N PHE A 58 -7.62 -18.03 -8.78
CA PHE A 58 -8.95 -17.49 -8.38
C PHE A 58 -9.02 -15.99 -8.66
N ASP A 59 -10.08 -15.54 -9.29
CA ASP A 59 -10.20 -14.08 -9.58
C ASP A 59 -10.78 -13.34 -8.37
N VAL A 60 -10.09 -12.34 -7.90
CA VAL A 60 -10.60 -11.58 -6.73
C VAL A 60 -10.54 -10.07 -7.00
N ALA A 61 -11.67 -9.47 -7.26
CA ALA A 61 -11.68 -8.00 -7.54
C ALA A 61 -11.72 -7.22 -6.23
N VAL A 62 -10.74 -6.39 -5.99
CA VAL A 62 -10.72 -5.60 -4.73
C VAL A 62 -10.05 -4.24 -4.96
N GLY A 63 -10.83 -3.20 -5.01
CA GLY A 63 -10.25 -1.85 -5.23
C GLY A 63 -10.92 -0.84 -4.29
N ALA A 64 -12.14 -0.48 -4.57
CA ALA A 64 -12.85 0.48 -3.70
C ALA A 64 -13.43 -0.23 -2.47
N ASN A 65 -13.61 -1.53 -2.57
CA ASN A 65 -14.16 -2.29 -1.41
C ASN A 65 -13.06 -2.59 -0.39
N ASP A 66 -11.85 -2.75 -0.83
CA ASP A 66 -10.74 -3.04 0.11
C ASP A 66 -9.40 -3.07 -0.63
N ALA A 67 -8.97 -1.95 -1.14
CA ALA A 67 -7.67 -1.92 -1.87
C ALA A 67 -7.43 -0.52 -2.47
N TYR A 68 -6.68 0.30 -1.79
CA TYR A 68 -6.41 1.67 -2.30
C TYR A 68 -7.71 2.49 -2.34
N GLY A 69 -8.68 2.06 -3.10
CA GLY A 69 -9.97 2.81 -3.17
C GLY A 69 -10.53 2.98 -1.76
N GLN A 70 -10.89 1.90 -1.12
CA GLN A 70 -11.46 1.99 0.26
C GLN A 70 -12.81 2.71 0.23
N TYR A 71 -13.09 3.49 1.23
CA TYR A 71 -14.40 4.22 1.28
C TYR A 71 -14.60 5.02 -0.01
N ASP A 72 -15.65 4.74 -0.73
CA ASP A 72 -15.90 5.49 -2.00
C ASP A 72 -17.38 5.85 -2.11
N GLU A 73 -17.84 6.80 -1.35
CA GLU A 73 -19.27 7.20 -1.41
C GLU A 73 -19.61 7.79 -2.78
N ASN A 74 -18.60 8.23 -3.50
CA ASN A 74 -18.86 8.82 -4.85
C ASN A 74 -18.78 7.74 -5.93
N LEU A 75 -18.59 6.52 -5.54
CA LEU A 75 -18.49 5.42 -6.55
C LEU A 75 -19.67 5.49 -7.53
N VAL A 76 -20.87 5.29 -7.05
CA VAL A 76 -22.05 5.36 -7.96
C VAL A 76 -23.12 6.28 -7.38
N GLN A 77 -23.97 6.82 -8.20
CA GLN A 77 -25.03 7.73 -7.69
C GLN A 77 -26.32 7.56 -8.51
N ARG A 78 -27.44 7.86 -7.94
CA ARG A 78 -28.72 7.71 -8.69
C ARG A 78 -29.47 9.05 -8.71
N VAL A 79 -29.81 9.53 -9.88
CA VAL A 79 -30.54 10.83 -9.98
C VAL A 79 -31.32 10.91 -11.28
N PRO A 80 -32.60 11.13 -11.16
CA PRO A 80 -33.47 11.23 -12.36
C PRO A 80 -33.22 12.55 -13.10
N LYS A 81 -33.60 12.62 -14.35
CA LYS A 81 -33.38 13.88 -15.12
C LYS A 81 -34.19 15.02 -14.50
N ASP A 82 -35.15 14.71 -13.68
CA ASP A 82 -35.97 15.78 -13.05
C ASP A 82 -35.07 16.72 -12.24
N VAL A 83 -33.87 16.31 -11.97
CA VAL A 83 -32.95 17.19 -11.19
C VAL A 83 -31.94 17.87 -12.11
N PHE A 84 -31.83 17.41 -13.32
CA PHE A 84 -30.87 18.03 -14.27
C PHE A 84 -31.42 19.36 -14.79
N MET A 85 -32.33 19.31 -15.74
CA MET A 85 -32.90 20.57 -16.28
C MET A 85 -31.78 21.52 -16.74
N GLY A 86 -31.36 21.41 -17.97
CA GLY A 86 -30.28 22.30 -18.47
C GLY A 86 -29.04 21.47 -18.77
N VAL A 87 -29.05 20.72 -19.84
CA VAL A 87 -27.86 19.89 -20.18
C VAL A 87 -27.43 20.16 -21.62
N ASP A 88 -28.37 20.44 -22.49
CA ASP A 88 -28.00 20.70 -23.92
C ASP A 88 -27.33 19.47 -24.53
N GLU A 89 -27.42 18.35 -23.88
CA GLU A 89 -26.79 17.11 -24.43
C GLU A 89 -26.83 15.99 -23.38
N LEU A 90 -27.67 15.02 -23.59
CA LEU A 90 -27.77 13.90 -22.61
C LEU A 90 -27.95 12.56 -23.35
N GLN A 91 -26.90 11.79 -23.47
CA GLN A 91 -27.01 10.48 -24.18
C GLN A 91 -26.47 9.36 -23.28
N VAL A 92 -27.18 8.27 -23.18
CA VAL A 92 -26.71 7.14 -22.33
C VAL A 92 -25.20 6.94 -22.51
N GLY A 93 -24.47 6.90 -21.42
CA GLY A 93 -22.99 6.70 -21.53
C GLY A 93 -22.31 8.06 -21.68
N MET A 94 -23.03 9.06 -22.10
CA MET A 94 -22.42 10.41 -22.27
C MET A 94 -21.95 10.95 -20.91
N ARG A 95 -21.00 11.84 -20.91
CA ARG A 95 -20.49 12.40 -19.62
C ARG A 95 -20.77 13.90 -19.56
N PHE A 96 -21.14 14.40 -18.41
CA PHE A 96 -21.42 15.86 -18.29
C PHE A 96 -20.86 16.39 -16.97
N LEU A 97 -20.53 17.66 -16.92
CA LEU A 97 -19.99 18.24 -15.66
C LEU A 97 -21.10 18.43 -14.63
N ALA A 98 -21.14 17.60 -13.62
CA ALA A 98 -22.21 17.73 -12.59
C ALA A 98 -21.93 18.95 -11.70
N GLU A 99 -22.96 19.56 -11.16
CA GLU A 99 -22.75 20.74 -10.29
C GLU A 99 -23.53 20.58 -8.98
N THR A 100 -23.17 19.61 -8.18
CA THR A 100 -23.89 19.40 -6.90
C THR A 100 -23.55 20.52 -5.91
N ASP A 101 -24.03 20.42 -4.70
CA ASP A 101 -23.73 21.49 -3.69
C ASP A 101 -22.33 21.29 -3.13
N GLN A 102 -21.78 20.12 -3.26
CA GLN A 102 -20.41 19.87 -2.73
C GLN A 102 -19.36 20.16 -3.81
N GLY A 103 -19.73 20.87 -4.84
CA GLY A 103 -18.77 21.18 -5.93
C GLY A 103 -19.14 20.41 -7.19
N PRO A 104 -18.57 20.83 -8.29
CA PRO A 104 -18.85 20.17 -9.59
C PRO A 104 -18.15 18.81 -9.66
N VAL A 105 -18.86 17.78 -10.05
CA VAL A 105 -18.22 16.43 -10.13
C VAL A 105 -18.45 15.84 -11.53
N PRO A 106 -17.37 15.39 -12.11
CA PRO A 106 -17.44 14.78 -13.47
C PRO A 106 -18.08 13.39 -13.41
N VAL A 107 -19.24 13.23 -13.97
CA VAL A 107 -19.91 11.90 -13.95
C VAL A 107 -20.30 11.47 -15.37
N GLU A 108 -20.72 10.25 -15.53
CA GLU A 108 -21.10 9.76 -16.89
C GLU A 108 -22.21 8.72 -16.79
N ILE A 109 -23.35 9.00 -17.35
CA ILE A 109 -24.47 8.00 -17.29
C ILE A 109 -23.97 6.62 -17.68
N THR A 110 -24.29 5.62 -16.91
CA THR A 110 -23.84 4.24 -17.24
C THR A 110 -25.04 3.29 -17.32
N ALA A 111 -26.19 3.74 -16.89
CA ALA A 111 -27.40 2.87 -16.94
C ALA A 111 -28.67 3.72 -17.02
N VAL A 112 -29.81 3.09 -17.04
CA VAL A 112 -31.08 3.88 -17.11
C VAL A 112 -32.19 3.17 -16.32
N GLU A 113 -32.99 3.91 -15.60
CA GLU A 113 -34.08 3.28 -14.81
C GLU A 113 -35.37 4.09 -14.95
N ASP A 114 -36.45 3.61 -14.39
CA ASP A 114 -37.73 4.36 -14.47
C ASP A 114 -37.66 5.64 -13.64
N ASP A 115 -37.99 6.76 -14.23
CA ASP A 115 -37.94 8.05 -13.46
C ASP A 115 -36.65 8.12 -12.64
N HIS A 116 -35.56 7.65 -13.20
CA HIS A 116 -34.27 7.69 -12.45
C HIS A 116 -33.13 7.25 -13.36
N VAL A 117 -31.94 7.76 -13.11
CA VAL A 117 -30.78 7.37 -13.96
C VAL A 117 -29.53 7.17 -13.09
N VAL A 118 -28.63 6.34 -13.51
CA VAL A 118 -27.39 6.10 -12.71
C VAL A 118 -26.19 6.79 -13.37
N VAL A 119 -25.23 7.20 -12.59
CA VAL A 119 -24.04 7.88 -13.17
C VAL A 119 -22.81 7.66 -12.28
N ASP A 120 -21.70 7.34 -12.87
CA ASP A 120 -20.47 7.12 -12.05
C ASP A 120 -19.75 8.44 -11.79
N GLY A 121 -18.76 8.43 -10.94
CA GLY A 121 -18.03 9.70 -10.64
C GLY A 121 -17.38 9.60 -9.26
N ASN A 122 -16.44 8.71 -9.10
CA ASN A 122 -15.77 8.57 -7.77
C ASN A 122 -14.67 9.64 -7.61
N HIS A 123 -14.05 9.69 -6.46
CA HIS A 123 -12.99 10.72 -6.25
C HIS A 123 -11.61 10.10 -6.49
N MET A 124 -10.63 10.91 -6.78
CA MET A 124 -9.26 10.37 -7.03
C MET A 124 -8.74 9.67 -5.77
N LEU A 125 -9.32 9.94 -4.64
CA LEU A 125 -8.85 9.29 -3.38
C LEU A 125 -9.31 7.82 -3.36
N ALA A 126 -10.58 7.59 -3.19
CA ALA A 126 -11.09 6.19 -3.16
C ALA A 126 -11.88 5.87 -4.44
N GLY A 127 -12.60 4.79 -4.45
CA GLY A 127 -13.39 4.43 -5.65
C GLY A 127 -12.47 3.81 -6.71
N GLN A 128 -11.34 3.31 -6.30
CA GLN A 128 -10.41 2.69 -7.28
C GLN A 128 -10.67 1.19 -7.40
N ASN A 129 -11.77 0.82 -8.00
CA ASN A 129 -12.09 -0.63 -8.15
C ASN A 129 -11.17 -1.27 -9.20
N LEU A 130 -10.63 -2.42 -8.92
CA LEU A 130 -9.74 -3.09 -9.91
C LEU A 130 -9.85 -4.61 -9.80
N LYS A 131 -9.85 -5.29 -10.91
CA LYS A 131 -9.95 -6.78 -10.86
C LYS A 131 -8.60 -7.41 -11.21
N PHE A 132 -8.18 -8.39 -10.47
CA PHE A 132 -6.87 -9.03 -10.76
C PHE A 132 -6.89 -10.51 -10.38
N ASN A 133 -6.56 -11.38 -11.30
CA ASN A 133 -6.55 -12.84 -10.98
C ASN A 133 -5.28 -13.21 -10.22
N VAL A 134 -5.38 -14.01 -9.20
CA VAL A 134 -4.16 -14.38 -8.42
C VAL A 134 -4.02 -15.91 -8.33
N GLU A 135 -2.81 -16.39 -8.29
CA GLU A 135 -2.60 -17.86 -8.19
C GLU A 135 -1.60 -18.17 -7.07
N VAL A 136 -1.80 -19.24 -6.35
CA VAL A 136 -0.86 -19.58 -5.24
C VAL A 136 0.27 -20.48 -5.75
N VAL A 137 1.47 -20.26 -5.30
CA VAL A 137 2.60 -21.11 -5.75
C VAL A 137 3.12 -21.97 -4.59
N ALA A 138 3.26 -21.40 -3.43
CA ALA A 138 3.76 -22.19 -2.27
C ALA A 138 3.29 -21.55 -0.95
N ILE A 139 3.34 -22.29 0.12
CA ILE A 139 2.89 -21.73 1.43
C ILE A 139 3.64 -22.43 2.57
N ARG A 140 4.63 -21.79 3.13
CA ARG A 140 5.38 -22.42 4.25
C ARG A 140 5.77 -21.38 5.30
N GLU A 141 6.13 -21.80 6.47
CA GLU A 141 6.53 -20.82 7.53
C GLU A 141 7.91 -20.26 7.25
N ALA A 142 8.22 -19.11 7.78
CA ALA A 142 9.57 -18.51 7.55
C ALA A 142 10.38 -18.50 8.85
N THR A 143 11.68 -18.37 8.75
CA THR A 143 12.52 -18.36 9.97
C THR A 143 12.37 -17.03 10.71
N GLU A 144 13.11 -16.83 11.75
CA GLU A 144 13.01 -15.54 12.51
C GLU A 144 13.32 -14.36 11.59
N GLU A 145 14.35 -14.47 10.79
CA GLU A 145 14.71 -13.35 9.88
C GLU A 145 13.65 -13.21 8.78
N GLU A 146 13.25 -14.29 8.19
CA GLU A 146 12.22 -14.20 7.12
C GLU A 146 10.98 -13.47 7.65
N LEU A 147 10.58 -13.77 8.85
CA LEU A 147 9.39 -13.08 9.43
C LEU A 147 9.79 -11.70 9.92
N ALA A 148 11.06 -11.48 10.14
CA ALA A 148 11.54 -10.16 10.62
C ALA A 148 11.48 -9.14 9.48
N HIS A 149 12.08 -9.46 8.36
CA HIS A 149 12.06 -8.54 7.21
C HIS A 149 10.79 -8.78 6.38
N GLY A 150 10.03 -9.75 6.77
CA GLY A 150 8.77 -10.06 6.03
C GLY A 150 9.13 -10.56 4.62
N HIS A 151 9.93 -11.58 4.52
CA HIS A 151 10.31 -12.12 3.19
C HIS A 151 10.77 -13.57 3.30
N VAL A 152 10.87 -14.26 2.19
CA VAL A 152 11.31 -15.69 2.24
C VAL A 152 12.42 -15.92 1.21
N HIS A 153 13.62 -16.17 1.67
CA HIS A 153 14.75 -16.41 0.73
C HIS A 153 14.79 -15.31 -0.34
N GLY A 154 14.22 -14.16 -0.04
CA GLY A 154 14.22 -13.06 -1.05
C GLY A 154 15.15 -11.93 -0.56
N ALA A 155 16.17 -12.27 0.17
CA ALA A 155 17.10 -11.22 0.68
C ALA A 155 18.30 -11.08 -0.27
N HIS A 156 19.06 -12.13 -0.42
CA HIS A 156 20.24 -12.05 -1.32
C HIS A 156 19.82 -12.30 -2.77
N ASP A 157 18.55 -12.42 -3.02
CA ASP A 157 18.07 -12.68 -4.41
C ASP A 157 18.20 -11.40 -5.25
N HIS A 158 18.43 -10.28 -4.62
CA HIS A 158 18.57 -9.00 -5.38
C HIS A 158 19.40 -8.00 -4.58
N HIS A 159 19.99 -7.04 -5.25
CA HIS A 159 20.81 -6.03 -4.53
C HIS A 159 19.97 -4.78 -4.23
N HIS A 160 18.72 -4.97 -3.89
CA HIS A 160 17.85 -3.80 -3.57
C HIS A 160 17.24 -3.93 -2.17
N ASP A 161 17.54 -3.02 -1.30
CA ASP A 161 16.99 -3.10 0.08
C ASP A 161 16.57 -1.70 0.57
N HIS A 162 17.31 -1.14 1.49
CA HIS A 162 16.95 0.22 1.99
C HIS A 162 17.90 0.63 3.12
N ASP A 163 19.18 0.63 2.86
CA ASP A 163 20.16 1.02 3.91
C ASP A 163 20.44 2.53 3.85
N HIS A 164 21.36 3.00 4.65
CA HIS A 164 21.66 4.46 4.64
C HIS A 164 22.92 4.73 3.80
N ASP A 165 23.10 3.98 2.75
CA ASP A 165 24.31 4.19 1.89
C ASP A 165 23.89 4.49 0.45
N GLY A 166 24.60 5.35 -0.23
CA GLY A 166 24.24 5.67 -1.64
C GLY A 166 25.45 5.43 -2.54
N CYS A 167 25.25 4.77 -3.65
CA CYS A 167 26.39 4.50 -4.58
C CYS A 167 26.00 4.86 -6.01
N CYS A 168 25.36 5.98 -6.21
CA CYS A 168 24.95 6.37 -7.59
C CYS A 168 24.33 5.18 -8.31
N GLY A 169 23.22 4.69 -7.83
CA GLY A 169 22.57 3.52 -8.50
C GLY A 169 21.90 3.99 -9.80
N GLY A 170 20.68 4.43 -9.72
CA GLY A 170 19.98 4.89 -10.95
C GLY A 170 18.47 4.73 -10.77
N HIS A 171 17.93 5.25 -9.70
CA HIS A 171 16.46 5.12 -9.47
C HIS A 171 15.71 6.23 -10.22
N GLY A 172 14.42 6.32 -10.02
CA GLY A 172 13.63 7.38 -10.71
C GLY A 172 13.73 7.17 -12.22
N HIS A 173 14.11 6.00 -12.65
CA HIS A 173 14.22 5.74 -14.11
C HIS A 173 15.18 6.74 -14.76
N ASP A 174 16.36 6.31 -15.12
CA ASP A 174 17.33 7.24 -15.75
C ASP A 174 17.91 6.61 -17.02
N HIS A 175 18.05 7.38 -18.06
CA HIS A 175 18.62 6.83 -19.33
C HIS A 175 20.08 7.25 -19.49
N GLY A 176 20.60 7.18 -20.68
CA GLY A 176 22.02 7.58 -20.90
C GLY A 176 22.57 6.88 -22.14
N HIS A 177 23.01 5.66 -21.99
CA HIS A 177 23.57 4.93 -23.16
C HIS A 177 23.35 3.42 -22.99
N GLU A 178 22.18 2.94 -23.32
CA GLU A 178 21.90 1.48 -23.17
C GLU A 178 20.94 1.01 -24.26
N HIS A 179 20.36 -0.14 -24.10
CA HIS A 179 19.40 -0.66 -25.12
C HIS A 179 18.17 0.25 -25.19
N GLY A 180 17.49 0.25 -26.30
CA GLY A 180 16.28 1.11 -26.44
C GLY A 180 16.06 1.47 -27.91
N GLY A 181 14.84 1.51 -28.35
CA GLY A 181 14.56 1.85 -29.77
C GLY A 181 14.95 0.68 -30.66
N GLU A 182 14.28 0.50 -31.77
CA GLU A 182 14.61 -0.62 -32.68
C GLU A 182 15.06 -0.09 -34.03
N GLY A 183 16.29 -0.34 -34.40
CA GLY A 183 16.78 0.15 -35.72
C GLY A 183 16.79 -0.99 -36.73
N CYS A 184 17.00 -0.70 -37.99
CA CYS A 184 17.02 -1.77 -39.01
C CYS A 184 15.81 -2.69 -38.85
N CYS A 185 14.76 -2.42 -39.57
CA CYS A 185 13.54 -3.28 -39.45
C CYS A 185 12.86 -3.43 -40.83
N GLY A 186 12.84 -2.38 -41.60
CA GLY A 186 12.20 -2.46 -42.94
C GLY A 186 13.19 -2.01 -44.01
N GLY A 187 13.00 -2.42 -45.24
CA GLY A 187 13.93 -2.00 -46.32
C GLY A 187 14.15 -3.17 -47.28
N LYS A 188 13.72 -4.34 -46.91
CA LYS A 188 13.91 -5.52 -47.80
C LYS A 188 15.32 -5.52 -48.40
N GLY A 189 16.28 -5.00 -47.67
CA GLY A 189 17.67 -4.96 -48.20
C GLY A 189 17.94 -3.61 -48.84
N ASN A 190 18.29 -3.60 -50.10
CA ASN A 190 18.56 -2.31 -50.80
C ASN A 190 19.52 -1.46 -49.96
N GLY A 191 19.57 -0.18 -50.22
CA GLY A 191 20.49 0.70 -49.44
C GLY A 191 21.93 0.27 -49.67
N GLY A 192 22.45 0.50 -50.86
CA GLY A 192 23.86 0.10 -51.14
C GLY A 192 24.61 1.29 -51.75
N CYS A 193 24.98 1.18 -53.01
CA CYS A 193 25.71 2.30 -53.67
C CYS A 193 24.96 2.76 -54.91
N GLY A 194 24.97 4.04 -55.19
CA GLY A 194 24.25 4.55 -56.38
C GLY A 194 25.00 4.13 -57.65
N CYS A 195 25.32 5.07 -58.50
CA CYS A 195 26.05 4.71 -59.75
C CYS A 195 26.69 5.97 -60.36
N HIS A 196 27.40 5.82 -61.43
CA HIS A 196 28.05 7.00 -62.07
C HIS A 196 27.95 6.90 -63.60
N MET A 1 -3.42 -28.51 4.03
CA MET A 1 -2.62 -27.32 4.42
C MET A 1 -3.19 -26.06 3.75
N LYS A 2 -2.87 -24.90 4.26
CA LYS A 2 -3.39 -23.65 3.66
C LYS A 2 -2.53 -22.45 4.11
N VAL A 3 -2.93 -21.26 3.73
CA VAL A 3 -2.13 -20.06 4.13
C VAL A 3 -2.49 -19.65 5.56
N ALA A 4 -1.60 -18.99 6.24
CA ALA A 4 -1.90 -18.56 7.62
C ALA A 4 -1.01 -17.38 8.02
N LYS A 5 -1.37 -16.66 9.05
CA LYS A 5 -0.54 -15.50 9.48
C LYS A 5 0.81 -15.99 10.01
N ASP A 6 1.59 -16.61 9.17
CA ASP A 6 2.92 -17.12 9.62
C ASP A 6 3.50 -18.08 8.58
N LEU A 7 3.26 -17.82 7.32
CA LEU A 7 3.80 -18.72 6.26
C LEU A 7 4.06 -17.94 4.97
N VAL A 8 5.19 -18.14 4.35
CA VAL A 8 5.50 -17.41 3.09
C VAL A 8 4.57 -17.88 1.97
N VAL A 9 4.01 -16.96 1.22
CA VAL A 9 3.09 -17.37 0.12
C VAL A 9 3.42 -16.63 -1.17
N SER A 10 3.86 -17.34 -2.18
CA SER A 10 4.19 -16.67 -3.46
C SER A 10 3.00 -16.78 -4.42
N LEU A 11 2.47 -15.68 -4.87
CA LEU A 11 1.31 -15.75 -5.79
C LEU A 11 1.33 -14.58 -6.78
N ALA A 12 1.19 -14.86 -8.05
CA ALA A 12 1.19 -13.78 -9.06
C ALA A 12 -0.25 -13.40 -9.42
N TYR A 13 -0.47 -12.20 -9.87
CA TYR A 13 -1.86 -11.77 -10.22
C TYR A 13 -1.84 -10.62 -11.24
N GLN A 14 -2.75 -10.64 -12.16
CA GLN A 14 -2.80 -9.54 -13.17
C GLN A 14 -3.86 -8.50 -12.77
N VAL A 15 -3.56 -7.25 -12.99
CA VAL A 15 -4.55 -6.19 -12.62
C VAL A 15 -5.14 -5.53 -13.87
N ARG A 16 -6.41 -5.21 -13.84
CA ARG A 16 -7.04 -4.57 -15.03
C ARG A 16 -8.20 -3.68 -14.58
N THR A 17 -8.38 -2.55 -15.21
CA THR A 17 -9.49 -1.64 -14.83
C THR A 17 -10.66 -1.78 -15.80
N GLU A 18 -11.86 -1.54 -15.36
CA GLU A 18 -13.04 -1.65 -16.25
C GLU A 18 -12.82 -0.82 -17.53
N ASP A 19 -11.92 0.11 -17.49
CA ASP A 19 -11.65 0.94 -18.70
C ASP A 19 -10.82 0.16 -19.72
N GLY A 20 -10.57 -1.10 -19.45
CA GLY A 20 -9.77 -1.91 -20.40
C GLY A 20 -8.30 -1.55 -20.26
N VAL A 21 -7.88 -1.14 -19.09
CA VAL A 21 -6.45 -0.77 -18.90
C VAL A 21 -5.83 -1.64 -17.80
N LEU A 22 -4.55 -1.88 -17.87
CA LEU A 22 -3.89 -2.71 -16.83
C LEU A 22 -3.07 -1.82 -15.88
N VAL A 23 -3.15 -2.08 -14.60
CA VAL A 23 -2.38 -1.25 -13.63
C VAL A 23 -1.14 -2.03 -13.14
N ASP A 24 -1.15 -3.33 -13.26
CA ASP A 24 0.01 -4.13 -12.80
C ASP A 24 -0.20 -5.61 -13.11
N GLU A 25 0.85 -6.34 -13.36
CA GLU A 25 0.71 -7.79 -13.67
C GLU A 25 1.93 -8.56 -13.17
N SER A 26 1.71 -9.57 -12.37
CA SER A 26 2.86 -10.37 -11.85
C SER A 26 3.04 -11.63 -12.70
N PRO A 27 4.27 -11.86 -13.10
CA PRO A 27 4.59 -13.04 -13.93
C PRO A 27 4.56 -14.32 -13.08
N VAL A 28 4.15 -15.42 -13.65
CA VAL A 28 4.08 -16.68 -12.87
C VAL A 28 5.50 -17.15 -12.51
N SER A 29 6.48 -16.71 -13.25
CA SER A 29 7.89 -17.12 -12.93
C SER A 29 8.48 -16.20 -11.86
N ALA A 30 7.78 -15.16 -11.50
CA ALA A 30 8.30 -14.22 -10.46
C ALA A 30 7.15 -13.72 -9.59
N PRO A 31 6.58 -14.62 -8.84
CA PRO A 31 5.46 -14.26 -7.93
C PRO A 31 5.98 -13.45 -6.74
N LEU A 32 5.12 -12.68 -6.11
CA LEU A 32 5.56 -11.88 -4.93
C LEU A 32 5.42 -12.71 -3.65
N ASP A 33 6.48 -13.34 -3.23
CA ASP A 33 6.42 -14.16 -1.98
C ASP A 33 6.59 -13.27 -0.76
N TYR A 34 5.66 -13.31 0.16
CA TYR A 34 5.79 -12.46 1.38
C TYR A 34 4.92 -13.03 2.51
N LEU A 35 5.11 -12.54 3.71
CA LEU A 35 4.29 -13.05 4.85
C LEU A 35 2.82 -12.63 4.68
N HIS A 36 1.96 -13.58 4.47
CA HIS A 36 0.51 -13.24 4.29
C HIS A 36 -0.05 -12.62 5.57
N GLY A 37 -0.89 -11.63 5.44
CA GLY A 37 -1.48 -10.98 6.65
C GLY A 37 -0.56 -9.86 7.13
N HIS A 38 0.68 -10.14 7.38
CA HIS A 38 1.62 -9.09 7.86
C HIS A 38 2.90 -9.11 7.03
N GLY A 39 2.91 -8.42 5.92
CA GLY A 39 4.13 -8.39 5.07
C GLY A 39 4.14 -7.13 4.22
N SER A 40 3.21 -7.01 3.30
CA SER A 40 3.18 -5.79 2.44
C SER A 40 2.05 -5.91 1.41
N LEU A 41 0.94 -6.50 1.79
CA LEU A 41 -0.19 -6.64 0.83
C LEU A 41 -1.40 -5.83 1.31
N ILE A 42 -2.54 -6.04 0.71
CA ILE A 42 -3.75 -5.29 1.15
C ILE A 42 -4.80 -6.26 1.69
N SER A 43 -5.59 -5.82 2.64
CA SER A 43 -6.63 -6.72 3.21
C SER A 43 -7.45 -7.36 2.09
N GLY A 44 -7.89 -6.58 1.14
CA GLY A 44 -8.69 -7.16 0.03
C GLY A 44 -7.92 -8.30 -0.63
N LEU A 45 -6.61 -8.21 -0.66
CA LEU A 45 -5.80 -9.29 -1.28
C LEU A 45 -5.52 -10.40 -0.27
N GLU A 46 -4.79 -10.09 0.77
CA GLU A 46 -4.48 -11.14 1.80
C GLU A 46 -5.72 -11.97 2.10
N THR A 47 -6.83 -11.34 2.32
CA THR A 47 -8.08 -12.11 2.63
C THR A 47 -8.31 -13.17 1.55
N ALA A 48 -8.07 -12.85 0.31
CA ALA A 48 -8.29 -13.84 -0.77
C ALA A 48 -7.30 -15.01 -0.64
N LEU A 49 -6.18 -14.78 -0.01
CA LEU A 49 -5.18 -15.86 0.17
C LEU A 49 -5.59 -16.79 1.32
N GLU A 50 -6.16 -16.24 2.35
CA GLU A 50 -6.58 -17.08 3.51
C GLU A 50 -7.34 -18.32 3.02
N GLY A 51 -6.96 -19.48 3.48
CA GLY A 51 -7.65 -20.72 3.04
C GLY A 51 -7.87 -20.67 1.53
N HIS A 52 -6.82 -20.81 0.76
CA HIS A 52 -6.98 -20.77 -0.72
C HIS A 52 -6.58 -22.12 -1.32
N GLU A 53 -5.68 -22.14 -2.27
CA GLU A 53 -5.27 -23.43 -2.87
C GLU A 53 -3.97 -23.25 -3.68
N VAL A 54 -2.99 -24.07 -3.43
CA VAL A 54 -1.71 -23.94 -4.18
C VAL A 54 -1.82 -24.62 -5.55
N GLY A 55 -1.66 -23.87 -6.59
CA GLY A 55 -1.74 -24.45 -7.94
C GLY A 55 -3.04 -24.00 -8.62
N ASP A 56 -3.80 -23.17 -7.97
CA ASP A 56 -5.09 -22.70 -8.57
C ASP A 56 -5.11 -21.17 -8.64
N LYS A 57 -6.06 -20.61 -9.34
CA LYS A 57 -6.13 -19.13 -9.45
C LYS A 57 -7.54 -18.64 -9.07
N PHE A 58 -7.66 -17.41 -8.67
CA PHE A 58 -9.00 -16.88 -8.29
C PHE A 58 -9.08 -15.38 -8.59
N ASP A 59 -10.24 -14.90 -8.97
CA ASP A 59 -10.39 -13.45 -9.28
C ASP A 59 -10.65 -12.66 -8.00
N VAL A 60 -10.05 -11.51 -7.86
CA VAL A 60 -10.28 -10.69 -6.64
C VAL A 60 -10.21 -9.20 -6.98
N ALA A 61 -11.18 -8.44 -6.54
CA ALA A 61 -11.17 -6.98 -6.83
C ALA A 61 -10.80 -6.19 -5.57
N VAL A 62 -9.74 -5.43 -5.62
CA VAL A 62 -9.34 -4.63 -4.44
C VAL A 62 -8.88 -3.23 -4.86
N GLY A 63 -9.56 -2.21 -4.40
CA GLY A 63 -9.16 -0.83 -4.78
C GLY A 63 -9.81 0.18 -3.82
N ALA A 64 -11.08 0.42 -3.99
CA ALA A 64 -11.78 1.38 -3.08
C ALA A 64 -12.40 0.64 -1.90
N ASN A 65 -12.70 -0.61 -2.06
CA ASN A 65 -13.31 -1.39 -0.94
C ASN A 65 -12.22 -1.86 0.04
N ASP A 66 -10.98 -1.78 -0.36
CA ASP A 66 -9.88 -2.23 0.56
C ASP A 66 -8.54 -2.18 -0.16
N ALA A 67 -8.04 -1.01 -0.44
CA ALA A 67 -6.72 -0.90 -1.13
C ALA A 67 -6.37 0.57 -1.40
N TYR A 68 -5.76 0.86 -2.51
CA TYR A 68 -5.40 2.26 -2.82
C TYR A 68 -6.28 2.78 -3.98
N GLY A 69 -7.57 2.66 -3.85
CA GLY A 69 -8.46 3.16 -4.93
C GLY A 69 -9.68 3.85 -4.31
N GLN A 70 -9.46 4.85 -3.50
CA GLN A 70 -10.60 5.56 -2.86
C GLN A 70 -10.24 7.03 -2.62
N TYR A 71 -10.79 7.92 -3.41
CA TYR A 71 -10.48 9.38 -3.23
C TYR A 71 -10.48 9.74 -1.74
N ASP A 72 -9.59 10.60 -1.33
CA ASP A 72 -9.55 11.00 0.11
C ASP A 72 -10.58 12.09 0.40
N GLU A 73 -11.83 11.75 0.36
CA GLU A 73 -12.88 12.78 0.65
C GLU A 73 -12.77 13.25 2.09
N ASN A 74 -11.95 12.58 2.88
CA ASN A 74 -11.79 12.98 4.30
C ASN A 74 -11.38 14.45 4.39
N LEU A 75 -10.69 14.95 3.39
CA LEU A 75 -10.26 16.38 3.43
C LEU A 75 -9.33 16.69 2.26
N VAL A 76 -8.33 15.88 2.04
CA VAL A 76 -7.39 16.15 0.91
C VAL A 76 -6.92 14.84 0.27
N GLN A 77 -6.51 14.89 -0.96
CA GLN A 77 -6.03 13.65 -1.63
C GLN A 77 -4.50 13.65 -1.71
N ARG A 78 -3.89 12.50 -1.55
CA ARG A 78 -2.40 12.44 -1.59
C ARG A 78 -1.93 12.21 -3.03
N VAL A 79 -0.92 12.92 -3.46
CA VAL A 79 -0.41 12.75 -4.85
C VAL A 79 0.99 13.35 -4.98
N PRO A 80 1.92 12.50 -5.34
CA PRO A 80 3.32 12.96 -5.50
C PRO A 80 3.47 13.80 -6.78
N LYS A 81 4.53 14.55 -6.88
CA LYS A 81 4.73 15.39 -8.09
C LYS A 81 5.08 14.51 -9.30
N ASP A 82 5.26 13.23 -9.09
CA ASP A 82 5.60 12.33 -10.22
C ASP A 82 4.62 12.54 -11.38
N VAL A 83 3.47 13.08 -11.10
CA VAL A 83 2.47 13.32 -12.19
C VAL A 83 2.48 14.79 -12.60
N PHE A 84 3.37 15.56 -12.06
CA PHE A 84 3.43 17.01 -12.42
C PHE A 84 4.22 17.20 -13.72
N MET A 85 4.84 16.16 -14.20
CA MET A 85 5.64 16.27 -15.46
C MET A 85 6.61 17.45 -15.35
N GLY A 86 7.49 17.42 -14.39
CA GLY A 86 8.47 18.54 -14.24
C GLY A 86 8.10 19.39 -13.03
N VAL A 87 8.83 19.27 -11.95
CA VAL A 87 8.51 20.07 -10.74
C VAL A 87 9.76 20.83 -10.27
N ASP A 88 9.96 22.01 -10.76
CA ASP A 88 11.16 22.80 -10.34
C ASP A 88 10.73 24.12 -9.70
N GLU A 89 9.45 24.29 -9.46
CA GLU A 89 8.97 25.55 -8.84
C GLU A 89 7.78 25.26 -7.93
N LEU A 90 7.84 24.18 -7.21
CA LEU A 90 6.73 23.83 -6.28
C LEU A 90 6.74 24.75 -5.07
N GLN A 91 5.73 25.55 -4.91
CA GLN A 91 5.67 26.47 -3.74
C GLN A 91 4.45 26.16 -2.87
N VAL A 92 4.65 25.92 -1.61
CA VAL A 92 3.51 25.61 -0.71
C VAL A 92 2.51 26.77 -0.70
N GLY A 93 1.25 26.49 -0.86
CA GLY A 93 0.23 27.58 -0.86
C GLY A 93 -0.02 28.03 -2.29
N MET A 94 0.71 27.51 -3.23
CA MET A 94 0.51 27.93 -4.65
C MET A 94 -0.51 27.00 -5.33
N ARG A 95 -1.21 27.49 -6.31
CA ARG A 95 -2.22 26.64 -7.01
C ARG A 95 -1.60 25.99 -8.25
N PHE A 96 -1.67 24.70 -8.36
CA PHE A 96 -1.08 24.01 -9.55
C PHE A 96 -2.19 23.52 -10.48
N LEU A 97 -1.97 23.59 -11.76
CA LEU A 97 -3.02 23.13 -12.73
C LEU A 97 -2.70 21.70 -13.21
N ALA A 98 -3.63 20.81 -13.07
CA ALA A 98 -3.39 19.40 -13.52
C ALA A 98 -4.29 19.06 -14.70
N GLU A 99 -3.71 18.71 -15.82
CA GLU A 99 -4.55 18.36 -17.01
C GLU A 99 -4.55 16.84 -17.22
N THR A 100 -5.20 16.12 -16.37
CA THR A 100 -5.25 14.63 -16.53
C THR A 100 -6.28 14.25 -17.58
N ASP A 101 -6.16 13.08 -18.14
CA ASP A 101 -7.14 12.63 -19.18
C ASP A 101 -8.57 12.82 -18.67
N GLN A 102 -8.76 12.73 -17.39
CA GLN A 102 -10.13 12.91 -16.83
C GLN A 102 -10.62 14.34 -17.06
N GLY A 103 -9.75 15.21 -17.51
CA GLY A 103 -10.17 16.62 -17.75
C GLY A 103 -9.31 17.56 -16.90
N PRO A 104 -9.52 18.83 -17.09
CA PRO A 104 -8.76 19.84 -16.33
C PRO A 104 -9.23 19.90 -14.88
N VAL A 105 -8.33 19.79 -13.95
CA VAL A 105 -8.73 19.83 -12.51
C VAL A 105 -7.74 20.68 -11.71
N PRO A 106 -8.24 21.72 -11.12
CA PRO A 106 -7.38 22.63 -10.31
C PRO A 106 -7.01 21.97 -8.98
N VAL A 107 -5.76 21.96 -8.65
CA VAL A 107 -5.32 21.34 -7.36
C VAL A 107 -4.68 22.38 -6.45
N GLU A 108 -4.75 22.17 -5.16
CA GLU A 108 -4.13 23.15 -4.22
C GLU A 108 -2.90 22.54 -3.55
N ILE A 109 -2.09 23.36 -2.93
CA ILE A 109 -0.87 22.82 -2.25
C ILE A 109 -0.72 23.45 -0.86
N THR A 110 -1.07 22.73 0.17
CA THR A 110 -0.95 23.28 1.55
C THR A 110 -0.15 22.33 2.43
N ALA A 111 0.15 21.15 1.95
CA ALA A 111 0.92 20.18 2.77
C ALA A 111 1.91 19.41 1.89
N VAL A 112 2.91 18.83 2.49
CA VAL A 112 3.91 18.06 1.69
C VAL A 112 4.38 16.83 2.47
N GLU A 113 3.93 15.66 2.08
CA GLU A 113 4.35 14.43 2.81
C GLU A 113 5.57 13.80 2.12
N ASP A 114 6.13 12.78 2.71
CA ASP A 114 7.33 12.13 2.10
C ASP A 114 6.88 11.19 0.97
N ASP A 115 7.58 11.23 -0.14
CA ASP A 115 7.21 10.34 -1.29
C ASP A 115 5.93 10.83 -1.96
N HIS A 116 5.34 11.88 -1.44
CA HIS A 116 4.08 12.40 -2.06
C HIS A 116 3.64 13.69 -1.37
N VAL A 117 3.06 14.59 -2.10
CA VAL A 117 2.62 15.89 -1.48
C VAL A 117 1.11 15.84 -1.21
N VAL A 118 0.58 16.87 -0.62
CA VAL A 118 -0.88 16.89 -0.33
C VAL A 118 -1.55 18.07 -1.04
N VAL A 119 -2.59 17.82 -1.79
CA VAL A 119 -3.28 18.93 -2.51
C VAL A 119 -4.79 18.74 -2.43
N ASP A 120 -5.53 19.81 -2.30
CA ASP A 120 -7.01 19.70 -2.22
C ASP A 120 -7.61 19.61 -3.62
N GLY A 121 -7.92 18.44 -4.09
CA GLY A 121 -8.51 18.29 -5.45
C GLY A 121 -9.09 16.88 -5.61
N ASN A 122 -8.98 16.32 -6.79
CA ASN A 122 -9.53 14.96 -7.00
C ASN A 122 -8.40 14.00 -7.40
N HIS A 123 -8.59 12.72 -7.16
CA HIS A 123 -7.52 11.73 -7.53
C HIS A 123 -7.89 11.03 -8.83
N MET A 124 -6.92 10.68 -9.63
CA MET A 124 -7.21 9.99 -10.92
C MET A 124 -7.78 8.59 -10.66
N LEU A 125 -7.24 7.90 -9.68
CA LEU A 125 -7.76 6.53 -9.38
C LEU A 125 -8.35 6.49 -7.96
N ALA A 126 -9.59 6.86 -7.82
CA ALA A 126 -10.22 6.84 -6.46
C ALA A 126 -11.70 6.46 -6.58
N GLY A 127 -12.11 5.44 -5.88
CA GLY A 127 -13.55 5.02 -5.94
C GLY A 127 -13.74 4.06 -7.11
N GLN A 128 -12.68 3.55 -7.66
CA GLN A 128 -12.81 2.61 -8.81
C GLN A 128 -12.15 1.27 -8.47
N ASN A 129 -12.83 0.44 -7.71
CA ASN A 129 -12.24 -0.89 -7.34
C ASN A 129 -11.54 -1.51 -8.56
N LEU A 130 -10.40 -2.10 -8.36
CA LEU A 130 -9.67 -2.74 -9.50
C LEU A 130 -9.80 -4.26 -9.42
N LYS A 131 -10.01 -4.90 -10.54
CA LYS A 131 -10.14 -6.40 -10.52
C LYS A 131 -8.83 -7.03 -11.01
N PHE A 132 -8.33 -8.00 -10.29
CA PHE A 132 -7.06 -8.66 -10.72
C PHE A 132 -7.07 -10.14 -10.30
N ASN A 133 -6.84 -11.03 -11.23
CA ASN A 133 -6.82 -12.48 -10.89
C ASN A 133 -5.57 -12.81 -10.09
N VAL A 134 -5.70 -13.63 -9.08
CA VAL A 134 -4.49 -13.99 -8.27
C VAL A 134 -4.24 -15.50 -8.32
N GLU A 135 -3.01 -15.91 -8.16
CA GLU A 135 -2.69 -17.37 -8.20
C GLU A 135 -1.66 -17.71 -7.13
N VAL A 136 -1.94 -18.70 -6.33
CA VAL A 136 -0.98 -19.08 -5.25
C VAL A 136 0.11 -20.01 -5.82
N VAL A 137 1.32 -19.87 -5.35
CA VAL A 137 2.41 -20.74 -5.85
C VAL A 137 2.88 -21.70 -4.76
N ALA A 138 3.01 -21.24 -3.55
CA ALA A 138 3.45 -22.14 -2.45
C ALA A 138 3.22 -21.50 -1.09
N ILE A 139 3.14 -22.28 -0.05
CA ILE A 139 2.91 -21.71 1.31
C ILE A 139 3.81 -22.41 2.33
N ARG A 140 4.88 -21.78 2.72
CA ARG A 140 5.80 -22.40 3.72
C ARG A 140 5.84 -21.57 5.00
N GLU A 141 6.46 -22.09 6.02
CA GLU A 141 6.54 -21.32 7.30
C GLU A 141 7.91 -20.64 7.43
N ALA A 142 7.93 -19.34 7.57
CA ALA A 142 9.23 -18.62 7.70
C ALA A 142 9.92 -19.02 9.02
N THR A 143 11.19 -18.79 9.12
CA THR A 143 11.92 -19.14 10.38
C THR A 143 11.59 -18.13 11.47
N GLU A 144 12.22 -18.25 12.61
CA GLU A 144 11.93 -17.30 13.72
C GLU A 144 12.32 -15.88 13.32
N GLU A 145 13.39 -15.74 12.58
CA GLU A 145 13.83 -14.37 12.15
C GLU A 145 12.86 -13.81 11.11
N GLU A 146 12.44 -14.62 10.17
CA GLU A 146 11.49 -14.13 9.13
C GLU A 146 10.23 -13.59 9.79
N LEU A 147 9.68 -14.33 10.73
CA LEU A 147 8.45 -13.87 11.41
C LEU A 147 8.81 -12.81 12.45
N ALA A 148 10.05 -12.74 12.85
CA ALA A 148 10.47 -11.73 13.86
C ALA A 148 10.09 -10.33 13.39
N HIS A 149 10.49 -9.97 12.21
CA HIS A 149 10.17 -8.62 11.68
C HIS A 149 9.13 -8.73 10.56
N GLY A 150 8.87 -9.92 10.11
CA GLY A 150 7.87 -10.11 9.02
C GLY A 150 8.55 -9.97 7.66
N HIS A 151 9.54 -10.79 7.40
CA HIS A 151 10.24 -10.71 6.09
C HIS A 151 10.49 -12.11 5.53
N VAL A 152 10.53 -12.24 4.23
CA VAL A 152 10.78 -13.58 3.63
C VAL A 152 12.12 -13.61 2.90
N HIS A 153 13.00 -14.48 3.29
CA HIS A 153 14.34 -14.56 2.62
C HIS A 153 15.04 -13.20 2.70
N GLY A 154 15.36 -12.76 3.88
CA GLY A 154 16.06 -11.44 4.02
C GLY A 154 15.10 -10.43 4.69
N ALA A 155 15.12 -9.21 4.24
CA ALA A 155 14.21 -8.19 4.85
C ALA A 155 14.26 -6.89 4.04
N HIS A 156 13.12 -6.41 3.61
CA HIS A 156 13.11 -5.14 2.81
C HIS A 156 13.14 -3.93 3.74
N ASP A 157 12.94 -4.13 5.01
CA ASP A 157 12.96 -2.99 5.96
C ASP A 157 14.36 -2.37 6.01
N HIS A 158 15.38 -3.18 6.03
CA HIS A 158 16.77 -2.64 6.08
C HIS A 158 16.94 -1.72 7.30
N HIS A 159 18.16 -1.43 7.66
CA HIS A 159 18.39 -0.55 8.84
C HIS A 159 19.72 0.20 8.69
N HIS A 160 20.74 -0.48 8.22
CA HIS A 160 22.06 0.19 8.05
C HIS A 160 22.44 0.94 9.33
N ASP A 161 23.53 1.66 9.31
CA ASP A 161 23.95 2.43 10.52
C ASP A 161 23.88 3.94 10.24
N HIS A 162 22.91 4.37 9.50
CA HIS A 162 22.80 5.83 9.20
C HIS A 162 23.99 6.29 8.35
N ASP A 163 25.16 6.33 8.93
CA ASP A 163 26.36 6.76 8.15
C ASP A 163 27.17 5.54 7.71
N HIS A 164 26.62 4.72 6.86
CA HIS A 164 27.36 3.52 6.39
C HIS A 164 28.25 3.87 5.19
N ASP A 165 29.53 3.68 5.32
CA ASP A 165 30.45 4.00 4.19
C ASP A 165 31.41 2.84 3.94
N GLY A 166 30.96 1.82 3.26
CA GLY A 166 31.85 0.66 2.98
C GLY A 166 31.90 0.40 1.48
N CYS A 167 32.75 -0.49 1.05
CA CYS A 167 32.86 -0.78 -0.41
C CYS A 167 31.72 -1.72 -0.84
N CYS A 168 31.65 -2.89 -0.26
CA CYS A 168 30.56 -3.84 -0.64
C CYS A 168 30.42 -4.93 0.44
N GLY A 169 31.51 -5.50 0.85
CA GLY A 169 31.43 -6.57 1.90
C GLY A 169 31.48 -7.95 1.23
N GLY A 170 31.68 -8.98 1.99
CA GLY A 170 31.73 -10.34 1.40
C GLY A 170 33.19 -10.78 1.24
N HIS A 171 33.61 -10.99 0.02
CA HIS A 171 35.02 -11.42 -0.21
C HIS A 171 35.99 -10.37 0.36
N GLY A 172 36.52 -10.61 1.53
CA GLY A 172 37.47 -9.63 2.13
C GLY A 172 38.89 -9.97 1.71
N HIS A 173 39.83 -9.10 1.98
CA HIS A 173 41.24 -9.37 1.58
C HIS A 173 41.92 -10.27 2.63
N ASP A 174 42.37 -11.43 2.23
CA ASP A 174 43.03 -12.34 3.20
C ASP A 174 43.97 -13.31 2.47
N HIS A 175 44.80 -14.01 3.20
CA HIS A 175 45.73 -14.97 2.53
C HIS A 175 45.62 -16.34 3.19
N GLY A 176 46.35 -17.30 2.70
CA GLY A 176 46.28 -18.67 3.29
C GLY A 176 45.40 -19.57 2.41
N HIS A 177 45.07 -19.11 1.23
CA HIS A 177 44.22 -19.93 0.32
C HIS A 177 45.04 -20.38 -0.90
N GLU A 178 45.76 -19.48 -1.49
CA GLU A 178 46.57 -19.84 -2.69
C GLU A 178 45.68 -20.47 -3.77
N HIS A 179 45.45 -21.75 -3.69
CA HIS A 179 44.58 -22.42 -4.71
C HIS A 179 44.95 -21.91 -6.12
N GLY A 180 46.12 -22.26 -6.60
CA GLY A 180 46.53 -21.81 -7.95
C GLY A 180 47.75 -20.90 -7.84
N GLY A 181 48.70 -21.05 -8.72
CA GLY A 181 49.93 -20.21 -8.65
C GLY A 181 49.52 -18.73 -8.78
N GLU A 182 50.48 -17.87 -9.02
CA GLU A 182 50.15 -16.41 -9.15
C GLU A 182 51.40 -15.63 -9.52
N GLY A 183 51.55 -14.45 -8.96
CA GLY A 183 52.75 -13.63 -9.30
C GLY A 183 54.00 -14.51 -9.27
N CYS A 184 53.97 -15.58 -8.52
CA CYS A 184 55.16 -16.48 -8.46
C CYS A 184 55.65 -16.80 -9.87
N CYS A 185 56.81 -17.41 -9.97
CA CYS A 185 57.35 -17.74 -11.32
C CYS A 185 56.75 -19.06 -11.83
N GLY A 186 56.78 -19.29 -13.12
CA GLY A 186 56.22 -20.56 -13.66
C GLY A 186 55.69 -20.30 -15.07
N GLY A 187 54.52 -20.79 -15.38
CA GLY A 187 53.95 -20.59 -16.75
C GLY A 187 54.56 -21.60 -17.71
N LYS A 188 55.76 -21.37 -18.16
CA LYS A 188 56.41 -22.34 -19.11
C LYS A 188 56.61 -23.68 -18.41
N GLY A 189 56.04 -24.73 -18.96
CA GLY A 189 56.21 -26.08 -18.33
C GLY A 189 56.48 -27.12 -19.42
N ASN A 190 55.55 -27.99 -19.66
CA ASN A 190 55.77 -29.03 -20.71
C ASN A 190 56.93 -29.93 -20.32
N GLY A 191 57.49 -30.64 -21.27
CA GLY A 191 58.64 -31.55 -20.96
C GLY A 191 59.66 -30.80 -20.10
N GLY A 192 59.69 -31.07 -18.82
CA GLY A 192 60.67 -30.37 -17.93
C GLY A 192 60.23 -30.54 -16.48
N CYS A 193 61.07 -30.19 -15.55
CA CYS A 193 60.72 -30.33 -14.11
C CYS A 193 59.42 -29.58 -13.82
N GLY A 194 58.61 -30.10 -12.93
CA GLY A 194 57.33 -29.41 -12.60
C GLY A 194 56.36 -30.42 -11.97
N CYS A 195 55.13 -30.42 -12.40
CA CYS A 195 54.14 -31.37 -11.81
C CYS A 195 52.93 -31.51 -12.74
N HIS A 196 53.03 -32.34 -13.74
CA HIS A 196 51.88 -32.52 -14.68
C HIS A 196 51.99 -33.88 -15.39
N MET A 1 -2.93 -28.00 4.55
CA MET A 1 -3.19 -26.77 5.33
C MET A 1 -3.57 -25.61 4.41
N LYS A 2 -3.82 -24.46 4.94
CA LYS A 2 -4.20 -23.30 4.09
C LYS A 2 -3.25 -22.12 4.35
N VAL A 3 -3.05 -21.28 3.37
CA VAL A 3 -2.13 -20.12 3.57
C VAL A 3 -2.52 -19.36 4.84
N ALA A 4 -1.58 -18.69 5.44
CA ALA A 4 -1.90 -17.92 6.68
C ALA A 4 -0.67 -17.13 7.15
N LYS A 5 -0.75 -16.53 8.30
CA LYS A 5 0.41 -15.74 8.82
C LYS A 5 1.63 -16.67 8.99
N ASP A 6 2.80 -16.09 9.07
CA ASP A 6 4.02 -16.94 9.24
C ASP A 6 4.13 -17.95 8.10
N LEU A 7 3.41 -17.74 7.03
CA LEU A 7 3.47 -18.71 5.89
C LEU A 7 3.74 -17.96 4.59
N VAL A 8 4.98 -17.91 4.16
CA VAL A 8 5.30 -17.20 2.88
C VAL A 8 4.50 -17.80 1.73
N VAL A 9 3.73 -16.99 1.04
CA VAL A 9 2.92 -17.53 -0.09
C VAL A 9 3.19 -16.72 -1.36
N SER A 10 3.72 -17.35 -2.36
CA SER A 10 4.01 -16.63 -3.65
C SER A 10 2.83 -16.79 -4.60
N LEU A 11 2.16 -15.72 -4.94
CA LEU A 11 1.00 -15.83 -5.87
C LEU A 11 1.02 -14.68 -6.88
N ALA A 12 1.17 -15.00 -8.14
CA ALA A 12 1.19 -13.92 -9.18
C ALA A 12 -0.23 -13.44 -9.45
N TYR A 13 -0.39 -12.24 -9.94
CA TYR A 13 -1.75 -11.72 -10.21
C TYR A 13 -1.71 -10.62 -11.26
N GLN A 14 -2.62 -10.63 -12.21
CA GLN A 14 -2.63 -9.57 -13.25
C GLN A 14 -3.56 -8.43 -12.83
N VAL A 15 -3.14 -7.21 -13.04
CA VAL A 15 -4.00 -6.06 -12.63
C VAL A 15 -4.52 -5.33 -13.87
N ARG A 16 -5.74 -4.85 -13.82
CA ARG A 16 -6.30 -4.13 -14.99
C ARG A 16 -7.50 -3.28 -14.56
N THR A 17 -7.61 -2.07 -15.05
CA THR A 17 -8.75 -1.21 -14.66
C THR A 17 -9.80 -1.18 -15.77
N GLU A 18 -11.05 -0.97 -15.41
CA GLU A 18 -12.12 -0.94 -16.44
C GLU A 18 -11.76 0.05 -17.55
N ASP A 19 -11.13 1.13 -17.23
CA ASP A 19 -10.75 2.12 -18.27
C ASP A 19 -9.86 1.47 -19.32
N GLY A 20 -9.35 0.30 -19.03
CA GLY A 20 -8.46 -0.39 -20.00
C GLY A 20 -7.00 -0.04 -19.69
N VAL A 21 -6.66 0.02 -18.44
CA VAL A 21 -5.24 0.36 -18.07
C VAL A 21 -4.64 -0.76 -17.23
N LEU A 22 -3.35 -0.93 -17.29
CA LEU A 22 -2.69 -2.00 -16.49
C LEU A 22 -1.86 -1.40 -15.35
N VAL A 23 -2.28 -1.62 -14.14
CA VAL A 23 -1.52 -1.05 -12.98
C VAL A 23 -0.39 -2.00 -12.57
N ASP A 24 -0.49 -3.25 -12.94
CA ASP A 24 0.59 -4.22 -12.57
C ASP A 24 0.20 -5.63 -13.04
N GLU A 25 1.17 -6.45 -13.35
CA GLU A 25 0.86 -7.83 -13.80
C GLU A 25 1.98 -8.79 -13.39
N SER A 26 1.69 -9.74 -12.55
CA SER A 26 2.73 -10.71 -12.11
C SER A 26 2.56 -12.04 -12.84
N PRO A 27 3.51 -12.36 -13.66
CA PRO A 27 3.47 -13.63 -14.42
C PRO A 27 3.73 -14.83 -13.50
N VAL A 28 3.43 -16.02 -13.95
CA VAL A 28 3.65 -17.22 -13.11
C VAL A 28 5.16 -17.48 -12.94
N SER A 29 5.94 -17.02 -13.88
CA SER A 29 7.43 -17.23 -13.76
C SER A 29 8.01 -16.31 -12.69
N ALA A 30 7.20 -15.50 -12.09
CA ALA A 30 7.70 -14.58 -11.03
C ALA A 30 6.56 -14.13 -10.12
N PRO A 31 6.11 -15.05 -9.31
CA PRO A 31 4.99 -14.75 -8.37
C PRO A 31 5.48 -13.85 -7.23
N LEU A 32 4.59 -13.25 -6.51
CA LEU A 32 5.00 -12.37 -5.38
C LEU A 32 4.99 -13.13 -4.06
N ASP A 33 6.14 -13.43 -3.52
CA ASP A 33 6.19 -14.18 -2.23
C ASP A 33 6.22 -13.20 -1.06
N TYR A 34 5.34 -13.38 -0.11
CA TYR A 34 5.32 -12.45 1.07
C TYR A 34 4.55 -13.09 2.23
N LEU A 35 4.65 -12.51 3.39
CA LEU A 35 3.93 -13.08 4.58
C LEU A 35 2.43 -12.82 4.45
N HIS A 36 1.63 -13.45 5.26
CA HIS A 36 0.16 -13.23 5.18
C HIS A 36 -0.29 -12.21 6.24
N GLY A 37 -0.79 -11.09 5.82
CA GLY A 37 -1.24 -10.05 6.79
C GLY A 37 -0.09 -9.10 7.10
N HIS A 38 1.11 -9.61 7.16
CA HIS A 38 2.27 -8.72 7.46
C HIS A 38 3.39 -8.94 6.43
N GLY A 39 3.37 -8.21 5.35
CA GLY A 39 4.42 -8.39 4.31
C GLY A 39 4.19 -7.40 3.16
N SER A 40 3.12 -7.57 2.43
CA SER A 40 2.84 -6.64 1.30
C SER A 40 1.64 -7.14 0.51
N LEU A 41 0.50 -7.25 1.13
CA LEU A 41 -0.71 -7.73 0.40
C LEU A 41 -1.96 -7.02 0.94
N ILE A 42 -2.68 -6.34 0.08
CA ILE A 42 -3.91 -5.63 0.54
C ILE A 42 -4.70 -6.50 1.51
N SER A 43 -5.57 -5.91 2.28
CA SER A 43 -6.38 -6.70 3.24
C SER A 43 -7.41 -7.57 2.51
N GLY A 44 -7.98 -7.05 1.45
CA GLY A 44 -8.98 -7.83 0.68
C GLY A 44 -8.34 -9.13 0.19
N LEU A 45 -7.20 -9.04 -0.43
CA LEU A 45 -6.53 -10.28 -0.95
C LEU A 45 -6.23 -11.23 0.21
N GLU A 46 -5.82 -10.71 1.34
CA GLU A 46 -5.52 -11.59 2.50
C GLU A 46 -6.67 -12.56 2.75
N THR A 47 -7.85 -12.04 2.98
CA THR A 47 -9.02 -12.93 3.24
C THR A 47 -9.29 -13.81 2.01
N ALA A 48 -9.12 -13.26 0.84
CA ALA A 48 -9.37 -14.07 -0.40
C ALA A 48 -8.24 -15.10 -0.58
N LEU A 49 -7.09 -14.84 -0.05
CA LEU A 49 -5.96 -15.79 -0.19
C LEU A 49 -6.05 -16.90 0.87
N GLU A 50 -6.61 -16.59 2.01
CA GLU A 50 -6.72 -17.62 3.07
C GLU A 50 -7.63 -18.76 2.62
N GLY A 51 -7.20 -19.98 2.78
CA GLY A 51 -8.04 -21.13 2.36
C GLY A 51 -7.75 -21.46 0.90
N HIS A 52 -6.49 -21.55 0.54
CA HIS A 52 -6.14 -21.87 -0.87
C HIS A 52 -4.86 -22.71 -0.91
N GLU A 53 -4.99 -24.01 -1.04
CA GLU A 53 -3.78 -24.88 -1.10
C GLU A 53 -2.83 -24.39 -2.20
N VAL A 54 -1.84 -25.18 -2.52
CA VAL A 54 -0.87 -24.76 -3.58
C VAL A 54 -1.45 -25.01 -4.96
N GLY A 55 -1.56 -23.99 -5.75
CA GLY A 55 -2.11 -24.15 -7.11
C GLY A 55 -3.50 -23.52 -7.20
N ASP A 56 -3.94 -22.89 -6.14
CA ASP A 56 -5.29 -22.25 -6.16
C ASP A 56 -5.29 -21.07 -7.14
N LYS A 57 -6.34 -20.90 -7.89
CA LYS A 57 -6.41 -19.78 -8.86
C LYS A 57 -7.79 -19.12 -8.83
N PHE A 58 -7.84 -17.82 -8.93
CA PHE A 58 -9.16 -17.13 -8.90
C PHE A 58 -8.96 -15.62 -9.10
N ASP A 59 -10.03 -14.86 -9.12
CA ASP A 59 -9.89 -13.39 -9.31
C ASP A 59 -10.93 -12.65 -8.46
N VAL A 60 -10.59 -11.49 -7.98
CA VAL A 60 -11.56 -10.72 -7.15
C VAL A 60 -11.27 -9.22 -7.24
N ALA A 61 -12.28 -8.42 -7.46
CA ALA A 61 -12.05 -6.95 -7.57
C ALA A 61 -12.05 -6.32 -6.17
N VAL A 62 -10.93 -5.81 -5.75
CA VAL A 62 -10.85 -5.17 -4.41
C VAL A 62 -9.93 -3.96 -4.43
N GLY A 63 -10.48 -2.78 -4.34
CA GLY A 63 -9.63 -1.55 -4.36
C GLY A 63 -10.23 -0.50 -3.44
N ALA A 64 -11.22 0.21 -3.92
CA ALA A 64 -11.86 1.26 -3.08
C ALA A 64 -12.59 0.61 -1.89
N ASN A 65 -12.88 -0.65 -2.00
CA ASN A 65 -13.59 -1.35 -0.88
C ASN A 65 -12.60 -1.74 0.21
N ASP A 66 -11.39 -2.06 -0.16
CA ASP A 66 -10.38 -2.45 0.86
C ASP A 66 -9.12 -3.01 0.19
N ALA A 67 -8.33 -2.15 -0.41
CA ALA A 67 -7.09 -2.64 -1.07
C ALA A 67 -6.10 -1.48 -1.25
N TYR A 68 -6.30 -0.65 -2.24
CA TYR A 68 -5.38 0.49 -2.46
C TYR A 68 -5.75 1.66 -1.54
N GLY A 69 -6.90 1.60 -0.93
CA GLY A 69 -7.32 2.71 -0.02
C GLY A 69 -8.21 3.69 -0.79
N GLN A 70 -9.49 3.47 -0.77
CA GLN A 70 -10.41 4.40 -1.50
C GLN A 70 -10.05 5.86 -1.19
N TYR A 71 -10.63 6.79 -1.89
CA TYR A 71 -10.32 8.21 -1.64
C TYR A 71 -10.95 8.67 -0.32
N ASP A 72 -10.18 9.29 0.54
CA ASP A 72 -10.74 9.74 1.85
C ASP A 72 -10.52 11.25 2.01
N GLU A 73 -11.54 12.03 1.83
CA GLU A 73 -11.39 13.52 1.98
C GLU A 73 -11.07 13.86 3.44
N ASN A 74 -11.32 12.96 4.34
CA ASN A 74 -11.04 13.24 5.79
C ASN A 74 -9.56 12.99 6.09
N LEU A 75 -8.84 12.41 5.17
CA LEU A 75 -7.40 12.14 5.41
C LEU A 75 -6.56 13.34 4.97
N VAL A 76 -6.83 13.87 3.80
CA VAL A 76 -6.04 15.04 3.30
C VAL A 76 -6.12 16.18 4.32
N GLN A 77 -4.99 16.61 4.83
CA GLN A 77 -5.01 17.72 5.82
C GLN A 77 -3.97 18.79 5.42
N ARG A 78 -4.36 20.03 5.41
CA ARG A 78 -3.41 21.11 5.04
C ARG A 78 -2.85 21.78 6.29
N VAL A 79 -1.55 21.77 6.46
CA VAL A 79 -0.95 22.41 7.66
C VAL A 79 0.41 23.02 7.31
N PRO A 80 0.56 24.27 7.66
CA PRO A 80 1.84 24.98 7.39
C PRO A 80 2.94 24.50 8.33
N LYS A 81 4.17 24.84 8.05
CA LYS A 81 5.29 24.40 8.93
C LYS A 81 5.07 24.89 10.36
N ASP A 82 4.17 25.83 10.54
CA ASP A 82 3.91 26.35 11.91
C ASP A 82 3.48 25.20 12.84
N VAL A 83 3.07 24.10 12.29
CA VAL A 83 2.64 22.96 13.13
C VAL A 83 3.80 21.98 13.33
N PHE A 84 4.84 22.11 12.55
CA PHE A 84 6.00 21.18 12.69
C PHE A 84 7.07 21.83 13.57
N MET A 85 6.85 21.88 14.85
CA MET A 85 7.87 22.49 15.75
C MET A 85 9.21 21.76 15.62
N GLY A 86 10.02 22.15 14.68
CA GLY A 86 11.34 21.48 14.49
C GLY A 86 11.59 21.24 13.01
N VAL A 87 10.87 20.32 12.42
CA VAL A 87 11.06 20.03 10.96
C VAL A 87 12.53 20.22 10.56
N ASP A 88 13.34 19.22 10.79
CA ASP A 88 14.78 19.35 10.41
C ASP A 88 14.92 19.82 8.97
N GLU A 89 13.92 19.56 8.15
CA GLU A 89 14.00 19.98 6.72
C GLU A 89 12.79 19.43 5.95
N LEU A 90 11.92 20.30 5.50
CA LEU A 90 10.73 19.82 4.74
C LEU A 90 10.95 20.00 3.24
N GLN A 91 10.73 18.97 2.47
CA GLN A 91 10.93 19.07 1.00
C GLN A 91 9.86 18.27 0.26
N VAL A 92 9.55 18.66 -0.96
CA VAL A 92 8.52 17.92 -1.73
C VAL A 92 8.98 16.48 -2.00
N GLY A 93 8.08 15.54 -1.94
CA GLY A 93 8.47 14.12 -2.19
C GLY A 93 8.83 13.45 -0.87
N MET A 94 8.97 14.22 0.18
CA MET A 94 9.32 13.63 1.50
C MET A 94 8.06 13.12 2.22
N ARG A 95 8.16 12.01 2.89
CA ARG A 95 6.96 11.47 3.60
C ARG A 95 6.92 12.01 5.03
N PHE A 96 5.74 12.30 5.52
CA PHE A 96 5.63 12.83 6.90
C PHE A 96 4.82 11.87 7.78
N LEU A 97 4.97 11.96 9.07
CA LEU A 97 4.21 11.06 9.98
C LEU A 97 3.32 11.87 10.92
N ALA A 98 2.13 11.39 11.19
CA ALA A 98 1.21 12.14 12.10
C ALA A 98 0.99 11.34 13.39
N GLU A 99 1.38 11.88 14.51
CA GLU A 99 1.19 11.16 15.79
C GLU A 99 -0.06 11.68 16.51
N THR A 100 -1.22 11.19 16.13
CA THR A 100 -2.47 11.67 16.80
C THR A 100 -2.79 10.80 18.02
N ASP A 101 -3.52 11.33 18.96
CA ASP A 101 -3.86 10.54 20.17
C ASP A 101 -4.86 9.44 19.81
N GLN A 102 -5.52 9.57 18.70
CA GLN A 102 -6.52 8.53 18.30
C GLN A 102 -5.84 7.44 17.47
N GLY A 103 -4.54 7.37 17.52
CA GLY A 103 -3.81 6.34 16.73
C GLY A 103 -2.80 7.01 15.81
N PRO A 104 -1.64 6.41 15.72
CA PRO A 104 -0.57 6.96 14.87
C PRO A 104 -0.89 6.72 13.38
N VAL A 105 -0.83 7.75 12.57
CA VAL A 105 -1.13 7.59 11.13
C VAL A 105 -0.15 8.41 10.29
N PRO A 106 0.60 7.71 9.47
CA PRO A 106 1.60 8.38 8.60
C PRO A 106 0.90 9.11 7.45
N VAL A 107 1.55 10.09 6.87
CA VAL A 107 0.92 10.84 5.75
C VAL A 107 1.91 10.99 4.59
N GLU A 108 1.55 11.73 3.58
CA GLU A 108 2.46 11.92 2.43
C GLU A 108 2.34 13.34 1.87
N ILE A 109 3.43 14.02 1.69
CA ILE A 109 3.37 15.41 1.15
C ILE A 109 3.18 15.38 -0.36
N THR A 110 2.22 16.11 -0.86
CA THR A 110 1.98 16.12 -2.34
C THR A 110 2.07 17.55 -2.88
N ALA A 111 1.95 18.53 -2.03
CA ALA A 111 2.02 19.94 -2.49
C ALA A 111 2.56 20.84 -1.37
N VAL A 112 3.66 21.50 -1.61
CA VAL A 112 4.23 22.39 -0.57
C VAL A 112 4.09 23.86 -0.98
N GLU A 113 3.17 24.57 -0.39
CA GLU A 113 2.98 26.00 -0.75
C GLU A 113 3.84 26.89 0.14
N ASP A 114 3.94 28.16 -0.18
CA ASP A 114 4.76 29.08 0.66
C ASP A 114 4.07 29.33 2.00
N ASP A 115 4.78 29.18 3.08
CA ASP A 115 4.17 29.42 4.42
C ASP A 115 2.97 28.48 4.63
N HIS A 116 2.94 27.38 3.91
CA HIS A 116 1.81 26.42 4.07
C HIS A 116 2.06 25.16 3.23
N VAL A 117 1.83 24.00 3.80
CA VAL A 117 2.06 22.74 3.04
C VAL A 117 0.90 21.77 3.26
N VAL A 118 0.84 20.73 2.48
CA VAL A 118 -0.27 19.74 2.65
C VAL A 118 0.28 18.32 2.64
N VAL A 119 -0.35 17.41 3.33
CA VAL A 119 0.15 16.00 3.36
C VAL A 119 -1.03 15.02 3.44
N ASP A 120 -1.03 14.00 2.64
CA ASP A 120 -2.14 13.01 2.69
C ASP A 120 -1.59 11.58 2.70
N GLY A 121 -2.16 10.72 3.50
CA GLY A 121 -1.67 9.32 3.55
C GLY A 121 -2.41 8.47 2.52
N ASN A 122 -3.42 9.02 1.90
CA ASN A 122 -4.18 8.24 0.88
C ASN A 122 -3.44 8.27 -0.47
N HIS A 123 -3.53 7.22 -1.22
CA HIS A 123 -2.83 7.18 -2.54
C HIS A 123 -3.23 8.40 -3.38
N MET A 124 -2.31 8.97 -4.09
CA MET A 124 -2.64 10.16 -4.92
C MET A 124 -3.80 9.85 -5.86
N LEU A 125 -4.09 8.58 -6.08
CA LEU A 125 -5.22 8.22 -6.97
C LEU A 125 -6.45 7.88 -6.14
N ALA A 126 -6.56 6.66 -5.68
CA ALA A 126 -7.74 6.27 -4.86
C ALA A 126 -9.03 6.55 -5.64
N GLY A 127 -10.15 6.10 -5.13
CA GLY A 127 -11.44 6.34 -5.84
C GLY A 127 -11.49 5.50 -7.12
N GLN A 128 -10.70 4.46 -7.20
CA GLN A 128 -10.69 3.62 -8.42
C GLN A 128 -10.46 2.15 -8.05
N ASN A 129 -11.51 1.37 -7.96
CA ASN A 129 -11.33 -0.06 -7.60
C ASN A 129 -10.36 -0.74 -8.57
N LEU A 130 -9.79 -1.84 -8.18
CA LEU A 130 -8.83 -2.55 -9.08
C LEU A 130 -9.25 -4.00 -9.27
N LYS A 131 -9.21 -4.48 -10.49
CA LYS A 131 -9.61 -5.89 -10.74
C LYS A 131 -8.40 -6.71 -11.18
N PHE A 132 -8.03 -7.71 -10.43
CA PHE A 132 -6.85 -8.52 -10.81
C PHE A 132 -7.02 -9.97 -10.36
N ASN A 133 -6.51 -10.91 -11.12
CA ASN A 133 -6.64 -12.34 -10.74
C ASN A 133 -5.45 -12.75 -9.87
N VAL A 134 -5.61 -13.71 -9.01
CA VAL A 134 -4.48 -14.14 -8.14
C VAL A 134 -4.33 -15.66 -8.16
N GLU A 135 -3.12 -16.15 -8.21
CA GLU A 135 -2.90 -17.62 -8.22
C GLU A 135 -1.83 -17.99 -7.19
N VAL A 136 -2.15 -18.88 -6.28
CA VAL A 136 -1.14 -19.28 -5.24
C VAL A 136 -0.09 -20.19 -5.86
N VAL A 137 1.15 -20.02 -5.48
CA VAL A 137 2.23 -20.88 -6.04
C VAL A 137 2.79 -21.79 -4.95
N ALA A 138 2.92 -21.31 -3.74
CA ALA A 138 3.46 -22.16 -2.65
C ALA A 138 3.18 -21.52 -1.28
N ILE A 139 3.45 -22.24 -0.23
CA ILE A 139 3.20 -21.68 1.13
C ILE A 139 4.18 -22.29 2.14
N ARG A 140 5.20 -21.57 2.51
CA ARG A 140 6.19 -22.11 3.48
C ARG A 140 6.23 -21.25 4.74
N GLU A 141 6.89 -21.71 5.77
CA GLU A 141 6.96 -20.91 7.03
C GLU A 141 8.30 -20.18 7.12
N ALA A 142 8.29 -18.95 7.59
CA ALA A 142 9.56 -18.19 7.70
C ALA A 142 10.18 -18.38 9.08
N THR A 143 11.44 -18.10 9.23
CA THR A 143 12.10 -18.26 10.56
C THR A 143 11.65 -17.15 11.52
N GLU A 144 12.05 -17.23 12.75
CA GLU A 144 11.65 -16.18 13.73
C GLU A 144 12.07 -14.80 13.22
N GLU A 145 13.23 -14.72 12.62
CA GLU A 145 13.70 -13.40 12.10
C GLU A 145 12.88 -13.00 10.88
N GLU A 146 12.48 -13.95 10.07
CA GLU A 146 11.68 -13.61 8.87
C GLU A 146 10.37 -12.95 9.28
N LEU A 147 9.66 -13.54 10.20
CA LEU A 147 8.37 -12.93 10.65
C LEU A 147 8.66 -11.71 11.53
N ALA A 148 9.83 -11.64 12.10
CA ALA A 148 10.18 -10.47 12.95
C ALA A 148 10.03 -9.18 12.17
N HIS A 149 10.64 -9.10 11.02
CA HIS A 149 10.55 -7.86 10.20
C HIS A 149 9.67 -8.13 8.98
N GLY A 150 9.34 -9.37 8.74
CA GLY A 150 8.48 -9.70 7.56
C GLY A 150 9.35 -9.77 6.31
N HIS A 151 10.20 -10.75 6.21
CA HIS A 151 11.06 -10.87 5.00
C HIS A 151 11.47 -12.33 4.78
N VAL A 152 11.74 -12.69 3.56
CA VAL A 152 12.14 -14.10 3.28
C VAL A 152 13.51 -14.14 2.58
N HIS A 153 14.43 -14.91 3.11
CA HIS A 153 15.77 -14.98 2.48
C HIS A 153 16.29 -13.57 2.15
N GLY A 154 16.65 -12.82 3.15
CA GLY A 154 17.16 -11.44 2.89
C GLY A 154 16.19 -10.43 3.49
N ALA A 155 16.39 -9.17 3.21
CA ALA A 155 15.48 -8.12 3.77
C ALA A 155 15.84 -6.75 3.20
N HIS A 156 14.86 -5.96 2.85
CA HIS A 156 15.14 -4.61 2.28
C HIS A 156 15.76 -3.72 3.36
N ASP A 157 15.54 -4.02 4.60
CA ASP A 157 16.11 -3.18 5.69
C ASP A 157 17.59 -3.54 5.92
N HIS A 158 17.91 -4.81 5.87
CA HIS A 158 19.32 -5.23 6.08
C HIS A 158 19.86 -4.65 7.39
N HIS A 159 18.98 -4.26 8.28
CA HIS A 159 19.44 -3.68 9.58
C HIS A 159 19.08 -4.64 10.73
N HIS A 160 20.08 -5.23 11.34
CA HIS A 160 19.79 -6.17 12.46
C HIS A 160 20.39 -5.63 13.77
N ASP A 161 21.65 -5.28 13.75
CA ASP A 161 22.28 -4.74 14.98
C ASP A 161 21.92 -5.62 16.19
N HIS A 162 22.09 -6.91 16.06
CA HIS A 162 21.76 -7.83 17.20
C HIS A 162 20.33 -7.57 17.70
N ASP A 163 19.77 -8.51 18.40
CA ASP A 163 18.37 -8.33 18.91
C ASP A 163 18.37 -8.30 20.44
N HIS A 164 18.62 -9.43 21.06
CA HIS A 164 18.63 -9.47 22.55
C HIS A 164 19.49 -10.64 23.04
N ASP A 165 20.74 -10.39 23.32
CA ASP A 165 21.63 -11.49 23.80
C ASP A 165 22.27 -11.11 25.13
N GLY A 166 23.25 -10.25 25.09
CA GLY A 166 23.93 -9.83 26.36
C GLY A 166 24.15 -8.32 26.35
N CYS A 167 24.77 -7.80 27.38
CA CYS A 167 25.01 -6.33 27.43
C CYS A 167 23.68 -5.57 27.38
N CYS A 168 22.61 -6.22 27.75
CA CYS A 168 21.28 -5.53 27.72
C CYS A 168 21.26 -4.38 28.73
N GLY A 169 20.09 -3.97 29.15
CA GLY A 169 20.00 -2.85 30.13
C GLY A 169 19.25 -1.67 29.50
N GLY A 170 19.96 -0.63 29.14
CA GLY A 170 19.29 0.54 28.51
C GLY A 170 20.24 1.73 28.51
N HIS A 171 20.19 2.54 27.49
CA HIS A 171 21.11 3.72 27.43
C HIS A 171 20.30 5.01 27.24
N GLY A 172 19.03 4.97 27.57
CA GLY A 172 18.19 6.19 27.41
C GLY A 172 17.38 6.42 28.67
N HIS A 173 17.97 7.04 29.67
CA HIS A 173 17.22 7.29 30.93
C HIS A 173 17.22 8.78 31.26
N ASP A 174 17.58 9.61 30.31
CA ASP A 174 17.61 11.08 30.58
C ASP A 174 16.40 11.75 29.92
N HIS A 175 15.61 12.45 30.70
CA HIS A 175 14.42 13.14 30.11
C HIS A 175 14.60 14.66 30.16
N GLY A 176 15.31 15.15 31.14
CA GLY A 176 15.53 16.62 31.24
C GLY A 176 14.23 17.29 31.67
N HIS A 177 14.30 18.23 32.58
CA HIS A 177 13.07 18.93 33.04
C HIS A 177 13.43 20.06 34.00
N GLU A 178 12.49 20.92 34.31
CA GLU A 178 12.79 22.05 35.24
C GLU A 178 11.51 22.82 35.54
N HIS A 179 11.13 23.74 34.70
CA HIS A 179 9.89 24.52 34.95
C HIS A 179 8.66 23.66 34.66
N GLY A 180 7.52 24.29 34.49
CA GLY A 180 6.28 23.50 34.21
C GLY A 180 5.17 24.46 33.74
N GLY A 181 4.95 25.52 34.46
CA GLY A 181 3.89 26.49 34.07
C GLY A 181 4.48 27.90 34.00
N GLU A 182 3.64 28.90 34.11
CA GLU A 182 4.15 30.30 34.06
C GLU A 182 3.27 31.21 34.92
N GLY A 183 2.68 30.69 35.96
CA GLY A 183 1.82 31.52 36.83
C GLY A 183 1.13 30.64 37.87
N CYS A 184 1.87 29.79 38.53
CA CYS A 184 1.26 28.90 39.55
C CYS A 184 1.45 29.49 40.94
N CYS A 185 2.67 29.77 41.32
CA CYS A 185 2.92 30.35 42.68
C CYS A 185 2.46 29.38 43.76
N GLY A 186 2.03 29.89 44.88
CA GLY A 186 1.57 28.98 45.98
C GLY A 186 2.71 28.78 46.98
N GLY A 187 3.83 29.42 46.77
CA GLY A 187 4.97 29.26 47.71
C GLY A 187 4.91 30.35 48.79
N LYS A 188 6.03 30.93 49.11
CA LYS A 188 6.04 32.01 50.15
C LYS A 188 5.62 31.42 51.50
N GLY A 189 5.55 32.24 52.51
CA GLY A 189 5.14 31.74 53.85
C GLY A 189 5.23 32.87 54.88
N ASN A 190 4.12 33.26 55.44
CA ASN A 190 4.13 34.35 56.44
C ASN A 190 5.28 34.16 57.43
N GLY A 191 6.36 34.86 57.25
CA GLY A 191 7.52 34.71 58.17
C GLY A 191 7.69 35.99 58.99
N GLY A 192 7.43 37.12 58.40
CA GLY A 192 7.57 38.41 59.14
C GLY A 192 6.75 39.50 58.45
N CYS A 193 5.58 39.15 57.96
CA CYS A 193 4.73 40.16 57.29
C CYS A 193 3.57 40.58 58.19
N GLY A 194 3.85 41.36 59.20
CA GLY A 194 2.76 41.80 60.12
C GLY A 194 3.38 42.51 61.33
N CYS A 195 4.16 43.53 61.09
CA CYS A 195 4.79 44.26 62.23
C CYS A 195 5.61 43.30 63.09
N HIS A 196 5.91 43.68 64.31
CA HIS A 196 6.70 42.79 65.20
C HIS A 196 6.01 41.43 65.34
N MET A 1 -1.91 -28.79 2.24
CA MET A 1 -1.65 -27.65 3.17
C MET A 1 -2.14 -26.34 2.54
N LYS A 2 -2.98 -25.62 3.23
CA LYS A 2 -3.50 -24.33 2.69
C LYS A 2 -2.62 -23.17 3.16
N VAL A 3 -2.99 -21.97 2.83
CA VAL A 3 -2.18 -20.79 3.25
C VAL A 3 -2.51 -20.42 4.71
N ALA A 4 -1.51 -20.14 5.50
CA ALA A 4 -1.76 -19.78 6.92
C ALA A 4 -0.73 -18.76 7.39
N LYS A 5 -0.82 -18.34 8.62
CA LYS A 5 0.16 -17.34 9.14
C LYS A 5 1.57 -17.94 9.15
N ASP A 6 2.55 -17.16 9.52
CA ASP A 6 3.95 -17.69 9.53
C ASP A 6 4.19 -18.58 8.32
N LEU A 7 3.52 -18.32 7.23
CA LEU A 7 3.71 -19.15 6.01
C LEU A 7 3.84 -18.26 4.77
N VAL A 8 5.00 -18.20 4.18
CA VAL A 8 5.17 -17.35 2.97
C VAL A 8 4.29 -17.87 1.83
N VAL A 9 3.56 -17.00 1.19
CA VAL A 9 2.66 -17.45 0.09
C VAL A 9 3.01 -16.70 -1.21
N SER A 10 3.53 -17.40 -2.18
CA SER A 10 3.88 -16.75 -3.47
C SER A 10 2.72 -16.92 -4.45
N LEU A 11 2.13 -15.84 -4.87
CA LEU A 11 0.98 -15.95 -5.82
C LEU A 11 1.04 -14.84 -6.88
N ALA A 12 1.05 -15.19 -8.13
CA ALA A 12 1.10 -14.16 -9.20
C ALA A 12 -0.32 -13.67 -9.51
N TYR A 13 -0.48 -12.46 -9.95
CA TYR A 13 -1.84 -11.95 -10.27
C TYR A 13 -1.77 -10.79 -11.27
N GLN A 14 -2.78 -10.65 -12.09
CA GLN A 14 -2.79 -9.55 -13.08
C GLN A 14 -3.95 -8.59 -12.79
N VAL A 15 -3.68 -7.32 -12.69
CA VAL A 15 -4.78 -6.35 -12.39
C VAL A 15 -5.04 -5.45 -13.60
N ARG A 16 -6.24 -4.96 -13.72
CA ARG A 16 -6.59 -4.08 -14.87
C ARG A 16 -7.60 -3.02 -14.44
N THR A 17 -7.41 -1.79 -14.83
CA THR A 17 -8.36 -0.72 -14.43
C THR A 17 -9.66 -0.84 -15.23
N GLU A 18 -10.76 -0.40 -14.67
CA GLU A 18 -12.06 -0.49 -15.39
C GLU A 18 -11.93 0.11 -16.79
N ASP A 19 -10.94 0.93 -17.01
CA ASP A 19 -10.78 1.54 -18.36
C ASP A 19 -10.26 0.51 -19.36
N GLY A 20 -10.06 -0.71 -18.91
CA GLY A 20 -9.57 -1.77 -19.84
C GLY A 20 -8.04 -1.63 -20.00
N VAL A 21 -7.38 -1.17 -18.97
CA VAL A 21 -5.89 -1.00 -19.07
C VAL A 21 -5.21 -1.83 -17.99
N LEU A 22 -4.00 -2.27 -18.25
CA LEU A 22 -3.27 -3.09 -17.23
C LEU A 22 -2.34 -2.19 -16.41
N VAL A 23 -2.50 -2.19 -15.11
CA VAL A 23 -1.62 -1.34 -14.26
C VAL A 23 -0.40 -2.13 -13.79
N ASP A 24 -0.61 -3.26 -13.20
CA ASP A 24 0.55 -4.08 -12.72
C ASP A 24 0.26 -5.57 -12.93
N GLU A 25 1.30 -6.35 -13.12
CA GLU A 25 1.09 -7.82 -13.34
C GLU A 25 2.29 -8.60 -12.80
N SER A 26 2.03 -9.63 -12.05
CA SER A 26 3.16 -10.44 -11.48
C SER A 26 3.11 -11.88 -12.03
N PRO A 27 4.06 -12.19 -12.86
CA PRO A 27 4.14 -13.55 -13.45
C PRO A 27 4.58 -14.57 -12.40
N VAL A 28 4.53 -15.84 -12.73
CA VAL A 28 4.96 -16.88 -11.76
C VAL A 28 6.48 -16.86 -11.59
N SER A 29 7.18 -16.21 -12.48
CA SER A 29 8.66 -16.15 -12.37
C SER A 29 9.07 -15.03 -11.41
N ALA A 30 8.16 -14.17 -11.06
CA ALA A 30 8.50 -13.06 -10.13
C ALA A 30 7.26 -12.61 -9.36
N PRO A 31 6.58 -13.57 -8.78
CA PRO A 31 5.36 -13.28 -8.00
C PRO A 31 5.71 -12.60 -6.66
N LEU A 32 4.76 -11.98 -6.03
CA LEU A 32 5.05 -11.31 -4.74
C LEU A 32 4.95 -12.31 -3.58
N ASP A 33 6.08 -12.75 -3.07
CA ASP A 33 6.05 -13.73 -1.94
C ASP A 33 6.00 -12.98 -0.61
N TYR A 34 4.90 -13.10 0.09
CA TYR A 34 4.78 -12.40 1.41
C TYR A 34 4.02 -13.27 2.41
N LEU A 35 4.07 -12.92 3.67
CA LEU A 35 3.35 -13.73 4.69
C LEU A 35 1.83 -13.60 4.50
N HIS A 36 1.08 -14.56 4.95
CA HIS A 36 -0.40 -14.49 4.79
C HIS A 36 -1.03 -13.78 6.01
N GLY A 37 -1.78 -12.75 5.76
CA GLY A 37 -2.43 -12.03 6.90
C GLY A 37 -1.48 -10.96 7.43
N HIS A 38 -0.21 -11.24 7.47
CA HIS A 38 0.77 -10.24 7.99
C HIS A 38 1.93 -10.08 7.00
N GLY A 39 1.77 -9.21 6.03
CA GLY A 39 2.87 -9.01 5.04
C GLY A 39 2.77 -7.60 4.45
N SER A 40 2.07 -6.73 5.11
CA SER A 40 1.93 -5.33 4.58
C SER A 40 1.18 -5.34 3.25
N LEU A 41 0.55 -6.43 2.93
CA LEU A 41 -0.21 -6.50 1.64
C LEU A 41 -1.54 -5.76 1.77
N ILE A 42 -2.59 -6.29 1.19
CA ILE A 42 -3.91 -5.62 1.29
C ILE A 42 -4.89 -6.50 2.06
N SER A 43 -5.42 -6.01 3.15
CA SER A 43 -6.38 -6.82 3.96
C SER A 43 -7.45 -7.42 3.06
N GLY A 44 -8.02 -6.65 2.19
CA GLY A 44 -9.08 -7.18 1.28
C GLY A 44 -8.57 -8.45 0.60
N LEU A 45 -7.33 -8.47 0.19
CA LEU A 45 -6.78 -9.69 -0.47
C LEU A 45 -6.24 -10.67 0.58
N GLU A 46 -5.75 -10.16 1.67
CA GLU A 46 -5.21 -11.06 2.73
C GLU A 46 -6.23 -12.16 3.08
N THR A 47 -7.39 -11.76 3.52
CA THR A 47 -8.43 -12.77 3.87
C THR A 47 -8.75 -13.65 2.65
N ALA A 48 -8.54 -13.15 1.47
CA ALA A 48 -8.84 -13.96 0.25
C ALA A 48 -7.79 -15.07 0.09
N LEU A 49 -6.60 -14.86 0.57
CA LEU A 49 -5.55 -15.91 0.45
C LEU A 49 -5.82 -17.04 1.44
N GLU A 50 -6.13 -16.72 2.66
CA GLU A 50 -6.39 -17.78 3.67
C GLU A 50 -7.28 -18.89 3.06
N GLY A 51 -6.91 -20.12 3.26
CA GLY A 51 -7.72 -21.23 2.69
C GLY A 51 -7.70 -21.15 1.16
N HIS A 52 -7.10 -22.11 0.52
CA HIS A 52 -7.04 -22.09 -0.98
C HIS A 52 -6.19 -23.25 -1.49
N GLU A 53 -5.24 -23.70 -0.71
CA GLU A 53 -4.38 -24.83 -1.16
C GLU A 53 -3.46 -24.38 -2.30
N VAL A 54 -2.31 -24.97 -2.40
CA VAL A 54 -1.36 -24.57 -3.50
C VAL A 54 -1.90 -25.01 -4.85
N GLY A 55 -2.02 -24.08 -5.75
CA GLY A 55 -2.53 -24.43 -7.10
C GLY A 55 -3.94 -23.84 -7.29
N ASP A 56 -4.42 -23.12 -6.31
CA ASP A 56 -5.79 -22.52 -6.44
C ASP A 56 -5.68 -21.04 -6.78
N LYS A 57 -6.45 -20.58 -7.74
CA LYS A 57 -6.39 -19.14 -8.11
C LYS A 57 -7.81 -18.58 -8.28
N PHE A 58 -8.01 -17.34 -7.92
CA PHE A 58 -9.36 -16.73 -8.05
C PHE A 58 -9.24 -15.26 -8.49
N ASP A 59 -10.28 -14.50 -8.30
CA ASP A 59 -10.23 -13.06 -8.70
C ASP A 59 -11.03 -12.21 -7.72
N VAL A 60 -10.46 -11.15 -7.22
CA VAL A 60 -11.19 -10.28 -6.25
C VAL A 60 -11.12 -8.82 -6.71
N ALA A 61 -12.23 -8.24 -7.06
CA ALA A 61 -12.23 -6.82 -7.52
C ALA A 61 -12.09 -5.89 -6.31
N VAL A 62 -10.98 -5.20 -6.21
CA VAL A 62 -10.79 -4.27 -5.07
C VAL A 62 -9.72 -3.22 -5.40
N GLY A 63 -10.13 -1.99 -5.55
CA GLY A 63 -9.13 -0.93 -5.88
C GLY A 63 -9.24 0.21 -4.86
N ALA A 64 -10.19 1.08 -5.03
CA ALA A 64 -10.35 2.22 -4.06
C ALA A 64 -11.18 1.76 -2.86
N ASN A 65 -11.95 0.73 -3.01
CA ASN A 65 -12.79 0.24 -1.88
C ASN A 65 -11.94 -0.61 -0.93
N ASP A 66 -10.88 -1.20 -1.42
CA ASP A 66 -10.02 -2.03 -0.54
C ASP A 66 -8.82 -2.55 -1.32
N ALA A 67 -7.91 -1.69 -1.67
CA ALA A 67 -6.71 -2.13 -2.43
C ALA A 67 -5.55 -1.15 -2.22
N TYR A 68 -5.69 0.05 -2.72
CA TYR A 68 -4.60 1.05 -2.54
C TYR A 68 -5.18 2.40 -2.13
N GLY A 69 -6.44 2.44 -1.79
CA GLY A 69 -7.07 3.73 -1.38
C GLY A 69 -6.63 4.84 -2.35
N GLN A 70 -7.37 5.02 -3.41
CA GLN A 70 -7.00 6.09 -4.40
C GLN A 70 -7.11 7.47 -3.75
N TYR A 71 -6.06 8.25 -3.81
CA TYR A 71 -6.10 9.61 -3.20
C TYR A 71 -6.73 10.61 -4.17
N ASP A 72 -7.66 11.39 -3.71
CA ASP A 72 -8.31 12.40 -4.60
C ASP A 72 -8.23 13.79 -3.98
N GLU A 73 -7.06 14.36 -3.91
CA GLU A 73 -6.93 15.72 -3.31
C GLU A 73 -7.58 16.76 -4.22
N ASN A 74 -8.01 16.37 -5.39
CA ASN A 74 -8.65 17.33 -6.33
C ASN A 74 -9.93 17.91 -5.71
N LEU A 75 -10.54 17.19 -4.81
CA LEU A 75 -11.79 17.71 -4.17
C LEU A 75 -12.20 16.83 -2.98
N VAL A 76 -11.24 16.25 -2.30
CA VAL A 76 -11.57 15.39 -1.13
C VAL A 76 -11.49 16.20 0.16
N GLN A 77 -12.60 16.71 0.62
CA GLN A 77 -12.57 17.52 1.88
C GLN A 77 -13.73 17.10 2.79
N ARG A 78 -13.76 17.61 4.00
CA ARG A 78 -14.85 17.24 4.93
C ARG A 78 -16.05 18.16 4.74
N VAL A 79 -17.24 17.63 4.74
CA VAL A 79 -18.45 18.48 4.56
C VAL A 79 -19.63 17.91 5.34
N PRO A 80 -20.01 18.61 6.37
CA PRO A 80 -21.15 18.17 7.22
C PRO A 80 -22.47 18.36 6.48
N LYS A 81 -23.48 17.63 6.86
CA LYS A 81 -24.81 17.77 6.17
C LYS A 81 -25.33 19.20 6.34
N ASP A 82 -24.77 19.95 7.24
CA ASP A 82 -25.23 21.35 7.45
C ASP A 82 -24.83 22.23 6.26
N VAL A 83 -23.85 21.79 5.49
CA VAL A 83 -23.41 22.60 4.33
C VAL A 83 -23.69 21.85 3.03
N PHE A 84 -24.49 20.82 3.09
CA PHE A 84 -24.80 20.04 1.86
C PHE A 84 -25.83 20.79 1.00
N MET A 85 -26.90 21.23 1.61
CA MET A 85 -27.94 21.97 0.84
C MET A 85 -28.48 21.09 -0.29
N GLY A 86 -29.73 20.73 -0.24
CA GLY A 86 -30.32 19.88 -1.31
C GLY A 86 -29.88 18.42 -1.11
N VAL A 87 -30.42 17.77 -0.12
CA VAL A 87 -30.03 16.35 0.14
C VAL A 87 -31.26 15.53 0.52
N ASP A 88 -32.05 15.13 -0.44
CA ASP A 88 -33.27 14.33 -0.13
C ASP A 88 -32.87 12.87 0.15
N GLU A 89 -31.63 12.55 0.01
CA GLU A 89 -31.19 11.14 0.27
C GLU A 89 -29.66 11.05 0.23
N LEU A 90 -29.04 10.80 1.36
CA LEU A 90 -27.57 10.69 1.39
C LEU A 90 -27.14 9.23 1.61
N GLN A 91 -27.06 8.46 0.57
CA GLN A 91 -26.66 7.03 0.72
C GLN A 91 -25.21 6.84 0.24
N VAL A 92 -24.41 6.18 1.03
CA VAL A 92 -22.99 5.95 0.62
C VAL A 92 -22.93 5.47 -0.83
N GLY A 93 -21.95 5.93 -1.58
CA GLY A 93 -21.84 5.50 -3.00
C GLY A 93 -22.59 6.49 -3.89
N MET A 94 -23.68 7.01 -3.44
CA MET A 94 -24.45 7.98 -4.26
C MET A 94 -23.57 9.17 -4.64
N ARG A 95 -23.75 9.72 -5.80
CA ARG A 95 -22.91 10.88 -6.22
C ARG A 95 -23.58 12.19 -5.79
N PHE A 96 -22.87 13.03 -5.08
CA PHE A 96 -23.47 14.31 -4.62
C PHE A 96 -22.82 15.48 -5.37
N LEU A 97 -23.43 16.63 -5.34
CA LEU A 97 -22.85 17.81 -6.04
C LEU A 97 -22.51 18.92 -5.04
N ALA A 98 -21.25 19.20 -4.86
CA ALA A 98 -20.86 20.27 -3.90
C ALA A 98 -20.64 21.59 -4.63
N GLU A 99 -20.68 22.69 -3.93
CA GLU A 99 -20.47 24.02 -4.59
C GLU A 99 -19.10 24.58 -4.23
N THR A 100 -18.39 25.10 -5.19
CA THR A 100 -17.05 25.66 -4.89
C THR A 100 -16.86 27.00 -5.60
N ASP A 101 -15.82 27.73 -5.27
CA ASP A 101 -15.60 29.04 -5.94
C ASP A 101 -15.43 28.85 -7.45
N GLN A 102 -15.01 27.70 -7.87
CA GLN A 102 -14.83 27.45 -9.33
C GLN A 102 -16.14 26.94 -9.94
N GLY A 103 -17.23 27.15 -9.27
CA GLY A 103 -18.55 26.68 -9.82
C GLY A 103 -18.94 25.38 -9.13
N PRO A 104 -20.04 24.82 -9.58
CA PRO A 104 -20.55 23.56 -9.02
C PRO A 104 -19.67 22.37 -9.45
N VAL A 105 -19.38 21.47 -8.55
CA VAL A 105 -18.54 20.30 -8.93
C VAL A 105 -19.12 19.02 -8.34
N PRO A 106 -19.09 17.98 -9.12
CA PRO A 106 -19.63 16.67 -8.68
C PRO A 106 -18.68 16.02 -7.66
N VAL A 107 -19.21 15.35 -6.68
CA VAL A 107 -18.35 14.70 -5.66
C VAL A 107 -18.84 13.28 -5.36
N GLU A 108 -18.25 12.62 -4.41
CA GLU A 108 -18.69 11.24 -4.07
C GLU A 108 -18.76 11.06 -2.55
N ILE A 109 -19.11 9.88 -2.10
CA ILE A 109 -19.20 9.65 -0.63
C ILE A 109 -18.26 8.51 -0.22
N THR A 110 -17.26 8.81 0.56
CA THR A 110 -16.32 7.73 0.99
C THR A 110 -16.44 7.50 2.50
N ALA A 111 -16.80 8.51 3.24
CA ALA A 111 -16.94 8.35 4.71
C ALA A 111 -18.08 9.20 5.25
N VAL A 112 -18.77 8.73 6.25
CA VAL A 112 -19.90 9.52 6.82
C VAL A 112 -19.88 9.46 8.35
N GLU A 113 -19.45 10.51 8.99
CA GLU A 113 -19.41 10.50 10.48
C GLU A 113 -20.44 11.48 11.05
N ASP A 114 -20.68 11.43 12.34
CA ASP A 114 -21.67 12.37 12.94
C ASP A 114 -21.07 13.76 13.10
N ASP A 115 -21.86 14.79 12.94
CA ASP A 115 -21.34 16.18 13.08
C ASP A 115 -20.50 16.56 11.86
N HIS A 116 -20.26 15.64 10.97
CA HIS A 116 -19.45 15.96 9.76
C HIS A 116 -19.40 14.76 8.82
N VAL A 117 -19.36 15.02 7.53
CA VAL A 117 -19.32 13.89 6.55
C VAL A 117 -18.15 14.07 5.59
N VAL A 118 -17.81 13.04 4.84
CA VAL A 118 -16.68 13.17 3.89
C VAL A 118 -17.20 13.08 2.45
N VAL A 119 -16.51 13.69 1.52
CA VAL A 119 -16.96 13.65 0.10
C VAL A 119 -15.80 13.96 -0.84
N ASP A 120 -15.69 13.24 -1.92
CA ASP A 120 -14.57 13.50 -2.88
C ASP A 120 -14.91 12.95 -4.26
N GLY A 121 -15.09 13.79 -5.23
CA GLY A 121 -15.43 13.32 -6.60
C GLY A 121 -14.29 12.43 -7.13
N ASN A 122 -14.58 11.19 -7.42
CA ASN A 122 -13.51 10.28 -7.94
C ASN A 122 -12.93 10.85 -9.24
N HIS A 123 -11.64 11.07 -9.27
CA HIS A 123 -11.00 11.62 -10.51
C HIS A 123 -10.30 10.50 -11.29
N MET A 124 -9.54 10.85 -12.28
CA MET A 124 -8.84 9.81 -13.08
C MET A 124 -7.61 9.29 -12.31
N LEU A 125 -6.84 10.17 -11.74
CA LEU A 125 -5.64 9.73 -10.98
C LEU A 125 -6.06 8.80 -9.83
N ALA A 126 -7.22 9.00 -9.29
CA ALA A 126 -7.68 8.13 -8.17
C ALA A 126 -9.20 8.01 -8.19
N GLY A 127 -9.73 6.88 -7.81
CA GLY A 127 -11.20 6.70 -7.81
C GLY A 127 -11.60 5.69 -8.89
N GLN A 128 -10.69 4.85 -9.30
CA GLN A 128 -11.01 3.84 -10.34
C GLN A 128 -10.71 2.43 -9.82
N ASN A 129 -11.63 1.84 -9.12
CA ASN A 129 -11.40 0.47 -8.59
C ASN A 129 -10.73 -0.41 -9.66
N LEU A 130 -10.17 -1.52 -9.26
CA LEU A 130 -9.50 -2.41 -10.25
C LEU A 130 -9.66 -3.88 -9.85
N LYS A 131 -9.75 -4.76 -10.79
CA LYS A 131 -9.90 -6.21 -10.46
C LYS A 131 -8.70 -7.00 -10.97
N PHE A 132 -8.20 -7.93 -10.20
CA PHE A 132 -7.03 -8.73 -10.64
C PHE A 132 -7.14 -10.17 -10.13
N ASN A 133 -6.79 -11.13 -10.94
CA ASN A 133 -6.87 -12.55 -10.50
C ASN A 133 -5.61 -12.92 -9.71
N VAL A 134 -5.76 -13.70 -8.68
CA VAL A 134 -4.57 -14.10 -7.87
C VAL A 134 -4.47 -15.63 -7.76
N GLU A 135 -3.29 -16.17 -7.93
CA GLU A 135 -3.12 -17.65 -7.84
C GLU A 135 -2.00 -17.98 -6.87
N VAL A 136 -2.26 -18.84 -5.91
CA VAL A 136 -1.19 -19.21 -4.94
C VAL A 136 -0.17 -20.15 -5.58
N VAL A 137 1.07 -20.00 -5.24
CA VAL A 137 2.11 -20.88 -5.84
C VAL A 137 2.70 -21.82 -4.79
N ALA A 138 2.86 -21.35 -3.58
CA ALA A 138 3.43 -22.23 -2.52
C ALA A 138 3.25 -21.60 -1.14
N ILE A 139 3.31 -22.41 -0.10
CA ILE A 139 3.14 -21.86 1.28
C ILE A 139 4.21 -22.47 2.20
N ARG A 140 5.24 -21.75 2.49
CA ARG A 140 6.32 -22.29 3.37
C ARG A 140 6.43 -21.45 4.65
N GLU A 141 6.99 -22.00 5.69
CA GLU A 141 7.13 -21.24 6.96
C GLU A 141 8.33 -20.29 6.88
N ALA A 142 8.14 -19.05 7.24
CA ALA A 142 9.27 -18.07 7.18
C ALA A 142 10.15 -18.22 8.43
N THR A 143 11.39 -17.81 8.34
CA THR A 143 12.29 -17.92 9.52
C THR A 143 11.95 -16.84 10.55
N GLU A 144 12.72 -16.76 11.61
CA GLU A 144 12.44 -15.72 12.64
C GLU A 144 12.49 -14.32 12.02
N GLU A 145 13.45 -14.07 11.17
CA GLU A 145 13.55 -12.73 10.54
C GLU A 145 12.39 -12.51 9.56
N GLU A 146 12.06 -13.50 8.78
CA GLU A 146 10.94 -13.34 7.81
C GLU A 146 9.67 -12.92 8.56
N LEU A 147 9.40 -13.53 9.68
CA LEU A 147 8.19 -13.16 10.46
C LEU A 147 8.47 -11.90 11.27
N ALA A 148 9.72 -11.54 11.42
CA ALA A 148 10.08 -10.32 12.19
C ALA A 148 9.81 -9.07 11.36
N HIS A 149 10.35 -9.01 10.18
CA HIS A 149 10.13 -7.82 9.31
C HIS A 149 8.69 -7.85 8.78
N GLY A 150 7.95 -8.87 9.11
CA GLY A 150 6.54 -8.96 8.64
C GLY A 150 6.48 -9.82 7.38
N HIS A 151 7.58 -10.00 6.70
CA HIS A 151 7.58 -10.83 5.47
C HIS A 151 8.99 -11.33 5.17
N VAL A 152 9.16 -12.05 4.09
CA VAL A 152 10.52 -12.58 3.75
C VAL A 152 11.46 -11.42 3.41
N HIS A 153 12.70 -11.53 3.80
CA HIS A 153 13.67 -10.44 3.50
C HIS A 153 13.26 -9.15 4.23
N GLY A 154 13.71 -8.02 3.76
CA GLY A 154 13.35 -6.73 4.42
C GLY A 154 12.54 -5.87 3.45
N ALA A 155 12.24 -4.66 3.82
CA ALA A 155 11.46 -3.77 2.92
C ALA A 155 12.39 -3.18 1.84
N HIS A 156 13.62 -3.60 1.80
CA HIS A 156 14.56 -3.07 0.77
C HIS A 156 13.99 -3.32 -0.63
N ASP A 157 13.18 -4.33 -0.79
CA ASP A 157 12.60 -4.61 -2.13
C ASP A 157 11.47 -3.63 -2.44
N HIS A 158 10.45 -3.59 -1.60
CA HIS A 158 9.32 -2.66 -1.85
C HIS A 158 8.64 -2.98 -3.18
N HIS A 159 7.34 -3.01 -3.21
CA HIS A 159 6.63 -3.33 -4.48
C HIS A 159 5.91 -2.07 -5.00
N HIS A 160 5.64 -1.13 -4.14
CA HIS A 160 4.95 0.11 -4.59
C HIS A 160 5.94 1.27 -4.69
N ASP A 161 5.47 2.43 -5.04
CA ASP A 161 6.38 3.61 -5.15
C ASP A 161 6.78 4.11 -3.76
N HIS A 162 7.58 5.13 -3.69
CA HIS A 162 8.00 5.67 -2.37
C HIS A 162 8.74 7.00 -2.54
N ASP A 163 9.56 7.11 -3.54
CA ASP A 163 10.31 8.38 -3.76
C ASP A 163 9.34 9.49 -4.17
N HIS A 164 9.35 10.60 -3.47
CA HIS A 164 8.44 11.71 -3.83
C HIS A 164 9.24 12.90 -4.37
N ASP A 165 8.59 13.82 -5.02
CA ASP A 165 9.31 15.01 -5.57
C ASP A 165 8.32 16.06 -6.06
N GLY A 166 8.18 17.14 -5.36
CA GLY A 166 7.23 18.19 -5.79
C GLY A 166 8.00 19.41 -6.28
N CYS A 167 7.98 19.68 -7.55
CA CYS A 167 8.72 20.85 -8.09
C CYS A 167 7.76 21.78 -8.85
N CYS A 168 6.96 21.23 -9.71
CA CYS A 168 6.00 22.08 -10.48
C CYS A 168 4.57 21.57 -10.30
N GLY A 169 4.33 20.81 -9.26
CA GLY A 169 2.96 20.29 -9.02
C GLY A 169 2.77 18.97 -9.80
N GLY A 170 1.96 18.99 -10.82
CA GLY A 170 1.74 17.75 -11.62
C GLY A 170 0.24 17.50 -11.77
N HIS A 171 -0.43 18.35 -12.50
CA HIS A 171 -1.90 18.15 -12.69
C HIS A 171 -2.21 16.69 -12.99
N GLY A 172 -1.29 16.00 -13.61
CA GLY A 172 -1.52 14.57 -13.94
C GLY A 172 -0.21 13.92 -14.39
N HIS A 173 -0.28 12.85 -15.12
CA HIS A 173 0.96 12.17 -15.58
C HIS A 173 0.97 12.06 -17.11
N ASP A 174 2.07 12.37 -17.73
CA ASP A 174 2.15 12.29 -19.21
C ASP A 174 3.35 11.43 -19.63
N HIS A 175 3.38 10.19 -19.23
CA HIS A 175 4.52 9.31 -19.61
C HIS A 175 4.36 8.82 -21.05
N GLY A 176 3.35 9.28 -21.74
CA GLY A 176 3.15 8.84 -23.14
C GLY A 176 1.66 8.58 -23.38
N HIS A 177 0.90 8.39 -22.32
CA HIS A 177 -0.56 8.13 -22.49
C HIS A 177 -1.36 9.34 -22.03
N GLU A 178 -2.21 9.86 -22.87
CA GLU A 178 -3.03 11.05 -22.48
C GLU A 178 -4.16 11.26 -23.48
N HIS A 179 -5.29 11.76 -23.03
CA HIS A 179 -6.43 11.99 -23.96
C HIS A 179 -6.13 13.17 -24.89
N GLY A 180 -5.65 12.89 -26.08
CA GLY A 180 -5.33 13.99 -27.03
C GLY A 180 -4.93 13.40 -28.38
N GLY A 181 -3.65 13.24 -28.61
CA GLY A 181 -3.19 12.68 -29.90
C GLY A 181 -2.89 11.18 -29.72
N GLU A 182 -2.52 10.51 -30.78
CA GLU A 182 -2.22 9.06 -30.67
C GLU A 182 -1.07 8.68 -31.62
N GLY A 183 -0.05 8.06 -31.12
CA GLY A 183 1.09 7.67 -32.00
C GLY A 183 0.84 6.29 -32.58
N CYS A 184 1.84 5.68 -33.17
CA CYS A 184 1.64 4.33 -33.76
C CYS A 184 1.96 3.25 -32.73
N CYS A 185 1.05 3.02 -31.82
CA CYS A 185 1.29 1.98 -30.77
C CYS A 185 2.77 1.92 -30.39
N GLY A 186 3.39 3.05 -30.18
CA GLY A 186 4.83 3.05 -29.82
C GLY A 186 4.98 3.32 -28.32
N GLY A 187 4.30 2.57 -27.50
CA GLY A 187 4.40 2.79 -26.03
C GLY A 187 5.29 1.71 -25.41
N LYS A 188 6.22 2.10 -24.57
CA LYS A 188 7.12 1.10 -23.95
C LYS A 188 7.60 0.09 -24.99
N GLY A 189 7.94 -1.10 -24.57
CA GLY A 189 8.41 -2.12 -25.55
C GLY A 189 7.24 -2.62 -26.39
N ASN A 190 7.47 -3.60 -27.21
CA ASN A 190 6.35 -4.13 -28.05
C ASN A 190 6.73 -5.51 -28.61
N GLY A 191 5.75 -6.35 -28.81
CA GLY A 191 6.05 -7.72 -29.35
C GLY A 191 4.92 -8.67 -28.97
N GLY A 192 4.37 -9.37 -29.94
CA GLY A 192 3.26 -10.32 -29.62
C GLY A 192 3.76 -11.76 -29.80
N CYS A 193 5.04 -11.94 -29.87
CA CYS A 193 5.59 -13.32 -30.04
C CYS A 193 7.10 -13.27 -30.26
N GLY A 194 7.84 -14.07 -29.55
CA GLY A 194 9.33 -14.06 -29.72
C GLY A 194 9.98 -14.67 -28.47
N CYS A 195 9.42 -14.43 -27.32
CA CYS A 195 10.02 -14.98 -26.07
C CYS A 195 8.91 -15.53 -25.15
N HIS A 196 8.88 -16.81 -24.93
CA HIS A 196 7.84 -17.39 -24.05
C HIS A 196 8.47 -18.36 -23.04
N MET A 1 -3.35 -28.13 3.71
CA MET A 1 -2.39 -26.99 3.76
C MET A 1 -2.97 -25.78 3.02
N LYS A 2 -3.15 -24.70 3.72
CA LYS A 2 -3.72 -23.48 3.07
C LYS A 2 -2.84 -22.25 3.38
N VAL A 3 -2.92 -21.23 2.58
CA VAL A 3 -2.10 -20.02 2.84
C VAL A 3 -2.27 -19.56 4.29
N ALA A 4 -1.19 -19.25 4.95
CA ALA A 4 -1.28 -18.79 6.37
C ALA A 4 -0.59 -17.44 6.55
N LYS A 5 -1.16 -16.56 7.31
CA LYS A 5 -0.52 -15.23 7.52
C LYS A 5 0.97 -15.39 7.79
N ASP A 6 1.33 -16.36 8.59
CA ASP A 6 2.78 -16.57 8.90
C ASP A 6 3.37 -17.62 7.95
N LEU A 7 2.89 -17.69 6.74
CA LEU A 7 3.42 -18.68 5.78
C LEU A 7 3.79 -18.00 4.45
N VAL A 8 5.05 -17.96 4.12
CA VAL A 8 5.47 -17.31 2.84
C VAL A 8 4.65 -17.89 1.69
N VAL A 9 3.95 -17.05 0.96
CA VAL A 9 3.13 -17.56 -0.17
C VAL A 9 3.52 -16.85 -1.47
N SER A 10 4.04 -17.58 -2.41
CA SER A 10 4.43 -16.95 -3.71
C SER A 10 3.27 -17.05 -4.70
N LEU A 11 2.59 -15.97 -4.97
CA LEU A 11 1.44 -16.02 -5.92
C LEU A 11 1.46 -14.79 -6.83
N ALA A 12 1.37 -14.99 -8.11
CA ALA A 12 1.36 -13.83 -9.05
C ALA A 12 -0.05 -13.27 -9.18
N TYR A 13 -0.18 -12.00 -9.43
CA TYR A 13 -1.54 -11.40 -9.55
C TYR A 13 -1.51 -10.20 -10.51
N GLN A 14 -2.56 -10.02 -11.28
CA GLN A 14 -2.59 -8.88 -12.22
C GLN A 14 -3.62 -7.85 -11.75
N VAL A 15 -3.34 -6.58 -11.96
CA VAL A 15 -4.31 -5.53 -11.51
C VAL A 15 -4.92 -4.82 -12.72
N ARG A 16 -6.11 -5.18 -13.09
CA ARG A 16 -6.76 -4.51 -14.26
C ARG A 16 -7.84 -3.54 -13.78
N THR A 17 -7.89 -2.37 -14.34
CA THR A 17 -8.94 -1.39 -13.92
C THR A 17 -10.09 -1.36 -14.92
N GLU A 18 -11.27 -1.04 -14.46
CA GLU A 18 -12.45 -1.00 -15.37
C GLU A 18 -12.06 -0.40 -16.73
N ASP A 19 -11.11 0.49 -16.73
CA ASP A 19 -10.68 1.11 -18.02
C ASP A 19 -10.21 0.02 -18.99
N GLY A 20 -10.01 -1.17 -18.50
CA GLY A 20 -9.54 -2.28 -19.38
C GLY A 20 -8.02 -2.21 -19.50
N VAL A 21 -7.37 -1.68 -18.50
CA VAL A 21 -5.89 -1.59 -18.55
C VAL A 21 -5.25 -2.33 -17.36
N LEU A 22 -4.07 -2.83 -17.53
CA LEU A 22 -3.39 -3.56 -16.42
C LEU A 22 -2.51 -2.61 -15.62
N VAL A 23 -2.85 -2.36 -14.39
CA VAL A 23 -2.02 -1.44 -13.55
C VAL A 23 -0.74 -2.14 -13.09
N ASP A 24 -0.84 -3.38 -12.71
CA ASP A 24 0.38 -4.13 -12.26
C ASP A 24 0.19 -5.63 -12.50
N GLU A 25 1.26 -6.34 -12.74
CA GLU A 25 1.14 -7.81 -12.98
C GLU A 25 2.40 -8.53 -12.49
N SER A 26 2.26 -9.70 -11.95
CA SER A 26 3.46 -10.45 -11.45
C SER A 26 3.96 -11.39 -12.54
N PRO A 27 5.26 -11.47 -12.65
CA PRO A 27 5.90 -12.35 -13.66
C PRO A 27 5.74 -13.82 -13.26
N VAL A 28 5.21 -14.63 -14.13
CA VAL A 28 5.04 -16.08 -13.81
C VAL A 28 6.37 -16.67 -13.37
N SER A 29 7.45 -16.24 -13.94
CA SER A 29 8.79 -16.79 -13.54
C SER A 29 9.19 -16.25 -12.17
N ALA A 30 8.44 -15.32 -11.64
CA ALA A 30 8.78 -14.76 -10.30
C ALA A 30 7.50 -14.48 -9.51
N PRO A 31 7.07 -15.47 -8.78
CA PRO A 31 5.84 -15.34 -7.96
C PRO A 31 6.11 -14.46 -6.73
N LEU A 32 5.29 -13.46 -6.52
CA LEU A 32 5.50 -12.56 -5.35
C LEU A 32 5.42 -13.37 -4.04
N ASP A 33 6.54 -13.74 -3.49
CA ASP A 33 6.52 -14.53 -2.23
C ASP A 33 6.68 -13.60 -1.03
N TYR A 34 5.77 -13.68 -0.08
CA TYR A 34 5.87 -12.80 1.12
C TYR A 34 5.01 -13.36 2.25
N LEU A 35 5.16 -12.83 3.44
CA LEU A 35 4.35 -13.33 4.59
C LEU A 35 2.88 -12.96 4.37
N HIS A 36 2.02 -13.95 4.30
CA HIS A 36 0.57 -13.65 4.09
C HIS A 36 0.01 -12.79 5.22
N GLY A 37 -0.95 -11.96 4.92
CA GLY A 37 -1.54 -11.09 5.98
C GLY A 37 -0.42 -10.44 6.79
N HIS A 38 0.75 -10.33 6.22
CA HIS A 38 1.88 -9.70 6.97
C HIS A 38 2.55 -8.63 6.11
N GLY A 39 2.05 -7.42 6.14
CA GLY A 39 2.66 -6.34 5.32
C GLY A 39 2.96 -6.88 3.92
N SER A 40 2.23 -7.86 3.50
CA SER A 40 2.47 -8.44 2.14
C SER A 40 1.60 -7.73 1.10
N LEU A 41 0.32 -7.96 1.11
CA LEU A 41 -0.57 -7.29 0.12
C LEU A 41 -1.76 -6.65 0.83
N ILE A 42 -2.89 -6.58 0.17
CA ILE A 42 -4.08 -5.97 0.81
C ILE A 42 -4.94 -7.05 1.47
N SER A 43 -5.57 -6.72 2.57
CA SER A 43 -6.43 -7.72 3.27
C SER A 43 -7.59 -8.15 2.37
N GLY A 44 -8.19 -7.22 1.69
CA GLY A 44 -9.33 -7.57 0.80
C GLY A 44 -8.96 -8.77 -0.07
N LEU A 45 -7.70 -8.89 -0.41
CA LEU A 45 -7.27 -10.05 -1.26
C LEU A 45 -6.94 -11.24 -0.37
N GLU A 46 -6.45 -11.00 0.81
CA GLU A 46 -6.10 -12.14 1.73
C GLU A 46 -7.35 -12.95 2.07
N THR A 47 -8.46 -12.28 2.24
CA THR A 47 -9.72 -13.02 2.58
C THR A 47 -9.92 -14.18 1.62
N ALA A 48 -9.67 -13.97 0.35
CA ALA A 48 -9.85 -15.07 -0.64
C ALA A 48 -8.61 -15.96 -0.68
N LEU A 49 -7.45 -15.37 -0.61
CA LEU A 49 -6.19 -16.18 -0.64
C LEU A 49 -6.06 -17.01 0.63
N GLU A 50 -6.40 -16.46 1.76
CA GLU A 50 -6.29 -17.22 3.03
C GLU A 50 -7.18 -18.47 2.97
N GLY A 51 -6.74 -19.54 3.55
CA GLY A 51 -7.56 -20.79 3.53
C GLY A 51 -8.12 -21.00 2.12
N HIS A 52 -7.27 -21.01 1.13
CA HIS A 52 -7.76 -21.21 -0.26
C HIS A 52 -7.15 -22.49 -0.85
N GLU A 53 -6.53 -22.39 -2.00
CA GLU A 53 -5.92 -23.61 -2.62
C GLU A 53 -4.59 -23.25 -3.28
N VAL A 54 -3.54 -23.94 -2.93
CA VAL A 54 -2.21 -23.65 -3.54
C VAL A 54 -2.12 -24.23 -4.94
N GLY A 55 -1.91 -23.40 -5.92
CA GLY A 55 -1.80 -23.90 -7.31
C GLY A 55 -3.04 -23.47 -8.10
N ASP A 56 -3.92 -22.73 -7.51
CA ASP A 56 -5.14 -22.28 -8.23
C ASP A 56 -5.15 -20.75 -8.37
N LYS A 57 -6.10 -20.22 -9.10
CA LYS A 57 -6.16 -18.74 -9.26
C LYS A 57 -7.54 -18.22 -8.86
N PHE A 58 -7.59 -17.17 -8.08
CA PHE A 58 -8.91 -16.62 -7.66
C PHE A 58 -9.01 -15.13 -8.02
N ASP A 59 -10.19 -14.66 -8.28
CA ASP A 59 -10.35 -13.23 -8.64
C ASP A 59 -11.07 -12.47 -7.52
N VAL A 60 -10.49 -11.41 -7.03
CA VAL A 60 -11.13 -10.63 -5.94
C VAL A 60 -11.31 -9.17 -6.35
N ALA A 61 -12.45 -8.60 -6.08
CA ALA A 61 -12.69 -7.17 -6.46
C ALA A 61 -12.33 -6.25 -5.30
N VAL A 62 -11.30 -5.47 -5.44
CA VAL A 62 -10.90 -4.54 -4.34
C VAL A 62 -9.95 -3.47 -4.89
N GLY A 63 -10.36 -2.22 -4.86
CA GLY A 63 -9.50 -1.15 -5.39
C GLY A 63 -9.23 -0.12 -4.28
N ALA A 64 -10.13 0.79 -4.09
CA ALA A 64 -9.94 1.81 -3.02
C ALA A 64 -10.58 1.35 -1.71
N ASN A 65 -11.44 0.37 -1.78
CA ASN A 65 -12.10 -0.12 -0.53
C ASN A 65 -11.18 -1.09 0.20
N ASP A 66 -10.08 -1.46 -0.39
CA ASP A 66 -9.14 -2.41 0.29
C ASP A 66 -8.00 -2.79 -0.65
N ALA A 67 -7.53 -1.88 -1.46
CA ALA A 67 -6.41 -2.20 -2.39
C ALA A 67 -5.42 -1.04 -2.43
N TYR A 68 -4.82 -0.81 -3.57
CA TYR A 68 -3.84 0.31 -3.67
C TYR A 68 -4.56 1.65 -3.84
N GLY A 69 -5.82 1.62 -4.23
CA GLY A 69 -6.56 2.90 -4.40
C GLY A 69 -5.90 3.72 -5.52
N GLN A 70 -6.59 3.91 -6.62
CA GLN A 70 -6.01 4.70 -7.72
C GLN A 70 -6.97 5.80 -8.17
N TYR A 71 -6.45 6.89 -8.69
CA TYR A 71 -7.34 8.00 -9.15
C TYR A 71 -8.29 7.51 -10.24
N ASP A 72 -9.57 7.66 -10.03
CA ASP A 72 -10.55 7.21 -11.06
C ASP A 72 -11.65 8.26 -11.24
N GLU A 73 -11.78 8.80 -12.42
CA GLU A 73 -12.84 9.83 -12.65
C GLU A 73 -14.23 9.18 -12.59
N ASN A 74 -14.34 7.95 -13.01
CA ASN A 74 -15.67 7.27 -12.98
C ASN A 74 -16.20 7.24 -11.54
N LEU A 75 -15.37 7.48 -10.57
CA LEU A 75 -15.83 7.46 -9.16
C LEU A 75 -16.84 8.59 -8.92
N VAL A 76 -16.88 9.55 -9.80
CA VAL A 76 -17.84 10.69 -9.63
C VAL A 76 -19.28 10.19 -9.78
N GLN A 77 -20.16 10.61 -8.91
CA GLN A 77 -21.58 10.17 -9.01
C GLN A 77 -22.51 11.38 -9.06
N ARG A 78 -23.43 11.40 -9.99
CA ARG A 78 -24.37 12.56 -10.09
C ARG A 78 -25.81 12.06 -10.04
N VAL A 79 -26.62 12.66 -9.21
CA VAL A 79 -28.05 12.22 -9.12
C VAL A 79 -28.91 13.37 -8.57
N PRO A 80 -30.03 13.57 -9.23
CA PRO A 80 -30.96 14.65 -8.81
C PRO A 80 -31.70 14.25 -7.53
N LYS A 81 -32.36 15.18 -6.90
CA LYS A 81 -33.10 14.84 -5.65
C LYS A 81 -34.34 13.99 -5.98
N ASP A 82 -34.71 13.92 -7.24
CA ASP A 82 -35.90 13.11 -7.61
C ASP A 82 -35.70 11.66 -7.21
N VAL A 83 -34.47 11.22 -7.10
CA VAL A 83 -34.21 9.81 -6.70
C VAL A 83 -33.74 9.74 -5.25
N PHE A 84 -33.55 10.87 -4.63
CA PHE A 84 -33.08 10.87 -3.21
C PHE A 84 -34.27 11.04 -2.26
N MET A 85 -35.40 11.45 -2.78
CA MET A 85 -36.59 11.63 -1.90
C MET A 85 -36.36 12.79 -0.92
N GLY A 86 -35.37 12.67 -0.08
CA GLY A 86 -35.09 13.76 0.89
C GLY A 86 -34.12 13.25 1.97
N VAL A 87 -33.02 13.93 2.16
CA VAL A 87 -32.03 13.48 3.18
C VAL A 87 -31.58 14.68 4.03
N ASP A 88 -32.41 15.14 4.92
CA ASP A 88 -32.03 16.30 5.78
C ASP A 88 -31.72 17.52 4.90
N GLU A 89 -32.37 17.63 3.77
CA GLU A 89 -32.11 18.79 2.88
C GLU A 89 -30.68 18.76 2.35
N LEU A 90 -30.53 18.58 1.07
CA LEU A 90 -29.16 18.52 0.48
C LEU A 90 -28.79 19.89 -0.12
N GLN A 91 -27.59 20.34 0.12
CA GLN A 91 -27.17 21.67 -0.43
C GLN A 91 -25.69 21.63 -0.80
N VAL A 92 -25.10 22.77 -1.09
CA VAL A 92 -23.66 22.80 -1.45
C VAL A 92 -22.79 22.88 -0.19
N GLY A 93 -21.66 22.23 -0.20
CA GLY A 93 -20.78 22.27 1.00
C GLY A 93 -21.16 21.15 1.96
N MET A 94 -22.32 20.58 1.78
CA MET A 94 -22.76 19.47 2.69
C MET A 94 -22.00 18.19 2.36
N ARG A 95 -21.86 17.31 3.30
CA ARG A 95 -21.14 16.02 3.04
C ARG A 95 -22.13 14.87 2.94
N PHE A 96 -22.04 14.07 1.91
CA PHE A 96 -22.98 12.92 1.75
C PHE A 96 -22.19 11.61 1.69
N LEU A 97 -22.86 10.50 1.85
CA LEU A 97 -22.15 9.19 1.79
C LEU A 97 -22.94 8.19 0.96
N ALA A 98 -22.27 7.40 0.16
CA ALA A 98 -23.00 6.39 -0.67
C ALA A 98 -22.46 4.99 -0.39
N GLU A 99 -23.22 4.19 0.29
CA GLU A 99 -22.76 2.80 0.60
C GLU A 99 -23.16 1.85 -0.52
N THR A 100 -22.25 1.02 -0.96
CA THR A 100 -22.57 0.06 -2.06
C THR A 100 -22.02 -1.32 -1.73
N ASP A 101 -22.33 -2.31 -2.53
CA ASP A 101 -21.82 -3.68 -2.26
C ASP A 101 -20.28 -3.68 -2.28
N GLN A 102 -19.70 -2.78 -3.00
CA GLN A 102 -18.21 -2.72 -3.06
C GLN A 102 -17.67 -2.17 -1.75
N GLY A 103 -18.54 -1.75 -0.87
CA GLY A 103 -18.07 -1.19 0.43
C GLY A 103 -18.64 0.22 0.62
N PRO A 104 -18.63 0.66 1.84
CA PRO A 104 -19.15 2.02 2.17
C PRO A 104 -18.19 3.09 1.69
N VAL A 105 -18.68 4.07 0.98
CA VAL A 105 -17.78 5.15 0.48
C VAL A 105 -18.47 6.51 0.62
N PRO A 106 -17.87 7.36 1.41
CA PRO A 106 -18.43 8.72 1.64
C PRO A 106 -18.24 9.59 0.40
N VAL A 107 -19.01 10.63 0.27
CA VAL A 107 -18.87 11.52 -0.93
C VAL A 107 -18.91 12.98 -0.49
N GLU A 108 -18.85 13.90 -1.43
CA GLU A 108 -18.89 15.35 -1.06
C GLU A 108 -19.56 16.15 -2.18
N ILE A 109 -20.59 16.87 -1.86
CA ILE A 109 -21.29 17.68 -2.90
C ILE A 109 -20.46 18.91 -3.25
N THR A 110 -20.23 19.15 -4.52
CA THR A 110 -19.41 20.33 -4.92
C THR A 110 -20.29 21.33 -5.70
N ALA A 111 -21.30 20.85 -6.36
CA ALA A 111 -22.19 21.77 -7.14
C ALA A 111 -23.61 21.20 -7.20
N VAL A 112 -24.60 22.05 -7.26
CA VAL A 112 -26.00 21.56 -7.33
C VAL A 112 -26.73 22.18 -8.53
N GLU A 113 -26.93 21.43 -9.57
CA GLU A 113 -27.62 21.98 -10.77
C GLU A 113 -29.14 21.92 -10.57
N ASP A 114 -29.88 22.67 -11.35
CA ASP A 114 -31.36 22.66 -11.20
C ASP A 114 -31.88 21.21 -11.26
N ASP A 115 -32.71 20.83 -10.32
CA ASP A 115 -33.24 19.44 -10.32
C ASP A 115 -32.13 18.45 -10.63
N HIS A 116 -30.96 18.65 -10.08
CA HIS A 116 -29.84 17.72 -10.34
C HIS A 116 -28.61 18.10 -9.50
N VAL A 117 -28.00 17.16 -8.85
CA VAL A 117 -26.80 17.48 -8.02
C VAL A 117 -25.72 16.42 -8.22
N VAL A 118 -24.50 16.74 -7.91
CA VAL A 118 -23.40 15.75 -8.08
C VAL A 118 -22.50 15.73 -6.84
N VAL A 119 -21.86 14.62 -6.57
CA VAL A 119 -20.97 14.54 -5.38
C VAL A 119 -19.76 13.67 -5.67
N ASP A 120 -18.61 14.05 -5.20
CA ASP A 120 -17.38 13.24 -5.45
C ASP A 120 -16.93 12.54 -4.17
N GLY A 121 -16.06 11.58 -4.28
CA GLY A 121 -15.58 10.86 -3.07
C GLY A 121 -14.22 11.43 -2.64
N ASN A 122 -13.68 10.94 -1.56
CA ASN A 122 -12.36 11.45 -1.09
C ASN A 122 -11.27 11.15 -2.12
N HIS A 123 -10.91 12.12 -2.92
CA HIS A 123 -9.86 11.88 -3.95
C HIS A 123 -8.69 11.11 -3.34
N MET A 124 -8.42 11.31 -2.08
CA MET A 124 -7.30 10.58 -1.43
C MET A 124 -7.50 9.07 -1.56
N LEU A 125 -8.72 8.64 -1.72
CA LEU A 125 -8.99 7.18 -1.85
C LEU A 125 -9.75 6.89 -3.15
N ALA A 126 -9.41 7.56 -4.21
CA ALA A 126 -10.11 7.33 -5.50
C ALA A 126 -9.76 5.95 -6.06
N GLY A 127 -10.49 5.48 -7.02
CA GLY A 127 -10.18 4.15 -7.61
C GLY A 127 -10.99 3.07 -6.87
N GLN A 128 -12.06 3.45 -6.23
CA GLN A 128 -12.89 2.45 -5.49
C GLN A 128 -13.46 1.43 -6.47
N ASN A 129 -12.63 0.59 -7.01
CA ASN A 129 -13.12 -0.45 -7.96
C ASN A 129 -11.95 -1.05 -8.74
N LEU A 130 -11.13 -1.84 -8.11
CA LEU A 130 -9.98 -2.46 -8.82
C LEU A 130 -10.14 -3.98 -8.87
N LYS A 131 -9.91 -4.58 -10.00
CA LYS A 131 -10.05 -6.07 -10.10
C LYS A 131 -8.69 -6.71 -10.41
N PHE A 132 -8.32 -7.72 -9.68
CA PHE A 132 -7.01 -8.37 -9.94
C PHE A 132 -7.09 -9.87 -9.59
N ASN A 133 -6.43 -10.69 -10.34
CA ASN A 133 -6.46 -12.16 -10.04
C ASN A 133 -5.24 -12.56 -9.21
N VAL A 134 -5.30 -13.68 -8.55
CA VAL A 134 -4.14 -14.12 -7.73
C VAL A 134 -3.97 -15.64 -7.81
N GLU A 135 -2.76 -16.10 -8.00
CA GLU A 135 -2.52 -17.57 -8.09
C GLU A 135 -1.48 -18.00 -7.07
N VAL A 136 -1.91 -18.64 -6.01
CA VAL A 136 -0.93 -19.09 -4.97
C VAL A 136 -0.19 -20.34 -5.44
N VAL A 137 1.10 -20.39 -5.23
CA VAL A 137 1.87 -21.60 -5.68
C VAL A 137 2.39 -22.39 -4.47
N ALA A 138 2.64 -21.73 -3.37
CA ALA A 138 3.15 -22.48 -2.18
C ALA A 138 2.92 -21.67 -0.90
N ILE A 139 3.06 -22.30 0.24
CA ILE A 139 2.86 -21.59 1.53
C ILE A 139 3.69 -22.26 2.63
N ARG A 140 4.74 -21.61 3.07
CA ARG A 140 5.59 -22.21 4.14
C ARG A 140 5.86 -21.20 5.25
N GLU A 141 6.00 -21.66 6.47
CA GLU A 141 6.25 -20.72 7.60
C GLU A 141 7.57 -19.97 7.37
N ALA A 142 7.73 -18.83 7.99
CA ALA A 142 8.98 -18.05 7.81
C ALA A 142 9.86 -18.16 9.06
N THR A 143 11.12 -17.82 8.95
CA THR A 143 12.02 -17.90 10.13
C THR A 143 11.71 -16.77 11.11
N GLU A 144 12.26 -16.83 12.30
CA GLU A 144 11.99 -15.75 13.29
C GLU A 144 12.30 -14.38 12.69
N GLU A 145 13.31 -14.30 11.86
CA GLU A 145 13.65 -13.00 11.24
C GLU A 145 12.61 -12.62 10.17
N GLU A 146 12.08 -13.59 9.48
CA GLU A 146 11.08 -13.28 8.43
C GLU A 146 9.82 -12.68 9.08
N LEU A 147 9.31 -13.30 10.10
CA LEU A 147 8.10 -12.76 10.78
C LEU A 147 8.48 -11.53 11.60
N ALA A 148 9.76 -11.28 11.74
CA ALA A 148 10.21 -10.10 12.52
C ALA A 148 9.98 -8.82 11.73
N HIS A 149 10.50 -8.78 10.53
CA HIS A 149 10.31 -7.57 9.68
C HIS A 149 8.94 -7.62 9.02
N GLY A 150 8.20 -8.66 9.26
CA GLY A 150 6.83 -8.76 8.66
C GLY A 150 6.90 -9.63 7.40
N HIS A 151 8.07 -9.86 6.87
CA HIS A 151 8.19 -10.69 5.65
C HIS A 151 9.62 -11.22 5.49
N VAL A 152 9.93 -11.79 4.36
CA VAL A 152 11.30 -12.33 4.15
C VAL A 152 11.95 -11.65 2.93
N HIS A 153 12.95 -10.86 3.15
CA HIS A 153 13.62 -10.18 2.00
C HIS A 153 14.92 -9.50 2.47
N GLY A 154 14.84 -8.28 2.92
CA GLY A 154 16.05 -7.57 3.39
C GLY A 154 16.76 -8.42 4.46
N ALA A 155 16.61 -8.05 5.70
CA ALA A 155 17.27 -8.82 6.79
C ALA A 155 18.74 -9.09 6.44
N HIS A 156 19.39 -9.94 7.18
CA HIS A 156 20.82 -10.25 6.89
C HIS A 156 20.96 -10.84 5.49
N ASP A 157 19.87 -11.23 4.88
CA ASP A 157 19.95 -11.82 3.52
C ASP A 157 20.46 -10.78 2.51
N HIS A 158 19.97 -9.56 2.62
CA HIS A 158 20.43 -8.50 1.68
C HIS A 158 19.89 -7.14 2.11
N HIS A 159 19.87 -6.18 1.23
CA HIS A 159 19.36 -4.83 1.60
C HIS A 159 19.96 -4.37 2.92
N HIS A 160 21.21 -3.99 2.91
CA HIS A 160 21.86 -3.53 4.17
C HIS A 160 21.14 -2.29 4.73
N ASP A 161 20.35 -2.46 5.75
CA ASP A 161 19.63 -1.30 6.33
C ASP A 161 18.87 -0.54 5.23
N HIS A 162 18.37 0.62 5.54
CA HIS A 162 17.62 1.40 4.51
C HIS A 162 17.42 2.84 4.99
N ASP A 163 17.61 3.79 4.11
CA ASP A 163 17.43 5.22 4.51
C ASP A 163 16.23 5.82 3.79
N HIS A 164 15.04 5.56 4.27
CA HIS A 164 13.83 6.12 3.59
C HIS A 164 13.97 7.64 3.42
N ASP A 165 14.41 8.07 2.27
CA ASP A 165 14.57 9.55 2.05
C ASP A 165 15.47 10.15 3.13
N GLY A 166 16.48 9.43 3.54
CA GLY A 166 17.39 9.96 4.58
C GLY A 166 17.31 9.08 5.84
N CYS A 167 17.68 9.62 6.97
CA CYS A 167 17.62 8.81 8.23
C CYS A 167 16.89 9.59 9.32
N CYS A 168 17.29 10.81 9.56
CA CYS A 168 16.62 11.63 10.61
C CYS A 168 16.97 13.11 10.44
N GLY A 169 16.18 13.98 11.00
CA GLY A 169 16.46 15.44 10.88
C GLY A 169 15.27 16.13 10.21
N GLY A 170 14.16 16.19 10.88
CA GLY A 170 12.95 16.85 10.28
C GLY A 170 11.77 16.71 11.23
N HIS A 171 11.26 15.51 11.37
CA HIS A 171 10.09 15.30 12.27
C HIS A 171 10.58 14.95 13.69
N GLY A 172 9.67 14.81 14.62
CA GLY A 172 10.08 14.47 16.01
C GLY A 172 9.93 12.96 16.23
N HIS A 173 9.02 12.56 17.09
CA HIS A 173 8.82 11.10 17.35
C HIS A 173 7.38 10.83 17.74
N ASP A 174 6.43 11.31 16.97
CA ASP A 174 5.00 11.08 17.30
C ASP A 174 4.21 10.75 16.04
N HIS A 175 2.96 10.41 16.18
CA HIS A 175 2.13 10.08 14.98
C HIS A 175 0.65 10.22 15.29
N GLY A 176 -0.20 9.94 14.35
CA GLY A 176 -1.67 10.05 14.60
C GLY A 176 -2.01 9.39 15.93
N HIS A 177 -2.77 10.05 16.76
CA HIS A 177 -3.14 9.46 18.07
C HIS A 177 -4.64 9.15 18.11
N GLU A 178 -5.08 8.23 17.29
CA GLU A 178 -6.53 7.87 17.28
C GLU A 178 -7.37 9.13 17.06
N HIS A 179 -7.75 9.80 18.11
CA HIS A 179 -8.58 11.03 17.96
C HIS A 179 -7.98 12.18 18.78
N GLY A 180 -8.69 13.26 18.90
CA GLY A 180 -8.17 14.41 19.69
C GLY A 180 -7.45 15.39 18.76
N GLY A 181 -6.94 16.46 19.29
CA GLY A 181 -6.23 17.45 18.44
C GLY A 181 -6.58 18.87 18.89
N GLU A 182 -7.63 19.44 18.36
CA GLU A 182 -8.02 20.81 18.77
C GLU A 182 -9.16 20.76 19.80
N GLY A 183 -9.63 19.58 20.11
CA GLY A 183 -10.74 19.46 21.10
C GLY A 183 -11.69 18.36 20.67
N CYS A 184 -12.84 18.27 21.31
CA CYS A 184 -13.81 17.21 20.93
C CYS A 184 -14.31 17.42 19.49
N CYS A 185 -13.50 17.07 18.53
CA CYS A 185 -13.92 17.25 17.11
C CYS A 185 -14.85 16.11 16.68
N GLY A 186 -14.30 15.02 16.23
CA GLY A 186 -15.15 13.87 15.80
C GLY A 186 -15.91 14.26 14.53
N GLY A 187 -17.20 14.43 14.63
CA GLY A 187 -18.00 14.80 13.42
C GLY A 187 -19.41 15.22 13.86
N LYS A 188 -19.70 16.48 13.80
CA LYS A 188 -21.06 16.94 14.21
C LYS A 188 -22.13 16.16 13.45
N GLY A 189 -22.82 15.28 14.12
CA GLY A 189 -23.88 14.48 13.44
C GLY A 189 -25.22 14.70 14.14
N ASN A 190 -26.17 15.25 13.47
CA ASN A 190 -27.51 15.48 14.10
C ASN A 190 -28.60 14.74 13.33
N GLY A 191 -28.22 13.91 12.39
CA GLY A 191 -29.25 13.16 11.60
C GLY A 191 -30.07 12.28 12.55
N GLY A 192 -29.86 10.99 12.51
CA GLY A 192 -30.62 10.08 13.40
C GLY A 192 -30.38 10.47 14.86
N CYS A 193 -30.45 9.51 15.75
CA CYS A 193 -30.21 9.80 17.20
C CYS A 193 -30.71 11.21 17.55
N GLY A 194 -30.08 11.84 18.51
CA GLY A 194 -30.52 13.21 18.90
C GLY A 194 -30.79 13.26 20.40
N CYS A 195 -31.63 12.39 20.90
CA CYS A 195 -31.94 12.39 22.35
C CYS A 195 -31.02 11.39 23.08
N HIS A 196 -31.42 10.15 23.15
CA HIS A 196 -30.57 9.14 23.84
C HIS A 196 -29.33 8.81 23.00
N MET A 1 -2.60 -29.13 3.77
CA MET A 1 -2.79 -27.92 4.63
C MET A 1 -3.30 -26.75 3.79
N LYS A 2 -3.09 -25.55 4.26
CA LYS A 2 -3.56 -24.36 3.48
C LYS A 2 -2.72 -23.13 3.85
N VAL A 3 -2.93 -22.04 3.16
CA VAL A 3 -2.15 -20.81 3.47
C VAL A 3 -2.25 -20.47 4.96
N ALA A 4 -1.28 -19.79 5.49
CA ALA A 4 -1.34 -19.43 6.94
C ALA A 4 -0.72 -18.05 7.16
N LYS A 5 -0.65 -17.61 8.40
CA LYS A 5 -0.06 -16.27 8.68
C LYS A 5 1.46 -16.29 8.43
N ASP A 6 2.22 -16.69 9.41
CA ASP A 6 3.71 -16.73 9.23
C ASP A 6 4.07 -17.83 8.23
N LEU A 7 3.62 -17.72 7.01
CA LEU A 7 3.96 -18.76 5.99
C LEU A 7 4.23 -18.10 4.64
N VAL A 8 5.44 -18.15 4.17
CA VAL A 8 5.77 -17.53 2.85
C VAL A 8 4.87 -18.12 1.77
N VAL A 9 4.13 -17.30 1.07
CA VAL A 9 3.24 -17.83 -0.01
C VAL A 9 3.45 -17.04 -1.30
N SER A 10 3.98 -17.68 -2.31
CA SER A 10 4.20 -16.97 -3.61
C SER A 10 2.95 -17.10 -4.48
N LEU A 11 2.44 -16.00 -4.97
CA LEU A 11 1.22 -16.07 -5.83
C LEU A 11 1.26 -14.98 -6.90
N ALA A 12 1.37 -15.35 -8.14
CA ALA A 12 1.39 -14.34 -9.23
C ALA A 12 -0.03 -13.84 -9.50
N TYR A 13 -0.19 -12.55 -9.72
CA TYR A 13 -1.56 -12.01 -9.97
C TYR A 13 -1.48 -10.84 -10.95
N GLN A 14 -2.59 -10.50 -11.56
CA GLN A 14 -2.60 -9.36 -12.52
C GLN A 14 -3.70 -8.37 -12.15
N VAL A 15 -3.41 -7.09 -12.22
CA VAL A 15 -4.45 -6.08 -11.86
C VAL A 15 -4.88 -5.31 -13.11
N ARG A 16 -6.15 -5.37 -13.44
CA ARG A 16 -6.64 -4.64 -14.65
C ARG A 16 -7.78 -3.69 -14.26
N THR A 17 -7.77 -2.49 -14.77
CA THR A 17 -8.86 -1.54 -14.42
C THR A 17 -10.01 -1.65 -15.42
N GLU A 18 -11.21 -1.36 -15.00
CA GLU A 18 -12.39 -1.46 -15.91
C GLU A 18 -12.15 -0.61 -17.17
N ASP A 19 -11.21 0.29 -17.13
CA ASP A 19 -10.94 1.13 -18.32
C ASP A 19 -10.10 0.36 -19.34
N GLY A 20 -9.98 -0.92 -19.17
CA GLY A 20 -9.17 -1.73 -20.12
C GLY A 20 -7.69 -1.35 -19.98
N VAL A 21 -7.28 -1.00 -18.80
CA VAL A 21 -5.86 -0.61 -18.60
C VAL A 21 -5.20 -1.51 -17.56
N LEU A 22 -3.92 -1.75 -17.68
CA LEU A 22 -3.22 -2.63 -16.70
C LEU A 22 -2.23 -1.80 -15.87
N VAL A 23 -2.41 -1.75 -14.59
CA VAL A 23 -1.48 -0.96 -13.73
C VAL A 23 -0.16 -1.73 -13.55
N ASP A 24 -0.22 -2.94 -13.11
CA ASP A 24 1.02 -3.74 -12.91
C ASP A 24 0.69 -5.15 -12.40
N GLU A 25 1.51 -6.11 -12.72
CA GLU A 25 1.24 -7.50 -12.26
C GLU A 25 2.55 -8.23 -11.95
N SER A 26 2.48 -9.35 -11.28
CA SER A 26 3.73 -10.10 -10.96
C SER A 26 4.30 -10.73 -12.23
N PRO A 27 5.59 -10.86 -12.24
CA PRO A 27 6.29 -11.46 -13.41
C PRO A 27 6.06 -12.97 -13.45
N VAL A 28 5.77 -13.51 -14.61
CA VAL A 28 5.53 -14.98 -14.72
C VAL A 28 6.80 -15.74 -14.34
N SER A 29 7.93 -15.10 -14.37
CA SER A 29 9.20 -15.80 -14.00
C SER A 29 9.41 -15.74 -12.50
N ALA A 30 8.59 -15.02 -11.79
CA ALA A 30 8.75 -14.93 -10.31
C ALA A 30 7.46 -14.43 -9.67
N PRO A 31 6.82 -15.32 -8.95
CA PRO A 31 5.55 -14.97 -8.26
C PRO A 31 5.82 -14.07 -7.06
N LEU A 32 4.81 -13.43 -6.54
CA LEU A 32 5.01 -12.54 -5.37
C LEU A 32 4.94 -13.34 -4.06
N ASP A 33 6.05 -13.50 -3.40
CA ASP A 33 6.05 -14.28 -2.13
C ASP A 33 6.14 -13.33 -0.94
N TYR A 34 5.16 -13.33 -0.08
CA TYR A 34 5.20 -12.42 1.11
C TYR A 34 4.55 -13.09 2.31
N LEU A 35 4.86 -12.64 3.50
CA LEU A 35 4.25 -13.25 4.71
C LEU A 35 2.75 -12.93 4.77
N HIS A 36 1.93 -13.87 4.39
CA HIS A 36 0.46 -13.63 4.42
C HIS A 36 -0.02 -13.39 5.85
N GLY A 37 -0.81 -12.37 6.07
CA GLY A 37 -1.30 -12.09 7.45
C GLY A 37 -0.45 -10.99 8.08
N HIS A 38 0.72 -10.75 7.55
CA HIS A 38 1.59 -9.68 8.13
C HIS A 38 2.08 -8.73 7.04
N GLY A 39 1.33 -7.72 6.73
CA GLY A 39 1.75 -6.76 5.68
C GLY A 39 2.01 -7.52 4.38
N SER A 40 1.13 -8.40 4.00
CA SER A 40 1.33 -9.18 2.75
C SER A 40 0.93 -8.33 1.53
N LEU A 41 -0.33 -8.01 1.41
CA LEU A 41 -0.78 -7.19 0.26
C LEU A 41 -1.82 -6.17 0.71
N ILE A 42 -3.08 -6.48 0.58
CA ILE A 42 -4.14 -5.51 1.01
C ILE A 42 -5.15 -6.21 1.94
N SER A 43 -5.47 -5.60 3.04
CA SER A 43 -6.44 -6.23 3.98
C SER A 43 -7.69 -6.69 3.23
N GLY A 44 -7.96 -6.10 2.09
CA GLY A 44 -9.17 -6.50 1.32
C GLY A 44 -8.90 -7.84 0.62
N LEU A 45 -7.80 -7.94 -0.09
CA LEU A 45 -7.49 -9.22 -0.78
C LEU A 45 -6.74 -10.17 0.16
N GLU A 46 -5.94 -9.63 1.04
CA GLU A 46 -5.18 -10.49 1.99
C GLU A 46 -6.13 -11.45 2.70
N THR A 47 -7.29 -10.99 3.08
CA THR A 47 -8.26 -11.87 3.77
C THR A 47 -8.72 -13.00 2.83
N ALA A 48 -8.57 -12.80 1.55
CA ALA A 48 -9.00 -13.86 0.59
C ALA A 48 -7.92 -14.93 0.46
N LEU A 49 -6.68 -14.56 0.63
CA LEU A 49 -5.58 -15.56 0.53
C LEU A 49 -5.75 -16.64 1.60
N GLU A 50 -6.23 -16.28 2.75
CA GLU A 50 -6.41 -17.29 3.84
C GLU A 50 -7.38 -18.39 3.37
N GLY A 51 -7.01 -19.63 3.54
CA GLY A 51 -7.90 -20.75 3.11
C GLY A 51 -8.49 -20.42 1.73
N HIS A 52 -7.66 -20.32 0.73
CA HIS A 52 -8.18 -20.00 -0.63
C HIS A 52 -7.99 -21.21 -1.55
N GLU A 53 -6.78 -21.49 -1.94
CA GLU A 53 -6.53 -22.66 -2.83
C GLU A 53 -5.04 -22.75 -3.19
N VAL A 54 -4.40 -23.82 -2.83
CA VAL A 54 -2.95 -23.97 -3.14
C VAL A 54 -2.77 -24.53 -4.54
N GLY A 55 -2.13 -23.78 -5.39
CA GLY A 55 -1.89 -24.25 -6.78
C GLY A 55 -3.08 -23.85 -7.67
N ASP A 56 -4.02 -23.13 -7.12
CA ASP A 56 -5.20 -22.70 -7.93
C ASP A 56 -5.22 -21.18 -8.06
N LYS A 57 -5.92 -20.67 -9.03
CA LYS A 57 -5.99 -19.19 -9.22
C LYS A 57 -7.37 -18.67 -8.85
N PHE A 58 -7.46 -17.43 -8.43
CA PHE A 58 -8.79 -16.87 -8.05
C PHE A 58 -8.81 -15.36 -8.30
N ASP A 59 -9.95 -14.83 -8.68
CA ASP A 59 -10.03 -13.37 -8.94
C ASP A 59 -10.94 -12.69 -7.91
N VAL A 60 -10.45 -11.70 -7.24
CA VAL A 60 -11.28 -11.00 -6.22
C VAL A 60 -11.42 -9.51 -6.58
N ALA A 61 -12.54 -8.92 -6.28
CA ALA A 61 -12.74 -7.47 -6.59
C ALA A 61 -12.27 -6.60 -5.42
N VAL A 62 -11.25 -5.82 -5.62
CA VAL A 62 -10.74 -4.95 -4.52
C VAL A 62 -10.00 -3.75 -5.10
N GLY A 63 -10.65 -2.63 -5.23
CA GLY A 63 -9.96 -1.42 -5.79
C GLY A 63 -10.20 -0.23 -4.86
N ALA A 64 -11.33 0.40 -4.97
CA ALA A 64 -11.62 1.57 -4.09
C ALA A 64 -12.11 1.10 -2.73
N ASN A 65 -12.62 -0.11 -2.65
CA ASN A 65 -13.11 -0.63 -1.35
C ASN A 65 -11.95 -1.13 -0.50
N ASP A 66 -10.81 -1.35 -1.10
CA ASP A 66 -9.65 -1.85 -0.32
C ASP A 66 -8.53 -2.29 -1.25
N ALA A 67 -7.84 -1.35 -1.85
CA ALA A 67 -6.73 -1.72 -2.78
C ALA A 67 -5.76 -0.55 -2.94
N TYR A 68 -5.30 -0.29 -4.13
CA TYR A 68 -4.35 0.84 -4.35
C TYR A 68 -5.10 2.08 -4.84
N GLY A 69 -6.41 2.01 -4.93
CA GLY A 69 -7.19 3.16 -5.42
C GLY A 69 -7.77 3.94 -4.23
N GLN A 70 -8.66 3.32 -3.49
CA GLN A 70 -9.26 4.02 -2.32
C GLN A 70 -9.79 5.39 -2.74
N TYR A 71 -11.00 5.46 -3.23
CA TYR A 71 -11.57 6.77 -3.65
C TYR A 71 -11.95 7.60 -2.42
N ASP A 72 -11.47 8.81 -2.34
CA ASP A 72 -11.81 9.67 -1.17
C ASP A 72 -12.45 10.98 -1.64
N GLU A 73 -13.71 10.96 -1.94
CA GLU A 73 -14.40 12.20 -2.40
C GLU A 73 -14.51 13.20 -1.24
N ASN A 74 -14.15 12.79 -0.06
CA ASN A 74 -14.24 13.71 1.11
C ASN A 74 -13.27 14.88 0.93
N LEU A 75 -12.05 14.61 0.56
CA LEU A 75 -11.07 15.72 0.36
C LEU A 75 -9.70 15.16 -0.02
N VAL A 76 -9.66 14.33 -1.03
CA VAL A 76 -8.35 13.75 -1.46
C VAL A 76 -8.25 13.72 -2.99
N GLN A 77 -7.41 14.52 -3.55
CA GLN A 77 -7.27 14.54 -5.04
C GLN A 77 -5.84 14.94 -5.43
N ARG A 78 -5.34 14.42 -6.52
CA ARG A 78 -3.96 14.76 -6.95
C ARG A 78 -3.97 15.31 -8.38
N VAL A 79 -3.19 16.33 -8.64
CA VAL A 79 -3.15 16.90 -10.02
C VAL A 79 -1.91 17.77 -10.20
N PRO A 80 -1.08 17.39 -11.13
CA PRO A 80 0.17 18.14 -11.41
C PRO A 80 -0.15 19.45 -12.13
N LYS A 81 0.79 20.34 -12.19
CA LYS A 81 0.54 21.65 -12.87
C LYS A 81 0.23 21.41 -14.35
N ASP A 82 0.49 20.23 -14.84
CA ASP A 82 0.20 19.94 -16.27
C ASP A 82 -1.30 20.09 -16.55
N VAL A 83 -2.12 19.94 -15.55
CA VAL A 83 -3.59 20.07 -15.75
C VAL A 83 -3.97 21.56 -15.81
N PHE A 84 -3.22 22.39 -15.15
CA PHE A 84 -3.55 23.85 -15.16
C PHE A 84 -3.18 24.46 -16.52
N MET A 85 -2.30 23.82 -17.25
CA MET A 85 -1.90 24.37 -18.58
C MET A 85 -1.66 25.88 -18.48
N GLY A 86 -0.83 26.30 -17.56
CA GLY A 86 -0.55 27.75 -17.42
C GLY A 86 -1.06 28.23 -16.06
N VAL A 87 -0.19 28.38 -15.10
CA VAL A 87 -0.63 28.85 -13.75
C VAL A 87 -0.04 30.23 -13.46
N ASP A 88 0.63 30.38 -12.35
CA ASP A 88 1.23 31.71 -12.01
C ASP A 88 1.75 31.70 -10.58
N GLU A 89 0.95 31.27 -9.64
CA GLU A 89 1.40 31.23 -8.22
C GLU A 89 0.56 30.22 -7.43
N LEU A 90 1.12 29.08 -7.14
CA LEU A 90 0.35 28.06 -6.37
C LEU A 90 1.13 27.65 -5.11
N GLN A 91 0.80 28.22 -3.99
CA GLN A 91 1.53 27.87 -2.73
C GLN A 91 0.75 26.81 -1.94
N VAL A 92 1.14 26.55 -0.72
CA VAL A 92 0.41 25.54 0.10
C VAL A 92 -0.85 26.15 0.70
N GLY A 93 -1.96 25.48 0.57
CA GLY A 93 -3.23 26.02 1.13
C GLY A 93 -3.94 26.87 0.07
N MET A 94 -3.24 27.28 -0.94
CA MET A 94 -3.87 28.11 -2.00
C MET A 94 -5.10 27.39 -2.58
N ARG A 95 -6.12 28.13 -2.93
CA ARG A 95 -7.33 27.49 -3.50
C ARG A 95 -7.33 27.61 -5.03
N PHE A 96 -7.47 26.52 -5.72
CA PHE A 96 -7.47 26.58 -7.21
C PHE A 96 -8.84 26.17 -7.75
N LEU A 97 -9.13 26.50 -8.98
CA LEU A 97 -10.44 26.13 -9.57
C LEU A 97 -10.26 25.14 -10.72
N ALA A 98 -10.80 23.95 -10.61
CA ALA A 98 -10.64 22.94 -11.69
C ALA A 98 -11.71 23.18 -12.77
N GLU A 99 -11.29 23.50 -13.96
CA GLU A 99 -12.27 23.75 -15.06
C GLU A 99 -12.25 22.57 -16.05
N THR A 100 -13.23 21.73 -16.01
CA THR A 100 -13.27 20.57 -16.94
C THR A 100 -14.64 20.49 -17.64
N ASP A 101 -14.70 19.85 -18.78
CA ASP A 101 -16.01 19.74 -19.50
C ASP A 101 -17.04 19.03 -18.61
N GLN A 102 -16.59 18.30 -17.64
CA GLN A 102 -17.55 17.59 -16.73
C GLN A 102 -18.22 18.60 -15.80
N GLY A 103 -17.76 19.82 -15.80
CA GLY A 103 -18.36 20.85 -14.92
C GLY A 103 -17.27 21.54 -14.11
N PRO A 104 -17.60 22.69 -13.59
CA PRO A 104 -16.63 23.47 -12.78
C PRO A 104 -16.43 22.82 -11.41
N VAL A 105 -15.20 22.54 -11.04
CA VAL A 105 -14.94 21.90 -9.72
C VAL A 105 -13.81 22.62 -9.00
N PRO A 106 -14.15 23.33 -7.97
CA PRO A 106 -13.15 24.08 -7.17
C PRO A 106 -12.32 23.12 -6.33
N VAL A 107 -11.03 23.30 -6.31
CA VAL A 107 -10.16 22.39 -5.51
C VAL A 107 -9.39 23.19 -4.45
N GLU A 108 -8.58 22.54 -3.66
CA GLU A 108 -7.81 23.26 -2.61
C GLU A 108 -6.36 22.77 -2.58
N ILE A 109 -5.42 23.67 -2.63
CA ILE A 109 -4.00 23.25 -2.61
C ILE A 109 -3.52 23.04 -1.17
N THR A 110 -3.05 21.87 -0.86
CA THR A 110 -2.57 21.60 0.54
C THR A 110 -1.07 21.32 0.54
N ALA A 111 -0.47 21.21 -0.61
CA ALA A 111 0.99 20.94 -0.69
C ALA A 111 1.45 20.87 -2.14
N VAL A 112 2.72 21.00 -2.39
CA VAL A 112 3.22 20.95 -3.79
C VAL A 112 4.36 19.94 -3.90
N GLU A 113 4.37 19.16 -4.96
CA GLU A 113 5.46 18.15 -5.12
C GLU A 113 6.21 18.40 -6.44
N ASP A 114 7.19 17.59 -6.73
CA ASP A 114 7.95 17.78 -8.00
C ASP A 114 7.08 17.44 -9.21
N ASP A 115 7.01 18.32 -10.17
CA ASP A 115 6.16 18.05 -11.37
C ASP A 115 4.82 17.43 -10.95
N HIS A 116 4.30 17.85 -9.84
CA HIS A 116 2.99 17.28 -9.37
C HIS A 116 2.50 18.05 -8.14
N VAL A 117 1.21 18.22 -8.01
CA VAL A 117 0.66 18.94 -6.83
C VAL A 117 -0.34 18.06 -6.09
N VAL A 118 -0.88 18.54 -5.00
CA VAL A 118 -1.86 17.73 -4.23
C VAL A 118 -3.04 18.60 -3.80
N VAL A 119 -4.23 18.23 -4.17
CA VAL A 119 -5.43 19.04 -3.77
C VAL A 119 -6.47 18.15 -3.10
N ASP A 120 -7.08 18.63 -2.05
CA ASP A 120 -8.10 17.80 -1.35
C ASP A 120 -9.46 17.97 -2.01
N GLY A 121 -10.03 16.90 -2.50
CA GLY A 121 -11.36 16.99 -3.17
C GLY A 121 -11.77 15.62 -3.71
N ASN A 122 -11.55 15.38 -4.97
CA ASN A 122 -11.92 14.06 -5.56
C ASN A 122 -10.67 13.36 -6.09
N HIS A 123 -10.38 12.19 -5.59
CA HIS A 123 -9.18 11.45 -6.07
C HIS A 123 -9.10 11.49 -7.60
N MET A 124 -7.92 11.51 -8.14
CA MET A 124 -7.78 11.55 -9.63
C MET A 124 -8.06 10.17 -10.23
N LEU A 125 -7.62 9.14 -9.57
CA LEU A 125 -7.86 7.76 -10.10
C LEU A 125 -8.56 6.90 -9.05
N ALA A 126 -9.83 7.07 -8.87
CA ALA A 126 -10.56 6.25 -7.86
C ALA A 126 -12.08 6.34 -8.10
N GLY A 127 -12.83 5.48 -7.47
CA GLY A 127 -14.31 5.52 -7.66
C GLY A 127 -14.73 4.39 -8.60
N GLN A 128 -13.83 3.50 -8.91
CA GLN A 128 -14.18 2.37 -9.82
C GLN A 128 -13.40 1.11 -9.43
N ASN A 129 -13.94 0.32 -8.54
CA ASN A 129 -13.23 -0.93 -8.12
C ASN A 129 -12.60 -1.62 -9.34
N LEU A 130 -11.54 -2.34 -9.14
CA LEU A 130 -10.89 -3.04 -10.28
C LEU A 130 -10.82 -4.55 -10.01
N LYS A 131 -10.53 -5.33 -11.03
CA LYS A 131 -10.45 -6.80 -10.83
C LYS A 131 -9.02 -7.21 -10.47
N PHE A 132 -8.86 -8.10 -9.54
CA PHE A 132 -7.48 -8.53 -9.15
C PHE A 132 -7.36 -10.06 -9.24
N ASN A 133 -6.83 -10.56 -10.33
CA ASN A 133 -6.68 -12.04 -10.47
C ASN A 133 -5.39 -12.50 -9.78
N VAL A 134 -5.50 -13.37 -8.82
CA VAL A 134 -4.28 -13.85 -8.11
C VAL A 134 -4.26 -15.39 -8.08
N GLU A 135 -3.12 -15.96 -7.81
CA GLU A 135 -3.03 -17.45 -7.75
C GLU A 135 -1.93 -17.87 -6.77
N VAL A 136 -2.20 -18.81 -5.92
CA VAL A 136 -1.16 -19.25 -4.94
C VAL A 136 -0.20 -20.26 -5.59
N VAL A 137 1.06 -20.14 -5.31
CA VAL A 137 2.05 -21.09 -5.91
C VAL A 137 2.62 -22.02 -4.84
N ALA A 138 2.87 -21.50 -3.66
CA ALA A 138 3.44 -22.35 -2.58
C ALA A 138 3.12 -21.75 -1.20
N ILE A 139 3.30 -22.51 -0.16
CA ILE A 139 3.02 -21.99 1.20
C ILE A 139 3.92 -22.67 2.24
N ARG A 140 4.94 -21.98 2.68
CA ARG A 140 5.87 -22.59 3.68
C ARG A 140 6.03 -21.67 4.89
N GLU A 141 6.44 -22.21 6.01
CA GLU A 141 6.63 -21.35 7.22
C GLU A 141 7.90 -20.51 7.09
N ALA A 142 7.95 -19.38 7.75
CA ALA A 142 9.17 -18.52 7.66
C ALA A 142 10.07 -18.77 8.87
N THR A 143 11.33 -18.41 8.76
CA THR A 143 12.26 -18.62 9.90
C THR A 143 11.98 -17.59 11.00
N GLU A 144 12.77 -17.58 12.04
CA GLU A 144 12.53 -16.60 13.14
C GLU A 144 12.75 -15.17 12.64
N GLU A 145 13.72 -14.98 11.77
CA GLU A 145 13.97 -13.61 11.24
C GLU A 145 12.87 -13.21 10.25
N GLU A 146 12.36 -14.15 9.51
CA GLU A 146 11.28 -13.82 8.53
C GLU A 146 10.05 -13.28 9.28
N LEU A 147 9.63 -13.96 10.31
CA LEU A 147 8.44 -13.48 11.09
C LEU A 147 8.84 -12.28 11.94
N ALA A 148 10.12 -12.07 12.13
CA ALA A 148 10.57 -10.92 12.96
C ALA A 148 10.31 -9.61 12.23
N HIS A 149 10.78 -9.50 11.02
CA HIS A 149 10.57 -8.25 10.24
C HIS A 149 9.28 -8.37 9.43
N GLY A 150 8.65 -9.52 9.50
CA GLY A 150 7.38 -9.70 8.73
C GLY A 150 7.69 -9.85 7.24
N HIS A 151 8.76 -10.53 6.91
CA HIS A 151 9.11 -10.69 5.47
C HIS A 151 9.28 -12.17 5.14
N VAL A 152 9.66 -12.49 3.94
CA VAL A 152 9.85 -13.91 3.54
C VAL A 152 11.23 -14.12 2.92
N HIS A 153 11.85 -15.23 3.19
CA HIS A 153 13.20 -15.50 2.61
C HIS A 153 14.17 -14.38 3.01
N GLY A 154 14.17 -13.29 2.30
CA GLY A 154 15.10 -12.18 2.65
C GLY A 154 14.30 -11.00 3.23
N ALA A 155 14.90 -10.24 4.11
CA ALA A 155 14.18 -9.09 4.71
C ALA A 155 14.93 -7.79 4.44
N HIS A 156 15.88 -7.82 3.54
CA HIS A 156 16.66 -6.58 3.23
C HIS A 156 15.76 -5.57 2.52
N ASP A 157 14.63 -5.99 2.01
CA ASP A 157 13.72 -5.05 1.31
C ASP A 157 13.07 -4.09 2.31
N HIS A 158 12.33 -4.61 3.25
CA HIS A 158 11.68 -3.73 4.26
C HIS A 158 10.68 -2.80 3.57
N HIS A 159 9.80 -2.20 4.32
CA HIS A 159 8.79 -1.27 3.71
C HIS A 159 8.01 -0.54 4.81
N HIS A 160 6.88 0.01 4.46
CA HIS A 160 6.06 0.73 5.49
C HIS A 160 4.58 0.41 5.31
N ASP A 161 3.78 0.72 6.29
CA ASP A 161 2.32 0.43 6.18
C ASP A 161 1.50 1.64 6.65
N HIS A 162 0.38 1.88 6.03
CA HIS A 162 -0.46 3.05 6.45
C HIS A 162 -1.71 3.14 5.57
N ASP A 163 -1.58 2.81 4.31
CA ASP A 163 -2.76 2.88 3.39
C ASP A 163 -3.22 4.33 3.24
N HIS A 164 -2.31 5.26 3.29
CA HIS A 164 -2.69 6.69 3.14
C HIS A 164 -3.82 7.04 4.11
N ASP A 165 -3.50 7.19 5.38
CA ASP A 165 -4.56 7.54 6.37
C ASP A 165 -4.01 8.52 7.41
N GLY A 166 -4.84 8.97 8.31
CA GLY A 166 -4.36 9.93 9.33
C GLY A 166 -5.21 9.79 10.61
N CYS A 167 -5.25 8.61 11.17
CA CYS A 167 -6.06 8.40 12.40
C CYS A 167 -5.33 8.98 13.62
N CYS A 168 -5.27 10.29 13.72
CA CYS A 168 -4.58 10.91 14.88
C CYS A 168 -5.37 12.11 15.39
N GLY A 169 -5.84 12.95 14.50
CA GLY A 169 -6.63 14.13 14.93
C GLY A 169 -5.67 15.28 15.29
N GLY A 170 -4.96 15.79 14.32
CA GLY A 170 -4.01 16.90 14.61
C GLY A 170 -4.65 18.23 14.23
N HIS A 171 -5.91 18.22 13.89
CA HIS A 171 -6.59 19.50 13.51
C HIS A 171 -7.30 20.11 14.72
N GLY A 172 -6.61 20.94 15.46
CA GLY A 172 -7.23 21.57 16.66
C GLY A 172 -7.83 22.92 16.26
N HIS A 173 -8.85 22.92 15.44
CA HIS A 173 -9.47 24.20 15.02
C HIS A 173 -10.94 23.98 14.65
N ASP A 174 -11.77 23.68 15.61
CA ASP A 174 -13.21 23.45 15.31
C ASP A 174 -14.08 23.99 16.45
N HIS A 175 -15.37 24.04 16.25
CA HIS A 175 -16.27 24.56 17.31
C HIS A 175 -15.97 23.86 18.65
N GLY A 176 -16.65 24.24 19.70
CA GLY A 176 -16.40 23.60 21.02
C GLY A 176 -17.70 23.00 21.55
N HIS A 177 -17.64 21.85 22.17
CA HIS A 177 -18.87 21.22 22.70
C HIS A 177 -18.73 20.97 24.21
N GLU A 178 -19.56 20.13 24.76
CA GLU A 178 -19.46 19.85 26.22
C GLU A 178 -19.77 21.11 27.03
N HIS A 179 -20.91 21.70 26.83
CA HIS A 179 -21.27 22.93 27.58
C HIS A 179 -20.10 23.92 27.55
N GLY A 180 -20.19 24.99 28.30
CA GLY A 180 -19.08 25.99 28.31
C GLY A 180 -19.56 27.28 28.98
N GLY A 181 -20.17 28.15 28.23
CA GLY A 181 -20.66 29.43 28.82
C GLY A 181 -21.18 30.35 27.71
N GLU A 182 -21.89 29.80 26.76
CA GLU A 182 -22.42 30.63 25.65
C GLU A 182 -23.64 29.95 25.00
N GLY A 183 -24.01 30.38 23.84
CA GLY A 183 -25.19 29.76 23.15
C GLY A 183 -25.84 30.78 22.22
N CYS A 184 -25.59 32.03 22.44
CA CYS A 184 -26.20 33.08 21.57
C CYS A 184 -26.04 32.69 20.09
N CYS A 185 -26.62 33.45 19.20
CA CYS A 185 -26.49 33.14 17.76
C CYS A 185 -25.31 33.89 17.15
N GLY A 186 -24.81 34.88 17.83
CA GLY A 186 -23.65 35.66 17.29
C GLY A 186 -24.08 37.11 17.06
N GLY A 187 -24.33 37.83 18.12
CA GLY A 187 -24.74 39.26 17.96
C GLY A 187 -26.24 39.39 18.27
N LYS A 188 -26.64 40.50 18.82
CA LYS A 188 -28.08 40.69 19.15
C LYS A 188 -28.92 40.69 17.87
N GLY A 189 -28.69 41.63 16.99
CA GLY A 189 -29.47 41.67 15.72
C GLY A 189 -29.26 43.03 15.05
N ASN A 190 -28.09 43.27 14.53
CA ASN A 190 -27.82 44.56 13.85
C ASN A 190 -27.40 44.34 12.40
N GLY A 191 -27.85 45.16 11.49
CA GLY A 191 -27.47 44.99 10.07
C GLY A 191 -27.84 43.58 9.61
N GLY A 192 -26.87 42.71 9.47
CA GLY A 192 -27.16 41.31 9.03
C GLY A 192 -27.29 41.29 7.51
N CYS A 193 -28.34 40.68 7.00
CA CYS A 193 -28.53 40.62 5.53
C CYS A 193 -29.91 40.06 5.20
N GLY A 194 -30.01 39.30 4.14
CA GLY A 194 -31.33 38.72 3.77
C GLY A 194 -31.17 37.23 3.46
N CYS A 195 -30.72 36.90 2.28
CA CYS A 195 -30.54 35.46 1.93
C CYS A 195 -29.28 34.90 2.62
N HIS A 196 -29.45 34.16 3.67
CA HIS A 196 -28.27 33.58 4.39
C HIS A 196 -27.51 32.63 3.45
N MET A 1 -3.03 -28.76 3.80
CA MET A 1 -2.71 -27.55 4.59
C MET A 1 -3.20 -26.30 3.87
N LYS A 2 -3.40 -25.23 4.59
CA LYS A 2 -3.87 -23.97 3.95
C LYS A 2 -2.91 -22.82 4.25
N VAL A 3 -2.90 -21.80 3.43
CA VAL A 3 -1.99 -20.65 3.69
C VAL A 3 -2.14 -20.16 5.13
N ALA A 4 -1.13 -19.54 5.67
CA ALA A 4 -1.23 -19.04 7.06
C ALA A 4 -0.36 -17.79 7.25
N LYS A 5 -0.46 -17.14 8.37
CA LYS A 5 0.35 -15.92 8.61
C LYS A 5 1.85 -16.28 8.59
N ASP A 6 2.31 -17.01 9.57
CA ASP A 6 3.75 -17.38 9.61
C ASP A 6 4.07 -18.33 8.47
N LEU A 7 3.88 -17.89 7.25
CA LEU A 7 4.18 -18.77 6.08
C LEU A 7 4.30 -17.94 4.80
N VAL A 8 5.46 -17.94 4.19
CA VAL A 8 5.63 -17.14 2.94
C VAL A 8 4.77 -17.75 1.82
N VAL A 9 4.12 -16.94 1.05
CA VAL A 9 3.27 -17.47 -0.05
C VAL A 9 3.50 -16.68 -1.34
N SER A 10 3.98 -17.33 -2.36
CA SER A 10 4.22 -16.62 -3.66
C SER A 10 2.95 -16.68 -4.51
N LEU A 11 2.24 -15.59 -4.62
CA LEU A 11 1.00 -15.59 -5.44
C LEU A 11 1.15 -14.68 -6.65
N ALA A 12 1.17 -15.25 -7.84
CA ALA A 12 1.30 -14.42 -9.06
C ALA A 12 -0.08 -13.89 -9.46
N TYR A 13 -0.17 -12.64 -9.82
CA TYR A 13 -1.50 -12.08 -10.19
C TYR A 13 -1.35 -10.94 -11.20
N GLN A 14 -2.32 -10.75 -12.05
CA GLN A 14 -2.27 -9.65 -13.04
C GLN A 14 -3.10 -8.46 -12.55
N VAL A 15 -2.65 -7.26 -12.80
CA VAL A 15 -3.43 -6.08 -12.34
C VAL A 15 -4.04 -5.32 -13.52
N ARG A 16 -5.29 -4.96 -13.42
CA ARG A 16 -5.95 -4.22 -14.53
C ARG A 16 -6.99 -3.24 -13.96
N THR A 17 -7.02 -2.03 -14.46
CA THR A 17 -8.00 -1.05 -13.94
C THR A 17 -9.30 -1.10 -14.76
N GLU A 18 -10.41 -0.76 -14.15
CA GLU A 18 -11.71 -0.82 -14.88
C GLU A 18 -11.57 -0.10 -16.22
N ASP A 19 -10.64 0.80 -16.34
CA ASP A 19 -10.47 1.54 -17.63
C ASP A 19 -9.88 0.60 -18.69
N GLY A 20 -9.60 -0.62 -18.33
CA GLY A 20 -9.02 -1.57 -19.32
C GLY A 20 -7.53 -1.30 -19.47
N VAL A 21 -6.86 -0.97 -18.39
CA VAL A 21 -5.40 -0.69 -18.48
C VAL A 21 -4.63 -1.64 -17.55
N LEU A 22 -3.40 -1.94 -17.88
CA LEU A 22 -2.60 -2.86 -17.03
C LEU A 22 -1.54 -2.06 -16.26
N VAL A 23 -1.58 -2.10 -14.96
CA VAL A 23 -0.58 -1.35 -14.15
C VAL A 23 0.54 -2.28 -13.70
N ASP A 24 0.23 -3.53 -13.46
CA ASP A 24 1.28 -4.49 -13.03
C ASP A 24 0.78 -5.93 -13.16
N GLU A 25 1.66 -6.86 -13.40
CA GLU A 25 1.23 -8.28 -13.55
C GLU A 25 2.34 -9.23 -13.06
N SER A 26 2.00 -10.18 -12.24
CA SER A 26 3.03 -11.13 -11.74
C SER A 26 2.81 -12.51 -12.35
N PRO A 27 3.71 -12.90 -13.20
CA PRO A 27 3.62 -14.22 -13.87
C PRO A 27 3.96 -15.34 -12.88
N VAL A 28 3.64 -16.56 -13.23
CA VAL A 28 3.95 -17.70 -12.31
C VAL A 28 5.46 -17.90 -12.21
N SER A 29 6.20 -17.45 -13.19
CA SER A 29 7.68 -17.61 -13.14
C SER A 29 8.30 -16.50 -12.30
N ALA A 30 7.56 -15.47 -11.99
CA ALA A 30 8.12 -14.37 -11.16
C ALA A 30 7.06 -13.87 -10.16
N PRO A 31 6.57 -14.80 -9.39
CA PRO A 31 5.54 -14.47 -8.37
C PRO A 31 6.16 -13.72 -7.20
N LEU A 32 5.37 -13.09 -6.38
CA LEU A 32 5.93 -12.32 -5.22
C LEU A 32 5.74 -13.12 -3.92
N ASP A 33 6.77 -13.76 -3.44
CA ASP A 33 6.65 -14.55 -2.19
C ASP A 33 6.79 -13.62 -0.97
N TYR A 34 5.84 -13.67 -0.08
CA TYR A 34 5.93 -12.79 1.13
C TYR A 34 5.11 -13.40 2.28
N LEU A 35 5.36 -12.99 3.49
CA LEU A 35 4.60 -13.55 4.64
C LEU A 35 3.15 -13.06 4.60
N HIS A 36 2.22 -13.88 4.99
CA HIS A 36 0.79 -13.47 4.97
C HIS A 36 0.39 -12.89 6.32
N GLY A 37 -0.51 -11.94 6.32
CA GLY A 37 -0.95 -11.33 7.62
C GLY A 37 0.07 -10.28 8.07
N HIS A 38 1.16 -10.17 7.38
CA HIS A 38 2.19 -9.16 7.77
C HIS A 38 2.60 -8.31 6.55
N GLY A 39 1.90 -7.24 6.30
CA GLY A 39 2.25 -6.38 5.14
C GLY A 39 2.24 -7.22 3.86
N SER A 40 1.28 -8.07 3.70
CA SER A 40 1.22 -8.92 2.48
C SER A 40 0.74 -8.09 1.28
N LEU A 41 -0.48 -7.60 1.34
CA LEU A 41 -1.01 -6.77 0.22
C LEU A 41 -2.17 -5.91 0.70
N ILE A 42 -3.31 -6.50 0.96
CA ILE A 42 -4.48 -5.71 1.43
C ILE A 42 -5.35 -6.56 2.36
N SER A 43 -6.10 -5.93 3.21
CA SER A 43 -6.97 -6.70 4.15
C SER A 43 -8.13 -7.36 3.38
N GLY A 44 -8.77 -6.61 2.51
CA GLY A 44 -9.90 -7.19 1.74
C GLY A 44 -9.38 -8.33 0.85
N LEU A 45 -8.29 -8.12 0.17
CA LEU A 45 -7.75 -9.19 -0.70
C LEU A 45 -7.23 -10.36 0.15
N GLU A 46 -6.49 -10.07 1.18
CA GLU A 46 -5.96 -11.16 2.05
C GLU A 46 -7.04 -12.22 2.30
N THR A 47 -8.28 -11.81 2.35
CA THR A 47 -9.38 -12.78 2.59
C THR A 47 -9.33 -13.90 1.54
N ALA A 48 -9.16 -13.53 0.30
CA ALA A 48 -9.10 -14.57 -0.79
C ALA A 48 -7.85 -15.43 -0.63
N LEU A 49 -6.83 -14.91 0.01
CA LEU A 49 -5.58 -15.69 0.18
C LEU A 49 -5.81 -16.84 1.16
N GLU A 50 -6.28 -16.54 2.36
CA GLU A 50 -6.52 -17.63 3.35
C GLU A 50 -7.41 -18.71 2.74
N GLY A 51 -7.06 -19.96 2.94
CA GLY A 51 -7.88 -21.06 2.37
C GLY A 51 -8.00 -20.89 0.86
N HIS A 52 -6.90 -20.77 0.18
CA HIS A 52 -6.95 -20.60 -1.31
C HIS A 52 -6.40 -21.84 -2.01
N GLU A 53 -5.91 -22.79 -1.25
CA GLU A 53 -5.36 -24.03 -1.87
C GLU A 53 -4.12 -23.70 -2.70
N VAL A 54 -3.18 -24.61 -2.78
CA VAL A 54 -1.95 -24.35 -3.56
C VAL A 54 -2.20 -24.62 -5.04
N GLY A 55 -2.05 -23.62 -5.86
CA GLY A 55 -2.28 -23.80 -7.30
C GLY A 55 -3.63 -23.22 -7.70
N ASP A 56 -4.45 -22.94 -6.73
CA ASP A 56 -5.80 -22.36 -7.04
C ASP A 56 -5.66 -20.89 -7.44
N LYS A 57 -6.60 -20.37 -8.19
CA LYS A 57 -6.52 -18.95 -8.61
C LYS A 57 -7.91 -18.39 -8.89
N PHE A 58 -8.12 -17.14 -8.62
CA PHE A 58 -9.46 -16.53 -8.86
C PHE A 58 -9.33 -15.02 -9.07
N ASP A 59 -10.27 -14.42 -9.75
CA ASP A 59 -10.20 -12.96 -9.99
C ASP A 59 -11.05 -12.20 -8.97
N VAL A 60 -10.47 -11.26 -8.27
CA VAL A 60 -11.25 -10.50 -7.26
C VAL A 60 -11.16 -9.00 -7.54
N ALA A 61 -12.27 -8.35 -7.77
CA ALA A 61 -12.24 -6.89 -8.05
C ALA A 61 -12.44 -6.10 -6.75
N VAL A 62 -11.45 -5.40 -6.31
CA VAL A 62 -11.59 -4.61 -5.05
C VAL A 62 -10.55 -3.49 -5.01
N GLY A 63 -10.99 -2.26 -4.93
CA GLY A 63 -10.03 -1.12 -4.89
C GLY A 63 -10.60 0.00 -4.01
N ALA A 64 -11.50 0.78 -4.54
CA ALA A 64 -12.09 1.88 -3.73
C ALA A 64 -13.14 1.33 -2.77
N ASN A 65 -13.50 0.08 -2.90
CA ASN A 65 -14.51 -0.51 -2.00
C ASN A 65 -13.87 -0.91 -0.67
N ASP A 66 -12.75 -1.58 -0.72
CA ASP A 66 -12.08 -2.00 0.55
C ASP A 66 -10.56 -2.03 0.35
N ALA A 67 -10.11 -2.49 -0.79
CA ALA A 67 -8.64 -2.55 -1.04
C ALA A 67 -7.96 -1.28 -0.52
N TYR A 68 -8.36 -0.13 -1.01
CA TYR A 68 -7.73 1.13 -0.54
C TYR A 68 -8.76 2.00 0.17
N GLY A 69 -10.01 1.62 0.13
CA GLY A 69 -11.06 2.43 0.81
C GLY A 69 -11.03 3.86 0.27
N GLN A 70 -10.42 4.06 -0.88
CA GLN A 70 -10.35 5.43 -1.45
C GLN A 70 -9.62 6.38 -0.50
N TYR A 71 -8.32 6.36 -0.50
CA TYR A 71 -7.57 7.27 0.40
C TYR A 71 -7.39 8.65 -0.25
N ASP A 72 -7.87 9.68 0.40
CA ASP A 72 -7.74 11.05 -0.17
C ASP A 72 -6.36 11.62 0.16
N GLU A 73 -5.64 12.07 -0.83
CA GLU A 73 -4.29 12.65 -0.57
C GLU A 73 -4.37 13.72 0.52
N ASN A 74 -5.54 14.26 0.74
CA ASN A 74 -5.69 15.30 1.79
C ASN A 74 -5.82 14.64 3.17
N LEU A 75 -5.70 13.34 3.24
CA LEU A 75 -5.81 12.64 4.54
C LEU A 75 -4.54 12.84 5.37
N VAL A 76 -3.39 12.70 4.75
CA VAL A 76 -2.12 12.88 5.49
C VAL A 76 -1.94 14.35 5.90
N GLN A 77 -2.33 14.68 7.11
CA GLN A 77 -2.19 16.09 7.57
C GLN A 77 -1.98 16.13 9.08
N ARG A 78 -1.69 17.29 9.62
CA ARG A 78 -1.48 17.39 11.09
C ARG A 78 -2.53 18.32 11.72
N VAL A 79 -3.30 17.82 12.64
CA VAL A 79 -4.35 18.67 13.29
C VAL A 79 -4.59 18.22 14.72
N PRO A 80 -4.50 19.15 15.63
CA PRO A 80 -4.72 18.85 17.06
C PRO A 80 -6.21 18.60 17.34
N LYS A 81 -6.51 17.97 18.44
CA LYS A 81 -7.95 17.70 18.77
C LYS A 81 -8.65 19.00 19.15
N ASP A 82 -7.93 19.94 19.72
CA ASP A 82 -8.56 21.22 20.12
C ASP A 82 -9.10 21.95 18.89
N VAL A 83 -8.60 21.62 17.73
CA VAL A 83 -9.09 22.28 16.49
C VAL A 83 -10.21 21.46 15.85
N PHE A 84 -10.51 20.31 16.39
CA PHE A 84 -11.59 19.48 15.82
C PHE A 84 -12.95 20.10 16.10
N MET A 85 -13.09 20.78 17.20
CA MET A 85 -14.40 21.42 17.54
C MET A 85 -15.54 20.40 17.35
N GLY A 86 -15.50 19.31 18.07
CA GLY A 86 -16.58 18.30 17.93
C GLY A 86 -16.03 16.92 18.27
N VAL A 87 -16.75 15.88 17.94
CA VAL A 87 -16.26 14.51 18.25
C VAL A 87 -16.03 14.35 19.76
N ASP A 88 -16.98 13.82 20.46
CA ASP A 88 -16.81 13.64 21.93
C ASP A 88 -16.06 12.34 22.23
N GLU A 89 -15.45 11.76 21.23
CA GLU A 89 -14.70 10.49 21.45
C GLU A 89 -13.64 10.29 20.36
N LEU A 90 -12.40 10.51 20.68
CA LEU A 90 -11.33 10.34 19.66
C LEU A 90 -10.22 9.43 20.20
N GLN A 91 -9.98 8.33 19.55
CA GLN A 91 -8.92 7.40 20.03
C GLN A 91 -7.83 7.25 18.96
N VAL A 92 -6.60 7.50 19.31
CA VAL A 92 -5.49 7.37 18.31
C VAL A 92 -5.66 6.09 17.50
N GLY A 93 -5.52 6.17 16.21
CA GLY A 93 -5.66 4.95 15.37
C GLY A 93 -7.10 4.87 14.82
N MET A 94 -8.02 5.52 15.47
CA MET A 94 -9.43 5.48 14.99
C MET A 94 -9.59 6.31 13.72
N ARG A 95 -10.57 6.01 12.92
CA ARG A 95 -10.77 6.80 11.66
C ARG A 95 -12.21 7.32 11.59
N PHE A 96 -12.38 8.59 11.35
CA PHE A 96 -13.76 9.16 11.27
C PHE A 96 -13.83 10.22 10.16
N LEU A 97 -15.01 10.60 9.76
CA LEU A 97 -15.14 11.62 8.69
C LEU A 97 -15.03 13.03 9.29
N ALA A 98 -14.48 13.95 8.56
CA ALA A 98 -14.35 15.35 9.09
C ALA A 98 -14.81 16.36 8.03
N GLU A 99 -15.57 17.34 8.44
CA GLU A 99 -16.06 18.35 7.47
C GLU A 99 -15.28 19.65 7.62
N THR A 100 -14.31 19.88 6.78
CA THR A 100 -13.51 21.13 6.88
C THR A 100 -14.00 22.15 5.85
N ASP A 101 -13.62 23.40 5.99
CA ASP A 101 -14.07 24.43 5.03
C ASP A 101 -13.44 24.18 3.65
N GLN A 102 -12.25 23.63 3.63
CA GLN A 102 -11.59 23.36 2.33
C GLN A 102 -12.26 22.17 1.65
N GLY A 103 -13.20 21.56 2.31
CA GLY A 103 -13.90 20.38 1.71
C GLY A 103 -13.89 19.23 2.71
N PRO A 104 -14.89 18.39 2.60
CA PRO A 104 -15.00 17.22 3.51
C PRO A 104 -13.95 16.17 3.15
N VAL A 105 -13.20 15.73 4.12
CA VAL A 105 -12.15 14.71 3.85
C VAL A 105 -12.07 13.71 5.01
N PRO A 106 -11.76 12.49 4.68
CA PRO A 106 -11.65 11.43 5.70
C PRO A 106 -10.36 11.62 6.52
N VAL A 107 -10.35 11.12 7.74
CA VAL A 107 -9.13 11.28 8.59
C VAL A 107 -8.96 10.06 9.49
N GLU A 108 -7.76 9.75 9.86
CA GLU A 108 -7.52 8.57 10.74
C GLU A 108 -6.30 8.82 11.64
N ILE A 109 -6.52 9.06 12.90
CA ILE A 109 -5.38 9.31 13.83
C ILE A 109 -4.45 8.09 13.85
N THR A 110 -3.16 8.33 13.92
CA THR A 110 -2.20 7.19 13.95
C THR A 110 -1.22 7.35 15.11
N ALA A 111 -0.90 8.57 15.47
CA ALA A 111 0.04 8.78 16.60
C ALA A 111 -0.10 10.21 17.15
N VAL A 112 -0.59 10.34 18.35
CA VAL A 112 -0.77 11.70 18.94
C VAL A 112 0.60 12.37 19.12
N GLU A 113 0.69 13.64 18.83
CA GLU A 113 1.98 14.35 18.98
C GLU A 113 1.78 15.68 19.73
N ASP A 114 2.78 16.12 20.45
CA ASP A 114 2.64 17.40 21.19
C ASP A 114 2.02 18.48 20.29
N ASP A 115 1.39 19.46 20.88
CA ASP A 115 0.78 20.55 20.06
C ASP A 115 -0.44 20.00 19.30
N HIS A 116 -0.25 18.98 18.52
CA HIS A 116 -1.39 18.41 17.75
C HIS A 116 -1.08 16.97 17.31
N VAL A 117 -2.04 16.28 16.78
CA VAL A 117 -1.79 14.87 16.33
C VAL A 117 -1.51 14.85 14.82
N VAL A 118 -1.35 13.68 14.26
CA VAL A 118 -1.08 13.59 12.80
C VAL A 118 -1.87 12.45 12.17
N VAL A 119 -2.73 12.75 11.24
CA VAL A 119 -3.54 11.68 10.59
C VAL A 119 -2.91 11.28 9.26
N ASP A 120 -2.91 10.01 8.94
CA ASP A 120 -2.30 9.56 7.65
C ASP A 120 -2.96 8.27 7.17
N GLY A 121 -2.65 7.85 5.98
CA GLY A 121 -3.26 6.59 5.45
C GLY A 121 -3.48 6.72 3.95
N ASN A 122 -2.44 6.64 3.17
CA ASN A 122 -2.60 6.76 1.69
C ASN A 122 -2.38 5.40 1.02
N HIS A 123 -3.43 4.79 0.54
CA HIS A 123 -3.29 3.47 -0.12
C HIS A 123 -2.55 3.61 -1.45
N MET A 124 -2.56 2.60 -2.27
CA MET A 124 -1.85 2.68 -3.58
C MET A 124 -2.66 3.49 -4.58
N LEU A 125 -3.92 3.72 -4.32
CA LEU A 125 -4.76 4.51 -5.27
C LEU A 125 -6.19 4.63 -4.74
N ALA A 126 -6.62 5.82 -4.46
CA ALA A 126 -8.01 6.00 -3.95
C ALA A 126 -8.97 6.32 -5.10
N GLY A 127 -10.21 5.94 -4.98
CA GLY A 127 -11.19 6.22 -6.06
C GLY A 127 -10.72 5.56 -7.37
N GLN A 128 -9.88 4.57 -7.26
CA GLN A 128 -9.37 3.89 -8.49
C GLN A 128 -9.61 2.38 -8.39
N ASN A 129 -10.83 1.95 -8.52
CA ASN A 129 -11.12 0.48 -8.44
C ASN A 129 -10.03 -0.31 -9.19
N LEU A 130 -9.66 -1.44 -8.68
CA LEU A 130 -8.60 -2.25 -9.36
C LEU A 130 -9.04 -3.72 -9.46
N LYS A 131 -8.86 -4.32 -10.61
CA LYS A 131 -9.24 -5.74 -10.78
C LYS A 131 -8.01 -6.59 -11.11
N PHE A 132 -7.66 -7.52 -10.26
CA PHE A 132 -6.47 -8.37 -10.54
C PHE A 132 -6.72 -9.81 -10.07
N ASN A 133 -6.30 -10.76 -10.86
CA ASN A 133 -6.49 -12.19 -10.47
C ASN A 133 -5.21 -12.73 -9.85
N VAL A 134 -5.30 -13.43 -8.75
CA VAL A 134 -4.06 -13.97 -8.11
C VAL A 134 -4.14 -15.49 -7.96
N GLU A 135 -3.01 -16.14 -7.95
CA GLU A 135 -2.99 -17.63 -7.81
C GLU A 135 -1.94 -18.05 -6.78
N VAL A 136 -2.22 -19.02 -5.97
CA VAL A 136 -1.23 -19.46 -4.94
C VAL A 136 -0.17 -20.36 -5.57
N VAL A 137 1.07 -20.16 -5.22
CA VAL A 137 2.15 -21.00 -5.80
C VAL A 137 2.76 -21.91 -4.72
N ALA A 138 3.14 -21.35 -3.61
CA ALA A 138 3.74 -22.18 -2.52
C ALA A 138 3.42 -21.58 -1.15
N ILE A 139 3.64 -22.33 -0.09
CA ILE A 139 3.35 -21.81 1.27
C ILE A 139 4.28 -22.45 2.29
N ARG A 140 5.30 -21.74 2.72
CA ARG A 140 6.25 -22.33 3.72
C ARG A 140 6.45 -21.35 4.88
N GLU A 141 6.80 -21.87 6.04
CA GLU A 141 7.02 -20.98 7.22
C GLU A 141 8.25 -20.09 6.99
N ALA A 142 8.23 -18.90 7.51
CA ALA A 142 9.41 -17.99 7.33
C ALA A 142 10.41 -18.20 8.46
N THR A 143 11.62 -17.74 8.28
CA THR A 143 12.64 -17.90 9.36
C THR A 143 12.36 -16.92 10.50
N GLU A 144 13.19 -16.91 11.51
CA GLU A 144 12.96 -15.97 12.64
C GLU A 144 12.98 -14.52 12.15
N GLU A 145 13.89 -14.21 11.26
CA GLU A 145 13.97 -12.81 10.75
C GLU A 145 12.79 -12.54 9.79
N GLU A 146 12.38 -13.52 9.04
CA GLU A 146 11.25 -13.31 8.10
C GLU A 146 9.98 -12.94 8.89
N LEU A 147 9.73 -13.61 9.97
CA LEU A 147 8.53 -13.29 10.79
C LEU A 147 8.82 -12.06 11.65
N ALA A 148 10.07 -11.72 11.79
CA ALA A 148 10.43 -10.53 12.61
C ALA A 148 10.09 -9.25 11.85
N HIS A 149 10.59 -9.13 10.65
CA HIS A 149 10.30 -7.93 9.84
C HIS A 149 8.87 -7.99 9.31
N GLY A 150 8.17 -9.05 9.61
CA GLY A 150 6.77 -9.18 9.13
C GLY A 150 6.74 -9.96 7.82
N HIS A 151 7.81 -9.94 7.08
CA HIS A 151 7.84 -10.68 5.78
C HIS A 151 9.25 -11.16 5.47
N VAL A 152 9.38 -12.12 4.59
CA VAL A 152 10.74 -12.63 4.24
C VAL A 152 11.42 -11.69 3.24
N HIS A 153 12.53 -11.12 3.61
CA HIS A 153 13.23 -10.19 2.68
C HIS A 153 12.25 -9.16 2.11
N GLY A 154 12.52 -8.67 0.93
CA GLY A 154 11.60 -7.67 0.33
C GLY A 154 11.29 -6.56 1.35
N ALA A 155 12.27 -5.79 1.70
CA ALA A 155 12.05 -4.70 2.69
C ALA A 155 10.95 -3.75 2.19
N HIS A 156 10.16 -3.23 3.08
CA HIS A 156 9.07 -2.30 2.66
C HIS A 156 9.64 -0.91 2.37
N ASP A 157 10.31 -0.33 3.33
CA ASP A 157 10.89 1.03 3.11
C ASP A 157 12.30 0.91 2.55
N HIS A 158 13.13 0.10 3.15
CA HIS A 158 14.52 -0.06 2.64
C HIS A 158 15.22 1.31 2.58
N HIS A 159 15.16 2.05 3.64
CA HIS A 159 15.82 3.40 3.64
C HIS A 159 16.97 3.43 4.65
N HIS A 160 18.14 3.85 4.24
CA HIS A 160 19.29 3.90 5.18
C HIS A 160 19.40 5.30 5.79
N ASP A 161 18.34 5.81 6.34
CA ASP A 161 18.40 7.17 6.95
C ASP A 161 19.25 7.14 8.23
N HIS A 162 19.76 8.27 8.62
CA HIS A 162 20.60 8.31 9.86
C HIS A 162 20.96 9.75 10.20
N ASP A 163 19.99 10.60 10.37
CA ASP A 163 20.28 12.02 10.72
C ASP A 163 19.01 12.72 11.21
N HIS A 164 17.92 12.57 10.50
CA HIS A 164 16.65 13.22 10.93
C HIS A 164 16.07 12.50 12.15
N ASP A 165 16.70 12.62 13.28
CA ASP A 165 16.18 11.94 14.50
C ASP A 165 16.50 12.76 15.75
N GLY A 166 15.53 13.42 16.30
CA GLY A 166 15.78 14.24 17.52
C GLY A 166 14.44 14.72 18.10
N CYS A 167 14.20 14.46 19.35
CA CYS A 167 12.92 14.91 19.98
C CYS A 167 13.20 15.82 21.17
N CYS A 168 13.67 17.01 20.93
CA CYS A 168 13.96 17.94 22.06
C CYS A 168 12.68 18.25 22.84
N GLY A 169 11.54 17.92 22.28
CA GLY A 169 10.26 18.21 22.97
C GLY A 169 10.33 17.68 24.41
N GLY A 170 10.68 18.53 25.34
CA GLY A 170 10.77 18.08 26.77
C GLY A 170 10.51 19.26 27.70
N HIS A 171 11.40 19.51 28.62
CA HIS A 171 11.21 20.65 29.56
C HIS A 171 11.52 21.97 28.85
N GLY A 172 10.57 22.54 28.15
CA GLY A 172 10.83 23.83 27.45
C GLY A 172 10.08 24.95 28.16
N HIS A 173 9.43 24.65 29.25
CA HIS A 173 8.67 25.71 29.98
C HIS A 173 8.39 25.26 31.42
N ASP A 174 8.35 26.18 32.35
CA ASP A 174 8.09 25.81 33.77
C ASP A 174 6.69 25.21 33.90
N HIS A 175 6.24 25.00 35.10
CA HIS A 175 4.88 24.42 35.30
C HIS A 175 4.50 24.46 36.78
N GLY A 176 3.66 25.38 37.16
CA GLY A 176 3.24 25.47 38.60
C GLY A 176 2.92 24.07 39.12
N HIS A 177 3.37 23.76 40.31
CA HIS A 177 3.09 22.41 40.88
C HIS A 177 1.88 22.48 41.82
N GLU A 178 0.81 21.83 41.47
CA GLU A 178 -0.40 21.85 42.34
C GLU A 178 -0.88 20.42 42.63
N HIS A 179 -0.04 19.63 43.24
CA HIS A 179 -0.45 18.23 43.55
C HIS A 179 -1.24 18.18 44.86
N GLY A 180 -1.47 19.31 45.46
CA GLY A 180 -2.24 19.33 46.74
C GLY A 180 -2.72 20.76 47.03
N GLY A 181 -2.02 21.47 47.85
CA GLY A 181 -2.44 22.87 48.17
C GLY A 181 -1.61 23.39 49.34
N GLU A 182 -2.09 24.43 50.00
CA GLU A 182 -1.33 24.99 51.16
C GLU A 182 -1.99 24.58 52.47
N GLY A 183 -1.20 24.23 53.45
CA GLY A 183 -1.79 23.81 54.76
C GLY A 183 -1.70 24.98 55.75
N CYS A 184 -2.79 25.65 56.00
CA CYS A 184 -2.77 26.79 56.94
C CYS A 184 -3.41 26.39 58.27
N CYS A 185 -3.44 25.13 58.57
CA CYS A 185 -4.06 24.67 59.85
C CYS A 185 -3.40 23.37 60.32
N GLY A 186 -2.20 23.46 60.84
CA GLY A 186 -1.50 22.23 61.32
C GLY A 186 -0.01 22.52 61.49
N GLY A 187 0.61 21.90 62.45
CA GLY A 187 2.06 22.14 62.67
C GLY A 187 2.33 23.64 62.78
N LYS A 188 2.93 24.23 61.79
CA LYS A 188 3.20 25.69 61.84
C LYS A 188 1.96 26.45 62.33
N GLY A 189 2.16 27.58 62.96
CA GLY A 189 0.99 28.36 63.46
C GLY A 189 1.33 28.96 64.83
N ASN A 190 0.74 30.07 65.16
CA ASN A 190 1.03 30.71 66.48
C ASN A 190 -0.28 30.92 67.26
N GLY A 191 -0.29 31.88 68.15
CA GLY A 191 -1.53 32.14 68.94
C GLY A 191 -1.22 32.08 70.43
N GLY A 192 -0.51 31.06 70.85
CA GLY A 192 -0.18 30.93 72.30
C GLY A 192 0.21 29.49 72.61
N CYS A 193 -0.73 28.68 73.03
CA CYS A 193 -0.40 27.27 73.35
C CYS A 193 0.88 27.18 74.17
N GLY A 194 1.51 26.05 74.20
CA GLY A 194 2.77 25.91 74.99
C GLY A 194 3.65 24.83 74.36
N CYS A 195 3.25 23.59 74.45
CA CYS A 195 4.08 22.50 73.86
C CYS A 195 3.25 21.21 73.75
N HIS A 196 2.94 20.61 74.87
CA HIS A 196 2.14 19.35 74.84
C HIS A 196 0.82 19.59 74.10
N MET A 1 -4.45 -27.44 4.90
CA MET A 1 -3.25 -26.63 4.58
C MET A 1 -3.60 -25.52 3.59
N LYS A 2 -3.40 -24.29 3.96
CA LYS A 2 -3.73 -23.17 3.04
C LYS A 2 -2.79 -21.98 3.31
N VAL A 3 -3.01 -20.88 2.65
CA VAL A 3 -2.14 -19.69 2.86
C VAL A 3 -2.57 -18.94 4.12
N ALA A 4 -1.63 -18.61 4.97
CA ALA A 4 -1.98 -17.88 6.22
C ALA A 4 -0.73 -17.24 6.82
N LYS A 5 -0.89 -16.34 7.75
CA LYS A 5 0.28 -15.69 8.37
C LYS A 5 1.30 -16.76 8.82
N ASP A 6 2.48 -16.35 9.16
CA ASP A 6 3.52 -17.33 9.59
C ASP A 6 3.75 -18.37 8.50
N LEU A 7 3.42 -18.06 7.28
CA LEU A 7 3.63 -19.04 6.18
C LEU A 7 3.99 -18.33 4.88
N VAL A 8 5.22 -18.45 4.44
CA VAL A 8 5.63 -17.77 3.17
C VAL A 8 4.80 -18.30 2.00
N VAL A 9 4.35 -17.44 1.13
CA VAL A 9 3.53 -17.90 -0.03
C VAL A 9 3.86 -17.06 -1.27
N SER A 10 4.40 -17.68 -2.29
CA SER A 10 4.73 -16.91 -3.52
C SER A 10 3.56 -17.01 -4.51
N LEU A 11 2.81 -15.95 -4.67
CA LEU A 11 1.66 -16.00 -5.61
C LEU A 11 1.62 -14.74 -6.48
N ALA A 12 1.43 -14.88 -7.76
CA ALA A 12 1.38 -13.69 -8.65
C ALA A 12 -0.02 -13.08 -8.61
N TYR A 13 -0.18 -11.89 -9.13
CA TYR A 13 -1.53 -11.25 -9.12
C TYR A 13 -1.64 -10.22 -10.24
N GLN A 14 -2.77 -10.15 -10.89
CA GLN A 14 -2.94 -9.15 -11.98
C GLN A 14 -3.95 -8.08 -11.54
N VAL A 15 -4.00 -6.98 -12.23
CA VAL A 15 -4.96 -5.91 -11.84
C VAL A 15 -5.63 -5.31 -13.08
N ARG A 16 -6.89 -5.58 -13.28
CA ARG A 16 -7.60 -5.03 -14.47
C ARG A 16 -8.58 -3.93 -14.03
N THR A 17 -8.80 -2.94 -14.85
CA THR A 17 -9.75 -1.86 -14.46
C THR A 17 -11.09 -2.05 -15.19
N GLU A 18 -12.16 -1.59 -14.59
CA GLU A 18 -13.50 -1.72 -15.24
C GLU A 18 -13.46 -1.21 -16.68
N ASP A 19 -12.48 -0.41 -17.01
CA ASP A 19 -12.39 0.12 -18.40
C ASP A 19 -11.79 -0.95 -19.34
N GLY A 20 -11.70 -2.17 -18.88
CA GLY A 20 -11.12 -3.23 -19.74
C GLY A 20 -9.63 -2.95 -19.96
N VAL A 21 -8.98 -2.35 -19.01
CA VAL A 21 -7.53 -2.05 -19.18
C VAL A 21 -6.72 -2.72 -18.06
N LEU A 22 -5.54 -3.20 -18.38
CA LEU A 22 -4.71 -3.86 -17.33
C LEU A 22 -3.64 -2.87 -16.82
N VAL A 23 -3.62 -2.63 -15.54
CA VAL A 23 -2.61 -1.69 -14.97
C VAL A 23 -1.24 -2.36 -14.91
N ASP A 24 -1.20 -3.61 -14.52
CA ASP A 24 0.11 -4.32 -14.44
C ASP A 24 -0.08 -5.70 -13.79
N GLU A 25 0.90 -6.55 -13.91
CA GLU A 25 0.77 -7.91 -13.30
C GLU A 25 2.16 -8.43 -12.88
N SER A 26 2.20 -9.40 -12.02
CA SER A 26 3.52 -9.95 -11.58
C SER A 26 4.03 -10.98 -12.60
N PRO A 27 5.33 -11.13 -12.63
CA PRO A 27 5.95 -12.09 -13.56
C PRO A 27 5.72 -13.53 -13.09
N VAL A 28 5.43 -14.43 -14.01
CA VAL A 28 5.18 -15.84 -13.62
C VAL A 28 6.50 -16.51 -13.19
N SER A 29 7.59 -16.11 -13.79
CA SER A 29 8.90 -16.73 -13.43
C SER A 29 9.36 -16.22 -12.06
N ALA A 30 8.65 -15.28 -11.50
CA ALA A 30 9.05 -14.75 -10.15
C ALA A 30 7.80 -14.40 -9.33
N PRO A 31 7.35 -15.37 -8.58
CA PRO A 31 6.14 -15.18 -7.74
C PRO A 31 6.48 -14.28 -6.54
N LEU A 32 5.66 -13.30 -6.27
CA LEU A 32 5.93 -12.40 -5.11
C LEU A 32 5.75 -13.15 -3.80
N ASP A 33 6.82 -13.63 -3.22
CA ASP A 33 6.70 -14.38 -1.93
C ASP A 33 6.67 -13.38 -0.77
N TYR A 34 5.77 -13.59 0.18
CA TYR A 34 5.70 -12.67 1.34
C TYR A 34 5.03 -13.36 2.54
N LEU A 35 5.10 -12.77 3.69
CA LEU A 35 4.47 -13.40 4.89
C LEU A 35 3.06 -12.84 5.09
N HIS A 36 2.07 -13.69 5.05
CA HIS A 36 0.67 -13.21 5.24
C HIS A 36 0.51 -12.56 6.62
N GLY A 37 -0.33 -11.57 6.72
CA GLY A 37 -0.52 -10.90 8.04
C GLY A 37 0.58 -9.85 8.25
N HIS A 38 1.80 -10.19 7.94
CA HIS A 38 2.92 -9.22 8.11
C HIS A 38 3.59 -8.95 6.77
N GLY A 39 3.09 -8.01 6.03
CA GLY A 39 3.70 -7.68 4.71
C GLY A 39 3.06 -8.56 3.63
N SER A 40 1.82 -8.29 3.29
CA SER A 40 1.15 -9.11 2.24
C SER A 40 0.31 -8.21 1.32
N LEU A 41 0.89 -7.16 0.81
CA LEU A 41 0.13 -6.24 -0.09
C LEU A 41 -1.03 -5.59 0.68
N ILE A 42 -2.22 -5.67 0.17
CA ILE A 42 -3.38 -5.06 0.87
C ILE A 42 -4.25 -6.14 1.51
N SER A 43 -4.89 -5.84 2.60
CA SER A 43 -5.76 -6.85 3.28
C SER A 43 -6.76 -7.42 2.27
N GLY A 44 -7.32 -6.60 1.43
CA GLY A 44 -8.30 -7.11 0.44
C GLY A 44 -7.75 -8.38 -0.22
N LEU A 45 -6.46 -8.44 -0.41
CA LEU A 45 -5.86 -9.64 -1.05
C LEU A 45 -5.60 -10.72 0.00
N GLU A 46 -5.27 -10.34 1.20
CA GLU A 46 -5.00 -11.35 2.26
C GLU A 46 -6.24 -12.21 2.49
N THR A 47 -7.37 -11.59 2.70
CA THR A 47 -8.62 -12.38 2.94
C THR A 47 -8.93 -13.25 1.71
N ALA A 48 -8.96 -12.66 0.55
CA ALA A 48 -9.25 -13.45 -0.68
C ALA A 48 -8.21 -14.56 -0.86
N LEU A 49 -7.04 -14.37 -0.34
CA LEU A 49 -5.98 -15.41 -0.47
C LEU A 49 -6.12 -16.47 0.62
N GLU A 50 -6.28 -16.05 1.85
CA GLU A 50 -6.42 -17.03 2.96
C GLU A 50 -7.38 -18.15 2.56
N GLY A 51 -6.91 -19.36 2.48
CA GLY A 51 -7.79 -20.49 2.09
C GLY A 51 -8.07 -20.43 0.58
N HIS A 52 -7.07 -20.12 -0.20
CA HIS A 52 -7.28 -20.04 -1.68
C HIS A 52 -6.94 -21.39 -2.33
N GLU A 53 -5.76 -21.53 -2.86
CA GLU A 53 -5.37 -22.81 -3.51
C GLU A 53 -3.98 -22.70 -4.14
N VAL A 54 -3.10 -23.59 -3.80
CA VAL A 54 -1.72 -23.53 -4.39
C VAL A 54 -1.72 -24.07 -5.81
N GLY A 55 -1.34 -23.25 -6.74
CA GLY A 55 -1.31 -23.69 -8.14
C GLY A 55 -2.58 -23.23 -8.86
N ASP A 56 -3.50 -22.64 -8.13
CA ASP A 56 -4.75 -22.17 -8.77
C ASP A 56 -4.81 -20.64 -8.75
N LYS A 57 -5.73 -20.06 -9.48
CA LYS A 57 -5.83 -18.58 -9.50
C LYS A 57 -7.26 -18.13 -9.15
N PHE A 58 -7.40 -16.97 -8.59
CA PHE A 58 -8.76 -16.48 -8.22
C PHE A 58 -8.86 -14.98 -8.45
N ASP A 59 -9.95 -14.51 -9.00
CA ASP A 59 -10.10 -13.06 -9.26
C ASP A 59 -10.76 -12.38 -8.06
N VAL A 60 -10.43 -11.14 -7.80
CA VAL A 60 -11.05 -10.43 -6.64
C VAL A 60 -11.05 -8.93 -6.89
N ALA A 61 -12.05 -8.24 -6.42
CA ALA A 61 -12.11 -6.76 -6.62
C ALA A 61 -11.55 -6.03 -5.41
N VAL A 62 -10.45 -5.33 -5.58
CA VAL A 62 -9.85 -4.60 -4.43
C VAL A 62 -9.14 -3.33 -4.92
N GLY A 63 -9.75 -2.20 -4.75
CA GLY A 63 -9.11 -0.93 -5.21
C GLY A 63 -9.53 0.21 -4.29
N ALA A 64 -10.70 0.74 -4.47
CA ALA A 64 -11.16 1.87 -3.61
C ALA A 64 -11.84 1.31 -2.35
N ASN A 65 -12.32 0.10 -2.42
CA ASN A 65 -12.99 -0.50 -1.22
C ASN A 65 -11.95 -1.03 -0.24
N ASP A 66 -10.75 -1.29 -0.71
CA ASP A 66 -9.69 -1.82 0.20
C ASP A 66 -8.41 -2.08 -0.59
N ALA A 67 -7.83 -1.05 -1.16
CA ALA A 67 -6.57 -1.24 -1.93
C ALA A 67 -5.90 0.11 -2.18
N TYR A 68 -6.32 0.83 -3.18
CA TYR A 68 -5.70 2.15 -3.47
C TYR A 68 -6.51 3.27 -2.82
N GLY A 69 -7.82 3.15 -2.81
CA GLY A 69 -8.66 4.20 -2.20
C GLY A 69 -8.32 5.56 -2.81
N GLN A 70 -8.75 5.79 -4.02
CA GLN A 70 -8.45 7.10 -4.68
C GLN A 70 -9.52 8.13 -4.33
N TYR A 71 -9.83 9.03 -5.23
CA TYR A 71 -10.86 10.06 -4.93
C TYR A 71 -12.27 9.50 -5.15
N ASP A 72 -13.11 9.61 -4.16
CA ASP A 72 -14.50 9.08 -4.31
C ASP A 72 -15.38 10.13 -5.00
N GLU A 73 -16.31 9.69 -5.81
CA GLU A 73 -17.20 10.65 -6.53
C GLU A 73 -18.06 11.44 -5.53
N ASN A 74 -18.02 11.08 -4.27
CA ASN A 74 -18.83 11.81 -3.27
C ASN A 74 -18.63 13.32 -3.43
N LEU A 75 -17.55 13.73 -4.04
CA LEU A 75 -17.30 15.18 -4.22
C LEU A 75 -17.46 15.56 -5.70
N VAL A 76 -18.61 15.30 -6.27
CA VAL A 76 -18.83 15.64 -7.70
C VAL A 76 -19.47 17.02 -7.82
N GLN A 77 -19.29 17.67 -8.95
CA GLN A 77 -19.89 19.02 -9.14
C GLN A 77 -21.14 18.93 -10.01
N ARG A 78 -22.03 19.88 -9.90
CA ARG A 78 -23.27 19.84 -10.73
C ARG A 78 -23.39 21.12 -11.56
N VAL A 79 -23.67 21.00 -12.83
CA VAL A 79 -23.80 22.20 -13.69
C VAL A 79 -24.75 21.91 -14.86
N PRO A 80 -25.81 22.67 -14.92
CA PRO A 80 -26.81 22.49 -16.00
C PRO A 80 -26.26 23.01 -17.33
N LYS A 81 -26.92 22.70 -18.42
CA LYS A 81 -26.44 23.17 -19.74
C LYS A 81 -26.57 24.70 -19.84
N ASP A 82 -27.18 25.31 -18.87
CA ASP A 82 -27.35 26.79 -18.91
C ASP A 82 -26.01 27.46 -19.22
N VAL A 83 -24.92 26.79 -18.96
CA VAL A 83 -23.59 27.38 -19.25
C VAL A 83 -22.97 26.73 -20.48
N PHE A 84 -23.76 26.03 -21.25
CA PHE A 84 -23.23 25.37 -22.48
C PHE A 84 -24.00 25.84 -23.72
N MET A 85 -23.57 26.93 -24.30
CA MET A 85 -24.28 27.45 -25.51
C MET A 85 -23.46 27.14 -26.77
N GLY A 86 -23.42 25.90 -27.18
CA GLY A 86 -22.64 25.55 -28.40
C GLY A 86 -22.35 24.04 -28.39
N VAL A 87 -23.35 23.23 -28.17
CA VAL A 87 -23.12 21.76 -28.15
C VAL A 87 -24.08 21.07 -29.14
N ASP A 88 -24.82 20.10 -28.69
CA ASP A 88 -25.77 19.39 -29.60
C ASP A 88 -26.30 18.12 -28.93
N GLU A 89 -25.42 17.26 -28.49
CA GLU A 89 -25.87 16.00 -27.83
C GLU A 89 -24.81 15.52 -26.84
N LEU A 90 -25.03 15.72 -25.57
CA LEU A 90 -24.02 15.26 -24.56
C LEU A 90 -24.37 13.86 -24.06
N GLN A 91 -23.63 12.87 -24.48
CA GLN A 91 -23.92 11.48 -24.03
C GLN A 91 -22.97 11.08 -22.89
N VAL A 92 -23.17 9.93 -22.32
CA VAL A 92 -22.29 9.48 -21.20
C VAL A 92 -20.88 9.20 -21.73
N GLY A 93 -19.88 9.78 -21.13
CA GLY A 93 -18.48 9.54 -21.61
C GLY A 93 -17.91 10.83 -22.19
N MET A 94 -18.74 11.83 -22.39
CA MET A 94 -18.24 13.11 -22.97
C MET A 94 -17.50 13.91 -21.90
N ARG A 95 -16.57 14.74 -22.31
CA ARG A 95 -15.82 15.56 -21.31
C ARG A 95 -16.55 16.89 -21.07
N PHE A 96 -16.27 17.52 -19.96
CA PHE A 96 -16.94 18.83 -19.67
C PHE A 96 -15.89 19.91 -19.36
N LEU A 97 -16.24 21.14 -19.56
CA LEU A 97 -15.26 22.24 -19.30
C LEU A 97 -15.93 23.36 -18.47
N ALA A 98 -15.33 23.73 -17.38
CA ALA A 98 -15.93 24.81 -16.54
C ALA A 98 -15.04 26.05 -16.55
N GLU A 99 -15.39 27.05 -17.32
CA GLU A 99 -14.56 28.28 -17.38
C GLU A 99 -15.24 29.42 -16.61
N THR A 100 -14.78 29.71 -15.42
CA THR A 100 -15.41 30.80 -14.63
C THR A 100 -14.33 31.66 -13.97
N ASP A 101 -14.71 32.76 -13.39
CA ASP A 101 -13.70 33.64 -12.72
C ASP A 101 -12.79 32.81 -11.81
N GLN A 102 -13.27 31.70 -11.33
CA GLN A 102 -12.42 30.86 -10.43
C GLN A 102 -11.28 30.22 -11.24
N GLY A 103 -11.28 30.39 -12.53
CA GLY A 103 -10.21 29.79 -13.37
C GLY A 103 -10.77 28.61 -14.17
N PRO A 104 -10.07 28.27 -15.21
CA PRO A 104 -10.50 27.14 -16.08
C PRO A 104 -10.26 25.80 -15.38
N VAL A 105 -11.31 25.11 -15.02
CA VAL A 105 -11.15 23.80 -14.33
C VAL A 105 -11.75 22.68 -15.19
N PRO A 106 -10.92 21.74 -15.54
CA PRO A 106 -11.37 20.59 -16.35
C PRO A 106 -12.24 19.64 -15.53
N VAL A 107 -13.27 19.09 -16.10
CA VAL A 107 -14.14 18.16 -15.34
C VAL A 107 -14.61 17.02 -16.24
N GLU A 108 -15.35 16.09 -15.71
CA GLU A 108 -15.83 14.94 -16.54
C GLU A 108 -17.31 14.67 -16.26
N ILE A 109 -18.13 14.73 -17.28
CA ILE A 109 -19.59 14.49 -17.08
C ILE A 109 -19.82 13.04 -16.64
N THR A 110 -20.54 12.83 -15.58
CA THR A 110 -20.80 11.44 -15.10
C THR A 110 -22.27 11.07 -15.36
N ALA A 111 -23.11 12.04 -15.55
CA ALA A 111 -24.55 11.73 -15.80
C ALA A 111 -25.26 12.98 -16.37
N VAL A 112 -26.40 12.79 -16.99
CA VAL A 112 -27.13 13.96 -17.56
C VAL A 112 -28.54 14.03 -16.96
N GLU A 113 -28.76 14.94 -16.06
CA GLU A 113 -30.12 15.07 -15.44
C GLU A 113 -30.96 16.08 -16.22
N ASP A 114 -32.23 16.16 -15.92
CA ASP A 114 -33.11 17.13 -16.64
C ASP A 114 -32.65 18.56 -16.36
N ASP A 115 -32.46 19.34 -17.38
CA ASP A 115 -32.01 20.75 -17.18
C ASP A 115 -30.94 20.82 -16.10
N HIS A 116 -30.07 19.83 -16.04
CA HIS A 116 -29.00 19.84 -15.01
C HIS A 116 -28.03 18.68 -15.24
N VAL A 117 -26.75 18.94 -15.19
CA VAL A 117 -25.76 17.85 -15.41
C VAL A 117 -24.84 17.72 -14.19
N VAL A 118 -24.00 16.72 -14.17
CA VAL A 118 -23.08 16.55 -13.00
C VAL A 118 -21.69 16.15 -13.49
N VAL A 119 -20.69 16.91 -13.12
CA VAL A 119 -19.30 16.57 -13.55
C VAL A 119 -18.36 16.57 -12.34
N ASP A 120 -17.32 15.77 -12.39
CA ASP A 120 -16.37 15.73 -11.25
C ASP A 120 -14.93 15.83 -11.76
N GLY A 121 -14.29 16.95 -11.58
CA GLY A 121 -12.89 17.11 -12.06
C GLY A 121 -11.95 16.26 -11.19
N ASN A 122 -11.91 14.98 -11.43
CA ASN A 122 -11.01 14.10 -10.62
C ASN A 122 -9.96 13.43 -11.51
N HIS A 123 -9.08 12.67 -10.92
CA HIS A 123 -8.03 11.98 -11.72
C HIS A 123 -8.65 11.12 -12.83
N MET A 124 -8.07 9.98 -13.10
CA MET A 124 -8.62 9.10 -14.17
C MET A 124 -9.87 8.35 -13.68
N LEU A 125 -9.83 7.80 -12.50
CA LEU A 125 -11.01 7.06 -11.99
C LEU A 125 -10.75 6.54 -10.57
N ALA A 126 -11.49 7.02 -9.61
CA ALA A 126 -11.28 6.56 -8.21
C ALA A 126 -12.59 5.97 -7.65
N GLY A 127 -12.56 5.47 -6.44
CA GLY A 127 -13.80 4.88 -5.85
C GLY A 127 -14.30 3.75 -6.74
N GLN A 128 -13.48 3.25 -7.62
CA GLN A 128 -13.91 2.15 -8.52
C GLN A 128 -13.03 0.92 -8.31
N ASN A 129 -13.35 0.10 -7.35
CA ASN A 129 -12.52 -1.12 -7.10
C ASN A 129 -12.14 -1.78 -8.43
N LEU A 130 -10.93 -2.26 -8.54
CA LEU A 130 -10.51 -2.91 -9.81
C LEU A 130 -10.45 -4.44 -9.63
N LYS A 131 -10.26 -5.16 -10.69
CA LYS A 131 -10.20 -6.64 -10.58
C LYS A 131 -8.76 -7.10 -10.35
N PHE A 132 -8.46 -7.62 -9.19
CA PHE A 132 -7.07 -8.08 -8.90
C PHE A 132 -6.99 -9.61 -8.95
N ASN A 133 -6.29 -10.14 -9.92
CA ASN A 133 -6.17 -11.62 -10.01
C ASN A 133 -5.11 -12.13 -9.03
N VAL A 134 -5.10 -13.40 -8.75
CA VAL A 134 -4.09 -13.95 -7.80
C VAL A 134 -3.81 -15.42 -8.11
N GLU A 135 -2.64 -15.89 -7.78
CA GLU A 135 -2.30 -17.32 -8.04
C GLU A 135 -1.27 -17.81 -7.03
N VAL A 136 -1.68 -18.65 -6.11
CA VAL A 136 -0.71 -19.15 -5.09
C VAL A 136 0.18 -20.24 -5.68
N VAL A 137 1.45 -20.21 -5.36
CA VAL A 137 2.38 -21.24 -5.91
C VAL A 137 2.86 -22.18 -4.79
N ALA A 138 3.14 -21.63 -3.64
CA ALA A 138 3.61 -22.50 -2.50
C ALA A 138 3.25 -21.86 -1.16
N ILE A 139 3.27 -22.62 -0.10
CA ILE A 139 2.93 -22.06 1.23
C ILE A 139 3.72 -22.78 2.32
N ARG A 140 4.77 -22.18 2.82
CA ARG A 140 5.58 -22.85 3.87
C ARG A 140 5.62 -21.98 5.13
N GLU A 141 5.70 -22.58 6.28
CA GLU A 141 5.74 -21.79 7.54
C GLU A 141 7.02 -20.95 7.60
N ALA A 142 7.05 -19.94 8.44
CA ALA A 142 8.27 -19.09 8.54
C ALA A 142 8.98 -19.33 9.87
N THR A 143 10.28 -19.25 9.88
CA THR A 143 11.03 -19.48 11.15
C THR A 143 10.85 -18.28 12.09
N GLU A 144 11.52 -18.28 13.21
CA GLU A 144 11.39 -17.14 14.16
C GLU A 144 11.91 -15.85 13.52
N GLU A 145 12.92 -15.95 12.69
CA GLU A 145 13.46 -14.73 12.04
C GLU A 145 12.51 -14.23 10.96
N GLU A 146 11.85 -15.13 10.26
CA GLU A 146 10.91 -14.69 9.21
C GLU A 146 9.81 -13.81 9.82
N LEU A 147 9.22 -14.26 10.89
CA LEU A 147 8.16 -13.45 11.55
C LEU A 147 8.79 -12.26 12.28
N ALA A 148 10.05 -12.38 12.62
CA ALA A 148 10.73 -11.26 13.33
C ALA A 148 10.77 -10.02 12.45
N HIS A 149 11.27 -10.16 11.25
CA HIS A 149 11.33 -8.99 10.33
C HIS A 149 9.98 -8.83 9.64
N GLY A 150 9.07 -9.74 9.89
CA GLY A 150 7.73 -9.65 9.25
C GLY A 150 7.68 -10.57 8.03
N HIS A 151 8.80 -10.82 7.42
CA HIS A 151 8.80 -11.72 6.22
C HIS A 151 10.22 -12.25 5.97
N VAL A 152 10.39 -13.05 4.96
CA VAL A 152 11.75 -13.60 4.65
C VAL A 152 12.36 -12.86 3.46
N HIS A 153 13.63 -12.57 3.53
CA HIS A 153 14.29 -11.84 2.40
C HIS A 153 13.58 -10.52 2.12
N GLY A 154 14.27 -9.42 2.30
CA GLY A 154 13.63 -8.09 2.05
C GLY A 154 13.05 -7.55 3.35
N ALA A 155 13.35 -6.32 3.67
CA ALA A 155 12.82 -5.73 4.94
C ALA A 155 12.10 -4.41 4.63
N HIS A 156 11.19 -4.02 5.48
CA HIS A 156 10.45 -2.74 5.25
C HIS A 156 11.41 -1.55 5.35
N ASP A 157 12.19 -1.50 6.40
CA ASP A 157 13.15 -0.36 6.55
C ASP A 157 14.41 -0.62 5.74
N HIS A 158 14.65 -1.84 5.37
CA HIS A 158 15.88 -2.15 4.57
C HIS A 158 15.50 -2.48 3.13
N HIS A 159 16.47 -2.72 2.29
CA HIS A 159 16.16 -3.05 0.86
C HIS A 159 15.42 -1.89 0.20
N HIS A 160 15.73 -1.61 -1.03
CA HIS A 160 15.04 -0.48 -1.74
C HIS A 160 13.99 -1.03 -2.69
N ASP A 161 12.78 -1.22 -2.21
CA ASP A 161 11.70 -1.75 -3.09
C ASP A 161 10.48 -0.84 -3.04
N HIS A 162 10.60 0.36 -3.54
CA HIS A 162 9.44 1.30 -3.52
C HIS A 162 9.30 2.02 -4.87
N ASP A 163 10.25 2.85 -5.21
CA ASP A 163 10.18 3.56 -6.51
C ASP A 163 11.44 4.41 -6.73
N HIS A 164 12.55 3.97 -6.21
CA HIS A 164 13.81 4.75 -6.38
C HIS A 164 14.91 3.85 -6.96
N ASP A 165 14.64 2.58 -7.10
CA ASP A 165 15.67 1.66 -7.65
C ASP A 165 16.86 1.55 -6.68
N GLY A 166 17.59 2.62 -6.52
CA GLY A 166 18.76 2.58 -5.60
C GLY A 166 20.06 2.57 -6.40
N CYS A 167 21.15 2.22 -5.79
CA CYS A 167 22.45 2.19 -6.53
C CYS A 167 22.86 3.60 -6.95
N CYS A 168 22.05 4.25 -7.74
CA CYS A 168 22.39 5.63 -8.18
C CYS A 168 21.12 6.42 -8.49
N GLY A 169 20.12 6.31 -7.65
CA GLY A 169 18.85 7.05 -7.90
C GLY A 169 19.07 8.54 -7.65
N GLY A 170 18.03 9.31 -7.58
CA GLY A 170 18.18 10.77 -7.35
C GLY A 170 18.20 11.05 -5.85
N HIS A 171 18.89 10.24 -5.09
CA HIS A 171 18.94 10.45 -3.61
C HIS A 171 19.44 11.87 -3.31
N GLY A 172 18.54 12.81 -3.21
CA GLY A 172 18.96 14.22 -2.91
C GLY A 172 17.73 15.11 -2.80
N HIS A 173 17.77 16.08 -1.94
CA HIS A 173 16.60 16.99 -1.78
C HIS A 173 16.10 17.44 -3.16
N ASP A 174 14.92 17.03 -3.54
CA ASP A 174 14.37 17.44 -4.87
C ASP A 174 13.41 18.61 -4.70
N HIS A 175 12.32 18.39 -4.01
CA HIS A 175 11.34 19.51 -3.81
C HIS A 175 12.06 20.80 -3.45
N GLY A 176 12.27 21.66 -4.40
CA GLY A 176 12.97 22.95 -4.11
C GLY A 176 12.38 24.06 -4.98
N HIS A 177 11.09 24.05 -5.18
CA HIS A 177 10.46 25.10 -6.02
C HIS A 177 8.96 24.87 -6.13
N GLU A 178 8.15 25.76 -5.61
CA GLU A 178 6.68 25.59 -5.69
C GLU A 178 5.99 26.94 -5.87
N HIS A 179 6.57 27.81 -6.65
CA HIS A 179 5.94 29.14 -6.86
C HIS A 179 4.80 29.04 -7.89
N GLY A 180 5.01 28.28 -8.93
CA GLY A 180 3.93 28.14 -9.96
C GLY A 180 4.55 27.61 -11.26
N GLY A 181 4.16 26.44 -11.69
CA GLY A 181 4.72 25.88 -12.95
C GLY A 181 3.74 24.85 -13.53
N GLU A 182 2.48 24.99 -13.24
CA GLU A 182 1.49 24.02 -13.78
C GLU A 182 1.89 22.59 -13.41
N GLY A 183 1.22 22.01 -12.45
CA GLY A 183 1.58 20.61 -12.04
C GLY A 183 2.36 20.64 -10.73
N CYS A 184 2.08 21.60 -9.88
CA CYS A 184 2.81 21.68 -8.58
C CYS A 184 1.84 21.98 -7.45
N CYS A 185 2.15 21.55 -6.25
CA CYS A 185 1.24 21.81 -5.10
C CYS A 185 1.97 22.60 -4.02
N GLY A 186 1.31 22.90 -2.93
CA GLY A 186 1.97 23.67 -1.85
C GLY A 186 2.17 25.12 -2.30
N GLY A 187 1.42 26.03 -1.75
CA GLY A 187 1.57 27.46 -2.15
C GLY A 187 0.84 28.36 -1.14
N LYS A 188 -0.37 28.03 -0.81
CA LYS A 188 -1.14 28.85 0.17
C LYS A 188 -0.24 29.22 1.36
N GLY A 189 -0.02 30.48 1.57
CA GLY A 189 0.84 30.90 2.72
C GLY A 189 -0.04 31.34 3.88
N ASN A 190 0.52 31.47 5.05
CA ASN A 190 -0.29 31.89 6.23
C ASN A 190 -0.15 33.41 6.44
N GLY A 191 -1.24 34.11 6.43
CA GLY A 191 -1.19 35.59 6.63
C GLY A 191 -0.21 36.20 5.61
N GLY A 192 -0.15 35.64 4.43
CA GLY A 192 0.78 36.20 3.40
C GLY A 192 2.19 36.31 3.99
N CYS A 193 3.04 37.05 3.34
CA CYS A 193 4.43 37.20 3.86
C CYS A 193 5.16 38.34 3.12
N GLY A 194 4.46 39.40 2.82
CA GLY A 194 5.10 40.54 2.11
C GLY A 194 4.21 41.77 2.19
N CYS A 195 4.10 42.52 1.13
CA CYS A 195 3.25 43.74 1.15
C CYS A 195 3.71 44.69 2.26
N HIS A 196 3.34 45.94 2.18
CA HIS A 196 3.75 46.91 3.23
C HIS A 196 3.40 46.38 4.61
N MET A 1 -2.56 -28.42 3.74
CA MET A 1 -2.48 -27.22 4.64
C MET A 1 -2.96 -25.97 3.90
N LYS A 2 -3.44 -24.99 4.62
CA LYS A 2 -3.92 -23.75 3.96
C LYS A 2 -2.97 -22.59 4.25
N VAL A 3 -3.02 -21.55 3.46
CA VAL A 3 -2.11 -20.39 3.69
C VAL A 3 -2.21 -19.94 5.15
N ALA A 4 -1.18 -19.30 5.65
CA ALA A 4 -1.22 -18.83 7.05
C ALA A 4 -0.30 -17.62 7.23
N LYS A 5 -0.58 -16.79 8.21
CA LYS A 5 0.28 -15.60 8.44
C LYS A 5 1.76 -15.99 8.41
N ASP A 6 2.24 -16.62 9.45
CA ASP A 6 3.67 -17.03 9.48
C ASP A 6 3.94 -18.07 8.39
N LEU A 7 3.83 -17.68 7.15
CA LEU A 7 4.09 -18.66 6.04
C LEU A 7 4.30 -17.91 4.72
N VAL A 8 5.51 -17.89 4.23
CA VAL A 8 5.77 -17.19 2.94
C VAL A 8 4.90 -17.77 1.83
N VAL A 9 4.31 -16.95 1.02
CA VAL A 9 3.45 -17.47 -0.09
C VAL A 9 3.61 -16.60 -1.34
N SER A 10 4.01 -17.20 -2.43
CA SER A 10 4.16 -16.42 -3.69
C SER A 10 2.84 -16.40 -4.46
N LEU A 11 2.20 -15.27 -4.54
CA LEU A 11 0.90 -15.20 -5.26
C LEU A 11 1.00 -14.27 -6.47
N ALA A 12 0.94 -14.81 -7.66
CA ALA A 12 1.01 -13.96 -8.88
C ALA A 12 -0.39 -13.52 -9.28
N TYR A 13 -0.56 -12.29 -9.70
CA TYR A 13 -1.91 -11.81 -10.10
C TYR A 13 -1.80 -10.64 -11.08
N GLN A 14 -2.73 -10.54 -11.99
CA GLN A 14 -2.70 -9.42 -12.97
C GLN A 14 -3.76 -8.38 -12.60
N VAL A 15 -3.42 -7.12 -12.65
CA VAL A 15 -4.42 -6.07 -12.29
C VAL A 15 -4.81 -5.26 -13.52
N ARG A 16 -6.08 -5.10 -13.75
CA ARG A 16 -6.54 -4.32 -14.94
C ARG A 16 -7.66 -3.36 -14.53
N THR A 17 -7.63 -2.15 -15.03
CA THR A 17 -8.69 -1.17 -14.67
C THR A 17 -9.91 -1.35 -15.59
N GLU A 18 -11.08 -1.01 -15.10
CA GLU A 18 -12.30 -1.16 -15.94
C GLU A 18 -12.10 -0.51 -17.31
N ASP A 19 -11.22 0.44 -17.40
CA ASP A 19 -10.98 1.12 -18.71
C ASP A 19 -10.34 0.12 -19.70
N GLY A 20 -9.97 -1.04 -19.23
CA GLY A 20 -9.35 -2.04 -20.14
C GLY A 20 -7.84 -1.83 -20.17
N VAL A 21 -7.27 -1.39 -19.08
CA VAL A 21 -5.79 -1.18 -19.05
C VAL A 21 -5.15 -2.02 -17.95
N LEU A 22 -3.92 -2.40 -18.11
CA LEU A 22 -3.25 -3.23 -17.08
C LEU A 22 -2.39 -2.35 -16.16
N VAL A 23 -2.74 -2.26 -14.92
CA VAL A 23 -1.95 -1.41 -13.98
C VAL A 23 -0.77 -2.21 -13.41
N ASP A 24 -1.01 -3.40 -12.97
CA ASP A 24 0.11 -4.23 -12.40
C ASP A 24 -0.07 -5.70 -12.80
N GLU A 25 1.02 -6.41 -12.94
CA GLU A 25 0.92 -7.84 -13.32
C GLU A 25 2.09 -8.63 -12.71
N SER A 26 1.80 -9.67 -11.97
CA SER A 26 2.90 -10.47 -11.35
C SER A 26 2.98 -11.84 -12.02
N PRO A 27 4.05 -12.04 -12.75
CA PRO A 27 4.27 -13.33 -13.45
C PRO A 27 4.64 -14.43 -12.46
N VAL A 28 4.50 -15.67 -12.85
CA VAL A 28 4.84 -16.78 -11.92
C VAL A 28 6.36 -16.87 -11.73
N SER A 29 7.12 -16.32 -12.65
CA SER A 29 8.60 -16.37 -12.51
C SER A 29 9.09 -15.23 -11.61
N ALA A 30 8.26 -14.24 -11.39
CA ALA A 30 8.68 -13.11 -10.52
C ALA A 30 7.50 -12.64 -9.66
N PRO A 31 6.88 -13.59 -9.02
CA PRO A 31 5.71 -13.28 -8.14
C PRO A 31 6.18 -12.60 -6.85
N LEU A 32 5.27 -12.00 -6.13
CA LEU A 32 5.66 -11.32 -4.85
C LEU A 32 5.60 -12.31 -3.69
N ASP A 33 6.71 -12.84 -3.29
CA ASP A 33 6.72 -13.81 -2.15
C ASP A 33 6.73 -13.06 -0.82
N TYR A 34 5.80 -13.36 0.04
CA TYR A 34 5.75 -12.66 1.36
C TYR A 34 4.92 -13.46 2.36
N LEU A 35 4.98 -13.11 3.62
CA LEU A 35 4.18 -13.86 4.63
C LEU A 35 2.74 -13.34 4.65
N HIS A 36 1.78 -14.21 4.85
CA HIS A 36 0.37 -13.77 4.87
C HIS A 36 0.15 -12.77 6.03
N GLY A 37 -0.64 -11.76 5.81
CA GLY A 37 -0.88 -10.77 6.89
C GLY A 37 0.43 -10.11 7.29
N HIS A 38 1.45 -10.26 6.49
CA HIS A 38 2.77 -9.65 6.83
C HIS A 38 3.21 -8.71 5.70
N GLY A 39 2.79 -7.48 5.75
CA GLY A 39 3.18 -6.52 4.67
C GLY A 39 2.02 -5.57 4.38
N SER A 40 0.85 -5.88 4.88
CA SER A 40 -0.33 -5.00 4.62
C SER A 40 -0.67 -5.00 3.13
N LEU A 41 -0.63 -6.14 2.50
CA LEU A 41 -0.96 -6.21 1.04
C LEU A 41 -2.41 -5.76 0.82
N ILE A 42 -3.13 -6.47 -0.02
CA ILE A 42 -4.55 -6.09 -0.29
C ILE A 42 -5.47 -6.79 0.71
N SER A 43 -6.18 -6.04 1.51
CA SER A 43 -7.11 -6.67 2.50
C SER A 43 -8.23 -7.42 1.78
N GLY A 44 -8.84 -6.79 0.81
CA GLY A 44 -9.95 -7.49 0.08
C GLY A 44 -9.43 -8.78 -0.53
N LEU A 45 -8.20 -8.80 -0.96
CA LEU A 45 -7.63 -10.04 -1.56
C LEU A 45 -7.05 -10.94 -0.47
N GLU A 46 -6.48 -10.36 0.55
CA GLU A 46 -5.90 -11.18 1.65
C GLU A 46 -6.93 -12.19 2.14
N THR A 47 -8.08 -11.73 2.57
CA THR A 47 -9.13 -12.67 3.07
C THR A 47 -9.29 -13.83 2.09
N ALA A 48 -9.45 -13.54 0.82
CA ALA A 48 -9.62 -14.63 -0.17
C ALA A 48 -8.39 -15.55 -0.18
N LEU A 49 -7.27 -15.05 0.26
CA LEU A 49 -6.05 -15.90 0.29
C LEU A 49 -6.14 -16.94 1.39
N GLU A 50 -6.68 -16.58 2.52
CA GLU A 50 -6.81 -17.55 3.64
C GLU A 50 -7.73 -18.71 3.23
N GLY A 51 -7.32 -19.92 3.45
CA GLY A 51 -8.17 -21.08 3.07
C GLY A 51 -8.26 -21.17 1.55
N HIS A 52 -7.17 -20.94 0.86
CA HIS A 52 -7.20 -21.02 -0.63
C HIS A 52 -6.60 -22.35 -1.10
N GLU A 53 -5.61 -22.30 -1.95
CA GLU A 53 -4.98 -23.55 -2.44
C GLU A 53 -3.77 -23.24 -3.32
N VAL A 54 -2.68 -23.92 -3.12
CA VAL A 54 -1.47 -23.65 -3.94
C VAL A 54 -1.72 -24.05 -5.39
N GLY A 55 -1.62 -23.11 -6.28
CA GLY A 55 -1.85 -23.42 -7.71
C GLY A 55 -3.28 -23.01 -8.11
N ASP A 56 -4.12 -22.74 -7.15
CA ASP A 56 -5.52 -22.35 -7.47
C ASP A 56 -5.61 -20.83 -7.66
N LYS A 57 -6.31 -20.40 -8.66
CA LYS A 57 -6.44 -18.93 -8.90
C LYS A 57 -7.80 -18.42 -8.40
N PHE A 58 -7.85 -17.23 -7.90
CA PHE A 58 -9.14 -16.68 -7.40
C PHE A 58 -9.32 -15.23 -7.85
N ASP A 59 -10.36 -14.95 -8.58
CA ASP A 59 -10.57 -13.54 -9.05
C ASP A 59 -11.35 -12.75 -7.99
N VAL A 60 -10.82 -11.63 -7.57
CA VAL A 60 -11.54 -10.82 -6.54
C VAL A 60 -11.42 -9.33 -6.89
N ALA A 61 -12.51 -8.68 -7.17
CA ALA A 61 -12.45 -7.23 -7.51
C ALA A 61 -12.24 -6.40 -6.24
N VAL A 62 -11.29 -5.51 -6.26
CA VAL A 62 -11.03 -4.67 -5.05
C VAL A 62 -9.97 -3.61 -5.36
N GLY A 63 -10.13 -2.42 -4.85
CA GLY A 63 -9.13 -1.35 -5.12
C GLY A 63 -9.22 -0.28 -4.03
N ALA A 64 -10.21 0.57 -4.11
CA ALA A 64 -10.36 1.64 -3.08
C ALA A 64 -11.13 1.10 -1.87
N ASN A 65 -11.65 -0.09 -1.98
CA ASN A 65 -12.42 -0.68 -0.85
C ASN A 65 -11.45 -1.26 0.19
N ASP A 66 -10.36 -1.84 -0.25
CA ASP A 66 -9.40 -2.44 0.71
C ASP A 66 -8.01 -2.54 0.06
N ALA A 67 -7.94 -3.13 -1.10
CA ALA A 67 -6.62 -3.27 -1.79
C ALA A 67 -5.78 -2.00 -1.62
N TYR A 68 -6.07 -0.99 -2.39
CA TYR A 68 -5.28 0.28 -2.27
C TYR A 68 -6.08 1.31 -1.47
N GLY A 69 -7.33 1.03 -1.22
CA GLY A 69 -8.17 1.99 -0.43
C GLY A 69 -7.83 3.42 -0.84
N GLN A 70 -7.65 3.66 -2.11
CA GLN A 70 -7.32 5.04 -2.56
C GLN A 70 -5.95 5.46 -1.98
N TYR A 71 -4.91 5.32 -2.74
CA TYR A 71 -3.56 5.70 -2.22
C TYR A 71 -3.34 7.21 -2.36
N ASP A 72 -3.07 7.86 -1.26
CA ASP A 72 -2.84 9.34 -1.31
C ASP A 72 -1.34 9.60 -1.43
N GLU A 73 -0.96 10.67 -2.09
CA GLU A 73 0.48 10.98 -2.24
C GLU A 73 1.10 11.32 -0.88
N ASN A 74 0.30 11.43 0.15
CA ASN A 74 0.84 11.75 1.49
C ASN A 74 1.61 10.54 2.02
N LEU A 75 1.20 9.36 1.64
CA LEU A 75 1.91 8.13 2.11
C LEU A 75 2.69 7.51 0.95
N VAL A 76 3.83 8.05 0.65
CA VAL A 76 4.64 7.49 -0.48
C VAL A 76 4.86 5.99 -0.28
N GLN A 77 5.09 5.28 -1.35
CA GLN A 77 5.29 3.80 -1.23
C GLN A 77 6.68 3.41 -1.74
N ARG A 78 7.06 2.18 -1.56
CA ARG A 78 8.41 1.74 -2.04
C ARG A 78 8.28 0.88 -3.29
N VAL A 79 8.84 1.32 -4.39
CA VAL A 79 8.75 0.54 -5.65
C VAL A 79 10.09 0.53 -6.38
N PRO A 80 10.54 -0.64 -6.74
CA PRO A 80 11.83 -0.78 -7.45
C PRO A 80 11.70 -0.29 -8.89
N LYS A 81 12.81 -0.07 -9.57
CA LYS A 81 12.74 0.41 -10.97
C LYS A 81 12.25 -0.71 -11.90
N ASP A 82 12.07 -1.89 -11.37
CA ASP A 82 11.59 -3.02 -12.21
C ASP A 82 10.33 -2.60 -12.99
N VAL A 83 9.57 -1.68 -12.46
CA VAL A 83 8.34 -1.22 -13.17
C VAL A 83 8.46 0.26 -13.54
N PHE A 84 9.63 0.81 -13.44
CA PHE A 84 9.80 2.25 -13.79
C PHE A 84 9.82 2.44 -15.31
N MET A 85 10.70 1.76 -15.98
CA MET A 85 10.77 1.89 -17.47
C MET A 85 11.23 3.30 -17.86
N GLY A 86 12.48 3.45 -18.20
CA GLY A 86 12.99 4.80 -18.59
C GLY A 86 13.86 5.36 -17.47
N VAL A 87 13.89 4.71 -16.34
CA VAL A 87 14.74 5.21 -15.21
C VAL A 87 16.15 5.54 -15.71
N ASP A 88 17.03 4.58 -15.71
CA ASP A 88 18.42 4.86 -16.19
C ASP A 88 19.09 5.93 -15.32
N GLU A 89 18.48 6.30 -14.23
CA GLU A 89 19.10 7.34 -13.35
C GLU A 89 18.08 7.83 -12.32
N LEU A 90 18.38 7.67 -11.05
CA LEU A 90 17.43 8.13 -9.99
C LEU A 90 18.20 8.75 -8.82
N GLN A 91 17.78 9.89 -8.37
CA GLN A 91 18.48 10.55 -7.23
C GLN A 91 17.49 10.86 -6.11
N VAL A 92 17.87 10.61 -4.88
CA VAL A 92 16.95 10.88 -3.74
C VAL A 92 16.66 12.38 -3.66
N GLY A 93 15.40 12.75 -3.56
CA GLY A 93 15.06 14.20 -3.47
C GLY A 93 14.84 14.76 -4.88
N MET A 94 15.09 13.97 -5.89
CA MET A 94 14.90 14.47 -7.29
C MET A 94 13.52 14.05 -7.81
N ARG A 95 12.90 14.88 -8.61
CA ARG A 95 11.56 14.54 -9.15
C ARG A 95 11.70 13.78 -10.47
N PHE A 96 11.07 12.64 -10.58
CA PHE A 96 11.17 11.86 -11.84
C PHE A 96 9.81 11.78 -12.52
N LEU A 97 9.77 11.42 -13.77
CA LEU A 97 8.47 11.32 -14.50
C LEU A 97 8.19 9.88 -14.90
N ALA A 98 7.05 9.36 -14.55
CA ALA A 98 6.73 7.95 -14.92
C ALA A 98 5.74 7.92 -16.10
N GLU A 99 6.02 7.12 -17.09
CA GLU A 99 5.10 7.04 -18.27
C GLU A 99 4.58 5.61 -18.44
N THR A 100 3.32 5.39 -18.20
CA THR A 100 2.75 4.02 -18.34
C THR A 100 1.60 4.03 -19.35
N ASP A 101 0.98 2.91 -19.57
CA ASP A 101 -0.15 2.85 -20.55
C ASP A 101 -1.37 3.54 -19.96
N GLN A 102 -1.46 3.62 -18.67
CA GLN A 102 -2.64 4.28 -18.03
C GLN A 102 -2.40 5.79 -17.91
N GLY A 103 -1.47 6.31 -18.65
CA GLY A 103 -1.19 7.77 -18.57
C GLY A 103 0.06 8.01 -17.72
N PRO A 104 0.88 8.91 -18.18
CA PRO A 104 2.13 9.24 -17.46
C PRO A 104 1.83 10.04 -16.20
N VAL A 105 2.62 9.86 -15.18
CA VAL A 105 2.37 10.61 -13.91
C VAL A 105 3.70 11.03 -13.27
N PRO A 106 3.75 12.26 -12.85
CA PRO A 106 4.97 12.80 -12.21
C PRO A 106 5.14 12.22 -10.79
N VAL A 107 6.31 11.71 -10.49
CA VAL A 107 6.53 11.12 -9.13
C VAL A 107 7.59 11.92 -8.38
N GLU A 108 7.83 11.59 -7.14
CA GLU A 108 8.87 12.33 -6.36
C GLU A 108 9.78 11.34 -5.61
N ILE A 109 11.03 11.30 -5.97
CA ILE A 109 11.96 10.36 -5.28
C ILE A 109 12.36 10.92 -3.91
N THR A 110 12.20 10.14 -2.87
CA THR A 110 12.57 10.62 -1.52
C THR A 110 13.71 9.76 -0.94
N ALA A 111 13.88 8.57 -1.44
CA ALA A 111 14.96 7.69 -0.92
C ALA A 111 15.28 6.58 -1.93
N VAL A 112 16.20 5.72 -1.60
CA VAL A 112 16.55 4.62 -2.54
C VAL A 112 17.11 3.42 -1.77
N GLU A 113 16.74 2.22 -2.17
CA GLU A 113 17.25 1.02 -1.45
C GLU A 113 17.85 0.03 -2.45
N ASP A 114 18.27 -1.12 -1.99
CA ASP A 114 18.87 -2.12 -2.91
C ASP A 114 17.80 -2.67 -3.87
N ASP A 115 18.06 -2.65 -5.15
CA ASP A 115 17.06 -3.17 -6.12
C ASP A 115 15.67 -2.68 -5.75
N HIS A 116 15.57 -1.55 -5.09
CA HIS A 116 14.24 -1.03 -4.69
C HIS A 116 14.35 0.43 -4.26
N VAL A 117 13.34 1.22 -4.52
CA VAL A 117 13.40 2.65 -4.12
C VAL A 117 12.00 3.16 -3.76
N VAL A 118 11.90 4.34 -3.21
CA VAL A 118 10.57 4.89 -2.84
C VAL A 118 10.23 6.10 -3.71
N VAL A 119 8.97 6.42 -3.85
CA VAL A 119 8.58 7.59 -4.68
C VAL A 119 7.14 8.01 -4.38
N ASP A 120 6.83 9.26 -4.54
CA ASP A 120 5.44 9.74 -4.26
C ASP A 120 4.81 10.28 -5.54
N GLY A 121 3.94 9.51 -6.16
CA GLY A 121 3.30 9.99 -7.42
C GLY A 121 1.78 10.04 -7.21
N ASN A 122 1.09 10.79 -8.04
CA ASN A 122 -0.39 10.88 -7.90
C ASN A 122 -1.08 10.33 -9.15
N HIS A 123 -2.19 9.67 -8.97
CA HIS A 123 -2.92 9.11 -10.15
C HIS A 123 -4.12 9.99 -10.48
N MET A 124 -4.85 9.66 -11.52
CA MET A 124 -6.03 10.48 -11.88
C MET A 124 -6.88 10.75 -10.64
N LEU A 125 -6.84 9.86 -9.68
CA LEU A 125 -7.64 10.07 -8.44
C LEU A 125 -7.54 8.82 -7.55
N ALA A 126 -6.64 8.82 -6.61
CA ALA A 126 -6.50 7.64 -5.71
C ALA A 126 -7.88 7.11 -5.32
N GLY A 127 -8.10 5.83 -5.43
CA GLY A 127 -9.43 5.26 -5.08
C GLY A 127 -10.11 4.73 -6.34
N GLN A 128 -9.34 4.43 -7.35
CA GLN A 128 -9.94 3.90 -8.61
C GLN A 128 -10.07 2.38 -8.52
N ASN A 129 -11.03 1.90 -7.77
CA ASN A 129 -11.22 0.42 -7.62
C ASN A 129 -10.69 -0.33 -8.84
N LEU A 130 -10.05 -1.45 -8.62
CA LEU A 130 -9.51 -2.24 -9.76
C LEU A 130 -9.80 -3.74 -9.56
N LYS A 131 -9.82 -4.50 -10.62
CA LYS A 131 -10.09 -5.96 -10.48
C LYS A 131 -8.87 -6.77 -10.92
N PHE A 132 -8.48 -7.75 -10.17
CA PHE A 132 -7.30 -8.57 -10.55
C PHE A 132 -7.46 -10.01 -10.08
N ASN A 133 -6.91 -10.95 -10.80
CA ASN A 133 -7.02 -12.38 -10.40
C ASN A 133 -5.73 -12.83 -9.69
N VAL A 134 -5.84 -13.46 -8.56
CA VAL A 134 -4.62 -13.90 -7.83
C VAL A 134 -4.46 -15.43 -7.92
N GLU A 135 -3.25 -15.90 -7.89
CA GLU A 135 -3.02 -17.37 -7.98
C GLU A 135 -1.96 -17.79 -6.96
N VAL A 136 -2.29 -18.73 -6.10
CA VAL A 136 -1.29 -19.17 -5.08
C VAL A 136 -0.22 -20.05 -5.73
N VAL A 137 1.03 -19.86 -5.35
CA VAL A 137 2.12 -20.69 -5.95
C VAL A 137 2.71 -21.63 -4.89
N ALA A 138 2.99 -21.13 -3.73
CA ALA A 138 3.57 -22.01 -2.66
C ALA A 138 3.27 -21.44 -1.28
N ILE A 139 3.48 -22.22 -0.25
CA ILE A 139 3.22 -21.72 1.13
C ILE A 139 4.15 -22.42 2.13
N ARG A 140 5.19 -21.76 2.55
CA ARG A 140 6.13 -22.39 3.52
C ARG A 140 6.21 -21.56 4.80
N GLU A 141 6.56 -22.18 5.90
CA GLU A 141 6.66 -21.42 7.18
C GLU A 141 8.01 -20.68 7.26
N ALA A 142 8.11 -19.72 8.12
CA ALA A 142 9.40 -18.96 8.25
C ALA A 142 9.90 -19.02 9.69
N THR A 143 11.19 -18.90 9.88
CA THR A 143 11.75 -18.94 11.25
C THR A 143 11.44 -17.64 11.99
N GLU A 144 11.95 -17.48 13.18
CA GLU A 144 11.68 -16.23 13.94
C GLU A 144 12.15 -15.02 13.13
N GLU A 145 13.31 -15.09 12.55
CA GLU A 145 13.81 -13.94 11.74
C GLU A 145 13.02 -13.83 10.43
N GLU A 146 12.72 -14.95 9.82
CA GLU A 146 11.95 -14.91 8.55
C GLU A 146 10.63 -14.16 8.77
N LEU A 147 9.99 -14.39 9.88
CA LEU A 147 8.71 -13.68 10.17
C LEU A 147 9.00 -12.24 10.57
N ALA A 148 10.24 -11.96 10.90
CA ALA A 148 10.61 -10.57 11.30
C ALA A 148 10.77 -9.69 10.06
N HIS A 149 11.57 -10.12 9.12
CA HIS A 149 11.76 -9.32 7.88
C HIS A 149 10.58 -9.56 6.95
N GLY A 150 9.65 -10.37 7.36
CA GLY A 150 8.46 -10.66 6.50
C GLY A 150 8.90 -11.38 5.23
N HIS A 151 9.72 -12.39 5.36
CA HIS A 151 10.19 -13.13 4.15
C HIS A 151 10.72 -14.51 4.56
N VAL A 152 11.16 -15.28 3.61
CA VAL A 152 11.69 -16.64 3.94
C VAL A 152 13.04 -16.86 3.26
N HIS A 153 13.98 -17.46 3.96
CA HIS A 153 15.32 -17.70 3.35
C HIS A 153 16.02 -16.36 3.07
N GLY A 154 16.61 -15.77 4.07
CA GLY A 154 17.31 -14.47 3.86
C GLY A 154 18.10 -14.12 5.12
N ALA A 155 17.52 -14.27 6.27
CA ALA A 155 18.25 -13.93 7.52
C ALA A 155 19.63 -14.57 7.52
N HIS A 156 20.66 -13.78 7.69
CA HIS A 156 22.05 -14.34 7.69
C HIS A 156 22.21 -15.32 8.85
N ASP A 157 21.58 -15.07 9.95
CA ASP A 157 21.71 -15.98 11.12
C ASP A 157 21.50 -17.44 10.68
N HIS A 158 20.35 -17.75 10.14
CA HIS A 158 20.10 -19.14 9.69
C HIS A 158 20.52 -20.14 10.77
N HIS A 159 19.83 -20.15 11.88
CA HIS A 159 20.20 -21.09 12.97
C HIS A 159 19.32 -22.35 12.91
N HIS A 160 19.77 -23.43 13.48
CA HIS A 160 18.96 -24.68 13.44
C HIS A 160 18.36 -24.89 12.04
N ASP A 161 17.14 -24.48 11.85
CA ASP A 161 16.51 -24.65 10.51
C ASP A 161 16.85 -26.02 9.93
N HIS A 162 16.82 -26.15 8.63
CA HIS A 162 17.15 -27.47 8.00
C HIS A 162 18.42 -27.35 7.16
N ASP A 163 19.53 -27.07 7.79
CA ASP A 163 20.81 -26.92 7.02
C ASP A 163 21.83 -27.97 7.50
N HIS A 164 21.42 -29.21 7.57
CA HIS A 164 22.37 -30.26 8.03
C HIS A 164 21.67 -31.62 8.08
N ASP A 165 20.44 -31.64 8.52
CA ASP A 165 19.69 -32.94 8.60
C ASP A 165 20.34 -33.86 9.62
N GLY A 166 21.55 -34.30 9.37
CA GLY A 166 22.23 -35.20 10.34
C GLY A 166 23.07 -36.22 9.59
N CYS A 167 22.83 -37.49 9.82
CA CYS A 167 23.62 -38.53 9.10
C CYS A 167 25.11 -38.37 9.39
N CYS A 168 25.60 -38.95 10.45
CA CYS A 168 27.04 -38.82 10.77
C CYS A 168 27.56 -40.12 11.41
N GLY A 169 27.08 -40.44 12.58
CA GLY A 169 27.54 -41.70 13.25
C GLY A 169 27.84 -41.40 14.73
N GLY A 170 27.42 -42.29 15.61
CA GLY A 170 27.68 -42.06 17.05
C GLY A 170 27.37 -43.34 17.83
N HIS A 171 28.20 -44.35 17.69
CA HIS A 171 27.95 -45.62 18.42
C HIS A 171 27.67 -45.34 19.91
N GLY A 172 27.03 -46.25 20.58
CA GLY A 172 26.74 -46.03 22.03
C GLY A 172 28.04 -45.84 22.79
N HIS A 173 28.00 -45.10 23.87
CA HIS A 173 29.25 -44.87 24.66
C HIS A 173 29.55 -46.10 25.53
N ASP A 174 30.24 -45.90 26.62
CA ASP A 174 30.58 -47.06 27.50
C ASP A 174 30.73 -46.59 28.96
N HIS A 175 30.58 -47.47 29.89
CA HIS A 175 30.73 -47.08 31.33
C HIS A 175 31.51 -48.14 32.10
N GLY A 176 30.85 -49.13 32.62
CA GLY A 176 31.57 -50.19 33.38
C GLY A 176 30.68 -50.69 34.52
N HIS A 177 30.50 -51.98 34.62
CA HIS A 177 29.64 -52.53 35.71
C HIS A 177 30.35 -53.69 36.41
N GLU A 178 29.94 -54.02 37.60
CA GLU A 178 30.61 -55.15 38.34
C GLU A 178 29.80 -55.52 39.58
N HIS A 179 28.87 -56.42 39.45
CA HIS A 179 28.03 -56.83 40.62
C HIS A 179 27.68 -58.32 40.52
N GLY A 180 27.19 -58.74 39.39
CA GLY A 180 26.82 -60.18 39.24
C GLY A 180 25.41 -60.41 39.80
N GLY A 181 25.32 -61.06 40.94
CA GLY A 181 23.98 -61.30 41.53
C GLY A 181 24.12 -61.62 43.02
N GLU A 182 23.03 -61.74 43.72
CA GLU A 182 23.11 -62.05 45.18
C GLU A 182 24.12 -63.17 45.42
N GLY A 183 25.10 -62.94 46.25
CA GLY A 183 26.12 -63.99 46.52
C GLY A 183 27.32 -63.80 45.61
N CYS A 184 28.23 -62.94 45.98
CA CYS A 184 29.43 -62.72 45.13
C CYS A 184 30.71 -62.95 45.94
N CYS A 185 30.65 -63.81 46.93
CA CYS A 185 31.86 -64.08 47.75
C CYS A 185 32.09 -65.59 47.87
N GLY A 186 31.97 -66.29 46.78
CA GLY A 186 32.18 -67.77 46.83
C GLY A 186 33.66 -68.09 46.58
N GLY A 187 34.07 -68.09 45.34
CA GLY A 187 35.50 -68.39 45.03
C GLY A 187 35.82 -69.82 45.45
N LYS A 188 35.29 -70.79 44.75
CA LYS A 188 35.56 -72.21 45.11
C LYS A 188 35.31 -72.44 46.60
N GLY A 189 35.69 -73.58 47.10
CA GLY A 189 35.48 -73.87 48.55
C GLY A 189 36.09 -72.75 49.40
N ASN A 190 37.36 -72.83 49.68
CA ASN A 190 38.01 -71.76 50.49
C ASN A 190 39.53 -71.98 50.54
N GLY A 191 40.11 -72.40 49.45
CA GLY A 191 41.58 -72.63 49.43
C GLY A 191 41.89 -73.90 48.62
N GLY A 192 40.93 -74.77 48.47
CA GLY A 192 41.16 -76.02 47.69
C GLY A 192 40.97 -75.73 46.20
N CYS A 193 41.25 -76.70 45.36
CA CYS A 193 41.08 -76.48 43.90
C CYS A 193 40.75 -77.81 43.20
N GLY A 194 39.70 -78.46 43.63
CA GLY A 194 39.32 -79.76 42.99
C GLY A 194 39.08 -80.80 44.07
N CYS A 195 38.17 -80.55 44.97
CA CYS A 195 37.90 -81.54 46.05
C CYS A 195 36.47 -82.06 45.93
N HIS A 196 35.76 -81.68 44.90
CA HIS A 196 34.37 -82.15 44.72
C HIS A 196 33.77 -81.58 43.44
N MET A 1 -2.37 -28.21 0.66
CA MET A 1 -2.34 -27.54 1.98
C MET A 1 -2.89 -26.12 1.87
N LYS A 2 -3.30 -25.54 2.96
CA LYS A 2 -3.86 -24.15 2.91
C LYS A 2 -2.78 -23.13 3.29
N VAL A 3 -3.06 -21.87 3.13
CA VAL A 3 -2.03 -20.83 3.48
C VAL A 3 -2.11 -20.50 4.97
N ALA A 4 -0.98 -20.28 5.59
CA ALA A 4 -0.99 -19.94 7.04
C ALA A 4 -0.69 -18.46 7.25
N LYS A 5 -1.05 -17.92 8.38
CA LYS A 5 -0.77 -16.47 8.64
C LYS A 5 0.74 -16.20 8.55
N ASP A 6 1.54 -17.13 8.97
CA ASP A 6 3.02 -16.92 8.91
C ASP A 6 3.65 -17.88 7.91
N LEU A 7 3.11 -17.95 6.72
CA LEU A 7 3.68 -18.86 5.69
C LEU A 7 3.89 -18.11 4.38
N VAL A 8 5.11 -17.90 3.98
CA VAL A 8 5.37 -17.18 2.71
C VAL A 8 4.57 -17.82 1.57
N VAL A 9 3.80 -17.04 0.86
CA VAL A 9 3.00 -17.61 -0.26
C VAL A 9 3.23 -16.81 -1.54
N SER A 10 3.88 -17.39 -2.50
CA SER A 10 4.13 -16.66 -3.78
C SER A 10 2.97 -16.90 -4.74
N LEU A 11 2.34 -15.85 -5.18
CA LEU A 11 1.19 -16.01 -6.12
C LEU A 11 1.18 -14.91 -7.18
N ALA A 12 1.13 -15.27 -8.43
CA ALA A 12 1.11 -14.24 -9.50
C ALA A 12 -0.32 -13.71 -9.66
N TYR A 13 -0.48 -12.50 -10.11
CA TYR A 13 -1.85 -11.95 -10.27
C TYR A 13 -1.88 -10.84 -11.34
N GLN A 14 -2.94 -10.76 -12.08
CA GLN A 14 -3.05 -9.69 -13.12
C GLN A 14 -4.14 -8.70 -12.74
N VAL A 15 -3.88 -7.43 -12.84
CA VAL A 15 -4.93 -6.43 -12.47
C VAL A 15 -5.40 -5.65 -13.69
N ARG A 16 -6.61 -5.17 -13.66
CA ARG A 16 -7.15 -4.39 -14.81
C ARG A 16 -8.16 -3.35 -14.31
N THR A 17 -8.09 -2.15 -14.81
CA THR A 17 -9.06 -1.11 -14.36
C THR A 17 -10.41 -1.30 -15.03
N GLU A 18 -11.47 -0.88 -14.39
CA GLU A 18 -12.83 -1.04 -14.99
C GLU A 18 -12.87 -0.43 -16.39
N ASP A 19 -11.93 0.44 -16.70
CA ASP A 19 -11.91 1.07 -18.04
C ASP A 19 -11.48 0.05 -19.11
N GLY A 20 -11.16 -1.16 -18.69
CA GLY A 20 -10.74 -2.19 -19.66
C GLY A 20 -9.23 -2.05 -19.92
N VAL A 21 -8.50 -1.55 -18.96
CA VAL A 21 -7.03 -1.39 -19.16
C VAL A 21 -6.27 -2.18 -18.09
N LEU A 22 -5.08 -2.62 -18.40
CA LEU A 22 -4.28 -3.40 -17.41
C LEU A 22 -3.18 -2.51 -16.81
N VAL A 23 -3.17 -2.38 -15.51
CA VAL A 23 -2.13 -1.53 -14.85
C VAL A 23 -0.81 -2.31 -14.73
N ASP A 24 -0.86 -3.48 -14.14
CA ASP A 24 0.38 -4.28 -13.98
C ASP A 24 0.03 -5.72 -13.59
N GLU A 25 0.97 -6.62 -13.72
CA GLU A 25 0.70 -8.04 -13.35
C GLU A 25 1.99 -8.71 -12.83
N SER A 26 1.91 -9.96 -12.49
CA SER A 26 3.12 -10.67 -11.97
C SER A 26 3.33 -11.98 -12.74
N PRO A 27 4.48 -12.09 -13.35
CA PRO A 27 4.81 -13.31 -14.12
C PRO A 27 5.12 -14.47 -13.17
N VAL A 28 4.95 -15.69 -13.63
CA VAL A 28 5.24 -16.86 -12.76
C VAL A 28 6.75 -17.01 -12.54
N SER A 29 7.53 -16.31 -13.31
CA SER A 29 9.01 -16.41 -13.15
C SER A 29 9.49 -15.51 -12.01
N ALA A 30 8.63 -14.65 -11.54
CA ALA A 30 9.04 -13.74 -10.42
C ALA A 30 7.82 -13.31 -9.61
N PRO A 31 7.16 -14.29 -9.04
CA PRO A 31 5.95 -14.02 -8.23
C PRO A 31 6.33 -13.40 -6.89
N LEU A 32 5.43 -12.68 -6.27
CA LEU A 32 5.76 -12.04 -4.96
C LEU A 32 5.20 -12.89 -3.81
N ASP A 33 5.86 -12.88 -2.69
CA ASP A 33 5.37 -13.69 -1.53
C ASP A 33 4.41 -12.86 -0.68
N TYR A 34 3.49 -13.49 -0.01
CA TYR A 34 2.53 -12.73 0.85
C TYR A 34 2.41 -13.38 2.22
N LEU A 35 2.17 -12.60 3.25
CA LEU A 35 2.04 -13.18 4.61
C LEU A 35 0.59 -13.03 5.10
N HIS A 36 -0.13 -14.12 5.19
CA HIS A 36 -1.54 -14.05 5.65
C HIS A 36 -1.61 -13.57 7.11
N GLY A 37 -2.66 -12.88 7.46
CA GLY A 37 -2.79 -12.40 8.86
C GLY A 37 -1.65 -11.44 9.20
N HIS A 38 -1.05 -10.86 8.19
CA HIS A 38 0.06 -9.92 8.42
C HIS A 38 -0.20 -8.64 7.65
N GLY A 39 0.83 -7.99 7.25
CA GLY A 39 0.68 -6.72 6.47
C GLY A 39 1.85 -6.57 5.51
N SER A 40 2.32 -7.65 4.95
CA SER A 40 3.46 -7.56 3.99
C SER A 40 3.01 -6.87 2.70
N LEU A 41 1.74 -6.84 2.45
CA LEU A 41 1.23 -6.19 1.20
C LEU A 41 -0.06 -5.43 1.50
N ILE A 42 -1.19 -6.08 1.44
CA ILE A 42 -2.47 -5.39 1.71
C ILE A 42 -3.38 -6.28 2.57
N SER A 43 -3.99 -5.72 3.58
CA SER A 43 -4.89 -6.53 4.44
C SER A 43 -6.14 -6.95 3.67
N GLY A 44 -6.50 -6.20 2.65
CA GLY A 44 -7.71 -6.55 1.86
C GLY A 44 -7.40 -7.74 0.95
N LEU A 45 -6.19 -7.83 0.47
CA LEU A 45 -5.83 -8.97 -0.42
C LEU A 45 -5.46 -10.20 0.42
N GLU A 46 -4.89 -9.99 1.58
CA GLU A 46 -4.50 -11.15 2.44
C GLU A 46 -5.75 -11.96 2.82
N THR A 47 -6.86 -11.30 3.02
CA THR A 47 -8.10 -12.05 3.39
C THR A 47 -8.40 -13.13 2.36
N ALA A 48 -8.10 -12.88 1.11
CA ALA A 48 -8.37 -13.90 0.06
C ALA A 48 -7.21 -14.90 -0.02
N LEU A 49 -6.05 -14.50 0.42
CA LEU A 49 -4.88 -15.44 0.36
C LEU A 49 -5.16 -16.68 1.21
N GLU A 50 -5.62 -16.49 2.41
CA GLU A 50 -5.91 -17.67 3.29
C GLU A 50 -6.94 -18.58 2.62
N GLY A 51 -6.69 -19.86 2.59
CA GLY A 51 -7.66 -20.79 1.95
C GLY A 51 -7.39 -20.88 0.46
N HIS A 52 -6.32 -21.53 0.07
CA HIS A 52 -5.99 -21.65 -1.37
C HIS A 52 -4.95 -22.76 -1.59
N GLU A 53 -5.36 -23.87 -2.13
CA GLU A 53 -4.40 -24.98 -2.37
C GLU A 53 -3.34 -24.55 -3.38
N VAL A 54 -2.26 -25.28 -3.49
CA VAL A 54 -1.20 -24.92 -4.47
C VAL A 54 -1.71 -25.09 -5.89
N GLY A 55 -1.73 -24.02 -6.63
CA GLY A 55 -2.20 -24.10 -8.03
C GLY A 55 -3.62 -23.55 -8.13
N ASP A 56 -4.16 -23.07 -7.04
CA ASP A 56 -5.55 -22.52 -7.07
C ASP A 56 -5.52 -21.04 -7.48
N LYS A 57 -6.42 -20.64 -8.33
CA LYS A 57 -6.45 -19.21 -8.77
C LYS A 57 -7.86 -18.64 -8.63
N PHE A 58 -7.98 -17.48 -8.06
CA PHE A 58 -9.34 -16.86 -7.90
C PHE A 58 -9.29 -15.37 -8.25
N ASP A 59 -10.40 -14.81 -8.65
CA ASP A 59 -10.42 -13.36 -9.00
C ASP A 59 -11.14 -12.56 -7.92
N VAL A 60 -10.53 -11.51 -7.44
CA VAL A 60 -11.18 -10.69 -6.38
C VAL A 60 -10.91 -9.20 -6.62
N ALA A 61 -11.88 -8.37 -6.37
CA ALA A 61 -11.67 -6.91 -6.59
C ALA A 61 -11.20 -6.24 -5.29
N VAL A 62 -10.18 -5.42 -5.36
CA VAL A 62 -9.69 -4.75 -4.12
C VAL A 62 -8.77 -3.58 -4.51
N GLY A 63 -9.27 -2.38 -4.42
CA GLY A 63 -8.43 -1.20 -4.77
C GLY A 63 -8.77 -0.04 -3.83
N ALA A 64 -9.84 0.67 -4.11
CA ALA A 64 -10.22 1.80 -3.22
C ALA A 64 -10.63 1.29 -1.85
N ASN A 65 -10.75 -0.01 -1.70
CA ASN A 65 -11.14 -0.58 -0.38
C ASN A 65 -9.92 -0.66 0.55
N ASP A 66 -8.75 -0.88 0.00
CA ASP A 66 -7.54 -0.97 0.87
C ASP A 66 -6.29 -1.26 0.02
N ALA A 67 -6.45 -1.83 -1.15
CA ALA A 67 -5.26 -2.14 -2.00
C ALA A 67 -4.49 -0.85 -2.29
N TYR A 68 -4.81 -0.18 -3.37
CA TYR A 68 -4.07 1.07 -3.70
C TYR A 68 -5.06 2.15 -4.13
N GLY A 69 -6.33 1.96 -3.88
CA GLY A 69 -7.34 2.98 -4.28
C GLY A 69 -7.60 3.93 -3.11
N GLN A 70 -7.27 3.51 -1.91
CA GLN A 70 -7.50 4.39 -0.73
C GLN A 70 -7.06 5.82 -1.03
N TYR A 71 -6.15 5.99 -1.95
CA TYR A 71 -5.67 7.36 -2.29
C TYR A 71 -6.86 8.32 -2.38
N ASP A 72 -6.69 9.54 -1.95
CA ASP A 72 -7.81 10.52 -2.01
C ASP A 72 -7.33 11.83 -2.65
N GLU A 73 -8.20 12.52 -3.35
CA GLU A 73 -7.80 13.80 -3.99
C GLU A 73 -7.55 14.87 -2.92
N ASN A 74 -8.15 14.72 -1.77
CA ASN A 74 -7.93 15.73 -0.68
C ASN A 74 -6.44 15.97 -0.48
N LEU A 75 -5.61 15.05 -0.88
CA LEU A 75 -4.14 15.23 -0.71
C LEU A 75 -3.56 15.99 -1.90
N VAL A 76 -4.02 17.18 -2.15
CA VAL A 76 -3.49 17.97 -3.30
C VAL A 76 -1.96 18.13 -3.17
N GLN A 77 -1.29 18.29 -4.27
CA GLN A 77 0.19 18.46 -4.21
C GLN A 77 0.58 19.92 -4.48
N ARG A 78 1.70 20.35 -3.98
CA ARG A 78 2.13 21.77 -4.20
C ARG A 78 3.46 21.80 -4.94
N VAL A 79 3.52 22.51 -6.04
CA VAL A 79 4.80 22.58 -6.81
C VAL A 79 5.00 23.99 -7.36
N PRO A 80 6.22 24.46 -7.30
CA PRO A 80 6.55 25.81 -7.80
C PRO A 80 6.55 25.83 -9.33
N LYS A 81 6.39 26.98 -9.92
CA LYS A 81 6.37 27.06 -11.41
C LYS A 81 7.76 26.74 -11.98
N ASP A 82 8.73 26.61 -11.12
CA ASP A 82 10.11 26.30 -11.60
C ASP A 82 10.13 24.92 -12.28
N VAL A 83 9.36 23.99 -11.78
CA VAL A 83 9.34 22.63 -12.39
C VAL A 83 8.20 22.53 -13.41
N PHE A 84 7.72 23.64 -13.89
CA PHE A 84 6.61 23.62 -14.90
C PHE A 84 7.18 23.74 -16.31
N MET A 85 7.76 22.69 -16.82
CA MET A 85 8.33 22.75 -18.20
C MET A 85 7.31 23.36 -19.17
N GLY A 86 6.16 22.73 -19.30
CA GLY A 86 5.13 23.28 -20.23
C GLY A 86 4.34 24.39 -19.52
N VAL A 87 4.95 25.52 -19.31
CA VAL A 87 4.24 26.64 -18.63
C VAL A 87 3.77 27.67 -19.66
N ASP A 88 2.79 27.33 -20.45
CA ASP A 88 2.29 28.29 -21.48
C ASP A 88 1.41 29.34 -20.82
N GLU A 89 1.23 29.26 -19.53
CA GLU A 89 0.38 30.27 -18.83
C GLU A 89 0.16 29.86 -17.37
N LEU A 90 0.62 30.66 -16.45
CA LEU A 90 0.45 30.31 -15.01
C LEU A 90 -0.60 31.23 -14.36
N GLN A 91 -1.84 30.85 -14.41
CA GLN A 91 -2.90 31.70 -13.79
C GLN A 91 -3.71 30.90 -12.77
N VAL A 92 -4.36 31.57 -11.86
CA VAL A 92 -5.17 30.84 -10.84
C VAL A 92 -6.51 30.39 -11.43
N GLY A 93 -6.89 29.16 -11.19
CA GLY A 93 -8.18 28.67 -11.75
C GLY A 93 -7.94 28.01 -13.10
N MET A 94 -6.73 28.06 -13.59
CA MET A 94 -6.43 27.45 -14.91
C MET A 94 -6.17 25.94 -14.75
N ARG A 95 -6.57 25.15 -15.71
CA ARG A 95 -6.34 23.68 -15.61
C ARG A 95 -5.01 23.31 -16.26
N PHE A 96 -4.31 22.36 -15.70
CA PHE A 96 -3.00 21.95 -16.28
C PHE A 96 -3.03 20.46 -16.64
N LEU A 97 -2.06 20.02 -17.41
CA LEU A 97 -2.02 18.57 -17.79
C LEU A 97 -0.59 18.05 -17.75
N ALA A 98 -0.29 17.15 -16.85
CA ALA A 98 1.09 16.61 -16.76
C ALA A 98 1.22 15.36 -17.63
N GLU A 99 1.96 15.45 -18.70
CA GLU A 99 2.13 14.26 -19.59
C GLU A 99 3.38 13.46 -19.18
N THR A 100 3.35 12.85 -18.04
CA THR A 100 4.53 12.05 -17.58
C THR A 100 4.61 10.73 -18.36
N ASP A 101 5.64 9.96 -18.15
CA ASP A 101 5.77 8.66 -18.87
C ASP A 101 4.79 7.64 -18.28
N GLN A 102 4.50 7.74 -17.02
CA GLN A 102 3.55 6.78 -16.39
C GLN A 102 2.14 6.98 -16.96
N GLY A 103 1.94 8.00 -17.74
CA GLY A 103 0.60 8.27 -18.32
C GLY A 103 0.26 9.75 -18.18
N PRO A 104 -0.83 10.13 -18.80
CA PRO A 104 -1.27 11.55 -18.76
C PRO A 104 -1.85 11.88 -17.38
N VAL A 105 -1.21 12.75 -16.64
CA VAL A 105 -1.73 13.12 -15.30
C VAL A 105 -2.43 14.47 -15.34
N PRO A 106 -3.74 14.42 -15.37
CA PRO A 106 -4.54 15.66 -15.42
C PRO A 106 -4.50 16.38 -14.06
N VAL A 107 -4.29 17.66 -14.07
CA VAL A 107 -4.23 18.42 -12.78
C VAL A 107 -5.00 19.74 -12.91
N GLU A 108 -5.18 20.43 -11.82
CA GLU A 108 -5.93 21.72 -11.88
C GLU A 108 -5.34 22.72 -10.87
N ILE A 109 -4.87 23.84 -11.34
CA ILE A 109 -4.29 24.85 -10.41
C ILE A 109 -5.40 25.49 -9.57
N THR A 110 -5.20 25.55 -8.27
CA THR A 110 -6.24 26.17 -7.40
C THR A 110 -5.72 27.46 -6.77
N ALA A 111 -4.43 27.58 -6.61
CA ALA A 111 -3.86 28.81 -6.00
C ALA A 111 -2.38 28.95 -6.37
N VAL A 112 -1.82 30.11 -6.14
CA VAL A 112 -0.38 30.30 -6.48
C VAL A 112 0.38 30.87 -5.27
N GLU A 113 1.14 30.05 -4.59
CA GLU A 113 1.89 30.55 -3.40
C GLU A 113 3.25 31.12 -3.83
N ASP A 114 3.93 31.79 -2.94
CA ASP A 114 5.26 32.36 -3.31
C ASP A 114 6.25 31.24 -3.64
N ASP A 115 6.91 31.33 -4.76
CA ASP A 115 7.89 30.27 -5.14
C ASP A 115 7.27 28.89 -4.94
N HIS A 116 5.98 28.78 -5.13
CA HIS A 116 5.31 27.46 -4.95
C HIS A 116 3.85 27.55 -5.38
N VAL A 117 3.33 26.50 -5.98
CA VAL A 117 1.90 26.53 -6.42
C VAL A 117 1.17 25.29 -5.92
N VAL A 118 -0.12 25.24 -6.09
CA VAL A 118 -0.88 24.05 -5.63
C VAL A 118 -1.84 23.56 -6.71
N VAL A 119 -1.78 22.31 -7.08
CA VAL A 119 -2.67 21.80 -8.14
C VAL A 119 -3.17 20.39 -7.77
N ASP A 120 -4.44 20.13 -7.92
CA ASP A 120 -4.98 18.79 -7.59
C ASP A 120 -4.87 17.85 -8.79
N GLY A 121 -4.83 16.57 -8.55
CA GLY A 121 -4.72 15.60 -9.67
C GLY A 121 -5.25 14.23 -9.23
N ASN A 122 -6.48 13.94 -9.53
CA ASN A 122 -7.05 12.62 -9.12
C ASN A 122 -6.30 11.49 -9.81
N HIS A 123 -6.00 10.43 -9.10
CA HIS A 123 -5.27 9.29 -9.71
C HIS A 123 -6.26 8.29 -10.32
N MET A 124 -5.78 7.41 -11.16
CA MET A 124 -6.69 6.41 -11.79
C MET A 124 -7.15 5.37 -10.75
N LEU A 125 -6.51 5.35 -9.61
CA LEU A 125 -6.90 4.37 -8.57
C LEU A 125 -7.99 4.97 -7.66
N ALA A 126 -7.66 5.98 -6.91
CA ALA A 126 -8.66 6.61 -6.01
C ALA A 126 -9.96 6.87 -6.77
N GLY A 127 -11.04 6.25 -6.36
CA GLY A 127 -12.34 6.46 -7.06
C GLY A 127 -12.52 5.38 -8.13
N GLN A 128 -11.48 4.67 -8.45
CA GLN A 128 -11.60 3.59 -9.48
C GLN A 128 -10.84 2.35 -9.04
N ASN A 129 -11.43 1.54 -8.20
CA ASN A 129 -10.75 0.31 -7.72
C ASN A 129 -10.38 -0.58 -8.92
N LEU A 130 -9.62 -1.62 -8.68
CA LEU A 130 -9.24 -2.53 -9.79
C LEU A 130 -9.37 -4.00 -9.36
N LYS A 131 -9.69 -4.87 -10.28
CA LYS A 131 -9.84 -6.31 -9.91
C LYS A 131 -8.70 -7.12 -10.54
N PHE A 132 -8.16 -8.05 -9.81
CA PHE A 132 -7.05 -8.88 -10.37
C PHE A 132 -7.15 -10.32 -9.88
N ASN A 133 -6.68 -11.26 -10.67
CA ASN A 133 -6.74 -12.69 -10.25
C ASN A 133 -5.47 -13.06 -9.48
N VAL A 134 -5.56 -13.98 -8.57
CA VAL A 134 -4.34 -14.37 -7.79
C VAL A 134 -4.22 -15.90 -7.72
N GLU A 135 -3.05 -16.41 -8.05
CA GLU A 135 -2.86 -17.89 -8.00
C GLU A 135 -1.71 -18.23 -7.04
N VAL A 136 -1.96 -19.01 -6.03
CA VAL A 136 -0.88 -19.37 -5.07
C VAL A 136 0.02 -20.45 -5.67
N VAL A 137 1.31 -20.33 -5.47
CA VAL A 137 2.25 -21.34 -6.03
C VAL A 137 2.90 -22.15 -4.90
N ALA A 138 3.02 -21.57 -3.74
CA ALA A 138 3.65 -22.31 -2.61
C ALA A 138 3.32 -21.65 -1.27
N ILE A 139 3.55 -22.32 -0.18
CA ILE A 139 3.25 -21.72 1.15
C ILE A 139 4.19 -22.31 2.21
N ARG A 140 5.21 -21.59 2.59
CA ARG A 140 6.16 -22.11 3.61
C ARG A 140 6.21 -21.17 4.82
N GLU A 141 6.38 -21.71 6.00
CA GLU A 141 6.43 -20.85 7.21
C GLU A 141 7.63 -19.90 7.13
N ALA A 142 7.44 -18.65 7.50
CA ALA A 142 8.57 -17.68 7.44
C ALA A 142 9.43 -17.80 8.70
N THR A 143 10.62 -17.27 8.66
CA THR A 143 11.50 -17.35 9.87
C THR A 143 11.01 -16.38 10.95
N GLU A 144 11.64 -16.38 12.09
CA GLU A 144 11.21 -15.47 13.18
C GLU A 144 11.20 -14.02 12.68
N GLU A 145 12.19 -13.64 11.92
CA GLU A 145 12.23 -12.24 11.41
C GLU A 145 11.18 -12.05 10.30
N GLU A 146 10.99 -13.03 9.47
CA GLU A 146 9.98 -12.91 8.38
C GLU A 146 8.60 -12.64 9.01
N LEU A 147 8.27 -13.34 10.06
CA LEU A 147 6.95 -13.13 10.70
C LEU A 147 7.02 -11.92 11.65
N ALA A 148 8.21 -11.56 12.06
CA ALA A 148 8.35 -10.39 12.98
C ALA A 148 8.11 -9.09 12.22
N HIS A 149 8.81 -8.90 11.13
CA HIS A 149 8.62 -7.65 10.33
C HIS A 149 7.51 -7.88 9.31
N GLY A 150 7.02 -9.09 9.23
CA GLY A 150 5.93 -9.39 8.26
C GLY A 150 6.51 -9.40 6.84
N HIS A 151 7.50 -10.21 6.60
CA HIS A 151 8.10 -10.25 5.24
C HIS A 151 8.86 -11.57 5.04
N VAL A 152 9.51 -11.73 3.92
CA VAL A 152 10.27 -12.99 3.66
C VAL A 152 11.69 -12.66 3.19
N HIS A 153 12.69 -13.10 3.92
CA HIS A 153 14.09 -12.81 3.52
C HIS A 153 14.31 -11.31 3.41
N GLY A 154 14.84 -10.70 4.43
CA GLY A 154 15.09 -9.23 4.38
C GLY A 154 13.77 -8.48 4.56
N ALA A 155 13.82 -7.25 4.95
CA ALA A 155 12.56 -6.46 5.15
C ALA A 155 12.89 -5.02 5.52
N HIS A 156 12.93 -4.70 6.79
CA HIS A 156 13.23 -3.31 7.21
C HIS A 156 14.75 -3.09 7.26
N ASP A 157 15.52 -4.07 6.83
CA ASP A 157 17.00 -3.92 6.86
C ASP A 157 17.45 -3.02 5.70
N HIS A 158 16.75 -3.06 4.60
CA HIS A 158 17.14 -2.21 3.44
C HIS A 158 16.02 -1.21 3.10
N HIS A 159 16.30 -0.28 2.24
CA HIS A 159 15.24 0.72 1.87
C HIS A 159 14.85 1.55 3.09
N HIS A 160 15.66 2.50 3.46
CA HIS A 160 15.33 3.34 4.64
C HIS A 160 16.08 4.67 4.57
N ASP A 161 16.04 5.33 3.45
CA ASP A 161 16.75 6.63 3.32
C ASP A 161 15.90 7.76 3.88
N HIS A 162 15.32 7.57 5.03
CA HIS A 162 14.47 8.64 5.63
C HIS A 162 15.27 9.42 6.69
N ASP A 163 15.86 8.73 7.62
CA ASP A 163 16.65 9.42 8.68
C ASP A 163 17.52 10.51 8.05
N HIS A 164 17.39 11.73 8.50
CA HIS A 164 18.22 12.83 7.93
C HIS A 164 18.42 13.94 8.97
N ASP A 165 19.50 14.66 8.87
CA ASP A 165 19.76 15.76 9.85
C ASP A 165 18.63 16.79 9.81
N GLY A 166 18.74 17.84 10.59
CA GLY A 166 17.67 18.88 10.58
C GLY A 166 17.82 19.76 11.82
N CYS A 167 17.71 21.05 11.66
CA CYS A 167 17.85 21.97 12.83
C CYS A 167 17.04 23.24 12.60
N CYS A 168 15.85 23.12 12.07
CA CYS A 168 15.01 24.32 11.82
C CYS A 168 14.68 25.02 13.13
N GLY A 169 13.97 26.11 13.08
CA GLY A 169 13.62 26.83 14.33
C GLY A 169 14.45 28.11 14.44
N GLY A 170 14.62 28.81 13.35
CA GLY A 170 15.42 30.06 13.38
C GLY A 170 16.91 29.71 13.45
N HIS A 171 17.76 30.71 13.40
CA HIS A 171 19.23 30.43 13.45
C HIS A 171 19.71 30.48 14.91
N GLY A 172 19.29 29.56 15.72
CA GLY A 172 19.73 29.56 17.14
C GLY A 172 21.25 29.39 17.21
N HIS A 173 21.81 28.69 16.27
CA HIS A 173 23.29 28.49 16.29
C HIS A 173 24.02 29.83 16.20
N ASP A 174 24.93 29.98 15.28
CA ASP A 174 25.66 31.27 15.15
C ASP A 174 24.70 32.45 15.30
N HIS A 175 25.08 33.46 16.03
CA HIS A 175 24.18 34.62 16.22
C HIS A 175 24.63 35.79 15.34
N GLY A 176 23.72 36.65 14.95
CA GLY A 176 24.11 37.80 14.09
C GLY A 176 24.19 39.06 14.94
N HIS A 177 25.27 39.26 15.63
CA HIS A 177 25.41 40.48 16.48
C HIS A 177 25.39 41.74 15.61
N GLU A 178 26.43 41.95 14.85
CA GLU A 178 26.46 43.16 13.96
C GLU A 178 25.27 43.16 13.02
N HIS A 179 24.39 44.12 13.17
CA HIS A 179 23.19 44.18 12.27
C HIS A 179 22.42 45.48 12.51
N GLY A 180 21.48 45.78 11.65
CA GLY A 180 20.69 47.04 11.82
C GLY A 180 21.11 48.05 10.76
N GLY A 181 22.21 47.83 10.11
CA GLY A 181 22.67 48.78 9.06
C GLY A 181 22.98 50.13 9.70
N GLU A 182 23.53 51.05 8.94
CA GLU A 182 23.86 52.40 9.49
C GLU A 182 24.37 52.26 10.93
N GLY A 183 25.10 51.22 11.22
CA GLY A 183 25.63 51.04 12.60
C GLY A 183 27.16 51.21 12.58
N CYS A 184 27.79 50.86 11.50
CA CYS A 184 29.28 51.02 11.43
C CYS A 184 29.63 52.27 10.62
N CYS A 185 28.67 52.91 10.04
CA CYS A 185 28.95 54.13 9.24
C CYS A 185 27.90 55.20 9.51
N GLY A 186 28.25 56.21 10.26
CA GLY A 186 27.26 57.29 10.56
C GLY A 186 27.96 58.43 11.31
N GLY A 187 28.80 59.16 10.63
CA GLY A 187 29.52 60.29 11.30
C GLY A 187 28.62 61.52 11.34
N LYS A 188 27.77 61.68 10.36
CA LYS A 188 26.87 62.85 10.33
C LYS A 188 25.84 62.71 9.20
N GLY A 189 24.78 63.47 9.25
CA GLY A 189 23.73 63.38 8.19
C GLY A 189 23.94 64.50 7.18
N ASN A 190 22.92 64.83 6.43
CA ASN A 190 23.07 65.93 5.42
C ASN A 190 22.70 67.27 6.04
N GLY A 191 21.63 67.32 6.80
CA GLY A 191 21.22 68.60 7.43
C GLY A 191 19.99 68.37 8.30
N GLY A 192 19.98 68.89 9.49
CA GLY A 192 18.81 68.71 10.39
C GLY A 192 18.40 70.05 11.00
N CYS A 193 18.73 71.14 10.34
CA CYS A 193 18.36 72.48 10.87
C CYS A 193 17.27 73.11 10.01
N GLY A 194 16.14 72.47 9.90
CA GLY A 194 15.04 73.04 9.07
C GLY A 194 13.92 73.53 9.98
N CYS A 195 13.97 73.20 11.24
CA CYS A 195 12.90 73.65 12.17
C CYS A 195 13.49 74.60 13.22
N HIS A 196 14.78 74.65 13.34
CA HIS A 196 15.40 75.56 14.34
C HIS A 196 16.81 75.97 13.89
N MET A 1 -1.77 -28.34 3.77
CA MET A 1 -1.77 -27.03 4.49
C MET A 1 -2.28 -25.91 3.57
N LYS A 2 -2.81 -24.86 4.13
CA LYS A 2 -3.32 -23.74 3.29
C LYS A 2 -2.55 -22.46 3.60
N VAL A 3 -2.94 -21.37 3.00
CA VAL A 3 -2.22 -20.09 3.26
C VAL A 3 -2.64 -19.50 4.61
N ALA A 4 -1.69 -19.15 5.43
CA ALA A 4 -2.03 -18.58 6.77
C ALA A 4 -0.97 -17.56 7.19
N LYS A 5 -1.07 -17.05 8.39
CA LYS A 5 -0.06 -16.06 8.87
C LYS A 5 1.30 -16.73 9.05
N ASP A 6 2.37 -15.99 8.94
CA ASP A 6 3.72 -16.60 9.12
C ASP A 6 3.94 -17.70 8.10
N LEU A 7 3.36 -17.57 6.93
CA LEU A 7 3.54 -18.62 5.89
C LEU A 7 3.90 -17.98 4.54
N VAL A 8 5.16 -17.99 4.19
CA VAL A 8 5.56 -17.39 2.89
C VAL A 8 4.70 -17.96 1.77
N VAL A 9 4.08 -17.12 0.99
CA VAL A 9 3.22 -17.63 -0.12
C VAL A 9 3.50 -16.86 -1.41
N SER A 10 4.01 -17.53 -2.41
CA SER A 10 4.30 -16.84 -3.69
C SER A 10 3.12 -17.03 -4.65
N LEU A 11 2.34 -16.00 -4.86
CA LEU A 11 1.17 -16.13 -5.77
C LEU A 11 1.19 -15.03 -6.83
N ALA A 12 1.33 -15.39 -8.08
CA ALA A 12 1.36 -14.36 -9.16
C ALA A 12 -0.06 -13.88 -9.44
N TYR A 13 -0.23 -12.64 -9.82
CA TYR A 13 -1.60 -12.12 -10.11
C TYR A 13 -1.53 -10.92 -11.05
N GLN A 14 -2.54 -10.73 -11.84
CA GLN A 14 -2.55 -9.58 -12.78
C GLN A 14 -3.69 -8.62 -12.42
N VAL A 15 -3.41 -7.35 -12.29
CA VAL A 15 -4.49 -6.38 -11.94
C VAL A 15 -4.79 -5.46 -13.12
N ARG A 16 -5.99 -4.96 -13.19
CA ARG A 16 -6.35 -4.04 -14.31
C ARG A 16 -7.48 -3.10 -13.87
N THR A 17 -7.41 -1.86 -14.27
CA THR A 17 -8.47 -0.90 -13.86
C THR A 17 -9.63 -0.93 -14.86
N GLU A 18 -10.82 -0.62 -14.41
CA GLU A 18 -12.00 -0.65 -15.33
C GLU A 18 -11.68 0.14 -16.61
N ASP A 19 -10.72 1.02 -16.56
CA ASP A 19 -10.38 1.81 -17.76
C ASP A 19 -9.62 0.94 -18.77
N GLY A 20 -9.41 -0.31 -18.44
CA GLY A 20 -8.69 -1.21 -19.38
C GLY A 20 -7.18 -0.99 -19.25
N VAL A 21 -6.72 -0.63 -18.09
CA VAL A 21 -5.26 -0.39 -17.91
C VAL A 21 -4.70 -1.31 -16.82
N LEU A 22 -3.50 -1.80 -16.99
CA LEU A 22 -2.90 -2.71 -15.98
C LEU A 22 -1.93 -1.93 -15.08
N VAL A 23 -2.26 -1.79 -13.82
CA VAL A 23 -1.35 -1.05 -12.90
C VAL A 23 -0.15 -1.91 -12.53
N ASP A 24 -0.34 -3.21 -12.43
CA ASP A 24 0.80 -4.09 -12.08
C ASP A 24 0.44 -5.55 -12.37
N GLU A 25 1.41 -6.36 -12.69
CA GLU A 25 1.13 -7.80 -12.98
C GLU A 25 2.32 -8.67 -12.60
N SER A 26 2.08 -9.79 -11.97
CA SER A 26 3.20 -10.67 -11.56
C SER A 26 3.43 -11.74 -12.63
N PRO A 27 4.69 -12.07 -12.82
CA PRO A 27 5.07 -13.10 -13.82
C PRO A 27 4.68 -14.50 -13.33
N VAL A 28 4.13 -15.31 -14.19
CA VAL A 28 3.73 -16.68 -13.78
C VAL A 28 4.97 -17.49 -13.38
N SER A 29 6.09 -17.21 -13.99
CA SER A 29 7.33 -17.96 -13.64
C SER A 29 7.94 -17.42 -12.34
N ALA A 30 7.53 -16.24 -11.94
CA ALA A 30 8.08 -15.67 -10.67
C ALA A 30 6.96 -15.04 -9.85
N PRO A 31 6.39 -15.83 -8.99
CA PRO A 31 5.28 -15.36 -8.12
C PRO A 31 5.82 -14.43 -7.03
N LEU A 32 4.96 -13.69 -6.39
CA LEU A 32 5.43 -12.76 -5.32
C LEU A 32 5.31 -13.43 -3.95
N ASP A 33 6.37 -14.01 -3.47
CA ASP A 33 6.32 -14.67 -2.13
C ASP A 33 6.53 -13.64 -1.03
N TYR A 34 5.63 -13.59 -0.08
CA TYR A 34 5.77 -12.59 1.02
C TYR A 34 4.93 -13.01 2.23
N LEU A 35 5.14 -12.37 3.35
CA LEU A 35 4.36 -12.73 4.57
C LEU A 35 2.88 -12.37 4.38
N HIS A 36 2.03 -13.36 4.26
CA HIS A 36 0.58 -13.09 4.07
C HIS A 36 -0.10 -12.73 5.39
N GLY A 37 -1.02 -11.80 5.36
CA GLY A 37 -1.71 -11.41 6.62
C GLY A 37 -0.92 -10.30 7.31
N HIS A 38 0.37 -10.27 7.11
CA HIS A 38 1.21 -9.21 7.74
C HIS A 38 2.12 -8.57 6.70
N GLY A 39 1.64 -7.56 6.02
CA GLY A 39 2.48 -6.88 4.99
C GLY A 39 2.56 -7.75 3.74
N SER A 40 1.45 -7.98 3.09
CA SER A 40 1.48 -8.83 1.86
C SER A 40 0.88 -8.06 0.68
N LEU A 41 -0.42 -8.00 0.58
CA LEU A 41 -1.05 -7.26 -0.54
C LEU A 41 -1.98 -6.17 0.00
N ILE A 42 -3.23 -6.48 0.22
CA ILE A 42 -4.18 -5.47 0.75
C ILE A 42 -5.18 -6.12 1.70
N SER A 43 -5.83 -5.35 2.52
CA SER A 43 -6.82 -5.92 3.47
C SER A 43 -7.91 -6.68 2.71
N GLY A 44 -8.13 -6.34 1.47
CA GLY A 44 -9.18 -7.03 0.67
C GLY A 44 -8.58 -8.29 0.02
N LEU A 45 -7.31 -8.27 -0.27
CA LEU A 45 -6.67 -9.46 -0.91
C LEU A 45 -6.24 -10.46 0.17
N GLU A 46 -5.47 -10.04 1.12
CA GLU A 46 -5.02 -10.96 2.20
C GLU A 46 -6.18 -11.85 2.65
N THR A 47 -7.32 -11.27 2.92
CA THR A 47 -8.49 -12.07 3.35
C THR A 47 -8.93 -13.01 2.24
N ALA A 48 -8.69 -12.64 1.01
CA ALA A 48 -9.10 -13.52 -0.12
C ALA A 48 -8.06 -14.63 -0.34
N LEU A 49 -6.85 -14.41 0.09
CA LEU A 49 -5.79 -15.44 -0.08
C LEU A 49 -6.01 -16.59 0.90
N GLU A 50 -6.52 -16.30 2.07
CA GLU A 50 -6.75 -17.37 3.08
C GLU A 50 -7.35 -18.61 2.40
N GLY A 51 -6.85 -19.77 2.72
CA GLY A 51 -7.40 -21.02 2.10
C GLY A 51 -7.06 -21.03 0.62
N HIS A 52 -6.19 -21.91 0.20
CA HIS A 52 -5.82 -21.97 -1.24
C HIS A 52 -4.72 -23.03 -1.46
N GLU A 53 -5.03 -24.05 -2.20
CA GLU A 53 -4.01 -25.12 -2.45
C GLU A 53 -3.08 -24.70 -3.59
N VAL A 54 -1.81 -24.97 -3.47
CA VAL A 54 -0.86 -24.58 -4.55
C VAL A 54 -1.45 -24.93 -5.91
N GLY A 55 -1.62 -23.93 -6.73
CA GLY A 55 -2.19 -24.17 -8.09
C GLY A 55 -3.62 -23.64 -8.14
N ASP A 56 -4.09 -23.04 -7.09
CA ASP A 56 -5.48 -22.50 -7.09
C ASP A 56 -5.44 -20.99 -7.31
N LYS A 57 -6.37 -20.47 -8.08
CA LYS A 57 -6.39 -19.00 -8.34
C LYS A 57 -7.84 -18.53 -8.55
N PHE A 58 -8.08 -17.26 -8.33
CA PHE A 58 -9.47 -16.73 -8.52
C PHE A 58 -9.43 -15.22 -8.75
N ASP A 59 -10.50 -14.65 -9.22
CA ASP A 59 -10.53 -13.19 -9.46
C ASP A 59 -11.17 -12.46 -8.27
N VAL A 60 -10.51 -11.46 -7.73
CA VAL A 60 -11.09 -10.73 -6.57
C VAL A 60 -11.19 -9.24 -6.91
N ALA A 61 -12.37 -8.67 -6.82
CA ALA A 61 -12.54 -7.23 -7.12
C ALA A 61 -12.42 -6.40 -5.84
N VAL A 62 -11.39 -5.60 -5.73
CA VAL A 62 -11.22 -4.77 -4.51
C VAL A 62 -10.42 -3.51 -4.84
N GLY A 63 -11.08 -2.40 -4.98
CA GLY A 63 -10.36 -1.13 -5.29
C GLY A 63 -10.71 -0.07 -4.25
N ALA A 64 -11.89 0.48 -4.33
CA ALA A 64 -12.29 1.52 -3.33
C ALA A 64 -12.88 0.86 -2.08
N ASN A 65 -13.28 -0.38 -2.18
CA ASN A 65 -13.84 -1.08 -0.99
C ASN A 65 -12.73 -1.58 -0.08
N ASP A 66 -11.58 -1.84 -0.63
CA ASP A 66 -10.46 -2.34 0.22
C ASP A 66 -9.17 -2.44 -0.60
N ALA A 67 -8.64 -1.31 -1.02
CA ALA A 67 -7.38 -1.34 -1.83
C ALA A 67 -6.85 0.09 -2.02
N TYR A 68 -6.37 0.41 -3.18
CA TYR A 68 -5.83 1.77 -3.42
C TYR A 68 -6.79 2.58 -4.30
N GLY A 69 -8.07 2.38 -4.13
CA GLY A 69 -9.05 3.12 -4.96
C GLY A 69 -9.37 4.46 -4.28
N GLN A 70 -10.58 4.63 -3.82
CA GLN A 70 -10.94 5.91 -3.16
C GLN A 70 -12.15 5.71 -2.22
N TYR A 71 -13.27 6.30 -2.53
CA TYR A 71 -14.47 6.12 -1.67
C TYR A 71 -15.21 4.85 -2.06
N ASP A 72 -15.77 4.15 -1.10
CA ASP A 72 -16.50 2.90 -1.42
C ASP A 72 -18.01 3.13 -1.32
N GLU A 73 -18.56 3.89 -2.24
CA GLU A 73 -20.03 4.15 -2.21
C GLU A 73 -20.81 2.87 -2.50
N ASN A 74 -20.12 1.81 -2.84
CA ASN A 74 -20.82 0.52 -3.15
C ASN A 74 -21.45 -0.06 -1.88
N LEU A 75 -21.38 0.65 -0.78
CA LEU A 75 -21.99 0.12 0.47
C LEU A 75 -23.46 -0.24 0.26
N VAL A 76 -24.02 0.11 -0.87
CA VAL A 76 -25.45 -0.22 -1.14
C VAL A 76 -25.68 -1.72 -0.95
N GLN A 77 -26.89 -2.10 -0.62
CA GLN A 77 -27.18 -3.55 -0.42
C GLN A 77 -28.41 -3.96 -1.24
N ARG A 78 -28.48 -5.20 -1.63
CA ARG A 78 -29.65 -5.67 -2.43
C ARG A 78 -30.63 -6.45 -1.54
N VAL A 79 -31.81 -5.93 -1.33
CA VAL A 79 -32.79 -6.64 -0.48
C VAL A 79 -34.19 -6.55 -1.11
N PRO A 80 -34.78 -7.70 -1.32
CA PRO A 80 -36.13 -7.76 -1.92
C PRO A 80 -37.19 -7.32 -0.91
N LYS A 81 -38.40 -7.09 -1.35
CA LYS A 81 -39.46 -6.65 -0.41
C LYS A 81 -39.79 -7.76 0.59
N ASP A 82 -39.23 -8.93 0.37
CA ASP A 82 -39.50 -10.06 1.31
C ASP A 82 -38.56 -9.98 2.52
N VAL A 83 -37.84 -8.91 2.65
CA VAL A 83 -36.91 -8.78 3.81
C VAL A 83 -37.31 -7.60 4.69
N PHE A 84 -38.30 -6.84 4.26
CA PHE A 84 -38.75 -5.68 5.08
C PHE A 84 -39.62 -6.15 6.25
N MET A 85 -40.91 -6.16 6.08
CA MET A 85 -41.80 -6.60 7.19
C MET A 85 -43.27 -6.45 6.79
N GLY A 86 -43.67 -5.25 6.44
CA GLY A 86 -45.09 -5.03 6.04
C GLY A 86 -45.14 -4.46 4.63
N VAL A 87 -44.02 -3.97 4.13
CA VAL A 87 -44.01 -3.39 2.75
C VAL A 87 -45.30 -2.62 2.48
N ASP A 88 -45.83 -1.96 3.47
CA ASP A 88 -47.09 -1.19 3.27
C ASP A 88 -46.78 0.16 2.61
N GLU A 89 -45.53 0.47 2.43
CA GLU A 89 -45.18 1.78 1.80
C GLU A 89 -43.84 1.66 1.06
N LEU A 90 -43.63 0.56 0.40
CA LEU A 90 -42.36 0.36 -0.34
C LEU A 90 -42.48 0.94 -1.76
N GLN A 91 -41.70 1.94 -2.06
CA GLN A 91 -41.77 2.55 -3.42
C GLN A 91 -40.64 3.58 -3.60
N VAL A 92 -40.05 3.64 -4.76
CA VAL A 92 -38.95 4.61 -4.99
C VAL A 92 -39.35 5.99 -4.42
N GLY A 93 -38.42 6.67 -3.81
CA GLY A 93 -38.73 8.01 -3.23
C GLY A 93 -38.76 7.93 -1.71
N MET A 94 -38.72 6.74 -1.17
CA MET A 94 -38.75 6.59 0.32
C MET A 94 -37.36 6.23 0.84
N ARG A 95 -36.98 6.77 1.96
CA ARG A 95 -35.63 6.46 2.53
C ARG A 95 -35.75 5.36 3.59
N PHE A 96 -34.91 4.36 3.52
CA PHE A 96 -34.97 3.27 4.53
C PHE A 96 -33.77 3.35 5.47
N LEU A 97 -33.89 2.81 6.66
CA LEU A 97 -32.75 2.86 7.62
C LEU A 97 -32.21 1.45 7.88
N ALA A 98 -30.93 1.33 8.10
CA ALA A 98 -30.35 -0.02 8.36
C ALA A 98 -29.46 0.03 9.60
N GLU A 99 -29.66 -0.88 10.52
CA GLU A 99 -28.82 -0.89 11.75
C GLU A 99 -27.93 -2.15 11.78
N THR A 100 -26.89 -2.16 10.99
CA THR A 100 -25.99 -3.35 10.97
C THR A 100 -25.21 -3.44 12.28
N ASP A 101 -24.63 -4.58 12.56
CA ASP A 101 -23.84 -4.72 13.82
C ASP A 101 -22.56 -3.90 13.74
N GLN A 102 -22.18 -3.48 12.56
CA GLN A 102 -20.94 -2.68 12.41
C GLN A 102 -21.26 -1.18 12.51
N GLY A 103 -22.45 -0.85 12.94
CA GLY A 103 -22.82 0.59 13.06
C GLY A 103 -24.11 0.84 12.29
N PRO A 104 -24.86 1.80 12.77
CA PRO A 104 -26.15 2.15 12.11
C PRO A 104 -25.89 2.89 10.78
N VAL A 105 -26.48 2.42 9.73
CA VAL A 105 -26.28 3.09 8.41
C VAL A 105 -27.59 3.11 7.62
N PRO A 106 -28.09 4.29 7.41
CA PRO A 106 -29.36 4.45 6.65
C PRO A 106 -29.13 4.20 5.16
N VAL A 107 -30.19 3.97 4.41
CA VAL A 107 -30.02 3.70 2.96
C VAL A 107 -31.03 4.52 2.16
N GLU A 108 -31.04 4.39 0.86
CA GLU A 108 -32.00 5.17 0.03
C GLU A 108 -32.61 4.27 -1.05
N ILE A 109 -33.90 4.25 -1.16
CA ILE A 109 -34.55 3.40 -2.19
C ILE A 109 -34.51 4.09 -3.55
N THR A 110 -33.60 3.70 -4.40
CA THR A 110 -33.51 4.33 -5.74
C THR A 110 -34.40 3.59 -6.75
N ALA A 111 -34.57 2.31 -6.57
CA ALA A 111 -35.43 1.53 -7.51
C ALA A 111 -36.01 0.30 -6.81
N VAL A 112 -37.23 -0.03 -7.10
CA VAL A 112 -37.85 -1.21 -6.44
C VAL A 112 -38.34 -2.21 -7.51
N GLU A 113 -37.82 -3.40 -7.48
CA GLU A 113 -38.24 -4.43 -8.48
C GLU A 113 -39.18 -5.45 -7.83
N ASP A 114 -39.86 -6.22 -8.64
CA ASP A 114 -40.79 -7.25 -8.07
C ASP A 114 -40.00 -8.26 -7.23
N ASP A 115 -40.44 -8.54 -6.04
CA ASP A 115 -39.73 -9.53 -5.18
C ASP A 115 -38.23 -9.18 -5.11
N HIS A 116 -37.89 -7.95 -5.40
CA HIS A 116 -36.45 -7.55 -5.35
C HIS A 116 -36.33 -6.02 -5.34
N VAL A 117 -35.52 -5.50 -4.47
CA VAL A 117 -35.35 -4.02 -4.39
C VAL A 117 -33.88 -3.67 -4.13
N VAL A 118 -33.51 -2.44 -4.38
CA VAL A 118 -32.09 -2.04 -4.13
C VAL A 118 -32.03 -0.65 -3.49
N VAL A 119 -31.50 -0.56 -2.31
CA VAL A 119 -31.41 0.77 -1.62
C VAL A 119 -29.94 1.20 -1.51
N ASP A 120 -29.65 2.43 -1.84
CA ASP A 120 -28.24 2.90 -1.75
C ASP A 120 -28.20 4.40 -1.42
N GLY A 121 -27.21 4.82 -0.68
CA GLY A 121 -27.10 6.27 -0.33
C GLY A 121 -25.94 6.90 -1.09
N ASN A 122 -25.03 6.08 -1.56
CA ASN A 122 -23.87 6.63 -2.33
C ASN A 122 -23.86 6.07 -3.75
N HIS A 123 -22.93 6.49 -4.56
CA HIS A 123 -22.87 5.98 -5.96
C HIS A 123 -22.40 4.51 -5.97
N MET A 124 -22.96 3.72 -6.83
CA MET A 124 -22.54 2.28 -6.89
C MET A 124 -21.21 2.15 -7.63
N LEU A 125 -20.76 3.20 -8.25
CA LEU A 125 -19.46 3.14 -8.98
C LEU A 125 -18.35 2.61 -8.07
N ALA A 126 -17.97 3.35 -7.08
CA ALA A 126 -16.90 2.89 -6.15
C ALA A 126 -17.16 1.43 -5.72
N GLY A 127 -16.27 0.86 -4.96
CA GLY A 127 -16.47 -0.55 -4.52
C GLY A 127 -15.64 -1.48 -5.39
N GLN A 128 -15.49 -1.16 -6.65
CA GLN A 128 -14.69 -2.03 -7.56
C GLN A 128 -13.75 -1.17 -8.42
N ASN A 129 -12.74 -0.61 -7.82
CA ASN A 129 -11.79 0.23 -8.61
C ASN A 129 -10.60 -0.60 -9.09
N LEU A 130 -10.33 -1.70 -8.45
CA LEU A 130 -9.18 -2.55 -8.87
C LEU A 130 -9.60 -4.02 -8.96
N LYS A 131 -9.21 -4.69 -10.02
CA LYS A 131 -9.58 -6.12 -10.17
C LYS A 131 -8.35 -6.94 -10.59
N PHE A 132 -8.00 -7.92 -9.81
CA PHE A 132 -6.80 -8.75 -10.17
C PHE A 132 -6.99 -10.19 -9.71
N ASN A 133 -6.55 -11.14 -10.50
CA ASN A 133 -6.69 -12.57 -10.10
C ASN A 133 -5.39 -13.06 -9.45
N VAL A 134 -5.47 -13.61 -8.28
CA VAL A 134 -4.23 -14.09 -7.60
C VAL A 134 -4.22 -15.63 -7.54
N GLU A 135 -3.07 -16.22 -7.75
CA GLU A 135 -2.97 -17.71 -7.70
C GLU A 135 -1.86 -18.12 -6.73
N VAL A 136 -2.18 -18.91 -5.75
CA VAL A 136 -1.13 -19.34 -4.77
C VAL A 136 -0.25 -20.43 -5.38
N VAL A 137 1.04 -20.35 -5.18
CA VAL A 137 1.95 -21.39 -5.74
C VAL A 137 2.55 -22.23 -4.63
N ALA A 138 2.71 -21.67 -3.45
CA ALA A 138 3.30 -22.44 -2.33
C ALA A 138 3.04 -21.75 -0.99
N ILE A 139 3.24 -22.44 0.10
CA ILE A 139 3.00 -21.82 1.43
C ILE A 139 3.94 -22.43 2.48
N ARG A 140 4.99 -21.73 2.82
CA ARG A 140 5.95 -22.28 3.83
C ARG A 140 5.99 -21.37 5.06
N GLU A 141 6.30 -21.92 6.21
CA GLU A 141 6.34 -21.09 7.44
C GLU A 141 7.66 -20.31 7.51
N ALA A 142 7.60 -19.04 7.79
CA ALA A 142 8.85 -18.23 7.88
C ALA A 142 9.41 -18.29 9.30
N THR A 143 10.72 -18.27 9.42
CA THR A 143 11.34 -18.32 10.78
C THR A 143 11.16 -16.97 11.49
N GLU A 144 11.51 -16.90 12.75
CA GLU A 144 11.36 -15.62 13.49
C GLU A 144 12.06 -14.50 12.72
N GLU A 145 13.13 -14.79 12.05
CA GLU A 145 13.86 -13.75 11.28
C GLU A 145 13.02 -13.28 10.09
N GLU A 146 12.41 -14.20 9.40
CA GLU A 146 11.57 -13.82 8.22
C GLU A 146 10.46 -12.86 8.67
N LEU A 147 9.78 -13.20 9.72
CA LEU A 147 8.69 -12.31 10.22
C LEU A 147 9.27 -11.16 11.06
N ALA A 148 10.53 -11.24 11.38
CA ALA A 148 11.15 -10.16 12.19
C ALA A 148 11.21 -8.85 11.40
N HIS A 149 11.75 -8.90 10.22
CA HIS A 149 11.82 -7.67 9.38
C HIS A 149 10.91 -7.81 8.16
N GLY A 150 10.45 -9.00 7.89
CA GLY A 150 9.55 -9.21 6.72
C GLY A 150 10.35 -9.79 5.56
N HIS A 151 10.70 -11.05 5.64
CA HIS A 151 11.48 -11.69 4.54
C HIS A 151 11.36 -13.21 4.62
N VAL A 152 11.93 -13.90 3.68
CA VAL A 152 11.85 -15.39 3.70
C VAL A 152 13.26 -16.00 3.68
N HIS A 153 13.45 -17.08 4.40
CA HIS A 153 14.80 -17.72 4.43
C HIS A 153 15.81 -16.79 5.10
N GLY A 154 15.35 -15.76 5.76
CA GLY A 154 16.29 -14.82 6.43
C GLY A 154 16.68 -13.70 5.45
N ALA A 155 15.81 -12.74 5.27
CA ALA A 155 16.13 -11.62 4.33
C ALA A 155 16.51 -12.17 2.96
N HIS A 156 15.64 -12.02 2.00
CA HIS A 156 15.94 -12.54 0.63
C HIS A 156 17.29 -11.99 0.14
N ASP A 157 17.33 -10.73 -0.19
CA ASP A 157 18.61 -10.14 -0.67
C ASP A 157 19.40 -9.53 0.50
N HIS A 158 18.81 -8.61 1.21
CA HIS A 158 19.52 -7.99 2.37
C HIS A 158 18.66 -6.88 2.98
N HIS A 159 18.34 -5.88 2.22
CA HIS A 159 17.50 -4.77 2.77
C HIS A 159 17.20 -3.74 1.66
N HIS A 160 16.74 -2.58 2.02
CA HIS A 160 16.43 -1.55 1.00
C HIS A 160 15.30 -2.04 0.08
N ASP A 161 14.11 -1.53 0.26
CA ASP A 161 12.98 -1.96 -0.61
C ASP A 161 12.69 -3.46 -0.39
N HIS A 162 12.27 -4.14 -1.42
CA HIS A 162 11.98 -5.60 -1.26
C HIS A 162 13.22 -6.43 -1.58
N ASP A 163 13.65 -6.43 -2.80
CA ASP A 163 14.86 -7.23 -3.18
C ASP A 163 15.25 -6.96 -4.63
N HIS A 164 16.50 -7.03 -4.94
CA HIS A 164 16.94 -6.79 -6.35
C HIS A 164 16.76 -8.05 -7.19
N ASP A 165 15.72 -8.11 -7.98
CA ASP A 165 15.49 -9.31 -8.82
C ASP A 165 15.33 -10.55 -7.94
N GLY A 166 14.13 -11.05 -7.83
CA GLY A 166 13.91 -12.26 -6.98
C GLY A 166 14.61 -13.47 -7.61
N CYS A 167 14.27 -14.66 -7.19
CA CYS A 167 14.92 -15.86 -7.76
C CYS A 167 13.86 -16.81 -8.35
N CYS A 168 13.08 -16.32 -9.27
CA CYS A 168 12.03 -17.19 -9.89
C CYS A 168 11.27 -17.95 -8.80
N GLY A 169 10.51 -18.95 -9.17
CA GLY A 169 9.75 -19.72 -8.16
C GLY A 169 10.17 -21.20 -8.23
N GLY A 170 9.37 -22.07 -7.68
CA GLY A 170 9.72 -23.52 -7.71
C GLY A 170 8.93 -24.21 -8.81
N HIS A 171 9.56 -25.12 -9.52
CA HIS A 171 8.83 -25.82 -10.62
C HIS A 171 9.62 -27.06 -11.07
N GLY A 172 10.90 -26.90 -11.29
CA GLY A 172 11.73 -28.06 -11.73
C GLY A 172 11.49 -28.34 -13.22
N HIS A 173 10.33 -28.83 -13.56
CA HIS A 173 10.04 -29.11 -15.00
C HIS A 173 8.54 -29.33 -15.20
N ASP A 174 7.93 -30.13 -14.37
CA ASP A 174 6.47 -30.39 -14.52
C ASP A 174 5.71 -29.81 -13.33
N HIS A 175 5.08 -28.68 -13.49
CA HIS A 175 4.32 -28.06 -12.37
C HIS A 175 5.22 -27.93 -11.14
N GLY A 176 4.64 -27.93 -9.97
CA GLY A 176 5.46 -27.80 -8.73
C GLY A 176 5.82 -29.19 -8.21
N HIS A 177 5.66 -29.42 -6.93
CA HIS A 177 6.00 -30.76 -6.36
C HIS A 177 5.36 -30.92 -4.98
N GLU A 178 4.07 -30.76 -4.89
CA GLU A 178 3.39 -30.90 -3.58
C GLU A 178 2.16 -31.81 -3.71
N HIS A 179 2.04 -32.51 -4.81
CA HIS A 179 0.86 -33.40 -5.01
C HIS A 179 1.21 -34.83 -4.58
N GLY A 180 2.45 -35.21 -4.73
CA GLY A 180 2.85 -36.60 -4.33
C GLY A 180 1.94 -37.61 -5.04
N GLY A 181 1.71 -37.44 -6.31
CA GLY A 181 0.83 -38.39 -7.05
C GLY A 181 0.18 -37.67 -8.23
N GLU A 182 0.49 -38.08 -9.43
CA GLU A 182 -0.12 -37.41 -10.62
C GLU A 182 -0.14 -38.38 -11.80
N GLY A 183 -1.30 -38.73 -12.28
CA GLY A 183 -1.40 -39.66 -13.44
C GLY A 183 -2.80 -40.27 -13.51
N CYS A 184 -3.46 -40.15 -14.62
CA CYS A 184 -4.83 -40.73 -14.75
C CYS A 184 -5.76 -40.10 -13.69
N CYS A 185 -5.89 -38.80 -13.69
CA CYS A 185 -6.77 -38.13 -12.70
C CYS A 185 -8.13 -38.84 -12.66
N GLY A 186 -8.77 -38.83 -11.52
CA GLY A 186 -10.10 -39.50 -11.41
C GLY A 186 -10.62 -39.39 -9.97
N GLY A 187 -11.40 -38.38 -9.68
CA GLY A 187 -11.92 -38.22 -8.30
C GLY A 187 -13.45 -38.13 -8.34
N LYS A 188 -14.01 -37.13 -7.71
CA LYS A 188 -15.49 -36.98 -7.71
C LYS A 188 -15.88 -35.58 -8.18
N GLY A 189 -14.91 -34.74 -8.44
CA GLY A 189 -15.23 -33.36 -8.90
C GLY A 189 -15.07 -33.27 -10.42
N ASN A 190 -13.93 -33.66 -10.93
CA ASN A 190 -13.72 -33.61 -12.40
C ASN A 190 -14.06 -32.21 -12.94
N GLY A 191 -13.60 -31.19 -12.28
CA GLY A 191 -13.91 -29.80 -12.75
C GLY A 191 -14.89 -29.15 -11.78
N GLY A 192 -14.48 -28.09 -11.13
CA GLY A 192 -15.40 -27.40 -10.17
C GLY A 192 -14.58 -26.71 -9.08
N CYS A 193 -13.74 -25.79 -9.46
CA CYS A 193 -12.91 -25.07 -8.43
C CYS A 193 -13.70 -23.90 -7.84
N GLY A 194 -14.01 -23.97 -6.57
CA GLY A 194 -14.77 -22.86 -5.93
C GLY A 194 -16.12 -23.40 -5.44
N CYS A 195 -16.52 -23.02 -4.25
CA CYS A 195 -17.83 -23.50 -3.72
C CYS A 195 -18.55 -22.37 -2.99
N HIS A 196 -19.84 -22.46 -2.85
CA HIS A 196 -20.61 -21.39 -2.15
C HIS A 196 -20.94 -21.83 -0.71
N MET A 1 -2.34 -27.84 3.44
CA MET A 1 -3.04 -26.92 4.38
C MET A 1 -3.51 -25.66 3.65
N LYS A 2 -4.25 -24.82 4.32
CA LYS A 2 -4.73 -23.57 3.67
C LYS A 2 -3.82 -22.39 4.01
N VAL A 3 -3.76 -21.40 3.17
CA VAL A 3 -2.90 -20.22 3.46
C VAL A 3 -3.16 -19.70 4.87
N ALA A 4 -2.19 -19.10 5.49
CA ALA A 4 -2.40 -18.56 6.87
C ALA A 4 -1.43 -17.41 7.14
N LYS A 5 -1.69 -16.65 8.17
CA LYS A 5 -0.78 -15.51 8.50
C LYS A 5 0.65 -16.01 8.72
N ASP A 6 1.58 -15.11 8.91
CA ASP A 6 2.99 -15.54 9.13
C ASP A 6 3.33 -16.76 8.28
N LEU A 7 2.91 -16.78 7.05
CA LEU A 7 3.20 -17.94 6.17
C LEU A 7 3.67 -17.47 4.80
N VAL A 8 4.94 -17.55 4.53
CA VAL A 8 5.47 -17.11 3.21
C VAL A 8 4.66 -17.76 2.08
N VAL A 9 4.19 -16.98 1.15
CA VAL A 9 3.38 -17.55 0.03
C VAL A 9 3.69 -16.80 -1.27
N SER A 10 4.15 -17.50 -2.26
CA SER A 10 4.46 -16.84 -3.56
C SER A 10 3.28 -16.99 -4.52
N LEU A 11 2.55 -15.94 -4.75
CA LEU A 11 1.38 -16.04 -5.68
C LEU A 11 1.34 -14.83 -6.61
N ALA A 12 1.26 -15.07 -7.90
CA ALA A 12 1.22 -13.94 -8.87
C ALA A 12 -0.22 -13.47 -9.04
N TYR A 13 -0.41 -12.23 -9.42
CA TYR A 13 -1.79 -11.72 -9.60
C TYR A 13 -1.81 -10.55 -10.59
N GLN A 14 -2.77 -10.51 -11.47
CA GLN A 14 -2.84 -9.38 -12.45
C GLN A 14 -3.97 -8.43 -12.09
N VAL A 15 -3.75 -7.16 -12.19
CA VAL A 15 -4.82 -6.17 -11.83
C VAL A 15 -5.11 -5.24 -13.01
N ARG A 16 -6.36 -4.95 -13.26
CA ARG A 16 -6.71 -4.03 -14.38
C ARG A 16 -7.85 -3.11 -13.96
N THR A 17 -7.77 -1.86 -14.32
CA THR A 17 -8.85 -0.90 -13.94
C THR A 17 -9.97 -0.91 -14.98
N GLU A 18 -11.17 -0.61 -14.58
CA GLU A 18 -12.31 -0.61 -15.54
C GLU A 18 -11.99 0.30 -16.74
N ASP A 19 -11.02 1.15 -16.61
CA ASP A 19 -10.66 2.05 -17.74
C ASP A 19 -9.86 1.27 -18.80
N GLY A 20 -9.76 -0.02 -18.65
CA GLY A 20 -8.98 -0.82 -19.65
C GLY A 20 -7.49 -0.57 -19.44
N VAL A 21 -7.08 -0.26 -18.24
CA VAL A 21 -5.64 -0.01 -17.98
C VAL A 21 -5.11 -0.99 -16.93
N LEU A 22 -3.91 -1.45 -17.09
CA LEU A 22 -3.34 -2.41 -16.10
C LEU A 22 -2.32 -1.70 -15.20
N VAL A 23 -2.56 -1.72 -13.91
CA VAL A 23 -1.61 -1.04 -12.97
C VAL A 23 -0.36 -1.91 -12.77
N ASP A 24 -0.56 -3.18 -12.51
CA ASP A 24 0.61 -4.08 -12.30
C ASP A 24 0.14 -5.54 -12.24
N GLU A 25 0.97 -6.46 -12.64
CA GLU A 25 0.57 -7.90 -12.59
C GLU A 25 1.81 -8.78 -12.35
N SER A 26 1.60 -10.04 -12.08
CA SER A 26 2.76 -10.94 -11.83
C SER A 26 2.59 -12.25 -12.62
N PRO A 27 3.43 -12.43 -13.60
CA PRO A 27 3.37 -13.65 -14.43
C PRO A 27 3.90 -14.86 -13.66
N VAL A 28 3.65 -16.04 -14.15
CA VAL A 28 4.13 -17.27 -13.44
C VAL A 28 5.66 -17.25 -13.34
N SER A 29 6.31 -16.56 -14.25
CA SER A 29 7.80 -16.52 -14.21
C SER A 29 8.27 -15.40 -13.28
N ALA A 30 7.36 -14.80 -12.54
CA ALA A 30 7.75 -13.70 -11.61
C ALA A 30 6.67 -13.51 -10.53
N PRO A 31 6.49 -14.54 -9.74
CA PRO A 31 5.48 -14.49 -8.66
C PRO A 31 5.96 -13.57 -7.53
N LEU A 32 5.07 -13.14 -6.68
CA LEU A 32 5.48 -12.24 -5.56
C LEU A 32 5.54 -13.04 -4.24
N ASP A 33 6.72 -13.42 -3.84
CA ASP A 33 6.86 -14.21 -2.57
C ASP A 33 6.92 -13.25 -1.38
N TYR A 34 6.06 -13.42 -0.42
CA TYR A 34 6.09 -12.52 0.76
C TYR A 34 5.34 -13.17 1.94
N LEU A 35 5.57 -12.68 3.13
CA LEU A 35 4.89 -13.27 4.32
C LEU A 35 3.39 -12.95 4.27
N HIS A 36 2.57 -13.94 3.99
CA HIS A 36 1.10 -13.70 3.92
C HIS A 36 0.59 -13.18 5.28
N GLY A 37 -0.37 -12.30 5.27
CA GLY A 37 -0.91 -11.77 6.55
C GLY A 37 -0.25 -10.43 6.86
N HIS A 38 0.93 -10.45 7.41
CA HIS A 38 1.63 -9.17 7.74
C HIS A 38 3.06 -9.18 7.19
N GLY A 39 3.23 -8.79 5.96
CA GLY A 39 4.60 -8.78 5.37
C GLY A 39 4.72 -7.63 4.36
N SER A 40 3.81 -7.55 3.44
CA SER A 40 3.87 -6.45 2.43
C SER A 40 2.79 -6.66 1.36
N LEU A 41 1.67 -7.21 1.73
CA LEU A 41 0.59 -7.44 0.73
C LEU A 41 -0.61 -6.54 1.04
N ILE A 42 -1.70 -6.73 0.35
CA ILE A 42 -2.90 -5.88 0.60
C ILE A 42 -3.88 -6.61 1.52
N SER A 43 -4.62 -5.90 2.31
CA SER A 43 -5.59 -6.55 3.24
C SER A 43 -6.67 -7.29 2.43
N GLY A 44 -7.23 -6.64 1.44
CA GLY A 44 -8.28 -7.30 0.62
C GLY A 44 -7.74 -8.62 0.05
N LEU A 45 -6.55 -8.58 -0.50
CA LEU A 45 -5.97 -9.82 -1.09
C LEU A 45 -5.68 -10.84 0.02
N GLU A 46 -5.25 -10.39 1.16
CA GLU A 46 -4.96 -11.34 2.28
C GLU A 46 -6.19 -12.20 2.58
N THR A 47 -7.34 -11.60 2.65
CA THR A 47 -8.58 -12.38 2.95
C THR A 47 -8.90 -13.32 1.77
N ALA A 48 -9.10 -12.78 0.60
CA ALA A 48 -9.42 -13.63 -0.57
C ALA A 48 -8.39 -14.75 -0.71
N LEU A 49 -7.22 -14.55 -0.18
CA LEU A 49 -6.17 -15.62 -0.28
C LEU A 49 -6.51 -16.79 0.64
N GLU A 50 -7.21 -16.53 1.71
CA GLU A 50 -7.57 -17.63 2.65
C GLU A 50 -8.16 -18.82 1.87
N GLY A 51 -7.74 -20.01 2.19
CA GLY A 51 -8.27 -21.20 1.47
C GLY A 51 -7.95 -21.08 -0.02
N HIS A 52 -6.84 -21.60 -0.45
CA HIS A 52 -6.47 -21.52 -1.89
C HIS A 52 -5.64 -22.73 -2.30
N GLU A 53 -6.25 -23.69 -2.94
CA GLU A 53 -5.48 -24.91 -3.37
C GLU A 53 -4.13 -24.50 -3.94
N VAL A 54 -3.07 -24.81 -3.25
CA VAL A 54 -1.72 -24.44 -3.76
C VAL A 54 -1.61 -24.71 -5.25
N GLY A 55 -1.26 -23.70 -5.99
CA GLY A 55 -1.14 -23.87 -7.46
C GLY A 55 -2.47 -23.51 -8.13
N ASP A 56 -3.43 -23.07 -7.36
CA ASP A 56 -4.76 -22.70 -7.94
C ASP A 56 -4.87 -21.18 -8.06
N LYS A 57 -5.65 -20.70 -8.99
CA LYS A 57 -5.81 -19.23 -9.15
C LYS A 57 -7.29 -18.84 -9.01
N PHE A 58 -7.56 -17.77 -8.32
CA PHE A 58 -8.98 -17.33 -8.15
C PHE A 58 -9.14 -15.87 -8.55
N ASP A 59 -10.33 -15.46 -8.86
CA ASP A 59 -10.55 -14.04 -9.26
C ASP A 59 -11.17 -13.25 -8.11
N VAL A 60 -10.59 -12.14 -7.75
CA VAL A 60 -11.13 -11.32 -6.63
C VAL A 60 -11.20 -9.85 -7.03
N ALA A 61 -12.25 -9.16 -6.67
CA ALA A 61 -12.36 -7.72 -7.03
C ALA A 61 -12.26 -6.85 -5.77
N VAL A 62 -11.25 -6.04 -5.70
CA VAL A 62 -11.08 -5.16 -4.50
C VAL A 62 -10.20 -3.95 -4.85
N GLY A 63 -10.71 -2.77 -4.71
CA GLY A 63 -9.89 -1.56 -5.02
C GLY A 63 -10.18 -0.47 -4.00
N ALA A 64 -11.24 0.25 -4.16
CA ALA A 64 -11.58 1.34 -3.20
C ALA A 64 -11.84 0.72 -1.82
N ASN A 65 -12.07 -0.55 -1.75
CA ASN A 65 -12.32 -1.21 -0.44
C ASN A 65 -11.01 -1.49 0.29
N ASP A 66 -9.96 -1.78 -0.44
CA ASP A 66 -8.65 -2.06 0.21
C ASP A 66 -7.67 -2.67 -0.79
N ALA A 67 -7.14 -1.86 -1.69
CA ALA A 67 -6.16 -2.39 -2.68
C ALA A 67 -5.07 -1.37 -2.96
N TYR A 68 -5.43 -0.25 -3.53
CA TYR A 68 -4.40 0.80 -3.82
C TYR A 68 -5.00 2.19 -3.63
N GLY A 69 -6.22 2.38 -4.03
CA GLY A 69 -6.85 3.73 -3.87
C GLY A 69 -7.41 3.87 -2.46
N GLN A 70 -8.56 3.32 -2.21
CA GLN A 70 -9.15 3.41 -0.84
C GLN A 70 -9.58 4.85 -0.55
N TYR A 71 -10.82 5.04 -0.18
CA TYR A 71 -11.30 6.42 0.14
C TYR A 71 -10.26 7.17 0.99
N ASP A 72 -10.12 8.44 0.78
CA ASP A 72 -9.12 9.23 1.57
C ASP A 72 -9.72 9.61 2.92
N GLU A 73 -9.75 8.71 3.85
CA GLU A 73 -10.32 9.07 5.18
C GLU A 73 -9.41 10.05 5.89
N ASN A 74 -8.14 10.02 5.58
CA ASN A 74 -7.22 10.99 6.22
C ASN A 74 -7.64 12.40 5.79
N LEU A 75 -8.61 12.49 4.94
CA LEU A 75 -9.09 13.81 4.45
C LEU A 75 -7.95 14.53 3.73
N VAL A 76 -7.52 13.99 2.64
CA VAL A 76 -6.41 14.63 1.87
C VAL A 76 -6.76 16.10 1.61
N GLN A 77 -6.29 16.99 2.44
CA GLN A 77 -6.59 18.43 2.24
C GLN A 77 -5.46 19.30 2.82
N ARG A 78 -5.52 20.57 2.60
CA ARG A 78 -4.46 21.47 3.14
C ARG A 78 -4.68 21.70 4.64
N VAL A 79 -3.68 21.50 5.45
CA VAL A 79 -3.84 21.70 6.91
C VAL A 79 -2.48 21.86 7.59
N PRO A 80 -2.46 22.66 8.62
CA PRO A 80 -1.20 22.90 9.38
C PRO A 80 -0.83 21.66 10.21
N LYS A 81 0.37 21.63 10.73
CA LYS A 81 0.78 20.46 11.55
C LYS A 81 0.00 20.43 12.87
N ASP A 82 -0.77 21.44 13.14
CA ASP A 82 -1.56 21.48 14.40
C ASP A 82 -2.35 20.18 14.56
N VAL A 83 -2.64 19.50 13.49
CA VAL A 83 -3.41 18.24 13.59
C VAL A 83 -2.46 17.03 13.55
N PHE A 84 -1.18 17.27 13.67
CA PHE A 84 -0.21 16.15 13.65
C PHE A 84 0.25 15.82 15.08
N MET A 85 -0.56 15.14 15.83
CA MET A 85 -0.16 14.79 17.23
C MET A 85 1.17 14.04 17.24
N GLY A 86 1.36 13.14 16.30
CA GLY A 86 2.63 12.37 16.25
C GLY A 86 3.50 12.88 15.09
N VAL A 87 4.80 12.80 15.23
CA VAL A 87 5.68 13.28 14.12
C VAL A 87 7.14 12.89 14.42
N ASP A 88 7.81 13.63 15.25
CA ASP A 88 9.23 13.31 15.58
C ASP A 88 10.07 13.26 14.30
N GLU A 89 9.56 13.78 13.22
CA GLU A 89 10.32 13.76 11.94
C GLU A 89 9.41 14.13 10.78
N LEU A 90 9.51 15.34 10.28
CA LEU A 90 8.65 15.75 9.14
C LEU A 90 9.37 16.79 8.27
N GLN A 91 10.45 16.40 7.65
CA GLN A 91 11.19 17.36 6.79
C GLN A 91 10.31 17.83 5.62
N VAL A 92 10.15 19.11 5.47
CA VAL A 92 9.29 19.62 4.36
C VAL A 92 9.56 18.83 3.08
N GLY A 93 8.55 18.19 2.55
CA GLY A 93 8.74 17.39 1.30
C GLY A 93 8.96 15.92 1.65
N MET A 94 9.36 15.64 2.85
CA MET A 94 9.59 14.21 3.25
C MET A 94 8.27 13.55 3.62
N ARG A 95 7.95 12.44 2.99
CA ARG A 95 6.67 11.75 3.31
C ARG A 95 6.94 10.53 4.19
N PHE A 96 6.06 10.24 5.11
CA PHE A 96 6.27 9.06 6.00
C PHE A 96 4.99 8.75 6.78
N LEU A 97 4.92 7.60 7.39
CA LEU A 97 3.70 7.23 8.16
C LEU A 97 3.78 7.84 9.57
N ALA A 98 2.94 8.80 9.86
CA ALA A 98 2.96 9.43 11.21
C ALA A 98 2.56 8.40 12.27
N GLU A 99 2.92 8.63 13.50
CA GLU A 99 2.55 7.67 14.58
C GLU A 99 1.83 8.41 15.72
N THR A 100 0.55 8.21 15.83
CA THR A 100 -0.22 8.90 16.91
C THR A 100 -0.89 7.86 17.83
N ASP A 101 -1.26 8.26 19.02
CA ASP A 101 -1.91 7.30 19.96
C ASP A 101 -3.10 6.63 19.27
N GLN A 102 -3.68 7.27 18.30
CA GLN A 102 -4.85 6.66 17.59
C GLN A 102 -4.37 5.77 16.45
N GLY A 103 -3.13 5.33 16.50
CA GLY A 103 -2.61 4.45 15.41
C GLY A 103 -1.82 5.30 14.41
N PRO A 104 -0.94 4.64 13.71
CA PRO A 104 -0.10 5.34 12.70
C PRO A 104 -0.93 5.72 11.48
N VAL A 105 -0.52 6.74 10.78
CA VAL A 105 -1.29 7.17 9.58
C VAL A 105 -0.34 7.61 8.47
N PRO A 106 -0.48 7.00 7.33
CA PRO A 106 0.37 7.33 6.16
C PRO A 106 -0.02 8.70 5.57
N VAL A 107 0.88 9.63 5.56
CA VAL A 107 0.55 10.98 5.01
C VAL A 107 1.77 11.57 4.30
N GLU A 108 1.56 12.49 3.39
CA GLU A 108 2.70 13.11 2.67
C GLU A 108 2.56 14.62 2.64
N ILE A 109 3.60 15.32 2.28
CA ILE A 109 3.54 16.81 2.24
C ILE A 109 3.99 17.32 0.87
N THR A 110 3.13 18.01 0.17
CA THR A 110 3.51 18.52 -1.18
C THR A 110 3.79 20.04 -1.11
N ALA A 111 3.24 20.70 -0.12
CA ALA A 111 3.47 22.17 0.00
C ALA A 111 3.13 22.65 1.41
N VAL A 112 3.59 23.81 1.78
CA VAL A 112 3.29 24.32 3.15
C VAL A 112 3.16 25.85 3.13
N GLU A 113 1.97 26.36 3.29
CA GLU A 113 1.79 27.84 3.28
C GLU A 113 2.24 28.44 4.61
N ASP A 114 2.30 29.74 4.70
CA ASP A 114 2.74 30.40 5.97
C ASP A 114 1.96 29.80 7.15
N ASP A 115 2.65 29.38 8.17
CA ASP A 115 1.95 28.80 9.35
C ASP A 115 0.88 27.81 8.89
N HIS A 116 1.12 27.11 7.82
CA HIS A 116 0.12 26.13 7.32
C HIS A 116 0.80 25.03 6.50
N VAL A 117 0.23 23.86 6.47
CA VAL A 117 0.85 22.75 5.69
C VAL A 117 -0.21 22.05 4.83
N VAL A 118 0.19 21.14 3.99
CA VAL A 118 -0.80 20.43 3.14
C VAL A 118 -0.44 18.95 3.04
N VAL A 119 -1.39 18.07 3.21
CA VAL A 119 -1.09 16.62 3.12
C VAL A 119 -2.14 15.91 2.27
N ASP A 120 -1.72 15.08 1.35
CA ASP A 120 -2.70 14.37 0.49
C ASP A 120 -2.30 12.90 0.33
N GLY A 121 -3.16 12.11 -0.27
CA GLY A 121 -2.83 10.67 -0.45
C GLY A 121 -3.99 9.97 -1.17
N ASN A 122 -4.64 10.67 -2.05
CA ASN A 122 -5.79 10.05 -2.79
C ASN A 122 -5.46 9.94 -4.28
N HIS A 123 -6.30 9.27 -5.03
CA HIS A 123 -6.04 9.13 -6.50
C HIS A 123 -6.93 10.09 -7.29
N MET A 124 -6.78 10.13 -8.58
CA MET A 124 -7.62 11.05 -9.40
C MET A 124 -9.10 10.89 -9.03
N LEU A 125 -9.46 9.77 -8.46
CA LEU A 125 -10.88 9.55 -8.06
C LEU A 125 -11.02 8.24 -7.28
N ALA A 126 -11.18 8.32 -5.99
CA ALA A 126 -11.31 7.08 -5.17
C ALA A 126 -12.65 6.39 -5.49
N GLY A 127 -12.68 5.09 -5.43
CA GLY A 127 -13.95 4.36 -5.72
C GLY A 127 -13.81 3.58 -7.03
N GLN A 128 -12.59 3.41 -7.49
CA GLN A 128 -12.38 2.64 -8.76
C GLN A 128 -12.04 1.19 -8.44
N ASN A 129 -12.99 0.43 -7.97
CA ASN A 129 -12.71 -1.00 -7.64
C ASN A 129 -11.91 -1.65 -8.77
N LEU A 130 -10.82 -2.30 -8.44
CA LEU A 130 -9.98 -2.95 -9.49
C LEU A 130 -10.16 -4.48 -9.43
N LYS A 131 -10.23 -5.12 -10.56
CA LYS A 131 -10.39 -6.60 -10.57
C LYS A 131 -9.06 -7.27 -10.87
N PHE A 132 -8.64 -8.20 -10.05
CA PHE A 132 -7.35 -8.89 -10.28
C PHE A 132 -7.41 -10.34 -9.79
N ASN A 133 -6.73 -11.24 -10.44
CA ASN A 133 -6.76 -12.66 -10.02
C ASN A 133 -5.48 -12.99 -9.23
N VAL A 134 -5.53 -13.99 -8.39
CA VAL A 134 -4.32 -14.36 -7.59
C VAL A 134 -4.13 -15.87 -7.57
N GLU A 135 -2.92 -16.33 -7.75
CA GLU A 135 -2.66 -17.80 -7.75
C GLU A 135 -1.57 -18.14 -6.74
N VAL A 136 -1.88 -18.93 -5.75
CA VAL A 136 -0.85 -19.29 -4.74
C VAL A 136 -0.02 -20.48 -5.22
N VAL A 137 1.27 -20.46 -5.00
CA VAL A 137 2.13 -21.58 -5.45
C VAL A 137 2.67 -22.36 -4.25
N ALA A 138 2.86 -21.71 -3.14
CA ALA A 138 3.38 -22.41 -1.94
C ALA A 138 3.00 -21.65 -0.66
N ILE A 139 3.04 -22.32 0.46
CA ILE A 139 2.69 -21.64 1.74
C ILE A 139 3.52 -22.21 2.89
N ARG A 140 4.53 -21.50 3.31
CA ARG A 140 5.39 -22.00 4.42
C ARG A 140 5.48 -20.94 5.52
N GLU A 141 6.04 -21.30 6.65
CA GLU A 141 6.15 -20.32 7.77
C GLU A 141 7.55 -19.69 7.78
N ALA A 142 7.65 -18.43 8.07
CA ALA A 142 8.99 -17.76 8.10
C ALA A 142 9.67 -18.01 9.45
N THR A 143 10.97 -17.85 9.51
CA THR A 143 11.69 -18.08 10.79
C THR A 143 11.42 -16.91 11.75
N GLU A 144 12.06 -16.92 12.89
CA GLU A 144 11.84 -15.81 13.86
C GLU A 144 12.22 -14.47 13.24
N GLU A 145 13.34 -14.41 12.58
CA GLU A 145 13.76 -13.12 11.95
C GLU A 145 12.88 -12.82 10.74
N GLU A 146 12.50 -13.82 10.01
CA GLU A 146 11.63 -13.60 8.81
C GLU A 146 10.30 -12.98 9.25
N LEU A 147 9.74 -13.48 10.32
CA LEU A 147 8.44 -12.91 10.80
C LEU A 147 8.71 -11.65 11.63
N ALA A 148 9.89 -11.54 12.17
CA ALA A 148 10.23 -10.34 12.98
C ALA A 148 9.92 -9.07 12.20
N HIS A 149 10.45 -8.96 11.01
CA HIS A 149 10.20 -7.76 10.18
C HIS A 149 9.07 -8.05 9.20
N GLY A 150 8.62 -9.26 9.15
CA GLY A 150 7.52 -9.62 8.21
C GLY A 150 8.08 -9.83 6.81
N HIS A 151 8.94 -10.80 6.64
CA HIS A 151 9.52 -11.04 5.29
C HIS A 151 10.10 -12.46 5.21
N VAL A 152 10.16 -13.03 4.04
CA VAL A 152 10.71 -14.40 3.91
C VAL A 152 11.79 -14.43 2.83
N HIS A 153 12.95 -14.95 3.15
CA HIS A 153 14.05 -15.00 2.14
C HIS A 153 14.29 -13.61 1.56
N GLY A 154 15.35 -12.95 1.97
CA GLY A 154 15.64 -11.60 1.44
C GLY A 154 16.46 -10.81 2.46
N ALA A 155 15.85 -9.91 3.17
CA ALA A 155 16.59 -9.10 4.18
C ALA A 155 17.78 -8.39 3.51
N HIS A 156 17.53 -7.30 2.86
CA HIS A 156 18.64 -6.56 2.19
C HIS A 156 19.59 -5.98 3.23
N ASP A 157 19.06 -5.46 4.31
CA ASP A 157 19.93 -4.88 5.37
C ASP A 157 20.60 -5.99 6.17
N HIS A 158 20.01 -7.15 6.23
CA HIS A 158 20.61 -8.27 7.00
C HIS A 158 22.11 -8.40 6.65
N HIS A 159 22.43 -8.68 5.42
CA HIS A 159 23.86 -8.81 5.02
C HIS A 159 24.67 -7.64 5.58
N HIS A 160 24.53 -6.48 4.97
CA HIS A 160 25.31 -5.30 5.46
C HIS A 160 26.75 -5.70 5.78
N ASP A 161 27.57 -5.82 4.77
CA ASP A 161 28.99 -6.20 5.02
C ASP A 161 29.82 -4.97 5.38
N HIS A 162 29.64 -3.89 4.65
CA HIS A 162 30.42 -2.66 4.95
C HIS A 162 31.92 -2.95 4.89
N ASP A 163 32.32 -3.93 4.11
CA ASP A 163 33.76 -4.26 4.02
C ASP A 163 34.15 -4.46 2.55
N HIS A 164 33.49 -5.37 1.87
CA HIS A 164 33.83 -5.61 0.44
C HIS A 164 32.68 -5.16 -0.47
N ASP A 165 32.72 -3.95 -0.94
CA ASP A 165 31.62 -3.45 -1.83
C ASP A 165 32.17 -2.39 -2.79
N GLY A 166 31.90 -2.53 -4.05
CA GLY A 166 32.39 -1.53 -5.05
C GLY A 166 33.50 -2.16 -5.90
N CYS A 167 33.30 -3.38 -6.34
CA CYS A 167 34.34 -4.05 -7.17
C CYS A 167 34.13 -3.69 -8.65
N CYS A 168 35.11 -3.93 -9.47
CA CYS A 168 34.97 -3.60 -10.91
C CYS A 168 34.85 -2.09 -11.10
N GLY A 169 34.94 -1.62 -12.31
CA GLY A 169 34.82 -0.15 -12.56
C GLY A 169 35.97 0.31 -13.46
N GLY A 170 36.77 1.23 -12.99
CA GLY A 170 37.90 1.72 -13.82
C GLY A 170 38.48 2.99 -13.19
N HIS A 171 38.71 2.98 -11.91
CA HIS A 171 39.28 4.19 -11.24
C HIS A 171 40.45 3.80 -10.34
N GLY A 172 41.61 4.35 -10.58
CA GLY A 172 42.78 4.00 -9.73
C GLY A 172 43.77 5.18 -9.71
N HIS A 173 45.04 4.89 -9.67
CA HIS A 173 46.04 5.99 -9.66
C HIS A 173 47.41 5.47 -10.10
N ASP A 174 47.48 4.88 -11.27
CA ASP A 174 48.78 4.33 -11.75
C ASP A 174 48.88 4.47 -13.28
N HIS A 175 48.36 5.54 -13.82
CA HIS A 175 48.41 5.73 -15.29
C HIS A 175 49.03 7.10 -15.63
N GLY A 176 49.67 7.20 -16.76
CA GLY A 176 50.29 8.50 -17.14
C GLY A 176 49.25 9.62 -17.04
N HIS A 177 49.67 10.80 -16.70
CA HIS A 177 48.69 11.94 -16.58
C HIS A 177 48.58 12.68 -17.92
N GLU A 178 47.40 12.74 -18.48
CA GLU A 178 47.23 13.45 -19.77
C GLU A 178 45.75 13.43 -20.19
N HIS A 179 45.14 14.58 -20.27
CA HIS A 179 43.70 14.63 -20.67
C HIS A 179 43.44 15.86 -21.53
N GLY A 180 42.57 15.75 -22.50
CA GLY A 180 42.26 16.92 -23.37
C GLY A 180 43.12 16.85 -24.63
N GLY A 181 43.40 17.98 -25.24
CA GLY A 181 44.23 17.97 -26.47
C GLY A 181 45.30 19.06 -26.36
N GLU A 182 45.48 19.63 -25.20
CA GLU A 182 46.51 20.69 -25.03
C GLU A 182 47.85 20.22 -25.60
N GLY A 183 48.71 21.14 -25.95
CA GLY A 183 50.03 20.75 -26.52
C GLY A 183 50.89 21.99 -26.72
N CYS A 184 51.00 22.82 -25.71
CA CYS A 184 51.83 24.05 -25.85
C CYS A 184 51.37 24.87 -27.06
N CYS A 185 51.89 24.55 -28.21
CA CYS A 185 51.49 25.32 -29.44
C CYS A 185 51.95 26.77 -29.34
N GLY A 186 52.15 27.42 -30.46
CA GLY A 186 52.59 28.85 -30.41
C GLY A 186 52.89 29.31 -31.84
N GLY A 187 54.15 29.50 -32.16
CA GLY A 187 54.50 29.97 -33.53
C GLY A 187 55.84 30.71 -33.49
N LYS A 188 55.98 31.73 -34.29
CA LYS A 188 57.27 32.50 -34.29
C LYS A 188 57.02 33.95 -33.85
N GLY A 189 55.79 34.37 -33.86
CA GLY A 189 55.49 35.78 -33.45
C GLY A 189 54.03 36.10 -33.75
N ASN A 190 53.72 36.43 -34.98
CA ASN A 190 52.31 36.75 -35.34
C ASN A 190 51.82 37.94 -34.52
N GLY A 191 50.62 38.39 -34.77
CA GLY A 191 50.08 39.55 -34.01
C GLY A 191 49.92 39.17 -32.54
N GLY A 192 48.74 39.33 -32.00
CA GLY A 192 48.52 38.97 -30.57
C GLY A 192 49.39 39.86 -29.68
N CYS A 193 50.47 39.34 -29.18
CA CYS A 193 51.37 40.16 -28.31
C CYS A 193 51.97 41.32 -29.11
N GLY A 194 52.63 42.23 -28.45
CA GLY A 194 53.24 43.38 -29.16
C GLY A 194 52.37 44.63 -28.95
N CYS A 195 51.59 44.64 -27.91
CA CYS A 195 50.73 45.84 -27.65
C CYS A 195 49.86 45.59 -26.41
N HIS A 196 50.06 46.37 -25.38
CA HIS A 196 49.25 46.18 -24.14
C HIS A 196 48.93 47.54 -23.51
N MET A 1 -3.31 -28.25 2.49
CA MET A 1 -3.10 -27.09 3.40
C MET A 1 -3.51 -25.79 2.68
N LYS A 2 -3.50 -24.68 3.38
CA LYS A 2 -3.89 -23.39 2.74
C LYS A 2 -2.98 -22.27 3.24
N VAL A 3 -3.26 -21.05 2.84
CA VAL A 3 -2.41 -19.92 3.29
C VAL A 3 -2.89 -19.40 4.64
N ALA A 4 -1.98 -19.13 5.53
CA ALA A 4 -2.38 -18.62 6.88
C ALA A 4 -1.43 -17.51 7.33
N LYS A 5 -1.60 -17.01 8.52
CA LYS A 5 -0.71 -15.92 9.01
C LYS A 5 0.70 -16.47 9.28
N ASP A 6 1.70 -15.66 9.09
CA ASP A 6 3.10 -16.13 9.33
C ASP A 6 3.44 -17.26 8.36
N LEU A 7 2.89 -17.23 7.17
CA LEU A 7 3.20 -18.31 6.18
C LEU A 7 3.62 -17.69 4.85
N VAL A 8 4.81 -18.01 4.40
CA VAL A 8 5.29 -17.44 3.10
C VAL A 8 4.48 -18.02 1.94
N VAL A 9 3.88 -17.19 1.14
CA VAL A 9 3.07 -17.69 0.00
C VAL A 9 3.39 -16.90 -1.27
N SER A 10 4.00 -17.53 -2.24
CA SER A 10 4.34 -16.81 -3.50
C SER A 10 3.17 -16.92 -4.48
N LEU A 11 2.43 -15.86 -4.67
CA LEU A 11 1.27 -15.92 -5.62
C LEU A 11 1.31 -14.72 -6.57
N ALA A 12 1.13 -14.96 -7.85
CA ALA A 12 1.15 -13.83 -8.81
C ALA A 12 -0.24 -13.19 -8.89
N TYR A 13 -0.32 -11.98 -9.35
CA TYR A 13 -1.65 -11.30 -9.44
C TYR A 13 -1.62 -10.20 -10.51
N GLN A 14 -2.65 -10.09 -11.28
CA GLN A 14 -2.69 -9.03 -12.34
C GLN A 14 -3.66 -7.92 -11.93
N VAL A 15 -3.51 -6.74 -12.48
CA VAL A 15 -4.43 -5.63 -12.11
C VAL A 15 -5.02 -5.00 -13.37
N ARG A 16 -6.24 -5.34 -13.70
CA ARG A 16 -6.88 -4.76 -14.91
C ARG A 16 -8.07 -3.88 -14.51
N THR A 17 -8.20 -2.73 -15.08
CA THR A 17 -9.33 -1.83 -14.73
C THR A 17 -10.49 -2.02 -15.71
N GLU A 18 -11.70 -1.78 -15.27
CA GLU A 18 -12.88 -1.96 -16.17
C GLU A 18 -12.62 -1.24 -17.51
N ASP A 19 -11.92 -0.13 -17.47
CA ASP A 19 -11.66 0.60 -18.75
C ASP A 19 -10.89 -0.29 -19.72
N GLY A 20 -10.37 -1.40 -19.24
CA GLY A 20 -9.62 -2.31 -20.15
C GLY A 20 -8.14 -1.97 -20.09
N VAL A 21 -7.66 -1.53 -18.96
CA VAL A 21 -6.22 -1.18 -18.84
C VAL A 21 -5.55 -2.01 -17.74
N LEU A 22 -4.28 -2.28 -17.88
CA LEU A 22 -3.58 -3.09 -16.84
C LEU A 22 -2.79 -2.17 -15.90
N VAL A 23 -3.07 -2.23 -14.63
CA VAL A 23 -2.33 -1.37 -13.66
C VAL A 23 -1.04 -2.04 -13.21
N ASP A 24 -1.01 -3.35 -13.22
CA ASP A 24 0.22 -4.07 -12.78
C ASP A 24 0.04 -5.58 -12.92
N GLU A 25 1.10 -6.30 -13.16
CA GLU A 25 0.99 -7.78 -13.30
C GLU A 25 2.28 -8.45 -12.82
N SER A 26 2.16 -9.39 -11.93
CA SER A 26 3.39 -10.08 -11.42
C SER A 26 3.86 -11.13 -12.43
N PRO A 27 5.14 -11.38 -12.41
CA PRO A 27 5.75 -12.37 -13.33
C PRO A 27 5.38 -13.79 -12.92
N VAL A 28 4.93 -14.59 -13.84
CA VAL A 28 4.56 -16.00 -13.49
C VAL A 28 5.80 -16.82 -13.20
N SER A 29 6.90 -16.52 -13.85
CA SER A 29 8.16 -17.29 -13.61
C SER A 29 8.76 -16.90 -12.25
N ALA A 30 8.13 -16.01 -11.54
CA ALA A 30 8.68 -15.59 -10.21
C ALA A 30 7.57 -15.00 -9.34
N PRO A 31 6.91 -15.86 -8.61
CA PRO A 31 5.81 -15.42 -7.73
C PRO A 31 6.37 -14.67 -6.51
N LEU A 32 5.70 -13.65 -6.06
CA LEU A 32 6.19 -12.88 -4.88
C LEU A 32 5.73 -13.55 -3.59
N ASP A 33 6.63 -14.15 -2.86
CA ASP A 33 6.22 -14.83 -1.59
C ASP A 33 6.34 -13.84 -0.43
N TYR A 34 5.23 -13.47 0.16
CA TYR A 34 5.27 -12.51 1.30
C TYR A 34 4.59 -13.13 2.52
N LEU A 35 4.76 -12.53 3.68
CA LEU A 35 4.12 -13.08 4.91
C LEU A 35 2.62 -12.85 4.86
N HIS A 36 1.85 -13.88 4.69
CA HIS A 36 0.37 -13.72 4.64
C HIS A 36 -0.15 -13.14 5.95
N GLY A 37 -1.20 -12.37 5.91
CA GLY A 37 -1.75 -11.77 7.15
C GLY A 37 -0.90 -10.54 7.53
N HIS A 38 0.34 -10.74 7.87
CA HIS A 38 1.21 -9.59 8.24
C HIS A 38 2.53 -9.65 7.47
N GLY A 39 2.55 -9.08 6.29
CA GLY A 39 3.82 -9.10 5.48
C GLY A 39 3.90 -7.83 4.64
N SER A 40 2.87 -7.52 3.90
CA SER A 40 2.89 -6.28 3.06
C SER A 40 1.68 -6.25 2.13
N LEU A 41 1.41 -7.34 1.45
CA LEU A 41 0.24 -7.37 0.52
C LEU A 41 -0.96 -6.67 1.16
N ILE A 42 -1.58 -5.77 0.45
CA ILE A 42 -2.77 -5.04 1.01
C ILE A 42 -3.52 -5.94 2.01
N SER A 43 -4.01 -5.37 3.07
CA SER A 43 -4.75 -6.19 4.08
C SER A 43 -5.98 -6.82 3.43
N GLY A 44 -6.72 -6.06 2.65
CA GLY A 44 -7.93 -6.62 1.99
C GLY A 44 -7.53 -7.80 1.10
N LEU A 45 -6.43 -7.67 0.39
CA LEU A 45 -5.99 -8.79 -0.50
C LEU A 45 -5.74 -10.05 0.31
N GLU A 46 -5.15 -9.92 1.47
CA GLU A 46 -4.87 -11.11 2.31
C GLU A 46 -6.11 -12.01 2.38
N THR A 47 -7.28 -11.43 2.39
CA THR A 47 -8.53 -12.25 2.45
C THR A 47 -8.59 -13.20 1.25
N ALA A 48 -8.47 -12.68 0.07
CA ALA A 48 -8.52 -13.55 -1.14
C ALA A 48 -7.45 -14.65 -1.05
N LEU A 49 -6.41 -14.41 -0.30
CA LEU A 49 -5.34 -15.44 -0.17
C LEU A 49 -5.62 -16.36 1.01
N GLU A 50 -6.25 -15.85 2.04
CA GLU A 50 -6.55 -16.69 3.23
C GLU A 50 -7.51 -17.83 2.83
N GLY A 51 -7.21 -19.03 3.22
CA GLY A 51 -8.10 -20.17 2.87
C GLY A 51 -8.20 -20.29 1.34
N HIS A 52 -7.09 -20.47 0.68
CA HIS A 52 -7.14 -20.59 -0.80
C HIS A 52 -6.65 -21.99 -1.24
N GLU A 53 -5.68 -22.05 -2.11
CA GLU A 53 -5.18 -23.38 -2.55
C GLU A 53 -3.93 -23.20 -3.43
N VAL A 54 -2.87 -23.89 -3.11
CA VAL A 54 -1.62 -23.76 -3.92
C VAL A 54 -1.86 -24.27 -5.33
N GLY A 55 -1.70 -23.41 -6.30
CA GLY A 55 -1.90 -23.84 -7.71
C GLY A 55 -3.29 -23.41 -8.19
N ASP A 56 -4.06 -22.78 -7.33
CA ASP A 56 -5.42 -22.34 -7.74
C ASP A 56 -5.38 -20.88 -8.22
N LYS A 57 -6.06 -20.59 -9.29
CA LYS A 57 -6.05 -19.19 -9.82
C LYS A 57 -7.49 -18.65 -9.87
N PHE A 58 -7.67 -17.39 -9.58
CA PHE A 58 -9.04 -16.81 -9.62
C PHE A 58 -8.98 -15.29 -9.61
N ASP A 59 -10.00 -14.63 -10.10
CA ASP A 59 -10.00 -13.15 -10.10
C ASP A 59 -10.74 -12.61 -8.89
N VAL A 60 -10.36 -11.45 -8.40
CA VAL A 60 -11.05 -10.88 -7.22
C VAL A 60 -11.12 -9.35 -7.33
N ALA A 61 -12.11 -8.75 -6.73
CA ALA A 61 -12.23 -7.27 -6.80
C ALA A 61 -11.73 -6.63 -5.50
N VAL A 62 -10.69 -5.84 -5.59
CA VAL A 62 -10.14 -5.19 -4.36
C VAL A 62 -9.51 -3.85 -4.70
N GLY A 63 -10.24 -2.78 -4.59
CA GLY A 63 -9.68 -1.43 -4.91
C GLY A 63 -10.11 -0.43 -3.84
N ALA A 64 -11.29 0.09 -3.96
CA ALA A 64 -11.78 1.08 -2.95
C ALA A 64 -12.48 0.35 -1.80
N ASN A 65 -12.88 -0.87 -2.01
CA ASN A 65 -13.57 -1.63 -0.92
C ASN A 65 -12.55 -2.21 0.05
N ASP A 66 -11.30 -2.25 -0.33
CA ASP A 66 -10.26 -2.80 0.58
C ASP A 66 -8.89 -2.79 -0.11
N ALA A 67 -8.54 -1.72 -0.75
CA ALA A 67 -7.22 -1.64 -1.44
C ALA A 67 -6.80 -0.19 -1.64
N TYR A 68 -6.03 0.09 -2.65
CA TYR A 68 -5.59 1.50 -2.90
C TYR A 68 -6.27 2.03 -4.17
N GLY A 69 -7.56 1.87 -4.28
CA GLY A 69 -8.26 2.38 -5.49
C GLY A 69 -7.81 3.80 -5.80
N GLN A 70 -8.59 4.78 -5.41
CA GLN A 70 -8.19 6.19 -5.68
C GLN A 70 -8.57 7.08 -4.49
N TYR A 71 -9.59 7.88 -4.62
CA TYR A 71 -9.99 8.76 -3.49
C TYR A 71 -10.73 7.96 -2.41
N ASP A 72 -10.22 7.94 -1.22
CA ASP A 72 -10.89 7.18 -0.12
C ASP A 72 -10.88 8.00 1.16
N GLU A 73 -12.03 8.42 1.63
CA GLU A 73 -12.08 9.22 2.88
C GLU A 73 -11.64 8.37 4.07
N ASN A 74 -11.47 7.09 3.87
CA ASN A 74 -11.04 6.21 5.00
C ASN A 74 -9.65 6.61 5.49
N LEU A 75 -8.94 7.40 4.72
CA LEU A 75 -7.58 7.82 5.15
C LEU A 75 -7.48 9.35 5.17
N VAL A 76 -8.55 10.01 5.49
CA VAL A 76 -8.51 11.51 5.53
C VAL A 76 -7.59 11.98 6.65
N GLN A 77 -6.97 13.12 6.49
CA GLN A 77 -6.07 13.64 7.55
C GLN A 77 -6.57 14.97 8.09
N ARG A 78 -6.70 15.11 9.37
CA ARG A 78 -7.19 16.40 9.95
C ARG A 78 -6.09 17.06 10.77
N VAL A 79 -5.70 18.26 10.42
CA VAL A 79 -4.63 18.96 11.17
C VAL A 79 -4.87 20.47 11.15
N PRO A 80 -4.63 21.09 12.28
CA PRO A 80 -4.82 22.55 12.39
C PRO A 80 -3.70 23.30 11.65
N LYS A 81 -3.88 24.57 11.41
CA LYS A 81 -2.84 25.35 10.69
C LYS A 81 -1.54 25.38 11.50
N ASP A 82 -1.65 25.31 12.80
CA ASP A 82 -0.43 25.34 13.66
C ASP A 82 0.54 24.24 13.23
N VAL A 83 0.06 23.25 12.53
CA VAL A 83 0.96 22.14 12.09
C VAL A 83 1.16 22.18 10.57
N PHE A 84 0.30 22.88 9.87
CA PHE A 84 0.44 22.95 8.39
C PHE A 84 1.83 23.50 8.01
N MET A 85 2.49 24.13 8.94
CA MET A 85 3.85 24.68 8.63
C MET A 85 3.85 25.35 7.25
N GLY A 86 3.42 26.58 7.18
CA GLY A 86 3.39 27.29 5.86
C GLY A 86 1.96 27.36 5.35
N VAL A 87 1.65 28.35 4.57
CA VAL A 87 0.26 28.49 4.04
C VAL A 87 0.10 29.79 3.26
N ASP A 88 -0.10 30.89 3.94
CA ASP A 88 -0.25 32.20 3.23
C ASP A 88 -1.49 32.18 2.32
N GLU A 89 -2.29 31.16 2.43
CA GLU A 89 -3.52 31.09 1.59
C GLU A 89 -4.14 29.69 1.68
N LEU A 90 -5.23 29.56 2.40
CA LEU A 90 -5.88 28.22 2.52
C LEU A 90 -7.40 28.37 2.42
N GLN A 91 -7.94 28.23 1.25
CA GLN A 91 -9.42 28.36 1.08
C GLN A 91 -10.08 26.98 1.14
N VAL A 92 -11.38 26.94 1.21
CA VAL A 92 -12.08 25.62 1.27
C VAL A 92 -12.27 25.05 -0.14
N GLY A 93 -11.72 23.90 -0.40
CA GLY A 93 -11.86 23.29 -1.75
C GLY A 93 -10.53 23.36 -2.49
N MET A 94 -9.76 24.40 -2.26
CA MET A 94 -8.45 24.53 -2.95
C MET A 94 -7.52 23.37 -2.54
N ARG A 95 -6.91 22.73 -3.49
CA ARG A 95 -5.99 21.60 -3.15
C ARG A 95 -4.54 22.09 -3.13
N PHE A 96 -3.84 21.86 -2.06
CA PHE A 96 -2.42 22.30 -1.98
C PHE A 96 -1.50 21.11 -1.70
N LEU A 97 -0.27 21.17 -2.14
CA LEU A 97 0.66 20.05 -1.91
C LEU A 97 1.21 20.10 -0.49
N ALA A 98 0.66 19.33 0.41
CA ALA A 98 1.16 19.33 1.81
C ALA A 98 2.62 18.90 1.86
N GLU A 99 3.53 19.83 2.07
CA GLU A 99 4.97 19.46 2.13
C GLU A 99 5.33 18.98 3.54
N THR A 100 5.15 17.72 3.81
CA THR A 100 5.49 17.19 5.17
C THR A 100 6.89 16.56 5.15
N ASP A 101 7.54 16.52 6.29
CA ASP A 101 8.90 15.92 6.34
C ASP A 101 8.87 14.49 5.80
N GLN A 102 7.71 13.90 5.74
CA GLN A 102 7.62 12.51 5.22
C GLN A 102 7.42 12.50 3.71
N GLY A 103 7.65 13.62 3.07
CA GLY A 103 7.47 13.69 1.59
C GLY A 103 6.24 14.54 1.26
N PRO A 104 6.19 14.97 0.03
CA PRO A 104 5.05 15.81 -0.43
C PRO A 104 3.80 14.96 -0.59
N VAL A 105 2.66 15.48 -0.17
CA VAL A 105 1.40 14.70 -0.31
C VAL A 105 0.26 15.61 -0.76
N PRO A 106 -0.41 15.20 -1.80
CA PRO A 106 -1.54 15.99 -2.35
C PRO A 106 -2.76 15.89 -1.43
N VAL A 107 -3.33 17.00 -1.05
CA VAL A 107 -4.53 16.97 -0.15
C VAL A 107 -5.51 18.07 -0.54
N GLU A 108 -6.70 18.02 -0.02
CA GLU A 108 -7.70 19.07 -0.36
C GLU A 108 -8.38 19.60 0.91
N ILE A 109 -9.20 20.61 0.79
CA ILE A 109 -9.87 21.16 1.99
C ILE A 109 -11.40 21.09 1.82
N THR A 110 -12.05 20.29 2.62
CA THR A 110 -13.54 20.17 2.49
C THR A 110 -14.22 20.83 3.70
N ALA A 111 -13.56 20.86 4.82
CA ALA A 111 -14.17 21.48 6.03
C ALA A 111 -13.09 22.15 6.88
N VAL A 112 -13.48 23.09 7.71
CA VAL A 112 -12.48 23.78 8.57
C VAL A 112 -13.02 23.96 9.98
N GLU A 113 -12.55 23.17 10.91
CA GLU A 113 -13.04 23.29 12.32
C GLU A 113 -12.31 24.42 13.04
N ASP A 114 -12.78 24.81 14.20
CA ASP A 114 -12.11 25.91 14.95
C ASP A 114 -10.69 25.48 15.34
N ASP A 115 -9.72 26.33 15.10
CA ASP A 115 -8.32 25.98 15.46
C ASP A 115 -7.97 24.58 14.92
N HIS A 116 -8.62 24.16 13.87
CA HIS A 116 -8.32 22.82 13.30
C HIS A 116 -9.10 22.62 11.99
N VAL A 117 -8.47 22.08 10.99
CA VAL A 117 -9.16 21.86 9.69
C VAL A 117 -8.97 20.42 9.23
N VAL A 118 -9.78 19.97 8.31
CA VAL A 118 -9.64 18.57 7.81
C VAL A 118 -9.21 18.57 6.35
N VAL A 119 -8.22 17.79 6.00
CA VAL A 119 -7.75 17.75 4.59
C VAL A 119 -7.65 16.30 4.11
N ASP A 120 -8.14 16.02 2.92
CA ASP A 120 -8.07 14.63 2.41
C ASP A 120 -7.62 14.63 0.94
N GLY A 121 -6.65 13.83 0.61
CA GLY A 121 -6.17 13.79 -0.81
C GLY A 121 -7.20 13.06 -1.67
N ASN A 122 -7.49 13.57 -2.84
CA ASN A 122 -8.47 12.91 -3.72
C ASN A 122 -7.81 12.48 -5.04
N HIS A 123 -7.86 11.21 -5.35
CA HIS A 123 -7.23 10.73 -6.61
C HIS A 123 -8.11 11.08 -7.81
N MET A 124 -7.91 10.44 -8.92
CA MET A 124 -8.73 10.75 -10.13
C MET A 124 -10.21 10.40 -9.85
N LEU A 125 -10.46 9.30 -9.19
CA LEU A 125 -11.86 8.92 -8.89
C LEU A 125 -11.90 7.53 -8.25
N ALA A 126 -12.21 7.46 -6.99
CA ALA A 126 -12.28 6.13 -6.30
C ALA A 126 -13.71 5.62 -6.27
N GLY A 127 -13.97 4.60 -5.49
CA GLY A 127 -15.36 4.04 -5.43
C GLY A 127 -15.52 2.95 -6.48
N GLN A 128 -14.64 2.91 -7.45
CA GLN A 128 -14.74 1.86 -8.51
C GLN A 128 -13.66 0.80 -8.30
N ASN A 129 -13.87 -0.11 -7.39
CA ASN A 129 -12.86 -1.17 -7.14
C ASN A 129 -12.27 -1.68 -8.46
N LEU A 130 -11.03 -2.09 -8.45
CA LEU A 130 -10.39 -2.59 -9.70
C LEU A 130 -10.28 -4.12 -9.66
N LYS A 131 -9.91 -4.73 -10.75
CA LYS A 131 -9.79 -6.21 -10.76
C LYS A 131 -8.36 -6.62 -10.38
N PHE A 132 -8.22 -7.63 -9.57
CA PHE A 132 -6.86 -8.08 -9.17
C PHE A 132 -6.75 -9.61 -9.25
N ASN A 133 -6.17 -10.12 -10.30
CA ASN A 133 -6.03 -11.59 -10.43
C ASN A 133 -5.09 -12.13 -9.33
N VAL A 134 -5.24 -13.38 -8.98
CA VAL A 134 -4.36 -13.95 -7.93
C VAL A 134 -4.08 -15.43 -8.20
N GLU A 135 -2.87 -15.86 -8.00
CA GLU A 135 -2.52 -17.30 -8.24
C GLU A 135 -1.57 -17.79 -7.16
N VAL A 136 -2.04 -18.62 -6.27
CA VAL A 136 -1.16 -19.14 -5.18
C VAL A 136 -0.20 -20.20 -5.73
N VAL A 137 1.04 -20.14 -5.34
CA VAL A 137 2.03 -21.15 -5.84
C VAL A 137 2.47 -22.07 -4.70
N ALA A 138 2.81 -21.52 -3.56
CA ALA A 138 3.25 -22.38 -2.42
C ALA A 138 2.86 -21.73 -1.09
N ILE A 139 3.01 -22.44 -0.01
CA ILE A 139 2.66 -21.87 1.32
C ILE A 139 3.50 -22.55 2.42
N ARG A 140 4.53 -21.87 2.89
CA ARG A 140 5.38 -22.48 3.95
C ARG A 140 5.55 -21.48 5.11
N GLU A 141 6.06 -21.94 6.21
CA GLU A 141 6.25 -21.02 7.38
C GLU A 141 7.65 -20.39 7.33
N ALA A 142 7.80 -19.21 7.88
CA ALA A 142 9.14 -18.55 7.86
C ALA A 142 9.84 -18.75 9.21
N THR A 143 11.14 -18.60 9.23
CA THR A 143 11.89 -18.77 10.51
C THR A 143 11.65 -17.57 11.42
N GLU A 144 12.30 -17.53 12.55
CA GLU A 144 12.12 -16.37 13.48
C GLU A 144 12.62 -15.08 12.82
N GLU A 145 13.68 -15.15 12.06
CA GLU A 145 14.21 -13.93 11.41
C GLU A 145 13.27 -13.49 10.27
N GLU A 146 12.74 -14.42 9.55
CA GLU A 146 11.82 -14.06 8.43
C GLU A 146 10.61 -13.29 8.98
N LEU A 147 10.00 -13.79 10.02
CA LEU A 147 8.83 -13.08 10.60
C LEU A 147 9.30 -11.90 11.45
N ALA A 148 10.58 -11.78 11.65
CA ALA A 148 11.11 -10.65 12.46
C ALA A 148 11.00 -9.34 11.68
N HIS A 149 11.53 -9.33 10.49
CA HIS A 149 11.47 -8.10 9.66
C HIS A 149 10.11 -8.01 8.98
N GLY A 150 9.26 -8.98 9.21
CA GLY A 150 7.91 -8.96 8.59
C GLY A 150 7.90 -9.91 7.38
N HIS A 151 9.02 -10.09 6.73
CA HIS A 151 9.07 -10.99 5.55
C HIS A 151 10.51 -11.42 5.27
N VAL A 152 10.69 -12.45 4.49
CA VAL A 152 12.08 -12.92 4.18
C VAL A 152 12.82 -11.84 3.37
N HIS A 153 13.85 -11.27 3.94
CA HIS A 153 14.61 -10.22 3.20
C HIS A 153 16.02 -10.10 3.77
N GLY A 154 16.15 -9.65 5.00
CA GLY A 154 17.49 -9.51 5.60
C GLY A 154 17.57 -8.19 6.36
N ALA A 155 16.50 -7.79 7.01
CA ALA A 155 16.53 -6.51 7.77
C ALA A 155 17.14 -5.39 6.91
N HIS A 156 16.81 -5.35 5.65
CA HIS A 156 17.36 -4.30 4.77
C HIS A 156 16.56 -3.01 4.91
N ASP A 157 15.30 -3.04 4.55
CA ASP A 157 14.46 -1.81 4.66
C ASP A 157 14.35 -1.38 6.13
N HIS A 158 14.35 -2.34 7.03
CA HIS A 158 14.24 -1.99 8.47
C HIS A 158 13.03 -1.06 8.70
N HIS A 159 13.17 -0.12 9.61
CA HIS A 159 12.04 0.81 9.88
C HIS A 159 12.56 2.25 9.94
N HIS A 160 11.93 3.09 10.72
CA HIS A 160 12.39 4.50 10.83
C HIS A 160 13.49 4.63 11.88
N ASP A 161 14.00 5.82 12.09
CA ASP A 161 15.06 6.01 13.11
C ASP A 161 16.17 4.97 12.91
N HIS A 162 17.12 4.92 13.81
CA HIS A 162 18.22 3.93 13.67
C HIS A 162 18.78 3.94 12.25
N ASP A 163 19.19 5.08 11.77
CA ASP A 163 19.74 5.17 10.39
C ASP A 163 21.09 5.90 10.39
N HIS A 164 22.11 5.29 9.86
CA HIS A 164 23.45 5.96 9.84
C HIS A 164 24.05 5.88 8.43
N ASP A 165 23.32 5.37 7.48
CA ASP A 165 23.86 5.25 6.10
C ASP A 165 23.42 6.45 5.26
N GLY A 166 22.73 7.39 5.86
CA GLY A 166 22.27 8.58 5.09
C GLY A 166 22.85 9.85 5.73
N CYS A 167 24.15 9.95 5.77
CA CYS A 167 24.77 11.17 6.38
C CYS A 167 25.86 11.72 5.45
N CYS A 168 25.97 11.18 4.27
CA CYS A 168 27.01 11.69 3.32
C CYS A 168 26.74 11.14 1.92
N GLY A 169 26.79 11.99 0.92
CA GLY A 169 26.54 11.52 -0.47
C GLY A 169 27.71 10.64 -0.92
N GLY A 170 28.78 11.24 -1.36
CA GLY A 170 29.95 10.43 -1.81
C GLY A 170 29.80 10.12 -3.31
N HIS A 171 30.74 9.43 -3.88
CA HIS A 171 30.65 9.08 -5.33
C HIS A 171 30.66 10.36 -6.17
N GLY A 172 31.71 11.13 -6.10
CA GLY A 172 31.77 12.39 -6.90
C GLY A 172 32.69 12.18 -8.10
N HIS A 173 33.69 11.37 -7.96
CA HIS A 173 34.62 11.13 -9.11
C HIS A 173 35.19 12.45 -9.63
N ASP A 174 36.22 12.40 -10.42
CA ASP A 174 36.82 13.66 -10.94
C ASP A 174 35.87 14.29 -11.98
N HIS A 175 35.60 13.59 -13.05
CA HIS A 175 34.69 14.14 -14.09
C HIS A 175 33.86 13.02 -14.72
N GLY A 176 33.26 12.19 -13.92
CA GLY A 176 32.44 11.09 -14.47
C GLY A 176 33.33 10.14 -15.29
N HIS A 177 33.46 10.39 -16.56
CA HIS A 177 34.32 9.51 -17.40
C HIS A 177 35.79 9.72 -17.08
N GLU A 178 36.67 9.47 -18.01
CA GLU A 178 38.12 9.66 -17.75
C GLU A 178 38.62 10.95 -18.41
N HIS A 179 39.46 11.68 -17.74
CA HIS A 179 39.99 12.95 -18.34
C HIS A 179 40.86 12.64 -19.55
N GLY A 180 41.71 13.56 -19.92
CA GLY A 180 42.60 13.31 -21.10
C GLY A 180 44.02 13.77 -20.78
N GLY A 181 44.66 14.46 -21.69
CA GLY A 181 46.05 14.93 -21.43
C GLY A 181 47.01 14.24 -22.40
N GLU A 182 47.12 12.93 -22.31
CA GLU A 182 48.03 12.20 -23.23
C GLU A 182 49.48 12.64 -22.98
N GLY A 183 49.84 12.86 -21.75
CA GLY A 183 51.24 13.28 -21.45
C GLY A 183 52.20 12.12 -21.70
N CYS A 184 53.47 12.37 -21.64
CA CYS A 184 54.46 11.27 -21.87
C CYS A 184 55.16 10.89 -20.57
N CYS A 185 55.36 11.84 -19.69
CA CYS A 185 56.02 11.53 -18.40
C CYS A 185 57.44 11.00 -18.65
N GLY A 186 58.26 10.97 -17.63
CA GLY A 186 59.65 10.46 -17.82
C GLY A 186 60.58 11.63 -18.14
N GLY A 187 60.56 12.66 -17.33
CA GLY A 187 61.44 13.83 -17.58
C GLY A 187 62.55 13.88 -16.52
N LYS A 188 63.05 15.05 -16.24
CA LYS A 188 64.13 15.16 -15.21
C LYS A 188 64.28 16.62 -14.76
N GLY A 189 64.61 17.50 -15.67
CA GLY A 189 64.77 18.93 -15.30
C GLY A 189 64.53 19.81 -16.53
N ASN A 190 64.46 21.11 -16.34
CA ASN A 190 64.24 22.00 -17.50
C ASN A 190 64.31 23.47 -17.06
N GLY A 191 64.36 24.38 -17.99
CA GLY A 191 64.43 25.83 -17.61
C GLY A 191 65.57 26.50 -18.39
N GLY A 192 65.28 26.99 -19.56
CA GLY A 192 66.34 27.65 -20.37
C GLY A 192 66.92 26.67 -21.38
N CYS A 193 66.25 26.51 -22.50
CA CYS A 193 66.76 25.56 -23.53
C CYS A 193 65.92 25.65 -24.81
N GLY A 194 66.50 25.41 -25.94
CA GLY A 194 65.72 25.48 -27.21
C GLY A 194 66.35 24.55 -28.25
N CYS A 195 66.25 23.26 -28.05
CA CYS A 195 66.84 22.31 -29.02
C CYS A 195 65.82 21.24 -29.39
N HIS A 196 64.60 21.39 -28.96
CA HIS A 196 63.55 20.38 -29.28
C HIS A 196 62.33 21.06 -29.91
N MET A 1 -3.15 -27.40 0.57
CA MET A 1 -3.40 -27.18 2.02
C MET A 1 -4.14 -25.85 2.24
N LYS A 2 -3.95 -25.25 3.38
CA LYS A 2 -4.64 -23.95 3.64
C LYS A 2 -3.61 -22.87 4.02
N VAL A 3 -3.78 -21.68 3.53
CA VAL A 3 -2.82 -20.59 3.85
C VAL A 3 -2.89 -20.24 5.34
N ALA A 4 -1.84 -19.72 5.89
CA ALA A 4 -1.87 -19.37 7.34
C ALA A 4 -1.04 -18.11 7.59
N LYS A 5 -1.32 -17.41 8.66
CA LYS A 5 -0.55 -16.17 8.97
C LYS A 5 0.96 -16.43 8.82
N ASP A 6 1.53 -17.14 9.75
CA ASP A 6 3.00 -17.43 9.67
C ASP A 6 3.27 -18.47 8.58
N LEU A 7 3.05 -18.11 7.34
CA LEU A 7 3.29 -19.08 6.23
C LEU A 7 3.56 -18.33 4.92
N VAL A 8 4.80 -18.24 4.54
CA VAL A 8 5.14 -17.51 3.27
C VAL A 8 4.27 -18.06 2.13
N VAL A 9 3.79 -17.19 1.28
CA VAL A 9 2.94 -17.65 0.15
C VAL A 9 3.35 -16.94 -1.15
N SER A 10 3.99 -17.65 -2.05
CA SER A 10 4.41 -17.03 -3.34
C SER A 10 3.29 -17.16 -4.37
N LEU A 11 2.63 -16.07 -4.68
CA LEU A 11 1.53 -16.12 -5.67
C LEU A 11 1.62 -14.97 -6.67
N ALA A 12 1.25 -15.19 -7.89
CA ALA A 12 1.31 -14.09 -8.90
C ALA A 12 -0.11 -13.58 -9.20
N TYR A 13 -0.23 -12.35 -9.63
CA TYR A 13 -1.59 -11.80 -9.92
C TYR A 13 -1.49 -10.64 -10.93
N GLN A 14 -2.52 -10.44 -11.70
CA GLN A 14 -2.50 -9.32 -12.69
C GLN A 14 -3.58 -8.30 -12.33
N VAL A 15 -3.37 -7.05 -12.67
CA VAL A 15 -4.39 -6.01 -12.33
C VAL A 15 -5.04 -5.49 -13.61
N ARG A 16 -6.34 -5.28 -13.58
CA ARG A 16 -7.04 -4.76 -14.79
C ARG A 16 -8.13 -3.77 -14.36
N THR A 17 -8.23 -2.66 -15.05
CA THR A 17 -9.28 -1.66 -14.67
C THR A 17 -10.50 -1.80 -15.58
N GLU A 18 -11.65 -1.44 -15.09
CA GLU A 18 -12.90 -1.56 -15.92
C GLU A 18 -12.63 -1.01 -17.33
N ASP A 19 -11.84 0.01 -17.46
CA ASP A 19 -11.54 0.57 -18.80
C ASP A 19 -10.81 -0.45 -19.66
N GLY A 20 -10.43 -1.55 -19.08
CA GLY A 20 -9.69 -2.58 -19.86
C GLY A 20 -8.20 -2.26 -19.86
N VAL A 21 -7.75 -1.58 -18.84
CA VAL A 21 -6.30 -1.21 -18.77
C VAL A 21 -5.67 -1.80 -17.51
N LEU A 22 -4.60 -2.54 -17.65
CA LEU A 22 -3.95 -3.14 -16.45
C LEU A 22 -3.11 -2.07 -15.71
N VAL A 23 -2.82 -2.29 -14.47
CA VAL A 23 -2.02 -1.31 -13.69
C VAL A 23 -0.74 -1.95 -13.18
N ASP A 24 -0.75 -3.26 -13.02
CA ASP A 24 0.47 -3.96 -12.52
C ASP A 24 0.30 -5.47 -12.65
N GLU A 25 1.37 -6.19 -12.81
CA GLU A 25 1.27 -7.67 -12.95
C GLU A 25 2.52 -8.34 -12.38
N SER A 26 2.35 -9.38 -11.60
CA SER A 26 3.53 -10.08 -11.02
C SER A 26 4.34 -10.75 -12.12
N PRO A 27 5.64 -10.72 -11.96
CA PRO A 27 6.54 -11.34 -12.95
C PRO A 27 6.48 -12.87 -12.86
N VAL A 28 6.14 -13.53 -13.93
CA VAL A 28 6.05 -15.01 -13.90
C VAL A 28 7.42 -15.61 -13.54
N SER A 29 8.46 -14.85 -13.68
CA SER A 29 9.82 -15.37 -13.35
C SER A 29 10.15 -15.10 -11.88
N ALA A 30 9.23 -14.52 -11.16
CA ALA A 30 9.48 -14.24 -9.71
C ALA A 30 8.16 -13.93 -9.00
N PRO A 31 7.62 -14.95 -8.39
CA PRO A 31 6.34 -14.79 -7.65
C PRO A 31 6.57 -14.02 -6.35
N LEU A 32 5.61 -13.23 -5.94
CA LEU A 32 5.78 -12.45 -4.67
C LEU A 32 5.56 -13.36 -3.46
N ASP A 33 6.61 -13.62 -2.71
CA ASP A 33 6.47 -14.49 -1.51
C ASP A 33 6.36 -13.64 -0.25
N TYR A 34 5.35 -13.86 0.55
CA TYR A 34 5.20 -13.05 1.80
C TYR A 34 4.25 -13.76 2.77
N LEU A 35 4.20 -13.32 4.00
CA LEU A 35 3.30 -13.96 4.99
C LEU A 35 1.83 -13.63 4.68
N HIS A 36 0.92 -14.30 5.32
CA HIS A 36 -0.53 -14.03 5.05
C HIS A 36 -1.12 -13.16 6.16
N GLY A 37 -1.64 -12.02 5.81
CA GLY A 37 -2.24 -11.12 6.84
C GLY A 37 -1.15 -10.26 7.50
N HIS A 38 0.06 -10.73 7.51
CA HIS A 38 1.16 -9.94 8.12
C HIS A 38 2.34 -9.86 7.15
N GLY A 39 2.39 -8.83 6.36
CA GLY A 39 3.51 -8.68 5.39
C GLY A 39 3.45 -7.31 4.72
N SER A 40 2.52 -7.11 3.84
CA SER A 40 2.41 -5.79 3.16
C SER A 40 1.22 -5.78 2.19
N LEU A 41 0.98 -6.89 1.53
CA LEU A 41 -0.17 -6.95 0.58
C LEU A 41 -1.46 -6.47 1.26
N ILE A 42 -2.32 -5.81 0.52
CA ILE A 42 -3.59 -5.32 1.13
C ILE A 42 -4.36 -6.49 1.77
N SER A 43 -5.22 -6.19 2.70
CA SER A 43 -6.00 -7.28 3.36
C SER A 43 -7.10 -7.79 2.42
N GLY A 44 -7.76 -6.90 1.73
CA GLY A 44 -8.84 -7.34 0.80
C GLY A 44 -8.35 -8.54 -0.01
N LEU A 45 -7.10 -8.58 -0.35
CA LEU A 45 -6.56 -9.73 -1.13
C LEU A 45 -6.13 -10.85 -0.20
N GLU A 46 -5.65 -10.50 0.97
CA GLU A 46 -5.21 -11.56 1.93
C GLU A 46 -6.40 -12.41 2.37
N THR A 47 -7.50 -11.79 2.68
CA THR A 47 -8.70 -12.57 3.10
C THR A 47 -9.03 -13.64 2.06
N ALA A 48 -8.84 -13.34 0.81
CA ALA A 48 -9.15 -14.35 -0.25
C ALA A 48 -8.14 -15.51 -0.20
N LEU A 49 -6.95 -15.24 0.26
CA LEU A 49 -5.92 -16.32 0.33
C LEU A 49 -6.36 -17.40 1.33
N GLU A 50 -6.97 -17.01 2.41
CA GLU A 50 -7.41 -18.02 3.41
C GLU A 50 -8.05 -19.23 2.70
N GLY A 51 -7.48 -20.40 2.88
CA GLY A 51 -8.05 -21.60 2.21
C GLY A 51 -8.16 -21.36 0.71
N HIS A 52 -7.07 -21.03 0.07
CA HIS A 52 -7.11 -20.78 -1.40
C HIS A 52 -6.57 -21.99 -2.16
N GLU A 53 -6.25 -23.05 -1.46
CA GLU A 53 -5.72 -24.26 -2.15
C GLU A 53 -4.41 -23.92 -2.87
N VAL A 54 -3.33 -24.57 -2.50
CA VAL A 54 -2.03 -24.29 -3.18
C VAL A 54 -2.08 -24.71 -4.63
N GLY A 55 -1.89 -23.79 -5.52
CA GLY A 55 -1.92 -24.13 -6.97
C GLY A 55 -3.20 -23.59 -7.61
N ASP A 56 -4.02 -22.93 -6.84
CA ASP A 56 -5.29 -22.37 -7.41
C ASP A 56 -5.15 -20.86 -7.62
N LYS A 57 -6.15 -20.23 -8.19
CA LYS A 57 -6.08 -18.77 -8.41
C LYS A 57 -7.48 -18.15 -8.36
N PHE A 58 -7.70 -17.21 -7.48
CA PHE A 58 -9.04 -16.58 -7.38
C PHE A 58 -8.96 -15.10 -7.79
N ASP A 59 -10.09 -14.46 -7.95
CA ASP A 59 -10.07 -13.02 -8.34
C ASP A 59 -11.00 -12.21 -7.42
N VAL A 60 -10.56 -11.07 -6.97
CA VAL A 60 -11.42 -10.24 -6.07
C VAL A 60 -11.27 -8.76 -6.42
N ALA A 61 -12.36 -8.05 -6.52
CA ALA A 61 -12.29 -6.61 -6.86
C ALA A 61 -11.92 -5.79 -5.62
N VAL A 62 -10.76 -5.19 -5.60
CA VAL A 62 -10.35 -4.39 -4.42
C VAL A 62 -9.37 -3.29 -4.84
N GLY A 63 -9.78 -2.05 -4.74
CA GLY A 63 -8.87 -0.93 -5.13
C GLY A 63 -9.04 0.23 -4.15
N ALA A 64 -10.08 0.99 -4.30
CA ALA A 64 -10.29 2.15 -3.37
C ALA A 64 -11.16 1.72 -2.18
N ASN A 65 -11.89 0.65 -2.32
CA ASN A 65 -12.74 0.19 -1.19
C ASN A 65 -11.89 -0.57 -0.16
N ASP A 66 -10.77 -1.10 -0.57
CA ASP A 66 -9.90 -1.84 0.40
C ASP A 66 -8.57 -2.19 -0.26
N ALA A 67 -8.02 -1.29 -1.04
CA ALA A 67 -6.72 -1.56 -1.71
C ALA A 67 -6.01 -0.25 -2.06
N TYR A 68 -5.10 -0.29 -2.99
CA TYR A 68 -4.39 0.96 -3.39
C TYR A 68 -4.92 1.47 -4.73
N GLY A 69 -6.22 1.51 -4.89
CA GLY A 69 -6.80 1.99 -6.18
C GLY A 69 -6.05 3.25 -6.63
N GLN A 70 -6.51 4.40 -6.23
CA GLN A 70 -5.81 5.65 -6.64
C GLN A 70 -6.48 6.87 -6.00
N TYR A 71 -6.55 6.90 -4.70
CA TYR A 71 -7.19 8.07 -4.02
C TYR A 71 -6.24 9.26 -3.99
N ASP A 72 -6.72 10.43 -4.30
CA ASP A 72 -5.84 11.63 -4.29
C ASP A 72 -5.74 12.20 -2.87
N GLU A 73 -5.01 11.55 -2.01
CA GLU A 73 -4.87 12.06 -0.61
C GLU A 73 -4.05 13.34 -0.60
N ASN A 74 -3.34 13.62 -1.66
CA ASN A 74 -2.52 14.86 -1.71
C ASN A 74 -3.40 16.10 -1.46
N LEU A 75 -4.69 15.95 -1.58
CA LEU A 75 -5.59 17.10 -1.35
C LEU A 75 -6.04 17.14 0.12
N VAL A 76 -6.05 16.02 0.78
CA VAL A 76 -6.47 15.99 2.20
C VAL A 76 -5.63 16.99 3.02
N GLN A 77 -6.25 17.67 3.94
CA GLN A 77 -5.48 18.65 4.76
C GLN A 77 -5.34 18.14 6.20
N ARG A 78 -4.13 18.03 6.68
CA ARG A 78 -3.93 17.52 8.07
C ARG A 78 -3.56 18.68 9.00
N VAL A 79 -4.39 18.95 9.97
CA VAL A 79 -4.09 20.07 10.92
C VAL A 79 -4.87 19.87 12.22
N PRO A 80 -4.19 20.08 13.31
CA PRO A 80 -4.83 19.93 14.64
C PRO A 80 -5.81 21.09 14.90
N LYS A 81 -6.72 20.90 15.82
CA LYS A 81 -7.71 21.98 16.12
C LYS A 81 -7.03 23.13 16.86
N ASP A 82 -5.76 23.01 17.14
CA ASP A 82 -5.05 24.11 17.86
C ASP A 82 -4.85 25.32 16.94
N VAL A 83 -5.29 25.23 15.71
CA VAL A 83 -5.12 26.39 14.78
C VAL A 83 -6.48 26.93 14.32
N PHE A 84 -7.51 26.70 15.08
CA PHE A 84 -8.86 27.21 14.67
C PHE A 84 -9.43 28.17 15.72
N MET A 85 -8.70 29.18 16.06
CA MET A 85 -9.19 30.16 17.08
C MET A 85 -10.62 30.60 16.75
N GLY A 86 -11.00 30.51 15.50
CA GLY A 86 -12.39 30.93 15.13
C GLY A 86 -13.37 29.80 15.45
N VAL A 87 -13.85 29.12 14.44
CA VAL A 87 -14.81 27.99 14.68
C VAL A 87 -16.13 28.53 15.23
N ASP A 88 -17.19 28.40 14.48
CA ASP A 88 -18.52 28.88 14.96
C ASP A 88 -19.35 27.71 15.48
N GLU A 89 -19.03 26.51 15.05
CA GLU A 89 -19.80 25.32 15.51
C GLU A 89 -19.12 24.05 15.04
N LEU A 90 -17.83 24.02 15.10
CA LEU A 90 -17.07 22.81 14.65
C LEU A 90 -17.35 21.63 15.58
N GLN A 91 -17.65 20.48 15.02
CA GLN A 91 -17.94 19.30 15.86
C GLN A 91 -17.54 18.02 15.11
N VAL A 92 -17.14 17.00 15.83
CA VAL A 92 -16.74 15.73 15.16
C VAL A 92 -17.75 15.35 14.07
N GLY A 93 -17.31 15.27 12.84
CA GLY A 93 -18.25 14.91 11.75
C GLY A 93 -18.78 16.18 11.08
N MET A 94 -18.44 17.33 11.61
CA MET A 94 -18.93 18.60 11.01
C MET A 94 -17.97 19.08 9.92
N ARG A 95 -18.48 19.52 8.81
CA ARG A 95 -17.59 20.02 7.71
C ARG A 95 -18.08 21.38 7.21
N PHE A 96 -17.20 22.16 6.65
CA PHE A 96 -17.61 23.50 6.15
C PHE A 96 -16.51 24.10 5.28
N LEU A 97 -16.82 25.13 4.53
CA LEU A 97 -15.79 25.76 3.66
C LEU A 97 -15.05 26.86 4.42
N ALA A 98 -13.75 26.90 4.33
CA ALA A 98 -12.98 27.94 5.04
C ALA A 98 -12.52 29.03 4.07
N GLU A 99 -12.32 30.23 4.55
CA GLU A 99 -11.88 31.33 3.65
C GLU A 99 -10.43 31.72 3.95
N THR A 100 -9.50 31.19 3.20
CA THR A 100 -8.07 31.52 3.45
C THR A 100 -7.65 32.71 2.58
N ASP A 101 -6.43 33.15 2.72
CA ASP A 101 -5.97 34.31 1.90
C ASP A 101 -5.58 33.85 0.49
N GLN A 102 -5.18 32.60 0.35
CA GLN A 102 -4.80 32.10 -0.99
C GLN A 102 -6.04 31.68 -1.78
N GLY A 103 -7.21 32.01 -1.29
CA GLY A 103 -8.45 31.63 -2.02
C GLY A 103 -9.36 30.82 -1.10
N PRO A 104 -10.48 30.43 -1.62
CA PRO A 104 -11.45 29.62 -0.83
C PRO A 104 -10.95 28.19 -0.66
N VAL A 105 -10.95 27.68 0.54
CA VAL A 105 -10.46 26.29 0.77
C VAL A 105 -11.52 25.48 1.53
N PRO A 106 -12.19 24.63 0.80
CA PRO A 106 -13.25 23.78 1.40
C PRO A 106 -12.62 22.68 2.25
N VAL A 107 -13.26 22.30 3.33
CA VAL A 107 -12.70 21.24 4.20
C VAL A 107 -13.83 20.36 4.76
N GLU A 108 -13.57 19.10 4.95
CA GLU A 108 -14.63 18.19 5.49
C GLU A 108 -14.05 17.33 6.62
N ILE A 109 -14.42 17.62 7.84
CA ILE A 109 -13.89 16.82 8.98
C ILE A 109 -14.38 15.37 8.88
N THR A 110 -13.49 14.43 8.93
CA THR A 110 -13.90 12.99 8.84
C THR A 110 -13.56 12.26 10.13
N ALA A 111 -12.47 12.61 10.76
CA ALA A 111 -12.07 11.92 12.02
C ALA A 111 -11.15 12.82 12.85
N VAL A 112 -10.72 12.36 13.99
CA VAL A 112 -9.82 13.19 14.84
C VAL A 112 -8.61 12.36 15.29
N GLU A 113 -7.47 12.58 14.71
CA GLU A 113 -6.26 11.81 15.12
C GLU A 113 -5.76 12.28 16.48
N ASP A 114 -4.66 11.75 16.95
CA ASP A 114 -4.12 12.17 18.26
C ASP A 114 -3.57 13.60 18.18
N ASP A 115 -3.97 14.45 19.08
CA ASP A 115 -3.47 15.86 19.04
C ASP A 115 -3.43 16.37 17.60
N HIS A 116 -4.31 15.91 16.77
CA HIS A 116 -4.32 16.36 15.34
C HIS A 116 -5.52 15.77 14.60
N VAL A 117 -6.00 16.44 13.59
CA VAL A 117 -7.16 15.91 12.83
C VAL A 117 -6.93 16.08 11.32
N VAL A 118 -7.76 15.49 10.51
CA VAL A 118 -7.57 15.62 9.03
C VAL A 118 -8.93 15.81 8.36
N VAL A 119 -8.98 16.62 7.32
CA VAL A 119 -10.26 16.85 6.61
C VAL A 119 -10.06 16.72 5.10
N ASP A 120 -10.93 16.00 4.44
CA ASP A 120 -10.79 15.83 2.96
C ASP A 120 -12.16 15.67 2.31
N GLY A 121 -12.23 15.79 1.01
CA GLY A 121 -13.54 15.63 0.32
C GLY A 121 -13.59 14.27 -0.39
N ASN A 122 -14.49 14.11 -1.32
CA ASN A 122 -14.59 12.81 -2.04
C ASN A 122 -14.32 13.01 -3.53
N HIS A 123 -13.11 12.80 -3.97
CA HIS A 123 -12.78 12.98 -5.40
C HIS A 123 -13.36 11.83 -6.23
N MET A 124 -13.67 12.07 -7.47
CA MET A 124 -14.24 10.98 -8.32
C MET A 124 -13.12 10.01 -8.74
N LEU A 125 -11.96 10.53 -9.06
CA LEU A 125 -10.84 9.64 -9.47
C LEU A 125 -10.77 8.41 -8.56
N ALA A 126 -11.19 8.54 -7.34
CA ALA A 126 -11.15 7.38 -6.40
C ALA A 126 -12.54 6.72 -6.33
N GLY A 127 -12.58 5.48 -5.94
CA GLY A 127 -13.90 4.78 -5.84
C GLY A 127 -14.01 3.72 -6.94
N GLN A 128 -13.05 3.67 -7.82
CA GLN A 128 -13.08 2.66 -8.90
C GLN A 128 -12.20 1.45 -8.54
N ASN A 129 -12.68 0.61 -7.66
CA ASN A 129 -11.88 -0.58 -7.26
C ASN A 129 -11.26 -1.24 -8.50
N LEU A 130 -10.12 -1.87 -8.33
CA LEU A 130 -9.48 -2.54 -9.51
C LEU A 130 -9.64 -4.05 -9.41
N LYS A 131 -9.99 -4.69 -10.50
CA LYS A 131 -10.17 -6.17 -10.47
C LYS A 131 -8.87 -6.87 -10.86
N PHE A 132 -8.43 -7.82 -10.08
CA PHE A 132 -7.17 -8.53 -10.40
C PHE A 132 -7.23 -9.98 -9.90
N ASN A 133 -6.67 -10.89 -10.65
CA ASN A 133 -6.70 -12.32 -10.24
C ASN A 133 -5.33 -12.74 -9.69
N VAL A 134 -5.30 -13.64 -8.75
CA VAL A 134 -3.99 -14.09 -8.19
C VAL A 134 -3.90 -15.61 -8.18
N GLU A 135 -2.72 -16.14 -8.04
CA GLU A 135 -2.56 -17.62 -8.02
C GLU A 135 -1.53 -18.02 -6.97
N VAL A 136 -1.89 -18.83 -6.01
CA VAL A 136 -0.93 -19.25 -4.96
C VAL A 136 0.00 -20.34 -5.49
N VAL A 137 1.24 -20.32 -5.09
CA VAL A 137 2.20 -21.36 -5.56
C VAL A 137 2.61 -22.28 -4.42
N ALA A 138 2.73 -21.76 -3.23
CA ALA A 138 3.13 -22.60 -2.07
C ALA A 138 2.78 -21.91 -0.75
N ILE A 139 2.92 -22.60 0.35
CA ILE A 139 2.59 -21.99 1.67
C ILE A 139 3.43 -22.66 2.77
N ARG A 140 4.44 -21.99 3.24
CA ARG A 140 5.29 -22.59 4.32
C ARG A 140 5.66 -21.53 5.36
N GLU A 141 5.80 -21.91 6.60
CA GLU A 141 6.15 -20.93 7.66
C GLU A 141 7.44 -20.20 7.29
N ALA A 142 7.51 -18.92 7.56
CA ALA A 142 8.74 -18.14 7.24
C ALA A 142 9.73 -18.20 8.40
N THR A 143 10.99 -17.99 8.14
CA THR A 143 11.99 -18.02 9.23
C THR A 143 11.88 -16.76 10.09
N GLU A 144 12.74 -16.61 11.06
CA GLU A 144 12.68 -15.41 11.93
C GLU A 144 12.84 -14.14 11.09
N GLU A 145 13.74 -14.16 10.14
CA GLU A 145 13.94 -12.94 9.29
C GLU A 145 12.74 -12.72 8.38
N GLU A 146 12.22 -13.77 7.79
CA GLU A 146 11.04 -13.62 6.89
C GLU A 146 9.91 -12.92 7.64
N LEU A 147 9.67 -13.30 8.87
CA LEU A 147 8.59 -12.64 9.65
C LEU A 147 9.09 -11.33 10.25
N ALA A 148 10.39 -11.19 10.37
CA ALA A 148 10.95 -9.93 10.94
C ALA A 148 10.63 -8.75 10.03
N HIS A 149 10.96 -8.86 8.78
CA HIS A 149 10.67 -7.76 7.82
C HIS A 149 9.20 -7.80 7.42
N GLY A 150 8.48 -8.77 7.93
CA GLY A 150 7.03 -8.89 7.59
C GLY A 150 6.86 -9.85 6.43
N HIS A 151 7.88 -10.05 5.64
CA HIS A 151 7.77 -10.99 4.49
C HIS A 151 9.16 -11.43 4.04
N VAL A 152 9.25 -12.12 2.92
CA VAL A 152 10.58 -12.58 2.44
C VAL A 152 11.24 -11.47 1.60
N HIS A 153 12.51 -11.23 1.81
CA HIS A 153 13.21 -10.17 1.02
C HIS A 153 12.53 -8.83 1.24
N GLY A 154 13.25 -7.75 1.08
CA GLY A 154 12.65 -6.40 1.28
C GLY A 154 13.30 -5.73 2.49
N ALA A 155 14.56 -6.00 2.73
CA ALA A 155 15.24 -5.38 3.90
C ALA A 155 15.54 -3.90 3.61
N HIS A 156 15.68 -3.55 2.36
CA HIS A 156 15.97 -2.13 2.01
C HIS A 156 14.79 -1.24 2.43
N ASP A 157 13.65 -1.81 2.68
CA ASP A 157 12.48 -1.00 3.09
C ASP A 157 12.81 -0.18 4.33
N HIS A 158 13.83 -0.55 5.05
CA HIS A 158 14.20 0.20 6.27
C HIS A 158 15.44 1.08 6.00
N HIS A 159 15.38 2.31 6.40
CA HIS A 159 16.55 3.22 6.16
C HIS A 159 16.77 4.13 7.37
N HIS A 160 16.24 3.76 8.51
CA HIS A 160 16.42 4.61 9.72
C HIS A 160 16.04 6.06 9.42
N ASP A 161 14.77 6.34 9.33
CA ASP A 161 14.33 7.73 9.04
C ASP A 161 13.36 8.22 10.12
N HIS A 162 13.00 9.48 10.09
CA HIS A 162 12.07 10.01 11.11
C HIS A 162 10.74 9.24 11.07
N ASP A 163 9.77 9.74 10.34
CA ASP A 163 8.47 9.03 10.26
C ASP A 163 7.85 8.89 11.65
N HIS A 164 6.55 8.99 11.75
CA HIS A 164 5.89 8.87 13.08
C HIS A 164 5.50 7.41 13.34
N ASP A 165 5.71 6.55 12.37
CA ASP A 165 5.35 5.11 12.57
C ASP A 165 3.99 4.99 13.27
N GLY A 166 3.69 3.84 13.80
CA GLY A 166 2.39 3.66 14.50
C GLY A 166 2.18 2.18 14.81
N CYS A 167 2.12 1.83 16.06
CA CYS A 167 1.92 0.40 16.44
C CYS A 167 0.60 0.23 17.20
N CYS A 168 -0.49 0.69 16.64
CA CYS A 168 -1.80 0.56 17.33
C CYS A 168 -2.35 -0.87 17.15
N GLY A 169 -2.85 -1.46 18.19
CA GLY A 169 -3.40 -2.84 18.08
C GLY A 169 -4.82 -2.77 17.52
N GLY A 170 -5.78 -2.40 18.33
CA GLY A 170 -7.18 -2.32 17.84
C GLY A 170 -7.39 -1.01 17.08
N HIS A 171 -8.20 -1.02 16.06
CA HIS A 171 -8.44 0.23 15.28
C HIS A 171 -9.94 0.47 15.12
N GLY A 172 -10.39 1.65 15.47
CA GLY A 172 -11.85 1.95 15.33
C GLY A 172 -12.32 1.59 13.93
N HIS A 173 -13.61 1.54 13.71
CA HIS A 173 -14.12 1.19 12.36
C HIS A 173 -15.61 1.53 12.26
N ASP A 174 -16.04 2.04 11.14
CA ASP A 174 -17.48 2.41 10.98
C ASP A 174 -17.80 2.69 9.51
N HIS A 175 -17.78 1.67 8.69
CA HIS A 175 -18.09 1.88 7.24
C HIS A 175 -19.54 1.50 6.94
N GLY A 176 -20.47 2.20 7.52
CA GLY A 176 -21.91 1.87 7.27
C GLY A 176 -22.19 1.93 5.76
N HIS A 177 -21.59 2.86 5.07
CA HIS A 177 -21.82 2.96 3.61
C HIS A 177 -23.32 3.15 3.31
N GLU A 178 -23.86 4.30 3.66
CA GLU A 178 -25.30 4.54 3.40
C GLU A 178 -25.53 4.88 1.93
N HIS A 179 -26.56 4.33 1.34
CA HIS A 179 -26.84 4.61 -0.10
C HIS A 179 -27.29 6.06 -0.27
N GLY A 180 -27.97 6.36 -1.35
CA GLY A 180 -28.44 7.75 -1.57
C GLY A 180 -27.25 8.70 -1.59
N GLY A 181 -27.46 9.93 -1.95
CA GLY A 181 -26.34 10.91 -1.99
C GLY A 181 -26.79 12.20 -2.68
N GLU A 182 -27.66 12.09 -3.64
CA GLU A 182 -28.15 13.30 -4.35
C GLU A 182 -26.97 14.21 -4.72
N GLY A 183 -25.80 13.64 -4.87
CA GLY A 183 -24.62 14.47 -5.23
C GLY A 183 -24.16 15.27 -4.02
N CYS A 184 -22.90 15.62 -3.96
CA CYS A 184 -22.40 16.40 -2.79
C CYS A 184 -21.38 17.44 -3.25
N CYS A 185 -20.38 17.02 -3.99
CA CYS A 185 -19.36 17.99 -4.47
C CYS A 185 -19.07 17.76 -5.96
N GLY A 186 -18.38 18.68 -6.58
CA GLY A 186 -18.07 18.51 -8.04
C GLY A 186 -19.19 19.14 -8.87
N GLY A 187 -19.07 20.40 -9.18
CA GLY A 187 -20.13 21.08 -9.98
C GLY A 187 -19.47 21.91 -11.09
N LYS A 188 -18.54 22.74 -10.74
CA LYS A 188 -17.87 23.58 -11.78
C LYS A 188 -16.35 23.59 -11.55
N GLY A 189 -15.64 24.46 -12.22
CA GLY A 189 -14.16 24.51 -12.04
C GLY A 189 -13.50 24.84 -13.37
N ASN A 190 -12.42 25.58 -13.34
CA ASN A 190 -11.72 25.94 -14.62
C ASN A 190 -12.73 26.48 -15.63
N GLY A 191 -12.29 26.72 -16.84
CA GLY A 191 -13.22 27.25 -17.87
C GLY A 191 -13.12 26.40 -19.14
N GLY A 192 -14.13 26.42 -19.97
CA GLY A 192 -14.08 25.62 -21.23
C GLY A 192 -14.67 24.23 -20.95
N CYS A 193 -15.88 24.00 -21.37
CA CYS A 193 -16.51 22.67 -21.14
C CYS A 193 -15.64 21.57 -21.76
N GLY A 194 -15.43 20.50 -21.04
CA GLY A 194 -14.60 19.39 -21.59
C GLY A 194 -13.49 19.04 -20.58
N CYS A 195 -13.58 17.89 -19.98
CA CYS A 195 -12.54 17.48 -18.99
C CYS A 195 -11.47 16.62 -19.66
N HIS A 196 -11.66 16.28 -20.90
CA HIS A 196 -10.66 15.44 -21.62
C HIS A 196 -10.41 14.15 -20.84
N MET A 1 -0.97 -27.85 4.03
CA MET A 1 -1.74 -26.93 4.93
C MET A 1 -2.44 -25.85 4.10
N LYS A 2 -2.50 -24.65 4.61
CA LYS A 2 -3.17 -23.55 3.85
C LYS A 2 -2.49 -22.22 4.16
N VAL A 3 -2.65 -21.25 3.29
CA VAL A 3 -2.01 -19.93 3.53
C VAL A 3 -2.35 -19.42 4.93
N ALA A 4 -1.52 -18.58 5.49
CA ALA A 4 -1.80 -18.05 6.85
C ALA A 4 -1.08 -16.71 7.06
N LYS A 5 -1.25 -16.11 8.20
CA LYS A 5 -0.58 -14.80 8.45
C LYS A 5 0.87 -15.03 8.90
N ASP A 6 1.57 -15.91 8.25
CA ASP A 6 2.99 -16.18 8.64
C ASP A 6 3.57 -17.30 7.76
N LEU A 7 3.19 -17.35 6.52
CA LEU A 7 3.72 -18.41 5.63
C LEU A 7 4.11 -17.83 4.27
N VAL A 8 5.39 -17.74 3.99
CA VAL A 8 5.82 -17.19 2.67
C VAL A 8 5.09 -17.91 1.54
N VAL A 9 4.47 -17.17 0.66
CA VAL A 9 3.74 -17.83 -0.46
C VAL A 9 3.88 -16.99 -1.74
N SER A 10 4.25 -17.61 -2.83
CA SER A 10 4.41 -16.87 -4.11
C SER A 10 3.12 -16.98 -4.94
N LEU A 11 2.43 -15.89 -5.12
CA LEU A 11 1.17 -15.94 -5.92
C LEU A 11 1.14 -14.81 -6.95
N ALA A 12 1.22 -15.14 -8.21
CA ALA A 12 1.19 -14.08 -9.26
C ALA A 12 -0.24 -13.60 -9.48
N TYR A 13 -0.42 -12.40 -9.96
CA TYR A 13 -1.80 -11.89 -10.18
C TYR A 13 -1.80 -10.77 -11.22
N GLN A 14 -2.74 -10.78 -12.13
CA GLN A 14 -2.81 -9.71 -13.16
C GLN A 14 -3.95 -8.75 -12.84
N VAL A 15 -3.70 -7.48 -12.83
CA VAL A 15 -4.78 -6.50 -12.51
C VAL A 15 -5.03 -5.57 -13.70
N ARG A 16 -6.23 -5.05 -13.80
CA ARG A 16 -6.56 -4.14 -14.93
C ARG A 16 -7.70 -3.21 -14.52
N THR A 17 -7.65 -1.96 -14.92
CA THR A 17 -8.74 -1.02 -14.55
C THR A 17 -9.89 -1.10 -15.56
N GLU A 18 -11.08 -0.82 -15.13
CA GLU A 18 -12.25 -0.88 -16.06
C GLU A 18 -12.01 -0.01 -17.29
N ASP A 19 -11.29 1.08 -17.12
CA ASP A 19 -11.02 1.97 -18.29
C ASP A 19 -10.28 1.19 -19.38
N GLY A 20 -9.78 0.04 -19.06
CA GLY A 20 -9.05 -0.77 -20.08
C GLY A 20 -7.54 -0.53 -19.92
N VAL A 21 -7.10 -0.28 -18.72
CA VAL A 21 -5.64 -0.03 -18.51
C VAL A 21 -5.07 -1.05 -17.53
N LEU A 22 -3.85 -1.47 -17.71
CA LEU A 22 -3.25 -2.46 -16.77
C LEU A 22 -2.33 -1.76 -15.78
N VAL A 23 -2.63 -1.84 -14.51
CA VAL A 23 -1.77 -1.18 -13.50
C VAL A 23 -0.52 -2.01 -13.23
N ASP A 24 -0.67 -3.30 -13.09
CA ASP A 24 0.52 -4.17 -12.84
C ASP A 24 0.17 -5.63 -13.14
N GLU A 25 1.16 -6.44 -13.39
CA GLU A 25 0.89 -7.88 -13.69
C GLU A 25 2.04 -8.75 -13.20
N SER A 26 1.75 -9.78 -12.46
CA SER A 26 2.83 -10.67 -11.95
C SER A 26 2.83 -12.00 -12.71
N PRO A 27 3.87 -12.21 -13.48
CA PRO A 27 3.98 -13.46 -14.28
C PRO A 27 4.32 -14.64 -13.37
N VAL A 28 4.04 -15.83 -13.80
CA VAL A 28 4.35 -17.03 -12.97
C VAL A 28 5.84 -17.08 -12.65
N SER A 29 6.67 -16.51 -13.48
CA SER A 29 8.13 -16.53 -13.22
C SER A 29 8.49 -15.47 -12.18
N ALA A 30 7.53 -14.74 -11.70
CA ALA A 30 7.83 -13.68 -10.69
C ALA A 30 6.57 -13.37 -9.86
N PRO A 31 6.09 -14.37 -9.18
CA PRO A 31 4.88 -14.20 -8.34
C PRO A 31 5.20 -13.40 -7.09
N LEU A 32 4.21 -12.89 -6.41
CA LEU A 32 4.47 -12.08 -5.18
C LEU A 32 4.86 -13.01 -4.02
N ASP A 33 6.13 -13.26 -3.87
CA ASP A 33 6.58 -14.15 -2.75
C ASP A 33 6.82 -13.33 -1.48
N TYR A 34 5.93 -13.42 -0.54
CA TYR A 34 6.10 -12.63 0.72
C TYR A 34 5.25 -13.22 1.84
N LEU A 35 5.48 -12.79 3.06
CA LEU A 35 4.69 -13.33 4.20
C LEU A 35 3.22 -12.89 4.07
N HIS A 36 2.40 -13.73 3.48
CA HIS A 36 0.96 -13.36 3.31
C HIS A 36 0.30 -13.14 4.68
N GLY A 37 -0.62 -12.23 4.75
CA GLY A 37 -1.30 -11.96 6.05
C GLY A 37 -0.38 -11.18 6.98
N HIS A 38 0.84 -11.63 7.14
CA HIS A 38 1.79 -10.91 8.03
C HIS A 38 2.96 -10.36 7.21
N GLY A 39 2.80 -9.19 6.66
CA GLY A 39 3.90 -8.59 5.84
C GLY A 39 3.46 -7.23 5.31
N SER A 40 2.51 -7.22 4.43
CA SER A 40 2.02 -5.92 3.87
C SER A 40 0.82 -6.15 2.95
N LEU A 41 1.06 -6.70 1.79
CA LEU A 41 -0.04 -6.98 0.82
C LEU A 41 -1.29 -6.14 1.16
N ILE A 42 -2.42 -6.77 1.32
CA ILE A 42 -3.66 -6.00 1.65
C ILE A 42 -4.62 -6.90 2.43
N SER A 43 -5.21 -6.37 3.47
CA SER A 43 -6.17 -7.18 4.28
C SER A 43 -7.41 -7.53 3.44
N GLY A 44 -7.97 -6.58 2.76
CA GLY A 44 -9.17 -6.85 1.93
C GLY A 44 -8.92 -8.09 1.06
N LEU A 45 -7.78 -8.16 0.42
CA LEU A 45 -7.48 -9.34 -0.44
C LEU A 45 -7.02 -10.52 0.43
N GLU A 46 -6.44 -10.25 1.55
CA GLU A 46 -5.97 -11.35 2.44
C GLU A 46 -7.09 -12.37 2.67
N THR A 47 -8.22 -11.92 3.15
CA THR A 47 -9.36 -12.85 3.39
C THR A 47 -9.57 -13.75 2.17
N ALA A 48 -9.43 -13.22 0.99
CA ALA A 48 -9.62 -14.05 -0.24
C ALA A 48 -8.43 -14.99 -0.43
N LEU A 49 -7.30 -14.65 0.11
CA LEU A 49 -6.10 -15.52 -0.04
C LEU A 49 -6.11 -16.62 1.03
N GLU A 50 -6.69 -16.35 2.17
CA GLU A 50 -6.71 -17.37 3.25
C GLU A 50 -7.29 -18.69 2.73
N GLY A 51 -6.61 -19.78 2.95
CA GLY A 51 -7.11 -21.09 2.46
C GLY A 51 -7.17 -21.08 0.94
N HIS A 52 -6.30 -21.83 0.30
CA HIS A 52 -6.31 -21.86 -1.19
C HIS A 52 -5.50 -23.05 -1.69
N GLU A 53 -4.40 -23.34 -1.07
CA GLU A 53 -3.56 -24.50 -1.50
C GLU A 53 -2.91 -24.20 -2.86
N VAL A 54 -1.74 -24.72 -3.09
CA VAL A 54 -1.04 -24.46 -4.38
C VAL A 54 -1.84 -25.04 -5.55
N GLY A 55 -2.18 -24.22 -6.50
CA GLY A 55 -2.96 -24.71 -7.66
C GLY A 55 -4.38 -24.16 -7.61
N ASP A 56 -4.68 -23.34 -6.63
CA ASP A 56 -6.06 -22.78 -6.53
C ASP A 56 -6.06 -21.31 -6.96
N LYS A 57 -6.35 -21.05 -8.20
CA LYS A 57 -6.38 -19.64 -8.69
C LYS A 57 -7.83 -19.15 -8.83
N PHE A 58 -8.07 -17.91 -8.54
CA PHE A 58 -9.46 -17.37 -8.65
C PHE A 58 -9.42 -15.90 -9.09
N ASP A 59 -10.46 -15.17 -8.79
CA ASP A 59 -10.48 -13.73 -9.19
C ASP A 59 -11.20 -12.89 -8.12
N VAL A 60 -10.63 -11.78 -7.74
CA VAL A 60 -11.29 -10.93 -6.70
C VAL A 60 -11.04 -9.45 -7.01
N ALA A 61 -11.98 -8.60 -6.70
CA ALA A 61 -11.80 -7.14 -6.98
C ALA A 61 -11.64 -6.38 -5.66
N VAL A 62 -10.51 -5.76 -5.45
CA VAL A 62 -10.30 -5.00 -4.19
C VAL A 62 -9.29 -3.86 -4.43
N GLY A 63 -9.71 -2.64 -4.24
CA GLY A 63 -8.78 -1.50 -4.45
C GLY A 63 -9.33 -0.25 -3.75
N ALA A 64 -10.46 0.22 -4.18
CA ALA A 64 -11.06 1.43 -3.54
C ALA A 64 -11.72 1.04 -2.21
N ASN A 65 -12.06 -0.21 -2.04
CA ASN A 65 -12.71 -0.64 -0.78
C ASN A 65 -11.64 -0.87 0.30
N ASP A 66 -10.45 -1.23 -0.08
CA ASP A 66 -9.38 -1.47 0.92
C ASP A 66 -8.16 -2.11 0.27
N ALA A 67 -7.42 -1.35 -0.49
CA ALA A 67 -6.21 -1.94 -1.17
C ALA A 67 -5.34 -0.82 -1.74
N TYR A 68 -5.67 -0.32 -2.90
CA TYR A 68 -4.86 0.76 -3.51
C TYR A 68 -5.63 2.08 -3.50
N GLY A 69 -6.94 2.01 -3.56
CA GLY A 69 -7.76 3.25 -3.57
C GLY A 69 -7.97 3.72 -2.13
N GLN A 70 -9.21 3.83 -1.71
CA GLN A 70 -9.49 4.27 -0.32
C GLN A 70 -8.80 5.62 -0.04
N TYR A 71 -9.23 6.67 -0.67
CA TYR A 71 -8.60 7.99 -0.44
C TYR A 71 -8.34 8.20 1.05
N ASP A 72 -7.25 8.83 1.40
CA ASP A 72 -6.95 9.05 2.84
C ASP A 72 -7.19 10.52 3.22
N GLU A 73 -8.39 10.85 3.64
CA GLU A 73 -8.68 12.25 4.01
C GLU A 73 -7.63 12.75 5.02
N ASN A 74 -6.96 11.87 5.69
CA ASN A 74 -5.93 12.28 6.67
C ASN A 74 -4.64 12.67 5.94
N LEU A 75 -4.66 12.66 4.64
CA LEU A 75 -3.44 13.03 3.85
C LEU A 75 -2.60 14.06 4.62
N VAL A 76 -3.16 15.19 4.93
CA VAL A 76 -2.40 16.23 5.67
C VAL A 76 -2.44 15.94 7.17
N GLN A 77 -1.45 15.29 7.69
CA GLN A 77 -1.42 14.97 9.15
C GLN A 77 -0.34 15.79 9.85
N ARG A 78 -0.41 15.89 11.14
CA ARG A 78 0.62 16.68 11.89
C ARG A 78 1.28 15.81 12.96
N VAL A 79 2.53 15.48 12.79
CA VAL A 79 3.23 14.63 13.81
C VAL A 79 4.67 15.12 14.00
N PRO A 80 5.00 15.44 15.21
CA PRO A 80 6.36 15.93 15.54
C PRO A 80 7.36 14.77 15.49
N LYS A 81 8.62 15.08 15.29
CA LYS A 81 9.65 14.01 15.23
C LYS A 81 9.87 13.39 16.61
N ASP A 82 9.21 13.91 17.61
CA ASP A 82 9.38 13.36 18.98
C ASP A 82 9.22 11.84 18.97
N VAL A 83 8.49 11.32 18.03
CA VAL A 83 8.30 9.84 17.96
C VAL A 83 9.07 9.26 16.77
N PHE A 84 8.56 9.43 15.59
CA PHE A 84 9.26 8.90 14.38
C PHE A 84 9.97 7.58 14.71
N MET A 85 9.31 6.47 14.54
CA MET A 85 9.95 5.16 14.84
C MET A 85 11.14 4.92 13.91
N GLY A 86 12.34 4.98 14.42
CA GLY A 86 13.53 4.76 13.57
C GLY A 86 13.76 5.97 12.67
N VAL A 87 14.92 6.56 12.73
CA VAL A 87 15.19 7.76 11.88
C VAL A 87 16.71 7.97 11.74
N ASP A 88 17.33 7.28 10.81
CA ASP A 88 18.80 7.45 10.63
C ASP A 88 19.09 8.67 9.76
N GLU A 89 18.32 8.85 8.72
CA GLU A 89 18.54 10.03 7.82
C GLU A 89 17.21 10.70 7.51
N LEU A 90 16.64 11.32 8.48
CA LEU A 90 15.32 12.02 8.27
C LEU A 90 15.47 13.11 7.21
N GLN A 91 15.08 12.82 6.00
CA GLN A 91 15.18 13.85 4.92
C GLN A 91 13.84 14.54 4.71
N VAL A 92 13.84 15.74 4.21
CA VAL A 92 12.56 16.47 3.98
C VAL A 92 12.03 16.19 2.57
N GLY A 93 10.85 15.66 2.45
CA GLY A 93 10.29 15.37 1.11
C GLY A 93 10.27 13.86 0.86
N MET A 94 11.26 13.16 1.35
CA MET A 94 11.29 11.69 1.14
C MET A 94 9.95 11.06 1.55
N ARG A 95 9.63 9.93 1.00
CA ARG A 95 8.34 9.26 1.37
C ARG A 95 8.60 7.98 2.15
N PHE A 96 7.86 7.76 3.20
CA PHE A 96 8.07 6.52 4.01
C PHE A 96 6.77 6.13 4.73
N LEU A 97 6.67 4.92 5.19
CA LEU A 97 5.43 4.48 5.89
C LEU A 97 5.56 4.73 7.40
N ALA A 98 4.52 5.19 8.04
CA ALA A 98 4.58 5.44 9.50
C ALA A 98 3.51 4.63 10.23
N GLU A 99 3.92 3.63 10.97
CA GLU A 99 2.92 2.80 11.71
C GLU A 99 2.40 3.56 12.93
N THR A 100 1.18 4.02 12.90
CA THR A 100 0.63 4.77 14.06
C THR A 100 -0.49 3.95 14.73
N ASP A 101 -0.83 4.29 15.94
CA ASP A 101 -1.91 3.53 16.64
C ASP A 101 -3.14 3.40 15.74
N GLN A 102 -3.28 4.28 14.78
CA GLN A 102 -4.46 4.19 13.87
C GLN A 102 -4.16 3.24 12.71
N GLY A 103 -3.14 2.44 12.83
CA GLY A 103 -2.80 1.49 11.73
C GLY A 103 -1.70 2.10 10.85
N PRO A 104 -1.23 1.31 9.92
CA PRO A 104 -0.17 1.77 9.00
C PRO A 104 -0.74 2.77 7.99
N VAL A 105 -0.11 3.90 7.84
CA VAL A 105 -0.61 4.92 6.88
C VAL A 105 0.56 5.57 6.12
N PRO A 106 0.35 5.77 4.85
CA PRO A 106 1.40 6.38 4.00
C PRO A 106 1.53 7.87 4.31
N VAL A 107 2.73 8.37 4.41
CA VAL A 107 2.92 9.82 4.71
C VAL A 107 4.17 10.34 3.98
N GLU A 108 4.17 11.60 3.61
CA GLU A 108 5.35 12.17 2.90
C GLU A 108 5.72 13.52 3.49
N ILE A 109 6.81 13.57 4.23
CA ILE A 109 7.23 14.87 4.83
C ILE A 109 7.24 15.97 3.77
N THR A 110 6.58 17.07 4.04
CA THR A 110 6.55 18.18 3.04
C THR A 110 7.07 19.47 3.68
N ALA A 111 7.00 19.58 4.98
CA ALA A 111 7.48 20.81 5.66
C ALA A 111 7.85 20.50 7.12
N VAL A 112 9.11 20.58 7.45
CA VAL A 112 9.53 20.29 8.85
C VAL A 112 9.41 21.54 9.71
N GLU A 113 9.09 21.38 10.97
CA GLU A 113 8.95 22.57 11.87
C GLU A 113 9.66 22.31 13.20
N ASP A 114 9.62 23.26 14.10
CA ASP A 114 10.29 23.06 15.41
C ASP A 114 9.52 22.06 16.26
N ASP A 115 10.18 21.07 16.81
CA ASP A 115 9.48 20.06 17.65
C ASP A 115 8.15 19.68 17.00
N HIS A 116 8.06 19.78 15.69
CA HIS A 116 6.78 19.42 15.00
C HIS A 116 7.02 19.29 13.50
N VAL A 117 6.38 18.35 12.87
CA VAL A 117 6.57 18.18 11.39
C VAL A 117 5.22 17.94 10.71
N VAL A 118 5.11 18.30 9.47
CA VAL A 118 3.81 18.10 8.74
C VAL A 118 3.98 17.02 7.67
N VAL A 119 2.90 16.40 7.26
CA VAL A 119 3.01 15.35 6.22
C VAL A 119 1.73 15.33 5.36
N ASP A 120 1.89 15.27 4.07
CA ASP A 120 0.70 15.25 3.16
C ASP A 120 1.12 14.86 1.74
N GLY A 121 0.94 13.63 1.38
CA GLY A 121 1.33 13.19 0.01
C GLY A 121 0.71 11.83 -0.30
N ASN A 122 -0.59 11.76 -0.42
CA ASN A 122 -1.25 10.47 -0.71
C ASN A 122 -1.99 10.54 -2.06
N HIS A 123 -2.57 9.46 -2.49
CA HIS A 123 -3.31 9.47 -3.79
C HIS A 123 -4.15 10.75 -3.91
N MET A 124 -4.01 11.46 -4.99
CA MET A 124 -4.80 12.71 -5.16
C MET A 124 -6.25 12.38 -5.55
N LEU A 125 -6.47 11.19 -6.04
CA LEU A 125 -7.87 10.80 -6.43
C LEU A 125 -8.07 9.30 -6.21
N ALA A 126 -8.71 8.93 -5.13
CA ALA A 126 -8.94 7.49 -4.86
C ALA A 126 -10.36 7.09 -5.29
N GLY A 127 -10.75 5.88 -5.05
CA GLY A 127 -12.12 5.44 -5.44
C GLY A 127 -12.05 4.69 -6.77
N GLN A 128 -10.88 4.23 -7.15
CA GLN A 128 -10.76 3.49 -8.43
C GLN A 128 -10.47 2.01 -8.16
N ASN A 129 -11.48 1.23 -7.87
CA ASN A 129 -11.24 -0.21 -7.60
C ASN A 129 -10.64 -0.90 -8.82
N LEU A 130 -9.98 -2.00 -8.64
CA LEU A 130 -9.37 -2.71 -9.80
C LEU A 130 -9.62 -4.21 -9.69
N LYS A 131 -9.80 -4.88 -10.79
CA LYS A 131 -10.04 -6.35 -10.75
C LYS A 131 -8.80 -7.11 -11.19
N PHE A 132 -8.35 -8.05 -10.40
CA PHE A 132 -7.13 -8.82 -10.77
C PHE A 132 -7.24 -10.26 -10.26
N ASN A 133 -6.74 -11.21 -11.01
CA ASN A 133 -6.82 -12.62 -10.57
C ASN A 133 -5.57 -12.99 -9.76
N VAL A 134 -5.68 -13.91 -8.85
CA VAL A 134 -4.49 -14.30 -8.03
C VAL A 134 -4.40 -15.82 -7.91
N GLU A 135 -3.23 -16.36 -8.08
CA GLU A 135 -3.06 -17.83 -7.98
C GLU A 135 -1.93 -18.17 -7.01
N VAL A 136 -2.19 -19.01 -6.04
CA VAL A 136 -1.12 -19.36 -5.05
C VAL A 136 -0.16 -20.39 -5.67
N VAL A 137 1.12 -20.21 -5.46
CA VAL A 137 2.11 -21.18 -6.02
C VAL A 137 2.77 -21.98 -4.91
N ALA A 138 2.98 -21.37 -3.76
CA ALA A 138 3.62 -22.10 -2.64
C ALA A 138 3.26 -21.45 -1.30
N ILE A 139 3.49 -22.13 -0.22
CA ILE A 139 3.16 -21.56 1.12
C ILE A 139 4.06 -22.20 2.19
N ARG A 140 5.09 -21.51 2.62
CA ARG A 140 5.99 -22.07 3.66
C ARG A 140 6.02 -21.16 4.88
N GLU A 141 6.31 -21.70 6.04
CA GLU A 141 6.36 -20.86 7.27
C GLU A 141 7.68 -20.09 7.33
N ALA A 142 7.71 -19.01 8.06
CA ALA A 142 8.97 -18.22 8.17
C ALA A 142 9.59 -18.39 9.56
N THR A 143 10.86 -18.13 9.69
CA THR A 143 11.52 -18.28 11.01
C THR A 143 11.12 -17.13 11.93
N GLU A 144 11.62 -17.12 13.14
CA GLU A 144 11.27 -16.01 14.08
C GLU A 144 11.63 -14.65 13.47
N GLU A 145 12.75 -14.57 12.81
CA GLU A 145 13.15 -13.27 12.19
C GLU A 145 12.24 -12.94 11.01
N GLU A 146 12.00 -13.88 10.15
CA GLU A 146 11.12 -13.62 8.98
C GLU A 146 9.76 -13.09 9.45
N LEU A 147 9.22 -13.67 10.48
CA LEU A 147 7.91 -13.21 11.00
C LEU A 147 8.09 -11.97 11.90
N ALA A 148 9.26 -11.82 12.46
CA ALA A 148 9.52 -10.64 13.34
C ALA A 148 9.09 -9.36 12.63
N HIS A 149 9.59 -9.14 11.44
CA HIS A 149 9.23 -7.92 10.68
C HIS A 149 8.39 -8.28 9.47
N GLY A 150 8.32 -9.54 9.15
CA GLY A 150 7.50 -9.97 7.98
C GLY A 150 8.37 -9.95 6.72
N HIS A 151 9.31 -10.85 6.61
CA HIS A 151 10.19 -10.88 5.41
C HIS A 151 10.71 -12.29 5.16
N VAL A 152 11.18 -12.57 3.98
CA VAL A 152 11.70 -13.92 3.67
C VAL A 152 13.08 -13.83 3.02
N HIS A 153 14.11 -14.25 3.71
CA HIS A 153 15.48 -14.18 3.13
C HIS A 153 15.91 -12.72 2.97
N GLY A 154 15.17 -11.95 2.23
CA GLY A 154 15.54 -10.52 2.04
C GLY A 154 15.25 -9.74 3.32
N ALA A 155 16.00 -8.69 3.59
CA ALA A 155 15.77 -7.89 4.82
C ALA A 155 16.19 -6.44 4.59
N HIS A 156 15.27 -5.53 4.62
CA HIS A 156 15.61 -4.10 4.41
C HIS A 156 16.10 -3.47 5.72
N ASP A 157 15.59 -3.92 6.83
CA ASP A 157 16.02 -3.35 8.14
C ASP A 157 17.37 -3.95 8.56
N HIS A 158 17.76 -5.02 7.94
CA HIS A 158 19.07 -5.66 8.30
C HIS A 158 20.09 -5.44 7.18
N HIS A 159 19.82 -4.52 6.28
CA HIS A 159 20.77 -4.27 5.16
C HIS A 159 21.12 -2.77 5.10
N HIS A 160 20.16 -1.95 4.77
CA HIS A 160 20.43 -0.49 4.68
C HIS A 160 20.73 0.08 6.08
N ASP A 161 21.99 0.31 6.38
CA ASP A 161 22.34 0.85 7.72
C ASP A 161 21.91 -0.12 8.83
N HIS A 162 22.83 -0.52 9.65
CA HIS A 162 22.47 -1.47 10.76
C HIS A 162 22.65 -0.78 12.12
N ASP A 163 23.42 0.26 12.17
CA ASP A 163 23.63 0.97 13.47
C ASP A 163 24.33 2.32 13.23
N HIS A 164 24.94 2.86 14.24
CA HIS A 164 25.64 4.17 14.06
C HIS A 164 27.14 3.95 13.81
N ASP A 165 27.55 4.00 12.57
CA ASP A 165 28.99 3.80 12.27
C ASP A 165 29.75 5.14 12.33
N GLY A 166 29.42 5.96 13.29
CA GLY A 166 30.11 7.27 13.40
C GLY A 166 30.30 7.62 14.88
N CYS A 167 29.27 7.49 15.66
CA CYS A 167 29.38 7.82 17.11
C CYS A 167 30.02 9.21 17.29
N CYS A 168 29.23 10.24 17.24
CA CYS A 168 29.78 11.61 17.40
C CYS A 168 29.96 11.93 18.90
N GLY A 169 29.73 10.98 19.75
CA GLY A 169 29.89 11.22 21.21
C GLY A 169 31.30 11.75 21.50
N GLY A 170 31.54 12.20 22.69
CA GLY A 170 32.90 12.73 23.02
C GLY A 170 32.93 14.24 22.78
N HIS A 171 32.07 14.73 21.92
CA HIS A 171 32.06 16.19 21.64
C HIS A 171 30.88 16.86 22.35
N GLY A 172 30.27 16.17 23.27
CA GLY A 172 29.11 16.76 24.01
C GLY A 172 29.22 16.42 25.49
N HIS A 173 28.25 16.83 26.28
CA HIS A 173 28.29 16.53 27.73
C HIS A 173 27.29 15.43 28.08
N ASP A 174 26.52 14.98 27.12
CA ASP A 174 25.51 13.92 27.40
C ASP A 174 24.43 14.45 28.34
N HIS A 175 24.80 14.80 29.55
CA HIS A 175 23.78 15.32 30.51
C HIS A 175 24.43 16.33 31.47
N GLY A 176 23.81 17.45 31.67
CA GLY A 176 24.39 18.47 32.59
C GLY A 176 23.50 19.71 32.62
N HIS A 177 22.22 19.53 32.86
CA HIS A 177 21.30 20.70 32.90
C HIS A 177 21.41 21.50 31.60
N GLU A 178 22.31 22.44 31.54
CA GLU A 178 22.47 23.25 30.31
C GLU A 178 23.91 23.19 29.80
N HIS A 179 24.11 23.36 28.53
CA HIS A 179 25.50 23.30 27.98
C HIS A 179 26.25 24.59 28.33
N GLY A 180 25.57 25.57 28.87
CA GLY A 180 26.25 26.84 29.23
C GLY A 180 25.37 27.62 30.21
N GLY A 181 25.93 28.07 31.31
CA GLY A 181 25.13 28.85 32.28
C GLY A 181 25.10 30.32 31.88
N GLU A 182 25.95 31.12 32.47
CA GLU A 182 25.97 32.57 32.12
C GLU A 182 26.48 32.76 30.68
N GLY A 183 26.19 33.88 30.08
CA GLY A 183 26.66 34.11 28.69
C GLY A 183 25.70 33.45 27.70
N CYS A 184 26.04 32.30 27.20
CA CYS A 184 25.14 31.61 26.23
C CYS A 184 23.95 31.00 26.96
N CYS A 185 22.76 31.46 26.67
CA CYS A 185 21.56 30.90 27.36
C CYS A 185 21.71 31.01 28.87
N GLY A 186 20.82 30.42 29.61
CA GLY A 186 20.92 30.48 31.10
C GLY A 186 19.81 29.64 31.72
N GLY A 187 19.50 29.87 32.97
CA GLY A 187 18.43 29.09 33.64
C GLY A 187 17.06 29.69 33.30
N LYS A 188 16.02 28.91 33.40
CA LYS A 188 14.66 29.44 33.08
C LYS A 188 13.61 28.72 33.91
N GLY A 189 12.56 29.41 34.29
CA GLY A 189 11.51 28.76 35.11
C GLY A 189 11.25 29.59 36.38
N ASN A 190 10.28 30.46 36.35
CA ASN A 190 10.00 31.30 37.55
C ASN A 190 8.51 31.23 37.91
N GLY A 191 8.17 30.51 38.94
CA GLY A 191 6.74 30.41 39.33
C GLY A 191 6.19 31.79 39.65
N GLY A 192 6.89 32.55 40.46
CA GLY A 192 6.40 33.92 40.81
C GLY A 192 5.56 33.84 42.07
N CYS A 193 5.81 34.71 43.02
CA CYS A 193 5.03 34.69 44.28
C CYS A 193 4.12 35.93 44.35
N GLY A 194 4.67 37.09 44.16
CA GLY A 194 3.85 38.33 44.22
C GLY A 194 4.43 39.38 43.27
N CYS A 195 4.74 38.99 42.07
CA CYS A 195 5.32 39.96 41.09
C CYS A 195 5.51 39.30 39.73
N HIS A 196 5.52 40.07 38.68
CA HIS A 196 5.70 39.48 37.32
C HIS A 196 4.75 38.29 37.12
N MET A 1 -1.88 -28.77 3.25
CA MET A 1 -1.96 -27.60 4.18
C MET A 1 -2.61 -26.40 3.46
N LYS A 2 -2.95 -25.38 4.20
CA LYS A 2 -3.58 -24.19 3.56
C LYS A 2 -2.78 -22.93 3.88
N VAL A 3 -2.85 -21.93 3.05
CA VAL A 3 -2.09 -20.67 3.32
C VAL A 3 -2.50 -20.08 4.66
N ALA A 4 -1.54 -19.70 5.47
CA ALA A 4 -1.88 -19.12 6.80
C ALA A 4 -0.78 -18.17 7.26
N LYS A 5 -0.90 -17.61 8.43
CA LYS A 5 0.15 -16.67 8.94
C LYS A 5 1.49 -17.40 9.05
N ASP A 6 2.52 -16.70 9.43
CA ASP A 6 3.86 -17.35 9.55
C ASP A 6 4.09 -18.33 8.40
N LEU A 7 3.55 -18.03 7.25
CA LEU A 7 3.73 -18.94 6.09
C LEU A 7 3.91 -18.13 4.79
N VAL A 8 5.10 -18.12 4.24
CA VAL A 8 5.33 -17.36 2.99
C VAL A 8 4.48 -17.93 1.86
N VAL A 9 3.75 -17.11 1.17
CA VAL A 9 2.90 -17.63 0.06
C VAL A 9 3.24 -16.93 -1.24
N SER A 10 3.74 -17.65 -2.21
CA SER A 10 4.09 -17.02 -3.51
C SER A 10 2.87 -17.05 -4.44
N LEU A 11 2.24 -15.94 -4.64
CA LEU A 11 1.03 -15.92 -5.52
C LEU A 11 1.11 -14.76 -6.51
N ALA A 12 1.11 -15.06 -7.78
CA ALA A 12 1.17 -13.97 -8.80
C ALA A 12 -0.25 -13.54 -9.18
N TYR A 13 -0.44 -12.28 -9.47
CA TYR A 13 -1.81 -11.81 -9.84
C TYR A 13 -1.73 -10.67 -10.86
N GLN A 14 -2.76 -10.50 -11.65
CA GLN A 14 -2.77 -9.40 -12.65
C GLN A 14 -3.95 -8.47 -12.40
N VAL A 15 -3.71 -7.20 -12.28
CA VAL A 15 -4.84 -6.25 -12.03
C VAL A 15 -5.06 -5.34 -13.24
N ARG A 16 -6.28 -4.96 -13.48
CA ARG A 16 -6.58 -4.07 -14.65
C ARG A 16 -7.75 -3.14 -14.31
N THR A 17 -7.68 -1.91 -14.75
CA THR A 17 -8.80 -0.96 -14.46
C THR A 17 -9.93 -1.13 -15.47
N GLU A 18 -11.13 -0.84 -15.08
CA GLU A 18 -12.29 -0.99 -16.02
C GLU A 18 -12.03 -0.18 -17.29
N ASP A 19 -11.31 0.90 -17.20
CA ASP A 19 -11.02 1.72 -18.41
C ASP A 19 -10.31 0.88 -19.47
N GLY A 20 -9.83 -0.28 -19.08
CA GLY A 20 -9.12 -1.14 -20.07
C GLY A 20 -7.61 -0.93 -19.96
N VAL A 21 -7.15 -0.60 -18.78
CA VAL A 21 -5.68 -0.37 -18.60
C VAL A 21 -5.12 -1.32 -17.55
N LEU A 22 -3.87 -1.68 -17.66
CA LEU A 22 -3.27 -2.60 -16.66
C LEU A 22 -2.43 -1.82 -15.64
N VAL A 23 -2.80 -1.88 -14.39
CA VAL A 23 -2.02 -1.13 -13.35
C VAL A 23 -0.72 -1.87 -13.03
N ASP A 24 -0.78 -3.16 -12.85
CA ASP A 24 0.46 -3.93 -12.55
C ASP A 24 0.16 -5.44 -12.48
N GLU A 25 1.12 -6.26 -12.82
CA GLU A 25 0.88 -7.72 -12.77
C GLU A 25 2.19 -8.45 -12.44
N SER A 26 2.11 -9.51 -11.68
CA SER A 26 3.35 -10.26 -11.32
C SER A 26 3.77 -11.17 -12.47
N PRO A 27 5.06 -11.38 -12.58
CA PRO A 27 5.60 -12.25 -13.66
C PRO A 27 5.29 -13.72 -13.37
N VAL A 28 4.84 -14.44 -14.35
CA VAL A 28 4.51 -15.88 -14.13
C VAL A 28 5.77 -16.65 -13.71
N SER A 29 6.93 -16.16 -14.06
CA SER A 29 8.19 -16.85 -13.69
C SER A 29 8.64 -16.41 -12.29
N ALA A 30 7.90 -15.54 -11.66
CA ALA A 30 8.30 -15.08 -10.31
C ALA A 30 7.08 -14.51 -9.57
N PRO A 31 6.44 -15.36 -8.82
CA PRO A 31 5.24 -14.94 -8.05
C PRO A 31 5.66 -14.07 -6.85
N LEU A 32 4.76 -13.26 -6.36
CA LEU A 32 5.09 -12.39 -5.20
C LEU A 32 5.16 -13.23 -3.92
N ASP A 33 6.35 -13.44 -3.40
CA ASP A 33 6.47 -14.25 -2.16
C ASP A 33 6.34 -13.34 -0.92
N TYR A 34 5.21 -13.39 -0.26
CA TYR A 34 5.02 -12.54 0.95
C TYR A 34 4.24 -13.30 2.02
N LEU A 35 4.26 -12.82 3.23
CA LEU A 35 3.51 -13.53 4.31
C LEU A 35 2.00 -13.42 4.08
N HIS A 36 1.23 -14.19 4.80
CA HIS A 36 -0.25 -14.13 4.60
C HIS A 36 -0.90 -13.22 5.65
N GLY A 37 -1.45 -12.11 5.22
CA GLY A 37 -2.10 -11.17 6.19
C GLY A 37 -1.06 -10.21 6.76
N HIS A 38 0.15 -10.66 6.92
CA HIS A 38 1.20 -9.76 7.48
C HIS A 38 2.46 -9.78 6.59
N GLY A 39 2.51 -8.95 5.60
CA GLY A 39 3.70 -8.94 4.70
C GLY A 39 3.61 -7.73 3.76
N SER A 40 2.50 -7.56 3.10
CA SER A 40 2.36 -6.40 2.16
C SER A 40 1.06 -6.53 1.35
N LEU A 41 0.59 -7.73 1.15
CA LEU A 41 -0.66 -7.92 0.37
C LEU A 41 -1.75 -6.97 0.87
N ILE A 42 -2.90 -7.01 0.26
CA ILE A 42 -4.00 -6.11 0.69
C ILE A 42 -4.95 -6.86 1.64
N SER A 43 -5.70 -6.13 2.43
CA SER A 43 -6.64 -6.81 3.38
C SER A 43 -7.78 -7.47 2.61
N GLY A 44 -8.25 -6.84 1.56
CA GLY A 44 -9.36 -7.42 0.77
C GLY A 44 -8.90 -8.75 0.17
N LEU A 45 -7.71 -8.79 -0.35
CA LEU A 45 -7.19 -10.06 -0.95
C LEU A 45 -6.88 -11.08 0.15
N GLU A 46 -6.43 -10.62 1.28
CA GLU A 46 -6.12 -11.57 2.39
C GLU A 46 -7.22 -12.63 2.51
N THR A 47 -8.44 -12.22 2.66
CA THR A 47 -9.55 -13.20 2.76
C THR A 47 -9.49 -14.20 1.61
N ALA A 48 -9.05 -13.76 0.45
CA ALA A 48 -8.97 -14.69 -0.71
C ALA A 48 -7.67 -15.48 -0.66
N LEU A 49 -6.64 -14.92 -0.08
CA LEU A 49 -5.34 -15.64 0.00
C LEU A 49 -5.43 -16.79 1.02
N GLU A 50 -6.00 -16.53 2.16
CA GLU A 50 -6.11 -17.60 3.19
C GLU A 50 -6.78 -18.85 2.59
N GLY A 51 -6.27 -20.01 2.89
CA GLY A 51 -6.88 -21.25 2.34
C GLY A 51 -7.21 -21.05 0.86
N HIS A 52 -6.24 -21.20 0.00
CA HIS A 52 -6.49 -21.02 -1.46
C HIS A 52 -6.01 -22.24 -2.24
N GLU A 53 -5.72 -23.32 -1.55
CA GLU A 53 -5.24 -24.54 -2.25
C GLU A 53 -4.03 -24.21 -3.14
N VAL A 54 -2.86 -24.39 -2.63
CA VAL A 54 -1.64 -24.08 -3.45
C VAL A 54 -1.81 -24.59 -4.86
N GLY A 55 -1.78 -23.72 -5.82
CA GLY A 55 -1.93 -24.15 -7.23
C GLY A 55 -3.29 -23.72 -7.76
N ASP A 56 -4.05 -23.02 -6.97
CA ASP A 56 -5.40 -22.57 -7.43
C ASP A 56 -5.40 -21.05 -7.67
N LYS A 57 -6.40 -20.55 -8.32
CA LYS A 57 -6.47 -19.08 -8.59
C LYS A 57 -7.82 -18.51 -8.14
N PHE A 58 -7.80 -17.46 -7.36
CA PHE A 58 -9.09 -16.86 -6.90
C PHE A 58 -9.26 -15.46 -7.49
N ASP A 59 -10.46 -15.10 -7.84
CA ASP A 59 -10.69 -13.74 -8.43
C ASP A 59 -11.23 -12.80 -7.35
N VAL A 60 -10.62 -11.65 -7.20
CA VAL A 60 -11.10 -10.68 -6.17
C VAL A 60 -11.04 -9.25 -6.72
N ALA A 61 -12.13 -8.54 -6.64
CA ALA A 61 -12.14 -7.14 -7.15
C ALA A 61 -12.10 -6.14 -5.98
N VAL A 62 -11.15 -5.25 -5.97
CA VAL A 62 -11.06 -4.26 -4.86
C VAL A 62 -9.97 -3.23 -5.15
N GLY A 63 -10.32 -1.97 -5.16
CA GLY A 63 -9.29 -0.92 -5.44
C GLY A 63 -9.43 0.20 -4.41
N ALA A 64 -10.34 1.10 -4.62
CA ALA A 64 -10.52 2.22 -3.64
C ALA A 64 -11.14 1.69 -2.36
N ASN A 65 -11.52 0.44 -2.33
CA ASN A 65 -12.13 -0.13 -1.10
C ASN A 65 -11.05 -0.51 -0.09
N ASP A 66 -9.84 -0.65 -0.53
CA ASP A 66 -8.75 -1.02 0.43
C ASP A 66 -7.44 -1.31 -0.32
N ALA A 67 -7.52 -1.69 -1.57
CA ALA A 67 -6.28 -1.98 -2.33
C ALA A 67 -5.21 -0.93 -2.04
N TYR A 68 -5.17 0.12 -2.80
CA TYR A 68 -4.14 1.18 -2.56
C TYR A 68 -4.82 2.47 -2.09
N GLY A 69 -6.08 2.41 -1.77
CA GLY A 69 -6.80 3.63 -1.31
C GLY A 69 -7.00 4.58 -2.49
N GLN A 70 -6.60 4.19 -3.66
CA GLN A 70 -6.78 5.08 -4.85
C GLN A 70 -6.45 6.53 -4.49
N TYR A 71 -5.19 6.84 -4.39
CA TYR A 71 -4.80 8.24 -4.04
C TYR A 71 -5.45 9.23 -5.00
N ASP A 72 -6.18 10.19 -4.48
CA ASP A 72 -6.85 11.18 -5.38
C ASP A 72 -5.87 12.29 -5.74
N GLU A 73 -5.70 12.55 -7.01
CA GLU A 73 -4.75 13.63 -7.43
C GLU A 73 -5.06 14.93 -6.70
N ASN A 74 -6.25 15.06 -6.18
CA ASN A 74 -6.61 16.31 -5.45
C ASN A 74 -5.95 16.32 -4.06
N LEU A 75 -5.18 15.32 -3.76
CA LEU A 75 -4.51 15.27 -2.43
C LEU A 75 -3.17 16.00 -2.48
N VAL A 76 -2.74 16.41 -3.64
CA VAL A 76 -1.43 17.13 -3.74
C VAL A 76 -1.43 18.33 -2.79
N GLN A 77 -0.47 18.38 -1.90
CA GLN A 77 -0.42 19.52 -0.94
C GLN A 77 1.03 19.81 -0.54
N ARG A 78 1.25 20.86 0.19
CA ARG A 78 2.64 21.20 0.62
C ARG A 78 2.66 21.52 2.13
N VAL A 79 3.60 20.96 2.84
CA VAL A 79 3.67 21.24 4.30
C VAL A 79 5.07 20.92 4.84
N PRO A 80 5.49 21.69 5.81
CA PRO A 80 6.83 21.49 6.41
C PRO A 80 6.84 20.24 7.30
N LYS A 81 8.00 19.79 7.69
CA LYS A 81 8.07 18.57 8.55
C LYS A 81 7.18 18.74 9.77
N ASP A 82 6.82 19.95 10.10
CA ASP A 82 5.93 20.19 11.28
C ASP A 82 4.73 19.25 11.23
N VAL A 83 4.38 18.78 10.06
CA VAL A 83 3.21 17.86 9.94
C VAL A 83 3.69 16.42 9.85
N PHE A 84 4.97 16.20 9.77
CA PHE A 84 5.49 14.81 9.68
C PHE A 84 5.59 14.19 11.08
N MET A 85 4.49 14.05 11.76
CA MET A 85 4.52 13.47 13.13
C MET A 85 5.31 12.16 13.13
N GLY A 86 6.38 12.08 13.88
CA GLY A 86 7.18 10.83 13.91
C GLY A 86 7.67 10.50 12.51
N VAL A 87 8.76 9.79 12.40
CA VAL A 87 9.28 9.43 11.05
C VAL A 87 10.52 8.53 11.19
N ASP A 88 11.49 8.93 11.97
CA ASP A 88 12.71 8.10 12.14
C ASP A 88 13.27 7.70 10.76
N GLU A 89 12.90 8.43 9.74
CA GLU A 89 13.41 8.09 8.37
C GLU A 89 12.60 8.85 7.31
N LEU A 90 13.22 9.73 6.60
CA LEU A 90 12.47 10.50 5.55
C LEU A 90 13.38 10.78 4.36
N GLN A 91 12.98 10.36 3.18
CA GLN A 91 13.82 10.61 1.98
C GLN A 91 13.03 11.41 0.94
N VAL A 92 13.68 11.91 -0.07
CA VAL A 92 12.96 12.70 -1.11
C VAL A 92 12.30 11.75 -2.12
N GLY A 93 11.04 11.96 -2.40
CA GLY A 93 10.35 11.08 -3.38
C GLY A 93 9.63 9.95 -2.63
N MET A 94 10.16 9.55 -1.50
CA MET A 94 9.51 8.45 -0.73
C MET A 94 8.00 8.68 -0.64
N ARG A 95 7.24 7.64 -0.45
CA ARG A 95 5.76 7.81 -0.36
C ARG A 95 5.22 7.08 0.89
N PHE A 96 4.50 7.76 1.72
CA PHE A 96 3.95 7.11 2.94
C PHE A 96 2.54 7.65 3.23
N LEU A 97 1.80 6.97 4.06
CA LEU A 97 0.42 7.43 4.39
C LEU A 97 0.45 8.42 5.55
N ALA A 98 0.26 9.68 5.27
CA ALA A 98 0.28 10.70 6.36
C ALA A 98 -1.03 10.64 7.16
N GLU A 99 -0.94 10.65 8.46
CA GLU A 99 -2.16 10.60 9.30
C GLU A 99 -2.83 11.98 9.37
N THR A 100 -3.43 12.42 8.28
CA THR A 100 -4.08 13.76 8.29
C THR A 100 -5.45 13.68 8.98
N ASP A 101 -6.18 14.75 9.00
CA ASP A 101 -7.52 14.73 9.66
C ASP A 101 -8.49 13.88 8.86
N GLN A 102 -8.30 13.80 7.57
CA GLN A 102 -9.22 12.97 6.74
C GLN A 102 -8.91 11.50 6.96
N GLY A 103 -7.89 11.21 7.72
CA GLY A 103 -7.53 9.79 7.98
C GLY A 103 -6.17 9.49 7.34
N PRO A 104 -5.98 8.25 6.98
CA PRO A 104 -4.70 7.83 6.35
C PRO A 104 -4.64 8.35 4.91
N VAL A 105 -3.67 9.17 4.62
CA VAL A 105 -3.55 9.71 3.23
C VAL A 105 -2.16 9.43 2.66
N PRO A 106 -2.13 8.68 1.59
CA PRO A 106 -0.85 8.32 0.93
C PRO A 106 -0.27 9.53 0.20
N VAL A 107 0.97 9.85 0.44
CA VAL A 107 1.59 11.02 -0.25
C VAL A 107 2.99 10.65 -0.75
N GLU A 108 3.66 11.57 -1.38
CA GLU A 108 5.03 11.28 -1.89
C GLU A 108 5.86 12.56 -1.97
N ILE A 109 6.78 12.74 -1.08
CA ILE A 109 7.62 13.99 -1.11
C ILE A 109 8.15 14.23 -2.53
N THR A 110 7.86 15.37 -3.10
CA THR A 110 8.34 15.66 -4.47
C THR A 110 9.47 16.70 -4.42
N ALA A 111 9.54 17.46 -3.36
CA ALA A 111 10.62 18.48 -3.24
C ALA A 111 11.00 18.67 -1.77
N VAL A 112 11.95 19.53 -1.50
CA VAL A 112 12.36 19.77 -0.09
C VAL A 112 12.93 21.18 0.06
N GLU A 113 12.20 22.05 0.70
CA GLU A 113 12.70 23.44 0.89
C GLU A 113 13.26 23.61 2.30
N ASP A 114 13.72 24.79 2.63
CA ASP A 114 14.29 25.03 3.99
C ASP A 114 13.19 24.88 5.05
N ASP A 115 13.44 24.10 6.06
CA ASP A 115 12.40 23.92 7.13
C ASP A 115 11.02 23.79 6.50
N HIS A 116 10.89 23.05 5.43
CA HIS A 116 9.57 22.90 4.78
C HIS A 116 9.57 21.68 3.85
N VAL A 117 8.41 21.20 3.48
CA VAL A 117 8.35 20.02 2.57
C VAL A 117 7.07 20.07 1.73
N VAL A 118 7.08 19.46 0.58
CA VAL A 118 5.87 19.48 -0.29
C VAL A 118 5.65 18.11 -0.93
N VAL A 119 4.44 17.63 -0.91
CA VAL A 119 4.16 16.30 -1.52
C VAL A 119 3.27 16.46 -2.76
N ASP A 120 3.62 15.81 -3.84
CA ASP A 120 2.80 15.93 -5.08
C ASP A 120 3.20 14.87 -6.10
N GLY A 121 2.47 14.74 -7.17
CA GLY A 121 2.82 13.73 -8.20
C GLY A 121 1.94 12.49 -8.02
N ASN A 122 0.65 12.65 -8.14
CA ASN A 122 -0.26 11.48 -7.97
C ASN A 122 -1.05 11.25 -9.26
N HIS A 123 -1.30 10.00 -9.59
CA HIS A 123 -2.07 9.71 -10.84
C HIS A 123 -3.56 9.99 -10.62
N MET A 124 -4.21 10.57 -11.60
CA MET A 124 -5.67 10.86 -11.44
C MET A 124 -6.48 9.58 -11.64
N LEU A 125 -5.86 8.54 -12.11
CA LEU A 125 -6.59 7.26 -12.33
C LEU A 125 -7.29 6.82 -11.03
N ALA A 126 -6.67 7.06 -9.91
CA ALA A 126 -7.30 6.66 -8.61
C ALA A 126 -8.79 7.00 -8.62
N GLY A 127 -9.61 6.17 -8.03
CA GLY A 127 -11.07 6.46 -8.01
C GLY A 127 -11.80 5.40 -8.85
N GLN A 128 -11.19 4.26 -9.05
CA GLN A 128 -11.84 3.20 -9.86
C GLN A 128 -11.41 1.82 -9.36
N ASN A 129 -12.26 1.16 -8.60
CA ASN A 129 -11.90 -0.18 -8.07
C ASN A 129 -11.12 -0.98 -9.13
N LEU A 130 -10.12 -1.71 -8.71
CA LEU A 130 -9.32 -2.50 -9.69
C LEU A 130 -9.58 -4.01 -9.49
N LYS A 131 -9.77 -4.72 -10.56
CA LYS A 131 -10.02 -6.19 -10.44
C LYS A 131 -8.76 -6.98 -10.81
N PHE A 132 -8.41 -7.95 -10.02
CA PHE A 132 -7.19 -8.75 -10.34
C PHE A 132 -7.35 -10.20 -9.84
N ASN A 133 -6.67 -11.12 -10.46
CA ASN A 133 -6.79 -12.54 -10.03
C ASN A 133 -5.51 -12.98 -9.30
N VAL A 134 -5.64 -13.71 -8.23
CA VAL A 134 -4.42 -14.15 -7.48
C VAL A 134 -4.34 -15.68 -7.44
N GLU A 135 -3.19 -16.22 -7.71
CA GLU A 135 -3.04 -17.71 -7.67
C GLU A 135 -1.94 -18.10 -6.68
N VAL A 136 -2.28 -18.87 -5.68
CA VAL A 136 -1.25 -19.29 -4.69
C VAL A 136 -0.32 -20.35 -5.27
N VAL A 137 0.94 -20.29 -4.97
CA VAL A 137 1.89 -21.30 -5.51
C VAL A 137 2.42 -22.21 -4.39
N ALA A 138 2.87 -21.64 -3.31
CA ALA A 138 3.39 -22.49 -2.20
C ALA A 138 3.19 -21.81 -0.84
N ILE A 139 3.44 -22.51 0.23
CA ILE A 139 3.27 -21.91 1.58
C ILE A 139 4.33 -22.45 2.53
N ARG A 140 5.37 -21.70 2.79
CA ARG A 140 6.45 -22.18 3.70
C ARG A 140 6.49 -21.33 4.98
N GLU A 141 6.89 -21.91 6.07
CA GLU A 141 6.96 -21.14 7.34
C GLU A 141 8.19 -20.24 7.36
N ALA A 142 8.00 -18.97 7.55
CA ALA A 142 9.16 -18.02 7.57
C ALA A 142 9.91 -18.14 8.91
N THR A 143 11.16 -17.75 8.92
CA THR A 143 11.94 -17.83 10.19
C THR A 143 11.54 -16.68 11.13
N GLU A 144 12.18 -16.58 12.26
CA GLU A 144 11.84 -15.48 13.21
C GLU A 144 12.07 -14.12 12.54
N GLU A 145 13.14 -13.97 11.82
CA GLU A 145 13.42 -12.67 11.16
C GLU A 145 12.41 -12.41 10.04
N GLU A 146 12.00 -13.44 9.35
CA GLU A 146 11.00 -13.24 8.25
C GLU A 146 9.73 -12.63 8.84
N LEU A 147 9.21 -13.20 9.89
CA LEU A 147 7.97 -12.65 10.51
C LEU A 147 8.29 -11.30 11.15
N ALA A 148 9.54 -11.07 11.45
CA ALA A 148 9.94 -9.76 12.07
C ALA A 148 9.96 -8.66 11.01
N HIS A 149 10.67 -8.89 9.94
CA HIS A 149 10.72 -7.86 8.86
C HIS A 149 9.41 -7.89 8.07
N GLY A 150 8.53 -8.80 8.42
CA GLY A 150 7.23 -8.89 7.70
C GLY A 150 7.37 -9.84 6.51
N HIS A 151 8.58 -10.09 6.07
CA HIS A 151 8.77 -11.00 4.90
C HIS A 151 10.20 -11.55 4.89
N VAL A 152 10.58 -12.20 3.81
CA VAL A 152 11.95 -12.76 3.73
C VAL A 152 12.86 -11.83 2.91
N HIS A 153 13.95 -11.40 3.48
CA HIS A 153 14.88 -10.50 2.73
C HIS A 153 14.08 -9.36 2.07
N GLY A 154 14.69 -8.68 1.13
CA GLY A 154 13.97 -7.57 0.44
C GLY A 154 14.13 -6.29 1.25
N ALA A 155 13.81 -6.32 2.51
CA ALA A 155 13.94 -5.11 3.36
C ALA A 155 13.18 -3.94 2.73
N HIS A 156 11.87 -3.98 2.78
CA HIS A 156 11.07 -2.87 2.18
C HIS A 156 11.52 -1.52 2.75
N ASP A 157 12.00 -1.51 3.96
CA ASP A 157 12.47 -0.22 4.56
C ASP A 157 13.81 0.19 3.97
N HIS A 158 14.64 -0.76 3.62
CA HIS A 158 15.97 -0.42 3.04
C HIS A 158 16.70 0.58 3.95
N HIS A 159 17.64 0.11 4.71
CA HIS A 159 18.40 1.03 5.61
C HIS A 159 19.86 1.13 5.18
N HIS A 160 20.14 0.85 3.94
CA HIS A 160 21.55 0.92 3.46
C HIS A 160 21.96 2.37 3.24
N ASP A 161 23.09 2.60 2.64
CA ASP A 161 23.55 4.00 2.40
C ASP A 161 24.42 4.06 1.14
N HIS A 162 23.86 4.55 0.06
CA HIS A 162 24.66 4.64 -1.21
C HIS A 162 25.23 3.26 -1.57
N ASP A 163 26.37 2.92 -1.03
CA ASP A 163 26.98 1.60 -1.34
C ASP A 163 26.94 0.69 -0.11
N HIS A 164 27.95 -0.13 0.07
CA HIS A 164 27.96 -1.04 1.25
C HIS A 164 29.21 -0.77 2.10
N ASP A 165 30.00 0.19 1.71
CA ASP A 165 31.24 0.49 2.49
C ASP A 165 30.90 1.37 3.70
N GLY A 166 31.60 1.20 4.79
CA GLY A 166 31.32 2.03 6.00
C GLY A 166 32.43 3.08 6.17
N CYS A 167 32.69 3.84 5.15
CA CYS A 167 33.76 4.87 5.26
C CYS A 167 33.22 6.10 6.01
N CYS A 168 32.00 6.05 6.44
CA CYS A 168 31.42 7.22 7.18
C CYS A 168 31.23 6.86 8.66
N GLY A 169 31.74 7.67 9.55
CA GLY A 169 31.58 7.39 11.00
C GLY A 169 30.79 8.50 11.66
N GLY A 170 30.82 8.58 12.97
CA GLY A 170 30.06 9.65 13.67
C GLY A 170 28.68 9.13 14.06
N HIS A 171 28.15 9.60 15.15
CA HIS A 171 26.80 9.13 15.60
C HIS A 171 26.38 9.86 16.87
N GLY A 172 27.09 9.66 17.95
CA GLY A 172 26.74 10.34 19.22
C GLY A 172 27.38 11.73 19.25
N HIS A 173 27.19 12.46 20.32
CA HIS A 173 27.79 13.82 20.41
C HIS A 173 27.76 14.31 21.86
N ASP A 174 28.43 13.62 22.74
CA ASP A 174 28.44 14.06 24.17
C ASP A 174 29.29 13.09 25.01
N HIS A 175 30.46 12.76 24.54
CA HIS A 175 31.33 11.82 25.32
C HIS A 175 32.80 12.02 24.92
N GLY A 176 33.50 12.86 25.63
CA GLY A 176 34.94 13.09 25.30
C GLY A 176 35.37 14.45 25.86
N HIS A 177 34.97 15.52 25.24
CA HIS A 177 35.36 16.87 25.74
C HIS A 177 36.87 16.94 25.92
N GLU A 178 37.60 17.22 24.88
CA GLU A 178 39.09 17.31 24.99
C GLU A 178 39.48 18.49 25.87
N HIS A 179 39.17 19.69 25.45
CA HIS A 179 39.52 20.89 26.27
C HIS A 179 40.98 20.80 26.73
N GLY A 180 41.88 21.41 26.01
CA GLY A 180 43.31 21.36 26.41
C GLY A 180 43.89 22.76 26.42
N GLY A 181 44.83 23.03 27.28
CA GLY A 181 45.43 24.40 27.34
C GLY A 181 46.85 24.35 26.75
N GLU A 182 47.85 24.44 27.59
CA GLU A 182 49.25 24.41 27.08
C GLU A 182 50.24 24.45 28.23
N GLY A 183 51.49 24.20 27.98
CA GLY A 183 52.50 24.22 29.07
C GLY A 183 51.97 23.45 30.28
N CYS A 184 51.93 24.08 31.42
CA CYS A 184 51.41 23.39 32.64
C CYS A 184 49.97 23.81 32.92
N CYS A 185 49.08 22.86 33.05
CA CYS A 185 47.65 23.20 33.32
C CYS A 185 47.23 22.66 34.69
N GLY A 186 47.86 23.10 35.73
CA GLY A 186 47.48 22.61 37.09
C GLY A 186 47.41 23.79 38.07
N GLY A 187 47.45 25.00 37.55
CA GLY A 187 47.38 26.18 38.45
C GLY A 187 46.76 27.35 37.70
N LYS A 188 45.56 27.18 37.20
CA LYS A 188 44.89 28.29 36.46
C LYS A 188 45.00 29.60 37.24
N GLY A 189 45.14 29.51 38.54
CA GLY A 189 45.25 30.76 39.35
C GLY A 189 44.10 30.81 40.36
N ASN A 190 44.42 30.96 41.62
CA ASN A 190 43.35 31.02 42.65
C ASN A 190 43.38 32.37 43.38
N GLY A 191 42.25 32.99 43.58
CA GLY A 191 42.22 34.30 44.27
C GLY A 191 42.10 34.07 45.79
N GLY A 192 43.16 33.68 46.42
CA GLY A 192 43.11 33.44 47.90
C GLY A 192 42.69 34.73 48.60
N CYS A 193 42.47 34.66 49.89
CA CYS A 193 42.06 35.89 50.64
C CYS A 193 40.74 36.43 50.09
N GLY A 194 40.14 37.38 50.77
CA GLY A 194 38.85 37.94 50.28
C GLY A 194 38.97 39.47 50.18
N CYS A 195 39.72 40.08 51.07
CA CYS A 195 39.86 41.56 51.03
C CYS A 195 38.50 42.23 51.16
N HIS A 196 38.47 43.43 51.67
CA HIS A 196 37.17 44.14 51.82
C HIS A 196 37.39 45.65 51.89
N MET A 1 -2.09 -28.66 2.69
CA MET A 1 -1.30 -27.39 2.69
C MET A 1 -2.23 -26.19 2.43
N LYS A 2 -2.28 -25.27 3.34
CA LYS A 2 -3.16 -24.07 3.15
C LYS A 2 -2.37 -22.79 3.40
N VAL A 3 -2.73 -21.72 2.74
CA VAL A 3 -2.00 -20.44 2.94
C VAL A 3 -2.29 -19.88 4.34
N ALA A 4 -1.28 -19.45 5.04
CA ALA A 4 -1.51 -18.89 6.41
C ALA A 4 -1.08 -17.43 6.46
N LYS A 5 -1.24 -16.79 7.60
CA LYS A 5 -0.84 -15.36 7.72
C LYS A 5 0.63 -15.25 8.09
N ASP A 6 1.27 -16.36 8.37
CA ASP A 6 2.71 -16.31 8.74
C ASP A 6 3.51 -17.27 7.85
N LEU A 7 3.19 -17.34 6.60
CA LEU A 7 3.93 -18.27 5.68
C LEU A 7 4.19 -17.57 4.34
N VAL A 8 5.35 -17.75 3.78
CA VAL A 8 5.65 -17.11 2.47
C VAL A 8 4.77 -17.71 1.37
N VAL A 9 3.96 -16.90 0.75
CA VAL A 9 3.06 -17.43 -0.31
C VAL A 9 3.40 -16.79 -1.66
N SER A 10 3.89 -17.56 -2.59
CA SER A 10 4.24 -16.99 -3.93
C SER A 10 3.01 -17.06 -4.84
N LEU A 11 2.38 -15.95 -5.09
CA LEU A 11 1.18 -15.96 -5.96
C LEU A 11 1.19 -14.75 -6.91
N ALA A 12 1.15 -15.00 -8.19
CA ALA A 12 1.15 -13.86 -9.16
C ALA A 12 -0.26 -13.29 -9.30
N TYR A 13 -0.39 -12.08 -9.77
CA TYR A 13 -1.75 -11.49 -9.92
C TYR A 13 -1.74 -10.39 -10.99
N GLN A 14 -2.76 -10.34 -11.81
CA GLN A 14 -2.82 -9.29 -12.87
C GLN A 14 -3.98 -8.34 -12.58
N VAL A 15 -3.73 -7.06 -12.50
CA VAL A 15 -4.82 -6.10 -12.22
C VAL A 15 -5.13 -5.24 -13.45
N ARG A 16 -6.36 -4.85 -13.61
CA ARG A 16 -6.73 -4.00 -14.79
C ARG A 16 -7.85 -3.03 -14.39
N THR A 17 -7.84 -1.84 -14.93
CA THR A 17 -8.90 -0.86 -14.57
C THR A 17 -10.08 -0.95 -15.56
N GLU A 18 -11.26 -0.62 -15.11
CA GLU A 18 -12.45 -0.68 -16.00
C GLU A 18 -12.10 -0.17 -17.40
N ASP A 19 -11.13 0.71 -17.50
CA ASP A 19 -10.75 1.25 -18.84
C ASP A 19 -10.33 0.09 -19.76
N GLY A 20 -10.11 -1.07 -19.21
CA GLY A 20 -9.70 -2.22 -20.06
C GLY A 20 -8.17 -2.24 -20.18
N VAL A 21 -7.49 -1.66 -19.21
CA VAL A 21 -6.01 -1.64 -19.27
C VAL A 21 -5.42 -2.31 -18.02
N LEU A 22 -4.27 -2.91 -18.15
CA LEU A 22 -3.65 -3.58 -16.96
C LEU A 22 -2.65 -2.64 -16.29
N VAL A 23 -2.88 -2.28 -15.05
CA VAL A 23 -1.95 -1.37 -14.35
C VAL A 23 -0.69 -2.13 -13.93
N ASP A 24 -0.85 -3.34 -13.43
CA ASP A 24 0.34 -4.13 -13.01
C ASP A 24 0.09 -5.62 -13.24
N GLU A 25 1.13 -6.38 -13.49
CA GLU A 25 0.95 -7.84 -13.71
C GLU A 25 2.19 -8.59 -13.24
N SER A 26 2.01 -9.54 -12.35
CA SER A 26 3.17 -10.32 -11.84
C SER A 26 3.78 -11.16 -12.97
N PRO A 27 5.07 -11.33 -12.90
CA PRO A 27 5.78 -12.14 -13.93
C PRO A 27 5.47 -13.62 -13.76
N VAL A 28 5.08 -14.28 -14.81
CA VAL A 28 4.76 -15.73 -14.72
C VAL A 28 6.00 -16.53 -14.33
N SER A 29 7.15 -15.91 -14.41
CA SER A 29 8.42 -16.63 -14.04
C SER A 29 8.94 -16.13 -12.70
N ALA A 30 8.13 -15.41 -11.96
CA ALA A 30 8.59 -14.90 -10.64
C ALA A 30 7.38 -14.48 -9.79
N PRO A 31 6.87 -15.43 -9.06
CA PRO A 31 5.70 -15.16 -8.18
C PRO A 31 6.13 -14.34 -6.96
N LEU A 32 5.26 -13.50 -6.46
CA LEU A 32 5.62 -12.68 -5.29
C LEU A 32 5.45 -13.49 -3.99
N ASP A 33 6.49 -14.16 -3.57
CA ASP A 33 6.40 -14.96 -2.32
C ASP A 33 6.70 -14.08 -1.10
N TYR A 34 5.69 -13.70 -0.36
CA TYR A 34 5.93 -12.84 0.83
C TYR A 34 5.13 -13.37 2.03
N LEU A 35 5.41 -12.88 3.20
CA LEU A 35 4.67 -13.36 4.40
C LEU A 35 3.21 -12.90 4.34
N HIS A 36 2.37 -13.65 3.70
CA HIS A 36 0.94 -13.27 3.61
C HIS A 36 0.32 -13.15 5.00
N GLY A 37 -0.53 -12.19 5.22
CA GLY A 37 -1.16 -12.04 6.56
C GLY A 37 -0.35 -11.04 7.40
N HIS A 38 0.89 -10.81 7.03
CA HIS A 38 1.72 -9.85 7.80
C HIS A 38 2.21 -8.72 6.89
N GLY A 39 1.43 -7.69 6.73
CA GLY A 39 1.85 -6.56 5.86
C GLY A 39 2.29 -7.12 4.50
N SER A 40 1.60 -8.10 4.01
CA SER A 40 1.97 -8.69 2.69
C SER A 40 1.47 -7.80 1.55
N LEU A 41 0.17 -7.68 1.41
CA LEU A 41 -0.38 -6.82 0.31
C LEU A 41 -1.58 -6.02 0.82
N ILE A 42 -2.76 -6.58 0.71
CA ILE A 42 -3.98 -5.84 1.18
C ILE A 42 -4.85 -6.77 2.03
N SER A 43 -5.68 -6.21 2.86
CA SER A 43 -6.56 -7.05 3.72
C SER A 43 -7.67 -7.69 2.88
N GLY A 44 -8.19 -6.98 1.93
CA GLY A 44 -9.27 -7.54 1.07
C GLY A 44 -8.80 -8.84 0.43
N LEU A 45 -7.54 -8.90 0.04
CA LEU A 45 -7.02 -10.14 -0.59
C LEU A 45 -6.53 -11.12 0.49
N GLU A 46 -6.07 -10.61 1.59
CA GLU A 46 -5.57 -11.51 2.68
C GLU A 46 -6.67 -12.49 3.10
N THR A 47 -7.90 -12.05 3.13
CA THR A 47 -9.01 -12.95 3.52
C THR A 47 -9.35 -13.90 2.38
N ALA A 48 -9.12 -13.49 1.16
CA ALA A 48 -9.43 -14.36 0.00
C ALA A 48 -8.31 -15.39 -0.20
N LEU A 49 -7.12 -15.08 0.24
CA LEU A 49 -5.99 -16.04 0.08
C LEU A 49 -6.05 -17.11 1.16
N GLU A 50 -6.12 -16.72 2.40
CA GLU A 50 -6.17 -17.71 3.50
C GLU A 50 -7.21 -18.80 3.19
N GLY A 51 -6.80 -20.04 3.13
CA GLY A 51 -7.76 -21.13 2.84
C GLY A 51 -8.10 -21.13 1.34
N HIS A 52 -7.13 -21.39 0.50
CA HIS A 52 -7.38 -21.39 -0.96
C HIS A 52 -6.68 -22.59 -1.62
N GLU A 53 -6.07 -23.43 -0.84
CA GLU A 53 -5.37 -24.61 -1.42
C GLU A 53 -4.16 -24.16 -2.26
N VAL A 54 -3.15 -24.98 -2.36
CA VAL A 54 -1.96 -24.60 -3.16
C VAL A 54 -2.18 -24.94 -4.63
N GLY A 55 -2.14 -23.95 -5.48
CA GLY A 55 -2.32 -24.20 -6.92
C GLY A 55 -3.68 -23.64 -7.37
N ASP A 56 -4.38 -22.99 -6.48
CA ASP A 56 -5.71 -22.42 -6.85
C ASP A 56 -5.60 -20.91 -7.00
N LYS A 57 -6.50 -20.31 -7.74
CA LYS A 57 -6.46 -18.83 -7.92
C LYS A 57 -7.85 -18.22 -7.76
N PHE A 58 -7.95 -16.93 -7.78
CA PHE A 58 -9.29 -16.28 -7.62
C PHE A 58 -9.21 -14.81 -8.05
N ASP A 59 -10.32 -14.25 -8.46
CA ASP A 59 -10.31 -12.82 -8.90
C ASP A 59 -11.29 -12.01 -8.05
N VAL A 60 -10.84 -10.95 -7.43
CA VAL A 60 -11.75 -10.12 -6.59
C VAL A 60 -11.45 -8.64 -6.79
N ALA A 61 -12.46 -7.82 -6.87
CA ALA A 61 -12.23 -6.36 -7.05
C ALA A 61 -12.02 -5.68 -5.70
N VAL A 62 -10.83 -5.18 -5.45
CA VAL A 62 -10.57 -4.50 -4.16
C VAL A 62 -9.42 -3.51 -4.30
N GLY A 63 -9.72 -2.25 -4.47
CA GLY A 63 -8.65 -1.23 -4.63
C GLY A 63 -8.82 -0.14 -3.56
N ALA A 64 -9.69 0.80 -3.79
CA ALA A 64 -9.91 1.88 -2.79
C ALA A 64 -10.92 1.44 -1.74
N ASN A 65 -11.71 0.44 -2.04
CA ASN A 65 -12.72 -0.03 -1.05
C ASN A 65 -12.07 -0.95 -0.01
N ASP A 66 -11.00 -1.61 -0.38
CA ASP A 66 -10.32 -2.52 0.59
C ASP A 66 -8.99 -3.01 0.01
N ALA A 67 -8.08 -2.11 -0.21
CA ALA A 67 -6.75 -2.51 -0.76
C ALA A 67 -5.85 -1.29 -0.92
N TYR A 68 -5.16 -1.18 -2.03
CA TYR A 68 -4.25 -0.01 -2.22
C TYR A 68 -4.81 0.92 -3.30
N GLY A 69 -6.11 1.03 -3.39
CA GLY A 69 -6.72 1.92 -4.42
C GLY A 69 -6.64 3.38 -3.95
N GLN A 70 -6.75 3.59 -2.67
CA GLN A 70 -6.67 5.00 -2.14
C GLN A 70 -5.56 5.77 -2.87
N TYR A 71 -5.59 7.07 -2.79
CA TYR A 71 -4.52 7.86 -3.49
C TYR A 71 -3.27 7.97 -2.61
N ASP A 72 -2.17 7.50 -3.11
CA ASP A 72 -0.90 7.57 -2.32
C ASP A 72 0.25 7.97 -3.26
N GLU A 73 0.91 9.06 -2.95
CA GLU A 73 2.03 9.52 -3.83
C GLU A 73 3.23 8.56 -3.73
N ASN A 74 3.19 7.60 -2.86
CA ASN A 74 4.35 6.67 -2.71
C ASN A 74 4.33 5.56 -3.77
N LEU A 75 3.21 4.91 -3.96
CA LEU A 75 3.18 3.81 -4.96
C LEU A 75 3.99 4.21 -6.21
N VAL A 76 3.36 4.80 -7.18
CA VAL A 76 4.09 5.20 -8.43
C VAL A 76 3.52 6.50 -9.00
N GLN A 77 4.31 7.21 -9.76
CA GLN A 77 3.82 8.48 -10.37
C GLN A 77 4.18 8.52 -11.86
N ARG A 78 3.51 9.35 -12.62
CA ARG A 78 3.82 9.43 -14.08
C ARG A 78 3.97 10.89 -14.50
N VAL A 79 5.03 11.22 -15.19
CA VAL A 79 5.23 12.63 -15.63
C VAL A 79 6.28 12.69 -16.75
N PRO A 80 5.85 13.15 -17.89
CA PRO A 80 6.75 13.27 -19.06
C PRO A 80 7.71 14.45 -18.89
N LYS A 81 8.72 14.53 -19.69
CA LYS A 81 9.68 15.68 -19.58
C LYS A 81 8.95 17.00 -19.74
N ASP A 82 7.75 16.97 -20.26
CA ASP A 82 6.98 18.24 -20.45
C ASP A 82 6.99 19.05 -19.16
N VAL A 83 7.23 18.40 -18.04
CA VAL A 83 7.24 19.14 -16.74
C VAL A 83 8.68 19.37 -16.29
N PHE A 84 9.62 18.75 -16.94
CA PHE A 84 11.05 18.93 -16.55
C PHE A 84 11.65 20.15 -17.26
N MET A 85 11.67 20.13 -18.56
CA MET A 85 12.24 21.29 -19.32
C MET A 85 13.60 21.68 -18.74
N GLY A 86 14.36 20.71 -18.28
CA GLY A 86 15.69 21.03 -17.70
C GLY A 86 16.41 19.73 -17.31
N VAL A 87 16.95 19.05 -18.27
CA VAL A 87 17.65 17.77 -17.97
C VAL A 87 18.64 17.42 -19.08
N ASP A 88 19.91 17.61 -18.84
CA ASP A 88 20.93 17.30 -19.89
C ASP A 88 20.82 15.84 -20.30
N GLU A 89 20.34 14.99 -19.43
CA GLU A 89 20.21 13.55 -19.79
C GLU A 89 19.79 12.73 -18.56
N LEU A 90 18.64 12.12 -18.61
CA LEU A 90 18.16 11.31 -17.45
C LEU A 90 17.47 10.04 -17.94
N GLN A 91 17.80 8.91 -17.36
CA GLN A 91 17.16 7.64 -17.79
C GLN A 91 16.66 6.87 -16.57
N VAL A 92 16.29 5.63 -16.76
CA VAL A 92 15.79 4.82 -15.60
C VAL A 92 16.94 4.45 -14.67
N GLY A 93 16.69 4.37 -13.39
CA GLY A 93 17.77 4.02 -12.43
C GLY A 93 18.36 5.29 -11.84
N MET A 94 18.00 6.43 -12.37
CA MET A 94 18.55 7.71 -11.84
C MET A 94 17.50 8.42 -10.98
N ARG A 95 17.93 9.16 -10.00
CA ARG A 95 16.95 9.87 -9.13
C ARG A 95 16.74 11.30 -9.62
N PHE A 96 15.53 11.77 -9.62
CA PHE A 96 15.26 13.16 -10.09
C PHE A 96 14.88 14.06 -8.92
N LEU A 97 15.25 15.31 -8.96
CA LEU A 97 14.91 16.23 -7.85
C LEU A 97 13.89 17.27 -8.31
N ALA A 98 12.84 17.46 -7.56
CA ALA A 98 11.80 18.45 -7.97
C ALA A 98 11.73 19.58 -6.94
N GLU A 99 11.59 20.80 -7.38
CA GLU A 99 11.51 21.94 -6.42
C GLU A 99 10.11 22.58 -6.48
N THR A 100 9.10 21.83 -6.15
CA THR A 100 7.72 22.40 -6.17
C THR A 100 7.61 23.59 -5.23
N ASP A 101 6.52 24.31 -5.28
CA ASP A 101 6.36 25.49 -4.38
C ASP A 101 6.15 25.02 -2.94
N GLN A 102 5.58 23.86 -2.76
CA GLN A 102 5.35 23.34 -1.38
C GLN A 102 6.69 22.99 -0.74
N GLY A 103 7.75 23.02 -1.50
CA GLY A 103 9.09 22.68 -0.94
C GLY A 103 9.82 21.76 -1.92
N PRO A 104 11.07 21.52 -1.62
CA PRO A 104 11.90 20.63 -2.48
C PRO A 104 11.49 19.17 -2.30
N VAL A 105 10.96 18.56 -3.32
CA VAL A 105 10.54 17.14 -3.21
C VAL A 105 11.34 16.26 -4.20
N PRO A 106 12.11 15.37 -3.65
CA PRO A 106 12.93 14.47 -4.48
C PRO A 106 12.05 13.41 -5.17
N VAL A 107 12.40 13.01 -6.36
CA VAL A 107 11.59 12.00 -7.08
C VAL A 107 12.42 10.73 -7.30
N GLU A 108 11.80 9.67 -7.75
CA GLU A 108 12.55 8.41 -7.98
C GLU A 108 12.16 7.79 -9.33
N ILE A 109 13.03 7.87 -10.30
CA ILE A 109 12.71 7.30 -11.63
C ILE A 109 12.59 5.77 -11.53
N THR A 110 11.47 5.22 -11.91
CA THR A 110 11.29 3.74 -11.83
C THR A 110 11.24 3.14 -13.24
N ALA A 111 11.01 3.96 -14.23
CA ALA A 111 10.95 3.44 -15.63
C ALA A 111 11.06 4.59 -16.63
N VAL A 112 11.00 4.30 -17.89
CA VAL A 112 11.10 5.39 -18.91
C VAL A 112 10.21 5.07 -20.11
N GLU A 113 9.67 6.08 -20.75
CA GLU A 113 8.78 5.83 -21.92
C GLU A 113 9.01 6.92 -22.98
N ASP A 114 8.72 6.62 -24.22
CA ASP A 114 8.92 7.63 -25.30
C ASP A 114 8.22 8.94 -24.93
N ASP A 115 8.91 10.03 -25.01
CA ASP A 115 8.28 11.35 -24.67
C ASP A 115 7.48 11.22 -23.36
N HIS A 116 8.04 10.57 -22.38
CA HIS A 116 7.31 10.42 -21.09
C HIS A 116 8.21 9.75 -20.04
N VAL A 117 8.01 10.04 -18.79
CA VAL A 117 8.85 9.41 -17.74
C VAL A 117 7.96 8.94 -16.58
N VAL A 118 8.49 8.14 -15.70
CA VAL A 118 7.66 7.64 -14.55
C VAL A 118 8.47 7.64 -13.27
N VAL A 119 8.04 8.39 -12.29
CA VAL A 119 8.78 8.43 -10.99
C VAL A 119 7.86 7.97 -9.87
N ASP A 120 8.30 8.02 -8.65
CA ASP A 120 7.42 7.58 -7.52
C ASP A 120 6.74 8.78 -6.88
N GLY A 121 5.47 8.95 -7.13
CA GLY A 121 4.73 10.10 -6.54
C GLY A 121 3.22 9.83 -6.58
N ASN A 122 2.43 10.82 -6.87
CA ASN A 122 0.96 10.61 -6.92
C ASN A 122 0.63 9.46 -7.88
N HIS A 123 -0.60 9.00 -7.86
CA HIS A 123 -0.98 7.87 -8.77
C HIS A 123 -1.76 8.40 -9.98
N MET A 124 -2.48 7.55 -10.65
CA MET A 124 -3.27 8.01 -11.84
C MET A 124 -4.54 8.74 -11.38
N LEU A 125 -5.07 8.37 -10.24
CA LEU A 125 -6.31 9.04 -9.76
C LEU A 125 -6.75 8.44 -8.42
N ALA A 126 -6.45 7.20 -8.19
CA ALA A 126 -6.86 6.56 -6.90
C ALA A 126 -8.37 6.57 -6.76
N GLY A 127 -8.90 5.94 -5.74
CA GLY A 127 -10.37 5.90 -5.54
C GLY A 127 -11.01 5.11 -6.68
N GLN A 128 -10.26 4.27 -7.33
CA GLN A 128 -10.82 3.46 -8.44
C GLN A 128 -10.58 1.96 -8.19
N ASN A 129 -11.49 1.31 -7.53
CA ASN A 129 -11.31 -0.14 -7.23
C ASN A 129 -10.71 -0.85 -8.45
N LEU A 130 -9.67 -1.61 -8.24
CA LEU A 130 -9.03 -2.33 -9.38
C LEU A 130 -9.31 -3.83 -9.30
N LYS A 131 -9.63 -4.45 -10.40
CA LYS A 131 -9.92 -5.91 -10.38
C LYS A 131 -8.70 -6.70 -10.83
N PHE A 132 -8.28 -7.68 -10.08
CA PHE A 132 -7.08 -8.47 -10.47
C PHE A 132 -7.21 -9.92 -9.99
N ASN A 133 -6.69 -10.85 -10.74
CA ASN A 133 -6.77 -12.27 -10.32
C ASN A 133 -5.53 -12.66 -9.52
N VAL A 134 -5.59 -13.75 -8.79
CA VAL A 134 -4.40 -14.15 -7.99
C VAL A 134 -4.27 -15.68 -7.95
N GLU A 135 -3.10 -16.19 -8.19
CA GLU A 135 -2.89 -17.66 -8.17
C GLU A 135 -1.81 -18.03 -7.15
N VAL A 136 -2.12 -18.90 -6.22
CA VAL A 136 -1.11 -19.28 -5.20
C VAL A 136 -0.15 -20.33 -5.75
N VAL A 137 1.11 -20.24 -5.42
CA VAL A 137 2.09 -21.24 -5.92
C VAL A 137 2.60 -22.13 -4.79
N ALA A 138 2.92 -21.54 -3.66
CA ALA A 138 3.42 -22.36 -2.51
C ALA A 138 3.24 -21.62 -1.19
N ILE A 139 3.47 -22.28 -0.09
CA ILE A 139 3.32 -21.60 1.23
C ILE A 139 4.24 -22.27 2.26
N ARG A 140 5.19 -21.54 2.78
CA ARG A 140 6.12 -22.13 3.79
C ARG A 140 6.10 -21.31 5.08
N GLU A 141 6.87 -21.70 6.05
CA GLU A 141 6.89 -20.94 7.33
C GLU A 141 8.15 -20.07 7.41
N ALA A 142 8.04 -18.89 7.96
CA ALA A 142 9.21 -17.99 8.07
C ALA A 142 9.87 -18.14 9.44
N THR A 143 11.12 -17.75 9.57
CA THR A 143 11.80 -17.87 10.88
C THR A 143 11.29 -16.80 11.84
N GLU A 144 11.75 -16.80 13.06
CA GLU A 144 11.29 -15.78 14.03
C GLU A 144 11.54 -14.38 13.49
N GLU A 145 12.69 -14.15 12.92
CA GLU A 145 13.01 -12.80 12.36
C GLU A 145 12.14 -12.52 11.13
N GLU A 146 11.84 -13.52 10.36
CA GLU A 146 10.99 -13.31 9.15
C GLU A 146 9.63 -12.77 9.56
N LEU A 147 8.99 -13.39 10.53
CA LEU A 147 7.67 -12.91 10.98
C LEU A 147 7.84 -11.75 11.97
N ALA A 148 9.01 -11.59 12.50
CA ALA A 148 9.26 -10.47 13.46
C ALA A 148 9.37 -9.14 12.71
N HIS A 149 10.23 -9.08 11.74
CA HIS A 149 10.39 -7.83 10.96
C HIS A 149 9.50 -7.89 9.71
N GLY A 150 8.92 -9.03 9.45
CA GLY A 150 8.04 -9.17 8.26
C GLY A 150 8.90 -9.29 7.00
N HIS A 151 9.93 -10.11 7.04
CA HIS A 151 10.79 -10.27 5.85
C HIS A 151 10.85 -11.75 5.43
N VAL A 152 10.96 -12.01 4.16
CA VAL A 152 11.01 -13.42 3.70
C VAL A 152 12.20 -13.62 2.75
N HIS A 153 13.14 -14.44 3.13
CA HIS A 153 14.32 -14.69 2.25
C HIS A 153 14.96 -13.35 1.84
N GLY A 154 15.05 -12.42 2.75
CA GLY A 154 15.66 -11.10 2.41
C GLY A 154 15.78 -10.26 3.67
N ALA A 155 16.20 -9.03 3.53
CA ALA A 155 16.34 -8.15 4.74
C ALA A 155 16.83 -6.76 4.32
N HIS A 156 17.69 -6.70 3.34
CA HIS A 156 18.20 -5.37 2.90
C HIS A 156 17.07 -4.51 2.35
N ASP A 157 16.00 -5.13 1.90
CA ASP A 157 14.86 -4.35 1.36
C ASP A 157 14.53 -3.17 2.27
N HIS A 158 14.64 -3.37 3.56
CA HIS A 158 14.34 -2.25 4.50
C HIS A 158 15.47 -1.23 4.49
N HIS A 159 15.27 -0.12 3.82
CA HIS A 159 16.34 0.93 3.77
C HIS A 159 16.11 1.97 4.86
N HIS A 160 16.00 1.54 6.10
CA HIS A 160 15.78 2.50 7.20
C HIS A 160 17.06 2.63 8.04
N ASP A 161 18.01 3.38 7.58
CA ASP A 161 19.28 3.55 8.35
C ASP A 161 19.71 5.03 8.34
N HIS A 162 18.91 5.88 7.79
CA HIS A 162 19.28 7.33 7.75
C HIS A 162 18.95 8.00 9.09
N ASP A 163 19.79 8.90 9.54
CA ASP A 163 19.53 9.58 10.83
C ASP A 163 20.58 10.67 11.07
N HIS A 164 20.15 11.89 11.24
CA HIS A 164 21.13 12.99 11.49
C HIS A 164 20.39 14.32 11.68
N ASP A 165 20.14 14.68 12.92
CA ASP A 165 19.41 15.96 13.18
C ASP A 165 19.99 17.08 12.31
N GLY A 166 19.24 18.11 12.08
CA GLY A 166 19.74 19.24 11.23
C GLY A 166 19.43 20.57 11.91
N CYS A 167 18.20 21.01 11.85
CA CYS A 167 17.84 22.31 12.49
C CYS A 167 17.77 22.13 14.01
N CYS A 168 17.01 22.98 14.67
CA CYS A 168 16.91 22.86 16.16
C CYS A 168 18.29 23.00 16.81
N GLY A 169 18.83 24.19 16.84
CA GLY A 169 20.17 24.38 17.45
C GLY A 169 20.39 25.86 17.75
N GLY A 170 20.74 26.63 16.76
CA GLY A 170 20.97 28.09 16.99
C GLY A 170 20.60 28.87 15.73
N HIS A 171 19.65 29.76 15.83
CA HIS A 171 19.26 30.55 14.63
C HIS A 171 20.06 31.86 14.57
N GLY A 172 19.58 32.89 15.21
CA GLY A 172 20.32 34.18 15.20
C GLY A 172 19.96 34.99 16.44
N HIS A 173 20.18 36.28 16.41
CA HIS A 173 19.85 37.12 17.59
C HIS A 173 20.71 36.72 18.79
N ASP A 174 21.32 37.67 19.43
CA ASP A 174 22.19 37.34 20.61
C ASP A 174 21.41 36.44 21.59
N HIS A 175 21.98 35.33 21.97
CA HIS A 175 21.28 34.43 22.92
C HIS A 175 21.89 34.56 24.32
N GLY A 176 21.21 34.08 25.32
CA GLY A 176 21.74 34.17 26.71
C GLY A 176 21.82 35.63 27.12
N HIS A 177 21.56 35.93 28.37
CA HIS A 177 21.61 37.34 28.84
C HIS A 177 21.42 37.39 30.36
N GLU A 178 20.59 36.54 30.90
CA GLU A 178 20.35 36.54 32.37
C GLU A 178 19.68 37.84 32.80
N HIS A 179 18.70 37.77 33.65
CA HIS A 179 18.01 39.01 34.11
C HIS A 179 19.01 39.96 34.78
N GLY A 180 18.57 40.69 35.76
CA GLY A 180 19.49 41.64 36.44
C GLY A 180 19.50 41.34 37.95
N GLY A 181 20.36 40.46 38.37
CA GLY A 181 20.42 40.12 39.82
C GLY A 181 20.76 41.37 40.63
N GLU A 182 20.20 41.50 41.80
CA GLU A 182 20.48 42.71 42.63
C GLU A 182 21.56 42.39 43.68
N GLY A 183 21.53 43.05 44.80
CA GLY A 183 22.56 42.78 45.84
C GLY A 183 22.28 41.42 46.49
N CYS A 184 22.51 41.30 47.77
CA CYS A 184 22.26 40.00 48.46
C CYS A 184 20.82 39.94 48.97
N CYS A 185 20.13 38.86 48.69
CA CYS A 185 18.73 38.74 49.16
C CYS A 185 18.54 37.43 49.93
N GLY A 186 19.60 36.92 50.51
CA GLY A 186 19.48 35.65 51.28
C GLY A 186 20.50 34.65 50.76
N GLY A 187 21.55 34.41 51.51
CA GLY A 187 22.58 33.44 51.05
C GLY A 187 23.92 33.77 51.73
N LYS A 188 23.91 33.94 53.03
CA LYS A 188 25.18 34.26 53.74
C LYS A 188 25.75 35.59 53.25
N GLY A 189 26.56 36.23 54.03
CA GLY A 189 27.15 37.54 53.59
C GLY A 189 26.25 38.68 54.06
N ASN A 190 26.62 39.90 53.75
CA ASN A 190 25.78 41.06 54.17
C ASN A 190 25.70 42.09 53.05
N GLY A 191 25.09 43.21 53.30
CA GLY A 191 24.97 44.25 52.23
C GLY A 191 25.58 45.57 52.75
N GLY A 192 25.05 46.68 52.30
CA GLY A 192 25.59 47.98 52.77
C GLY A 192 24.74 48.52 53.91
N CYS A 193 25.23 49.49 54.63
CA CYS A 193 24.44 50.06 55.77
C CYS A 193 23.81 48.93 56.59
N GLY A 194 24.54 48.39 57.52
CA GLY A 194 23.99 47.29 58.36
C GLY A 194 24.04 47.70 59.84
N CYS A 195 25.20 47.91 60.37
CA CYS A 195 25.31 48.31 61.80
C CYS A 195 26.16 49.57 61.94
N HIS A 196 25.91 50.36 62.95
CA HIS A 196 26.70 51.62 63.14
C HIS A 196 26.28 52.32 64.43
N MET A 1 -2.12 -28.62 4.58
CA MET A 1 -1.47 -27.31 4.85
C MET A 1 -2.21 -26.19 4.11
N LYS A 2 -2.26 -25.01 4.69
CA LYS A 2 -2.97 -23.88 4.03
C LYS A 2 -2.30 -22.56 4.40
N VAL A 3 -2.46 -21.56 3.57
CA VAL A 3 -1.83 -20.23 3.88
C VAL A 3 -2.18 -19.80 5.30
N ALA A 4 -1.24 -19.25 6.00
CA ALA A 4 -1.53 -18.80 7.40
C ALA A 4 -0.72 -17.55 7.74
N LYS A 5 -1.00 -16.95 8.86
CA LYS A 5 -0.23 -15.72 9.25
C LYS A 5 1.13 -16.12 9.83
N ASP A 6 1.83 -16.99 9.15
CA ASP A 6 3.16 -17.42 9.66
C ASP A 6 3.92 -18.22 8.59
N LEU A 7 3.47 -18.18 7.37
CA LEU A 7 4.17 -18.95 6.30
C LEU A 7 4.32 -18.09 5.04
N VAL A 8 5.38 -18.28 4.31
CA VAL A 8 5.59 -17.48 3.07
C VAL A 8 4.70 -18.02 1.93
N VAL A 9 4.15 -17.14 1.14
CA VAL A 9 3.28 -17.59 0.02
C VAL A 9 3.59 -16.80 -1.25
N SER A 10 4.20 -17.42 -2.21
CA SER A 10 4.53 -16.69 -3.48
C SER A 10 3.37 -16.82 -4.46
N LEU A 11 2.62 -15.78 -4.65
CA LEU A 11 1.47 -15.84 -5.60
C LEU A 11 1.47 -14.64 -6.54
N ALA A 12 1.24 -14.86 -7.80
CA ALA A 12 1.22 -13.73 -8.78
C ALA A 12 -0.17 -13.09 -8.78
N TYR A 13 -0.30 -11.94 -9.39
CA TYR A 13 -1.63 -11.28 -9.42
C TYR A 13 -1.73 -10.32 -10.61
N GLN A 14 -2.88 -10.21 -11.20
CA GLN A 14 -3.04 -9.29 -12.36
C GLN A 14 -4.12 -8.24 -12.05
N VAL A 15 -3.80 -6.99 -12.19
CA VAL A 15 -4.81 -5.92 -11.89
C VAL A 15 -5.22 -5.21 -13.18
N ARG A 16 -6.50 -5.11 -13.42
CA ARG A 16 -6.98 -4.42 -14.65
C ARG A 16 -8.09 -3.42 -14.31
N THR A 17 -8.04 -2.25 -14.86
CA THR A 17 -9.09 -1.23 -14.56
C THR A 17 -10.27 -1.39 -15.51
N GLU A 18 -11.45 -1.02 -15.07
CA GLU A 18 -12.65 -1.15 -15.95
C GLU A 18 -12.44 -0.40 -17.27
N ASP A 19 -11.45 0.45 -17.33
CA ASP A 19 -11.19 1.21 -18.59
C ASP A 19 -10.45 0.33 -19.60
N GLY A 20 -10.39 -0.96 -19.36
CA GLY A 20 -9.67 -1.86 -20.30
C GLY A 20 -8.17 -1.60 -20.21
N VAL A 21 -7.70 -1.17 -19.07
CA VAL A 21 -6.25 -0.90 -18.92
C VAL A 21 -5.66 -1.75 -17.79
N LEU A 22 -4.40 -2.09 -17.88
CA LEU A 22 -3.78 -2.93 -16.81
C LEU A 22 -2.77 -2.09 -16.02
N VAL A 23 -2.95 -1.99 -14.72
CA VAL A 23 -2.00 -1.20 -13.90
C VAL A 23 -0.72 -2.00 -13.63
N ASP A 24 -0.83 -3.31 -13.63
CA ASP A 24 0.38 -4.15 -13.38
C ASP A 24 0.00 -5.62 -13.29
N GLU A 25 0.89 -6.50 -13.65
CA GLU A 25 0.57 -7.95 -13.59
C GLU A 25 1.84 -8.76 -13.28
N SER A 26 1.71 -9.83 -12.54
CA SER A 26 2.90 -10.67 -12.20
C SER A 26 2.69 -12.10 -12.68
N PRO A 27 3.46 -12.50 -13.65
CA PRO A 27 3.37 -13.88 -14.20
C PRO A 27 3.97 -14.89 -13.21
N VAL A 28 3.87 -16.15 -13.51
CA VAL A 28 4.43 -17.18 -12.60
C VAL A 28 5.96 -17.17 -12.66
N SER A 29 6.51 -16.46 -13.61
CA SER A 29 8.00 -16.40 -13.73
C SER A 29 8.57 -15.43 -12.69
N ALA A 30 7.72 -14.68 -12.04
CA ALA A 30 8.22 -13.72 -11.01
C ALA A 30 7.13 -13.46 -9.96
N PRO A 31 6.73 -14.50 -9.30
CA PRO A 31 5.68 -14.38 -8.25
C PRO A 31 6.25 -13.68 -7.01
N LEU A 32 5.47 -12.85 -6.37
CA LEU A 32 5.96 -12.14 -5.16
C LEU A 32 5.81 -13.04 -3.93
N ASP A 33 6.91 -13.38 -3.30
CA ASP A 33 6.84 -14.26 -2.10
C ASP A 33 6.78 -13.40 -0.83
N TYR A 34 5.64 -13.30 -0.22
CA TYR A 34 5.52 -12.48 1.02
C TYR A 34 4.73 -13.25 2.08
N LEU A 35 4.78 -12.78 3.31
CA LEU A 35 4.04 -13.49 4.39
C LEU A 35 2.55 -13.15 4.34
N HIS A 36 1.70 -14.12 4.57
CA HIS A 36 0.24 -13.86 4.53
C HIS A 36 -0.25 -13.29 5.87
N GLY A 37 -1.26 -12.46 5.85
CA GLY A 37 -1.77 -11.88 7.11
C GLY A 37 -1.01 -10.59 7.43
N HIS A 38 0.29 -10.65 7.40
CA HIS A 38 1.10 -9.43 7.69
C HIS A 38 2.14 -9.21 6.59
N GLY A 39 1.77 -8.54 5.53
CA GLY A 39 2.74 -8.30 4.43
C GLY A 39 2.21 -8.95 3.14
N SER A 40 1.08 -8.49 2.66
CA SER A 40 0.51 -9.09 1.42
C SER A 40 -0.19 -8.02 0.59
N LEU A 41 0.49 -6.95 0.29
CA LEU A 41 -0.14 -5.86 -0.52
C LEU A 41 -1.25 -5.19 0.27
N ILE A 42 -2.34 -5.87 0.49
CA ILE A 42 -3.47 -5.27 1.24
C ILE A 42 -4.27 -6.36 1.97
N SER A 43 -5.05 -5.98 2.94
CA SER A 43 -5.86 -7.00 3.69
C SER A 43 -7.05 -7.46 2.83
N GLY A 44 -7.71 -6.54 2.18
CA GLY A 44 -8.88 -6.92 1.34
C GLY A 44 -8.52 -8.15 0.49
N LEU A 45 -7.35 -8.17 -0.08
CA LEU A 45 -6.94 -9.33 -0.90
C LEU A 45 -6.49 -10.49 -0.01
N GLU A 46 -5.89 -10.18 1.10
CA GLU A 46 -5.42 -11.27 2.02
C GLU A 46 -6.57 -12.21 2.35
N THR A 47 -7.69 -11.68 2.77
CA THR A 47 -8.86 -12.55 3.10
C THR A 47 -9.09 -13.56 1.99
N ALA A 48 -8.79 -13.21 0.77
CA ALA A 48 -8.99 -14.16 -0.36
C ALA A 48 -7.85 -15.19 -0.41
N LEU A 49 -6.72 -14.84 0.12
CA LEU A 49 -5.57 -15.79 0.11
C LEU A 49 -5.74 -16.85 1.21
N GLU A 50 -6.42 -16.50 2.28
CA GLU A 50 -6.62 -17.48 3.38
C GLU A 50 -7.48 -18.65 2.90
N GLY A 51 -7.13 -19.85 3.29
CA GLY A 51 -7.93 -21.04 2.85
C GLY A 51 -7.95 -21.11 1.32
N HIS A 52 -6.82 -21.29 0.72
CA HIS A 52 -6.77 -21.37 -0.77
C HIS A 52 -6.18 -22.72 -1.22
N GLU A 53 -5.17 -22.70 -2.04
CA GLU A 53 -4.57 -23.98 -2.50
C GLU A 53 -3.38 -23.70 -3.43
N VAL A 54 -2.43 -24.60 -3.48
CA VAL A 54 -1.26 -24.38 -4.37
C VAL A 54 -1.64 -24.63 -5.82
N GLY A 55 -1.50 -23.63 -6.64
CA GLY A 55 -1.85 -23.79 -8.08
C GLY A 55 -3.27 -23.31 -8.32
N ASP A 56 -3.94 -22.82 -7.31
CA ASP A 56 -5.33 -22.33 -7.49
C ASP A 56 -5.32 -20.85 -7.85
N LYS A 57 -5.97 -20.49 -8.94
CA LYS A 57 -5.99 -19.05 -9.36
C LYS A 57 -7.42 -18.50 -9.29
N PHE A 58 -7.58 -17.31 -8.79
CA PHE A 58 -8.94 -16.72 -8.69
C PHE A 58 -8.89 -15.23 -9.03
N ASP A 59 -10.02 -14.58 -9.05
CA ASP A 59 -10.05 -13.12 -9.37
C ASP A 59 -10.91 -12.36 -8.35
N VAL A 60 -10.41 -11.28 -7.84
CA VAL A 60 -11.19 -10.50 -6.84
C VAL A 60 -11.13 -9.01 -7.16
N ALA A 61 -12.15 -8.27 -6.80
CA ALA A 61 -12.13 -6.81 -7.08
C ALA A 61 -11.76 -6.02 -5.82
N VAL A 62 -10.61 -5.38 -5.83
CA VAL A 62 -10.19 -4.60 -4.64
C VAL A 62 -9.46 -3.33 -5.07
N GLY A 63 -10.00 -2.18 -4.78
CA GLY A 63 -9.33 -0.92 -5.17
C GLY A 63 -9.84 0.23 -4.30
N ALA A 64 -11.07 0.63 -4.50
CA ALA A 64 -11.62 1.75 -3.69
C ALA A 64 -12.15 1.21 -2.35
N ASN A 65 -12.52 -0.04 -2.32
CA ASN A 65 -13.05 -0.62 -1.04
C ASN A 65 -11.89 -1.03 -0.13
N ASP A 66 -10.74 -1.31 -0.69
CA ASP A 66 -9.59 -1.70 0.16
C ASP A 66 -8.38 -2.06 -0.71
N ALA A 67 -7.78 -1.09 -1.34
CA ALA A 67 -6.60 -1.37 -2.20
C ALA A 67 -5.98 -0.07 -2.71
N TYR A 68 -4.73 -0.10 -3.06
CA TYR A 68 -4.06 1.16 -3.56
C TYR A 68 -4.67 1.59 -4.89
N GLY A 69 -5.96 1.80 -4.93
CA GLY A 69 -6.61 2.23 -6.19
C GLY A 69 -7.85 3.07 -5.87
N GLN A 70 -7.68 4.36 -5.70
CA GLN A 70 -8.83 5.23 -5.38
C GLN A 70 -9.54 4.74 -4.11
N TYR A 71 -8.78 4.46 -3.08
CA TYR A 71 -9.41 3.97 -1.81
C TYR A 71 -10.20 5.10 -1.14
N ASP A 72 -11.44 4.85 -0.81
CA ASP A 72 -12.25 5.92 -0.14
C ASP A 72 -13.05 5.32 1.02
N GLU A 73 -12.37 4.92 2.07
CA GLU A 73 -13.09 4.32 3.23
C GLU A 73 -13.90 5.41 3.96
N ASN A 74 -13.41 6.61 4.00
CA ASN A 74 -14.15 7.70 4.69
C ASN A 74 -15.29 8.23 3.81
N LEU A 75 -15.27 7.91 2.54
CA LEU A 75 -16.36 8.41 1.64
C LEU A 75 -17.72 8.23 2.32
N VAL A 76 -17.85 7.24 3.16
CA VAL A 76 -19.15 7.01 3.85
C VAL A 76 -18.91 6.51 5.28
N GLN A 77 -19.48 7.16 6.25
CA GLN A 77 -19.29 6.71 7.66
C GLN A 77 -20.52 7.05 8.50
N ARG A 78 -20.88 6.19 9.41
CA ARG A 78 -22.07 6.46 10.27
C ARG A 78 -21.70 6.31 11.74
N VAL A 79 -21.90 7.34 12.52
CA VAL A 79 -21.56 7.26 13.97
C VAL A 79 -22.66 7.93 14.81
N PRO A 80 -23.11 7.20 15.80
CA PRO A 80 -24.17 7.73 16.68
C PRO A 80 -23.60 8.79 17.63
N LYS A 81 -24.45 9.52 18.30
CA LYS A 81 -23.96 10.57 19.24
C LYS A 81 -22.90 10.00 20.18
N ASP A 82 -22.96 8.71 20.44
CA ASP A 82 -21.95 8.09 21.34
C ASP A 82 -20.55 8.25 20.77
N VAL A 83 -20.44 8.46 19.49
CA VAL A 83 -19.09 8.63 18.87
C VAL A 83 -18.57 10.05 19.11
N PHE A 84 -19.28 10.83 19.88
CA PHE A 84 -18.83 12.22 20.15
C PHE A 84 -18.59 12.43 21.65
N MET A 85 -19.20 13.42 22.24
CA MET A 85 -19.01 13.66 23.69
C MET A 85 -20.29 14.26 24.30
N GLY A 86 -20.47 15.54 24.15
CA GLY A 86 -21.69 16.19 24.72
C GLY A 86 -22.54 16.76 23.59
N VAL A 87 -23.32 15.93 22.94
CA VAL A 87 -24.18 16.43 21.82
C VAL A 87 -25.42 17.13 22.38
N ASP A 88 -25.23 18.13 23.20
CA ASP A 88 -26.40 18.85 23.78
C ASP A 88 -27.23 19.48 22.66
N GLU A 89 -26.65 19.64 21.49
CA GLU A 89 -27.41 20.25 20.36
C GLU A 89 -26.71 19.96 19.04
N LEU A 90 -27.25 19.08 18.25
CA LEU A 90 -26.61 18.75 16.94
C LEU A 90 -27.54 19.13 15.79
N GLN A 91 -26.99 19.71 14.75
CA GLN A 91 -27.84 20.11 13.59
C GLN A 91 -27.18 19.69 12.28
N VAL A 92 -27.82 19.94 11.17
CA VAL A 92 -27.23 19.55 9.86
C VAL A 92 -26.36 20.70 9.31
N GLY A 93 -25.24 20.37 8.72
CA GLY A 93 -24.36 21.43 8.17
C GLY A 93 -23.12 21.57 9.05
N MET A 94 -23.12 20.97 10.20
CA MET A 94 -21.95 21.07 11.11
C MET A 94 -20.86 20.07 10.68
N ARG A 95 -19.69 20.54 10.37
CA ARG A 95 -18.60 19.61 9.95
C ARG A 95 -17.51 19.55 11.03
N PHE A 96 -17.08 18.37 11.38
CA PHE A 96 -16.02 18.24 12.43
C PHE A 96 -15.14 17.03 12.14
N LEU A 97 -14.00 16.95 12.78
CA LEU A 97 -13.09 15.79 12.54
C LEU A 97 -13.56 14.58 13.33
N ALA A 98 -13.48 13.41 12.75
CA ALA A 98 -13.92 12.18 13.47
C ALA A 98 -12.71 11.34 13.86
N GLU A 99 -12.44 11.23 15.14
CA GLU A 99 -11.26 10.41 15.58
C GLU A 99 -11.57 8.92 15.39
N THR A 100 -11.14 8.36 14.29
CA THR A 100 -11.40 6.91 14.05
C THR A 100 -10.13 6.09 14.33
N ASP A 101 -10.26 4.81 14.51
CA ASP A 101 -9.07 3.97 14.79
C ASP A 101 -8.04 4.11 13.67
N GLN A 102 -8.50 4.40 12.48
CA GLN A 102 -7.54 4.55 11.34
C GLN A 102 -6.77 5.85 11.49
N GLY A 103 -7.12 6.65 12.46
CA GLY A 103 -6.41 7.95 12.67
C GLY A 103 -7.42 9.10 12.58
N PRO A 104 -6.89 10.28 12.46
CA PRO A 104 -7.75 11.49 12.36
C PRO A 104 -8.42 11.56 10.98
N VAL A 105 -9.72 11.49 10.95
CA VAL A 105 -10.43 11.55 9.64
C VAL A 105 -11.54 12.62 9.68
N PRO A 106 -11.49 13.52 8.74
CA PRO A 106 -12.49 14.60 8.66
C PRO A 106 -13.84 14.05 8.18
N VAL A 107 -14.92 14.60 8.66
CA VAL A 107 -16.26 14.11 8.23
C VAL A 107 -17.24 15.28 8.12
N GLU A 108 -18.30 15.11 7.37
CA GLU A 108 -19.29 16.21 7.22
C GLU A 108 -20.71 15.70 7.53
N ILE A 109 -21.25 16.09 8.64
CA ILE A 109 -22.63 15.63 9.00
C ILE A 109 -23.61 15.99 7.87
N THR A 110 -24.33 15.02 7.37
CA THR A 110 -25.30 15.30 6.29
C THR A 110 -26.74 15.09 6.78
N ALA A 111 -26.90 14.35 7.84
CA ALA A 111 -28.27 14.10 8.38
C ALA A 111 -28.22 13.19 9.59
N VAL A 112 -29.04 13.44 10.57
CA VAL A 112 -29.04 12.57 11.79
C VAL A 112 -29.98 11.38 11.60
N GLU A 113 -29.43 10.19 11.49
CA GLU A 113 -30.30 8.99 11.30
C GLU A 113 -30.80 8.49 12.66
N ASP A 114 -31.73 7.57 12.65
CA ASP A 114 -32.26 7.04 13.94
C ASP A 114 -31.29 6.03 14.55
N ASP A 115 -31.04 6.13 15.83
CA ASP A 115 -30.10 5.17 16.49
C ASP A 115 -28.65 5.50 16.12
N HIS A 116 -28.44 6.44 15.22
CA HIS A 116 -27.05 6.80 14.83
C HIS A 116 -27.07 8.00 13.88
N VAL A 117 -25.97 8.69 13.76
CA VAL A 117 -25.92 9.86 12.85
C VAL A 117 -25.24 9.49 11.53
N VAL A 118 -25.21 10.39 10.59
CA VAL A 118 -24.57 10.08 9.28
C VAL A 118 -23.53 11.14 8.94
N VAL A 119 -22.42 10.74 8.35
CA VAL A 119 -21.37 11.74 8.00
C VAL A 119 -20.41 11.14 6.98
N ASP A 120 -20.09 11.89 5.94
CA ASP A 120 -19.15 11.36 4.91
C ASP A 120 -17.86 12.17 4.90
N GLY A 121 -16.87 11.73 4.16
CA GLY A 121 -15.58 12.48 4.12
C GLY A 121 -14.73 11.94 2.97
N ASN A 122 -15.19 12.07 1.76
CA ASN A 122 -14.39 11.57 0.60
C ASN A 122 -12.93 12.00 0.72
N HIS A 123 -12.06 11.36 0.00
CA HIS A 123 -10.62 11.74 0.08
C HIS A 123 -10.22 12.58 -1.13
N MET A 124 -9.05 12.35 -1.66
CA MET A 124 -8.60 13.14 -2.85
C MET A 124 -9.52 12.86 -4.05
N LEU A 125 -9.82 11.61 -4.29
CA LEU A 125 -10.69 11.26 -5.44
C LEU A 125 -10.84 9.75 -5.56
N ALA A 126 -10.78 9.04 -4.46
CA ALA A 126 -10.91 7.56 -4.51
C ALA A 126 -12.33 7.17 -4.96
N GLY A 127 -12.61 5.89 -5.02
CA GLY A 127 -13.97 5.45 -5.44
C GLY A 127 -13.87 4.72 -6.78
N GLN A 128 -12.71 4.22 -7.11
CA GLN A 128 -12.55 3.50 -8.41
C GLN A 128 -12.09 2.05 -8.16
N ASN A 129 -13.00 1.15 -7.94
CA ASN A 129 -12.61 -0.26 -7.70
C ASN A 129 -12.11 -0.92 -8.99
N LEU A 130 -11.12 -1.75 -8.90
CA LEU A 130 -10.59 -2.43 -10.12
C LEU A 130 -10.53 -3.94 -9.90
N LYS A 131 -10.25 -4.69 -10.94
CA LYS A 131 -10.19 -6.17 -10.80
C LYS A 131 -8.76 -6.60 -10.46
N PHE A 132 -8.61 -7.53 -9.56
CA PHE A 132 -7.23 -7.99 -9.18
C PHE A 132 -7.18 -9.52 -9.14
N ASN A 133 -6.52 -10.13 -10.08
CA ASN A 133 -6.42 -11.62 -10.09
C ASN A 133 -5.23 -12.07 -9.25
N VAL A 134 -5.22 -13.30 -8.81
CA VAL A 134 -4.08 -13.79 -7.99
C VAL A 134 -3.91 -15.30 -8.13
N GLU A 135 -2.75 -15.81 -7.84
CA GLU A 135 -2.52 -17.28 -7.97
C GLU A 135 -1.47 -17.73 -6.93
N VAL A 136 -1.81 -18.68 -6.11
CA VAL A 136 -0.84 -19.15 -5.08
C VAL A 136 0.13 -20.16 -5.70
N VAL A 137 1.40 -20.06 -5.35
CA VAL A 137 2.40 -21.01 -5.91
C VAL A 137 2.92 -21.95 -4.82
N ALA A 138 3.10 -21.45 -3.62
CA ALA A 138 3.60 -22.32 -2.53
C ALA A 138 3.25 -21.72 -1.16
N ILE A 139 3.51 -22.44 -0.09
CA ILE A 139 3.19 -21.92 1.26
C ILE A 139 4.05 -22.63 2.31
N ARG A 140 5.08 -21.98 2.79
CA ARG A 140 5.95 -22.62 3.81
C ARG A 140 6.02 -21.74 5.07
N GLU A 141 6.42 -22.30 6.17
CA GLU A 141 6.51 -21.50 7.43
C GLU A 141 7.86 -20.78 7.50
N ALA A 142 7.87 -19.56 7.97
CA ALA A 142 9.15 -18.80 8.06
C ALA A 142 9.78 -19.00 9.44
N THR A 143 11.04 -18.70 9.58
CA THR A 143 11.71 -18.88 10.91
C THR A 143 11.34 -17.71 11.83
N GLU A 144 11.92 -17.68 13.01
CA GLU A 144 11.60 -16.58 13.97
C GLU A 144 11.94 -15.22 13.34
N GLU A 145 13.06 -15.11 12.69
CA GLU A 145 13.44 -13.82 12.06
C GLU A 145 12.50 -13.50 10.90
N GLU A 146 12.21 -14.46 10.07
CA GLU A 146 11.29 -14.20 8.92
C GLU A 146 9.95 -13.68 9.44
N LEU A 147 9.41 -14.31 10.44
CA LEU A 147 8.11 -13.84 11.01
C LEU A 147 8.31 -12.54 11.77
N ALA A 148 9.53 -12.24 12.13
CA ALA A 148 9.81 -10.99 12.89
C ALA A 148 9.36 -9.77 12.07
N HIS A 149 9.81 -9.68 10.86
CA HIS A 149 9.42 -8.53 9.99
C HIS A 149 8.49 -9.01 8.88
N GLY A 150 8.36 -10.31 8.73
CA GLY A 150 7.47 -10.85 7.67
C GLY A 150 8.24 -10.92 6.34
N HIS A 151 9.25 -11.74 6.28
CA HIS A 151 10.04 -11.85 5.02
C HIS A 151 10.83 -13.16 5.00
N VAL A 152 11.56 -13.42 3.95
CA VAL A 152 12.35 -14.67 3.87
C VAL A 152 13.79 -14.36 3.45
N HIS A 153 14.72 -14.53 4.35
CA HIS A 153 16.15 -14.25 4.01
C HIS A 153 16.24 -13.01 3.12
N GLY A 154 16.27 -11.84 3.72
CA GLY A 154 16.37 -10.59 2.91
C GLY A 154 15.62 -9.46 3.62
N ALA A 155 14.34 -9.62 3.80
CA ALA A 155 13.57 -8.55 4.49
C ALA A 155 13.53 -7.29 3.62
N HIS A 156 12.36 -6.90 3.17
CA HIS A 156 12.25 -5.68 2.32
C HIS A 156 12.67 -4.44 3.12
N ASP A 157 12.52 -4.48 4.41
CA ASP A 157 12.90 -3.30 5.25
C ASP A 157 14.42 -3.27 5.44
N HIS A 158 15.06 -4.39 5.33
CA HIS A 158 16.55 -4.42 5.52
C HIS A 158 16.92 -3.92 6.92
N HIS A 159 17.96 -4.47 7.49
CA HIS A 159 18.37 -4.02 8.85
C HIS A 159 19.63 -4.78 9.30
N HIS A 160 20.38 -4.22 10.21
CA HIS A 160 21.61 -4.90 10.68
C HIS A 160 21.30 -6.33 11.12
N ASP A 161 22.27 -7.03 11.65
CA ASP A 161 22.02 -8.43 12.10
C ASP A 161 23.02 -8.83 13.18
N HIS A 162 22.94 -10.04 13.66
CA HIS A 162 23.90 -10.49 14.72
C HIS A 162 24.44 -11.88 14.39
N ASP A 163 24.92 -12.59 15.37
CA ASP A 163 25.45 -13.95 15.12
C ASP A 163 25.19 -14.86 16.32
N HIS A 164 25.66 -16.08 16.27
CA HIS A 164 25.45 -17.02 17.41
C HIS A 164 26.00 -16.41 18.71
N ASP A 165 26.08 -17.19 19.75
CA ASP A 165 26.62 -16.66 21.04
C ASP A 165 27.17 -17.81 21.89
N GLY A 166 26.38 -18.83 22.10
CA GLY A 166 26.86 -19.97 22.94
C GLY A 166 25.66 -20.79 23.41
N CYS A 167 24.58 -20.14 23.74
CA CYS A 167 23.37 -20.87 24.22
C CYS A 167 23.76 -22.11 25.02
N CYS A 168 24.73 -21.97 25.89
CA CYS A 168 25.17 -23.16 26.70
C CYS A 168 24.83 -22.93 28.18
N GLY A 169 23.65 -23.34 28.60
CA GLY A 169 23.26 -23.15 30.02
C GLY A 169 21.93 -22.41 30.09
N GLY A 170 20.86 -23.07 29.73
CA GLY A 170 19.53 -22.40 29.78
C GLY A 170 19.02 -22.16 28.35
N HIS A 171 18.34 -23.13 27.79
CA HIS A 171 17.82 -22.96 26.41
C HIS A 171 16.92 -24.15 26.03
N GLY A 172 15.89 -24.38 26.81
CA GLY A 172 14.98 -25.52 26.49
C GLY A 172 13.64 -24.99 26.00
N HIS A 173 12.86 -24.40 26.86
CA HIS A 173 11.54 -23.86 26.43
C HIS A 173 10.90 -23.07 27.56
N ASP A 174 10.40 -21.89 27.29
CA ASP A 174 9.76 -21.08 28.36
C ASP A 174 8.23 -21.20 28.25
N HIS A 175 7.55 -21.07 29.36
CA HIS A 175 6.05 -21.18 29.33
C HIS A 175 5.43 -19.78 29.45
N GLY A 176 6.20 -18.81 29.87
CA GLY A 176 5.64 -17.43 30.01
C GLY A 176 6.79 -16.45 30.22
N HIS A 177 6.48 -15.23 30.58
CA HIS A 177 7.55 -14.21 30.81
C HIS A 177 7.13 -13.24 31.90
N GLU A 178 6.14 -13.59 32.69
CA GLU A 178 5.69 -12.67 33.78
C GLU A 178 6.66 -12.72 34.95
N HIS A 179 6.95 -11.59 35.54
CA HIS A 179 7.89 -11.56 36.69
C HIS A 179 7.23 -12.14 37.94
N GLY A 180 6.27 -11.46 38.50
CA GLY A 180 5.58 -11.98 39.71
C GLY A 180 5.43 -10.85 40.73
N GLY A 181 4.26 -10.73 41.33
CA GLY A 181 4.06 -9.65 42.34
C GLY A 181 5.25 -9.60 43.30
N GLU A 182 5.27 -10.47 44.28
CA GLU A 182 6.40 -10.46 45.24
C GLU A 182 6.76 -9.03 45.64
N GLY A 183 8.00 -8.77 45.94
CA GLY A 183 8.42 -7.41 46.33
C GLY A 183 9.09 -6.71 45.14
N CYS A 184 9.60 -7.47 44.22
CA CYS A 184 10.26 -6.84 43.04
C CYS A 184 11.45 -5.99 43.48
N CYS A 185 12.50 -5.96 42.71
CA CYS A 185 13.69 -5.14 43.09
C CYS A 185 14.01 -5.34 44.58
N GLY A 186 14.47 -4.31 45.23
CA GLY A 186 14.81 -4.45 46.68
C GLY A 186 16.24 -3.95 46.93
N GLY A 187 16.39 -2.90 47.67
CA GLY A 187 17.76 -2.37 47.94
C GLY A 187 18.00 -2.32 49.45
N LYS A 188 17.08 -1.74 50.18
CA LYS A 188 17.25 -1.66 51.66
C LYS A 188 17.37 -3.06 52.26
N GLY A 189 17.45 -3.16 53.56
CA GLY A 189 17.56 -4.49 54.20
C GLY A 189 19.03 -4.80 54.51
N ASN A 190 19.58 -5.81 53.90
CA ASN A 190 21.01 -6.14 54.17
C ASN A 190 21.47 -7.25 53.22
N GLY A 191 22.75 -7.53 53.20
CA GLY A 191 23.26 -8.60 52.30
C GLY A 191 23.08 -8.18 50.84
N GLY A 192 23.54 -8.96 49.92
CA GLY A 192 23.39 -8.60 48.48
C GLY A 192 22.07 -9.14 47.95
N CYS A 193 21.18 -9.53 48.83
CA CYS A 193 19.86 -10.07 48.37
C CYS A 193 18.80 -9.87 49.46
N GLY A 194 17.60 -10.31 49.21
CA GLY A 194 16.53 -10.15 50.22
C GLY A 194 16.44 -11.41 51.08
N CYS A 195 17.56 -11.96 51.46
CA CYS A 195 17.54 -13.19 52.30
C CYS A 195 18.88 -13.38 53.01
N HIS A 196 18.98 -14.34 53.88
CA HIS A 196 20.27 -14.57 54.59
C HIS A 196 21.28 -15.26 53.68
N MET A 1 -3.24 -28.89 4.76
CA MET A 1 -2.52 -27.63 5.10
C MET A 1 -3.20 -26.43 4.42
N LYS A 2 -3.11 -25.27 5.02
CA LYS A 2 -3.75 -24.07 4.41
C LYS A 2 -2.88 -22.84 4.66
N VAL A 3 -3.23 -21.73 4.06
CA VAL A 3 -2.43 -20.49 4.27
C VAL A 3 -2.68 -19.93 5.68
N ALA A 4 -1.67 -19.35 6.28
CA ALA A 4 -1.85 -18.79 7.65
C ALA A 4 -0.86 -17.65 7.89
N LYS A 5 -1.00 -16.95 8.99
CA LYS A 5 -0.06 -15.83 9.28
C LYS A 5 1.37 -16.36 9.39
N ASP A 6 2.33 -15.49 9.48
CA ASP A 6 3.75 -15.95 9.60
C ASP A 6 4.01 -17.11 8.63
N LEU A 7 3.59 -16.97 7.40
CA LEU A 7 3.81 -18.06 6.42
C LEU A 7 4.13 -17.48 5.04
N VAL A 8 5.32 -17.74 4.54
CA VAL A 8 5.69 -17.20 3.20
C VAL A 8 4.77 -17.80 2.12
N VAL A 9 4.12 -16.96 1.37
CA VAL A 9 3.21 -17.48 0.30
C VAL A 9 3.33 -16.61 -0.96
N SER A 10 3.72 -17.20 -2.06
CA SER A 10 3.85 -16.41 -3.32
C SER A 10 2.54 -16.44 -4.09
N LEU A 11 2.05 -15.31 -4.49
CA LEU A 11 0.76 -15.28 -5.25
C LEU A 11 0.86 -14.32 -6.43
N ALA A 12 0.84 -14.84 -7.64
CA ALA A 12 0.93 -13.95 -8.83
C ALA A 12 -0.47 -13.56 -9.29
N TYR A 13 -0.65 -12.34 -9.74
CA TYR A 13 -2.00 -11.91 -10.19
C TYR A 13 -1.90 -10.75 -11.18
N GLN A 14 -2.82 -10.65 -12.10
CA GLN A 14 -2.78 -9.54 -13.08
C GLN A 14 -3.87 -8.51 -12.76
N VAL A 15 -3.53 -7.25 -12.73
CA VAL A 15 -4.56 -6.22 -12.41
C VAL A 15 -4.86 -5.36 -13.64
N ARG A 16 -6.07 -4.92 -13.78
CA ARG A 16 -6.44 -4.07 -14.95
C ARG A 16 -7.52 -3.06 -14.56
N THR A 17 -7.39 -1.83 -14.97
CA THR A 17 -8.41 -0.82 -14.60
C THR A 17 -9.46 -0.70 -15.72
N GLU A 18 -10.66 -0.32 -15.37
CA GLU A 18 -11.74 -0.18 -16.38
C GLU A 18 -11.18 0.42 -17.68
N ASP A 19 -10.19 1.28 -17.56
CA ASP A 19 -9.62 1.91 -18.78
C ASP A 19 -9.07 0.82 -19.72
N GLY A 20 -8.97 -0.38 -19.24
CA GLY A 20 -8.44 -1.49 -20.10
C GLY A 20 -6.92 -1.53 -20.00
N VAL A 21 -6.39 -0.99 -18.94
CA VAL A 21 -4.91 -0.99 -18.77
C VAL A 21 -4.50 -1.72 -17.48
N LEU A 22 -3.34 -2.30 -17.44
CA LEU A 22 -2.91 -3.02 -16.22
C LEU A 22 -1.91 -2.17 -15.43
N VAL A 23 -2.16 -1.95 -14.18
CA VAL A 23 -1.23 -1.12 -13.35
C VAL A 23 0.01 -1.94 -12.99
N ASP A 24 -0.13 -3.24 -12.86
CA ASP A 24 1.04 -4.09 -12.52
C ASP A 24 0.60 -5.54 -12.34
N GLU A 25 1.49 -6.47 -12.61
CA GLU A 25 1.12 -7.91 -12.47
C GLU A 25 2.36 -8.72 -12.06
N SER A 26 2.14 -9.86 -11.45
CA SER A 26 3.30 -10.70 -11.02
C SER A 26 3.42 -11.93 -11.93
N PRO A 27 4.44 -11.95 -12.73
CA PRO A 27 4.67 -13.08 -13.65
C PRO A 27 5.15 -14.32 -12.89
N VAL A 28 5.40 -15.39 -13.57
CA VAL A 28 5.87 -16.63 -12.87
C VAL A 28 7.31 -16.44 -12.40
N SER A 29 8.13 -15.81 -13.18
CA SER A 29 9.55 -15.59 -12.76
C SER A 29 9.63 -14.53 -11.67
N ALA A 30 8.51 -13.95 -11.32
CA ALA A 30 8.52 -12.90 -10.26
C ALA A 30 7.21 -12.94 -9.46
N PRO A 31 7.05 -14.00 -8.72
CA PRO A 31 5.82 -14.17 -7.89
C PRO A 31 5.86 -13.22 -6.70
N LEU A 32 4.74 -13.02 -6.06
CA LEU A 32 4.70 -12.10 -4.88
C LEU A 32 4.77 -12.91 -3.58
N ASP A 33 5.96 -13.15 -3.08
CA ASP A 33 6.08 -13.93 -1.82
C ASP A 33 6.19 -12.97 -0.62
N TYR A 34 5.37 -13.15 0.38
CA TYR A 34 5.43 -12.26 1.56
C TYR A 34 4.72 -12.91 2.76
N LEU A 35 4.89 -12.37 3.93
CA LEU A 35 4.25 -12.96 5.14
C LEU A 35 2.73 -12.77 5.05
N HIS A 36 1.99 -13.56 5.80
CA HIS A 36 0.51 -13.43 5.76
C HIS A 36 0.00 -12.75 7.04
N GLY A 37 -1.07 -12.02 6.96
CA GLY A 37 -1.60 -11.34 8.18
C GLY A 37 -0.85 -10.02 8.39
N HIS A 38 0.45 -10.07 8.38
CA HIS A 38 1.24 -8.81 8.59
C HIS A 38 2.31 -8.68 7.50
N GLY A 39 1.96 -8.10 6.38
CA GLY A 39 2.94 -7.94 5.28
C GLY A 39 2.65 -8.94 4.17
N SER A 40 1.46 -8.92 3.64
CA SER A 40 1.11 -9.87 2.55
C SER A 40 0.64 -9.11 1.30
N LEU A 41 -0.59 -8.69 1.29
CA LEU A 41 -1.11 -7.93 0.11
C LEU A 41 -2.09 -6.85 0.56
N ILE A 42 -3.35 -7.17 0.64
CA ILE A 42 -4.35 -6.15 1.08
C ILE A 42 -5.41 -6.80 1.97
N SER A 43 -5.94 -6.08 2.91
CA SER A 43 -6.98 -6.66 3.81
C SER A 43 -8.17 -7.18 3.00
N GLY A 44 -8.35 -6.64 1.82
CA GLY A 44 -9.49 -7.11 0.97
C GLY A 44 -9.15 -8.46 0.34
N LEU A 45 -7.97 -8.60 -0.20
CA LEU A 45 -7.58 -9.90 -0.82
C LEU A 45 -7.03 -10.85 0.24
N GLU A 46 -6.78 -10.36 1.42
CA GLU A 46 -6.25 -11.24 2.50
C GLU A 46 -7.28 -12.31 2.87
N THR A 47 -8.54 -11.98 2.80
CA THR A 47 -9.59 -12.97 3.15
C THR A 47 -9.68 -14.06 2.07
N ALA A 48 -9.30 -13.73 0.87
CA ALA A 48 -9.36 -14.73 -0.23
C ALA A 48 -8.19 -15.72 -0.12
N LEU A 49 -7.12 -15.31 0.51
CA LEU A 49 -5.95 -16.22 0.65
C LEU A 49 -6.28 -17.37 1.60
N GLU A 50 -6.88 -17.08 2.73
CA GLU A 50 -7.23 -18.16 3.69
C GLU A 50 -7.96 -19.30 2.97
N GLY A 51 -7.33 -20.43 2.85
CA GLY A 51 -7.98 -21.57 2.15
C GLY A 51 -7.92 -21.36 0.64
N HIS A 52 -6.74 -21.34 0.08
CA HIS A 52 -6.62 -21.12 -1.39
C HIS A 52 -5.96 -22.34 -2.05
N GLU A 53 -5.18 -23.08 -1.30
CA GLU A 53 -4.51 -24.28 -1.88
C GLU A 53 -3.52 -23.86 -2.96
N VAL A 54 -2.52 -24.66 -3.21
CA VAL A 54 -1.52 -24.30 -4.25
C VAL A 54 -2.00 -24.72 -5.63
N GLY A 55 -2.18 -23.78 -6.51
CA GLY A 55 -2.65 -24.11 -7.87
C GLY A 55 -4.10 -23.66 -8.05
N ASP A 56 -4.66 -23.04 -7.05
CA ASP A 56 -6.07 -22.58 -7.15
C ASP A 56 -6.12 -21.11 -7.57
N LYS A 57 -6.68 -20.82 -8.72
CA LYS A 57 -6.75 -19.40 -9.17
C LYS A 57 -8.10 -18.78 -8.77
N PHE A 58 -8.17 -17.49 -8.70
CA PHE A 58 -9.45 -16.83 -8.32
C PHE A 58 -9.34 -15.32 -8.52
N ASP A 59 -10.40 -14.70 -9.01
CA ASP A 59 -10.36 -13.23 -9.24
C ASP A 59 -11.10 -12.51 -8.10
N VAL A 60 -10.47 -11.52 -7.51
CA VAL A 60 -11.14 -10.78 -6.40
C VAL A 60 -11.22 -9.29 -6.74
N ALA A 61 -12.41 -8.79 -6.96
CA ALA A 61 -12.55 -7.34 -7.30
C ALA A 61 -12.38 -6.48 -6.03
N VAL A 62 -11.32 -5.73 -5.96
CA VAL A 62 -11.09 -4.86 -4.76
C VAL A 62 -10.12 -3.74 -5.09
N GLY A 63 -10.58 -2.52 -5.11
CA GLY A 63 -9.67 -1.38 -5.41
C GLY A 63 -9.92 -0.24 -4.43
N ALA A 64 -10.93 0.55 -4.66
CA ALA A 64 -11.23 1.67 -3.73
C ALA A 64 -12.03 1.17 -2.52
N ASN A 65 -12.63 0.02 -2.64
CA ASN A 65 -13.42 -0.52 -1.50
C ASN A 65 -12.50 -1.18 -0.48
N ASP A 66 -11.30 -1.51 -0.87
CA ASP A 66 -10.36 -2.15 0.10
C ASP A 66 -9.06 -2.56 -0.62
N ALA A 67 -8.36 -1.59 -1.17
CA ALA A 67 -7.09 -1.93 -1.89
C ALA A 67 -6.15 -0.72 -1.87
N TYR A 68 -5.52 -0.43 -2.97
CA TYR A 68 -4.59 0.73 -3.02
C TYR A 68 -5.37 2.04 -2.81
N GLY A 69 -6.55 2.12 -3.32
CA GLY A 69 -7.36 3.36 -3.15
C GLY A 69 -6.63 4.54 -3.80
N GLN A 70 -7.09 4.99 -4.93
CA GLN A 70 -6.42 6.14 -5.60
C GLN A 70 -7.28 7.41 -5.46
N TYR A 71 -8.55 7.29 -5.68
CA TYR A 71 -9.44 8.48 -5.55
C TYR A 71 -9.09 9.30 -4.31
N ASP A 72 -9.21 10.59 -4.40
CA ASP A 72 -8.89 11.46 -3.23
C ASP A 72 -10.08 12.38 -2.91
N GLU A 73 -10.65 12.23 -1.76
CA GLU A 73 -11.81 13.08 -1.38
C GLU A 73 -11.45 14.57 -1.56
N ASN A 74 -10.19 14.88 -1.56
CA ASN A 74 -9.79 16.31 -1.72
C ASN A 74 -10.23 16.83 -3.09
N LEU A 75 -10.59 15.94 -3.98
CA LEU A 75 -11.04 16.38 -5.34
C LEU A 75 -12.05 17.53 -5.21
N VAL A 76 -12.76 17.58 -4.12
CA VAL A 76 -13.76 18.68 -3.94
C VAL A 76 -13.09 20.05 -4.09
N GLN A 77 -13.71 20.95 -4.80
CA GLN A 77 -13.10 22.30 -4.98
C GLN A 77 -14.14 23.39 -4.72
N ARG A 78 -13.80 24.37 -3.93
CA ARG A 78 -14.78 25.47 -3.64
C ARG A 78 -14.47 26.69 -4.51
N VAL A 79 -15.39 27.07 -5.36
CA VAL A 79 -15.15 28.25 -6.24
C VAL A 79 -16.46 28.99 -6.50
N PRO A 80 -16.36 30.29 -6.59
CA PRO A 80 -17.56 31.13 -6.85
C PRO A 80 -18.02 30.97 -8.30
N LYS A 81 -19.20 31.44 -8.62
CA LYS A 81 -19.70 31.32 -10.02
C LYS A 81 -18.70 31.94 -11.00
N ASP A 82 -17.79 32.72 -10.52
CA ASP A 82 -16.79 33.36 -11.42
C ASP A 82 -16.15 32.30 -12.33
N VAL A 83 -16.20 31.07 -11.92
CA VAL A 83 -15.61 29.98 -12.76
C VAL A 83 -16.56 29.63 -13.92
N PHE A 84 -17.80 30.01 -13.82
CA PHE A 84 -18.77 29.71 -14.91
C PHE A 84 -19.30 31.00 -15.53
N MET A 85 -18.53 31.63 -16.36
CA MET A 85 -18.99 32.90 -16.99
C MET A 85 -20.23 32.64 -17.86
N GLY A 86 -21.39 32.60 -17.25
CA GLY A 86 -22.63 32.35 -18.04
C GLY A 86 -23.34 31.10 -17.51
N VAL A 87 -23.10 30.75 -16.27
CA VAL A 87 -23.75 29.55 -15.70
C VAL A 87 -25.23 29.49 -16.12
N ASP A 88 -25.89 30.61 -16.16
CA ASP A 88 -27.32 30.62 -16.55
C ASP A 88 -28.16 29.98 -15.44
N GLU A 89 -27.55 29.63 -14.35
CA GLU A 89 -28.31 29.00 -13.23
C GLU A 89 -27.33 28.39 -12.22
N LEU A 90 -27.13 29.04 -11.10
CA LEU A 90 -26.19 28.50 -10.09
C LEU A 90 -26.87 28.43 -8.72
N GLN A 91 -27.36 27.28 -8.34
CA GLN A 91 -28.04 27.15 -7.02
C GLN A 91 -27.66 25.82 -6.35
N VAL A 92 -27.88 25.70 -5.07
CA VAL A 92 -27.54 24.43 -4.37
C VAL A 92 -28.53 23.34 -4.74
N GLY A 93 -28.08 22.13 -4.88
CA GLY A 93 -29.00 21.02 -5.24
C GLY A 93 -28.94 20.77 -6.75
N MET A 94 -28.27 21.63 -7.47
CA MET A 94 -28.17 21.44 -8.95
C MET A 94 -26.78 20.95 -9.34
N ARG A 95 -26.71 20.01 -10.24
CA ARG A 95 -25.37 19.48 -10.66
C ARG A 95 -24.88 20.23 -11.90
N PHE A 96 -23.70 20.77 -11.85
CA PHE A 96 -23.15 21.51 -13.03
C PHE A 96 -21.97 20.75 -13.63
N LEU A 97 -21.62 21.05 -14.86
CA LEU A 97 -20.46 20.35 -15.49
C LEU A 97 -19.43 21.37 -15.98
N ALA A 98 -18.21 21.24 -15.56
CA ALA A 98 -17.16 22.20 -16.00
C ALA A 98 -16.40 21.64 -17.20
N GLU A 99 -15.75 22.48 -17.97
CA GLU A 99 -14.99 21.97 -19.15
C GLU A 99 -13.64 22.68 -19.24
N THR A 100 -12.65 22.18 -18.55
CA THR A 100 -11.31 22.84 -18.60
C THR A 100 -10.43 22.15 -19.66
N ASP A 101 -9.25 22.67 -19.90
CA ASP A 101 -8.36 22.05 -20.92
C ASP A 101 -7.87 20.69 -20.42
N GLN A 102 -7.98 20.43 -19.15
CA GLN A 102 -7.52 19.13 -18.60
C GLN A 102 -8.66 18.10 -18.62
N GLY A 103 -9.63 18.31 -19.47
CA GLY A 103 -10.77 17.35 -19.54
C GLY A 103 -11.98 17.95 -18.82
N PRO A 104 -13.14 17.47 -19.19
CA PRO A 104 -14.41 17.96 -18.58
C PRO A 104 -14.54 17.42 -17.15
N VAL A 105 -14.74 18.29 -16.20
CA VAL A 105 -14.89 17.82 -14.79
C VAL A 105 -16.26 18.21 -14.25
N PRO A 106 -17.03 17.20 -13.92
CA PRO A 106 -18.40 17.42 -13.39
C PRO A 106 -18.33 17.94 -11.95
N VAL A 107 -19.26 18.78 -11.57
CA VAL A 107 -19.24 19.33 -10.19
C VAL A 107 -20.63 19.22 -9.56
N GLU A 108 -20.71 18.81 -8.32
CA GLU A 108 -22.05 18.69 -7.67
C GLU A 108 -22.24 19.82 -6.66
N ILE A 109 -23.11 20.75 -6.95
CA ILE A 109 -23.34 21.88 -6.01
C ILE A 109 -24.09 21.39 -4.77
N THR A 110 -23.41 21.26 -3.67
CA THR A 110 -24.09 20.79 -2.42
C THR A 110 -24.43 21.97 -1.51
N ALA A 111 -23.63 23.00 -1.54
CA ALA A 111 -23.91 24.20 -0.69
C ALA A 111 -23.80 25.48 -1.52
N VAL A 112 -24.11 26.60 -0.94
CA VAL A 112 -24.02 27.88 -1.69
C VAL A 112 -23.81 29.06 -0.73
N GLU A 113 -22.81 29.85 -0.98
CA GLU A 113 -22.54 31.02 -0.08
C GLU A 113 -22.57 32.32 -0.88
N ASP A 114 -22.29 33.42 -0.24
CA ASP A 114 -22.29 34.72 -0.97
C ASP A 114 -21.11 34.79 -1.95
N ASP A 115 -21.37 35.13 -3.19
CA ASP A 115 -20.26 35.20 -4.17
C ASP A 115 -19.31 34.01 -4.01
N HIS A 116 -19.84 32.85 -3.73
CA HIS A 116 -18.96 31.66 -3.55
C HIS A 116 -19.82 30.40 -3.40
N VAL A 117 -19.46 29.34 -4.08
CA VAL A 117 -20.25 28.08 -3.98
C VAL A 117 -19.32 26.86 -4.01
N VAL A 118 -19.64 25.85 -3.26
CA VAL A 118 -18.78 24.63 -3.25
C VAL A 118 -19.40 23.53 -4.12
N VAL A 119 -18.59 22.64 -4.63
CA VAL A 119 -19.14 21.55 -5.50
C VAL A 119 -18.26 20.30 -5.38
N ASP A 120 -18.86 19.15 -5.38
CA ASP A 120 -18.07 17.89 -5.27
C ASP A 120 -18.33 17.00 -6.50
N GLY A 121 -17.48 16.04 -6.73
CA GLY A 121 -17.66 15.14 -7.91
C GLY A 121 -16.81 13.89 -7.75
N ASN A 122 -16.77 13.04 -8.74
CA ASN A 122 -15.95 11.80 -8.64
C ASN A 122 -14.78 11.86 -9.62
N HIS A 123 -13.59 11.54 -9.17
CA HIS A 123 -12.42 11.58 -10.08
C HIS A 123 -12.48 10.41 -11.07
N MET A 124 -11.43 10.21 -11.82
CA MET A 124 -11.43 9.09 -12.82
C MET A 124 -11.68 7.76 -12.11
N LEU A 125 -11.30 7.65 -10.87
CA LEU A 125 -11.52 6.37 -10.13
C LEU A 125 -12.59 6.58 -9.03
N ALA A 126 -12.28 6.26 -7.81
CA ALA A 126 -13.26 6.45 -6.71
C ALA A 126 -14.63 5.91 -7.14
N GLY A 127 -14.95 4.69 -6.78
CA GLY A 127 -16.27 4.12 -7.17
C GLY A 127 -16.06 2.99 -8.17
N GLN A 128 -14.84 2.77 -8.60
CA GLN A 128 -14.57 1.69 -9.57
C GLN A 128 -13.33 0.88 -9.15
N ASN A 129 -13.50 -0.04 -8.24
CA ASN A 129 -12.33 -0.85 -7.79
C ASN A 129 -11.59 -1.44 -8.98
N LEU A 130 -10.52 -2.14 -8.75
CA LEU A 130 -9.76 -2.75 -9.88
C LEU A 130 -10.01 -4.25 -9.94
N LYS A 131 -10.07 -4.80 -11.12
CA LYS A 131 -10.32 -6.27 -11.26
C LYS A 131 -9.01 -6.99 -11.58
N PHE A 132 -8.67 -7.99 -10.81
CA PHE A 132 -7.40 -8.72 -11.07
C PHE A 132 -7.54 -10.20 -10.66
N ASN A 133 -6.87 -11.08 -11.34
CA ASN A 133 -6.95 -12.53 -10.98
C ASN A 133 -5.71 -12.93 -10.18
N VAL A 134 -5.91 -13.57 -9.05
CA VAL A 134 -4.74 -13.98 -8.22
C VAL A 134 -4.55 -15.51 -8.27
N GLU A 135 -3.36 -15.96 -8.06
CA GLU A 135 -3.10 -17.44 -8.08
C GLU A 135 -2.09 -17.81 -6.99
N VAL A 136 -2.41 -18.80 -6.19
CA VAL A 136 -1.46 -19.20 -5.11
C VAL A 136 -0.28 -19.97 -5.70
N VAL A 137 0.89 -19.77 -5.17
CA VAL A 137 2.09 -20.49 -5.70
C VAL A 137 2.61 -21.50 -4.66
N ALA A 138 2.78 -21.06 -3.44
CA ALA A 138 3.29 -21.99 -2.39
C ALA A 138 2.93 -21.47 -1.00
N ILE A 139 2.88 -22.33 -0.02
CA ILE A 139 2.56 -21.90 1.36
C ILE A 139 3.49 -22.57 2.37
N ARG A 140 4.41 -21.84 2.92
CA ARG A 140 5.35 -22.45 3.91
C ARG A 140 5.69 -21.43 5.01
N GLU A 141 6.17 -21.89 6.13
CA GLU A 141 6.52 -20.96 7.23
C GLU A 141 7.91 -20.34 6.98
N ALA A 142 8.00 -19.04 7.04
CA ALA A 142 9.32 -18.38 6.81
C ALA A 142 10.27 -18.68 7.96
N THR A 143 11.55 -18.50 7.75
CA THR A 143 12.53 -18.77 8.84
C THR A 143 12.46 -17.67 9.89
N GLU A 144 13.32 -17.72 10.88
CA GLU A 144 13.30 -16.66 11.94
C GLU A 144 13.64 -15.30 11.33
N GLU A 145 14.56 -15.28 10.39
CA GLU A 145 14.94 -13.98 9.76
C GLU A 145 13.81 -13.47 8.87
N GLU A 146 13.11 -14.37 8.22
CA GLU A 146 11.99 -13.93 7.33
C GLU A 146 10.91 -13.22 8.16
N LEU A 147 10.48 -13.83 9.23
CA LEU A 147 9.43 -13.19 10.08
C LEU A 147 10.04 -12.03 10.87
N ALA A 148 11.34 -11.97 10.95
CA ALA A 148 12.00 -10.87 11.70
C ALA A 148 11.76 -9.53 10.99
N HIS A 149 12.08 -9.47 9.73
CA HIS A 149 11.88 -8.21 8.98
C HIS A 149 10.40 -8.07 8.60
N GLY A 150 9.59 -9.02 9.02
CA GLY A 150 8.14 -8.94 8.69
C GLY A 150 7.86 -9.75 7.42
N HIS A 151 8.87 -10.04 6.65
CA HIS A 151 8.65 -10.82 5.40
C HIS A 151 9.96 -11.51 4.97
N VAL A 152 9.94 -12.20 3.88
CA VAL A 152 11.17 -12.89 3.40
C VAL A 152 12.20 -11.86 2.92
N HIS A 153 13.45 -12.09 3.21
CA HIS A 153 14.51 -11.12 2.76
C HIS A 153 14.25 -9.74 3.37
N GLY A 154 15.26 -9.16 3.97
CA GLY A 154 15.07 -7.82 4.59
C GLY A 154 14.39 -6.89 3.59
N ALA A 155 14.06 -5.69 4.00
CA ALA A 155 13.39 -4.73 3.08
C ALA A 155 14.43 -3.89 2.33
N HIS A 156 15.67 -4.30 2.35
CA HIS A 156 16.72 -3.53 1.65
C HIS A 156 16.76 -3.91 0.16
N ASP A 157 16.01 -4.90 -0.22
CA ASP A 157 16.01 -5.32 -1.65
C ASP A 157 15.93 -4.08 -2.57
N HIS A 158 14.91 -3.28 -2.42
CA HIS A 158 14.78 -2.08 -3.27
C HIS A 158 13.70 -1.14 -2.71
N HIS A 159 12.46 -1.53 -2.80
CA HIS A 159 11.36 -0.67 -2.27
C HIS A 159 11.38 0.69 -2.96
N HIS A 160 12.26 1.56 -2.56
CA HIS A 160 12.33 2.91 -3.19
C HIS A 160 13.78 3.27 -3.53
N ASP A 161 13.99 4.40 -4.16
CA ASP A 161 15.38 4.80 -4.50
C ASP A 161 16.15 5.20 -3.24
N HIS A 162 17.39 4.78 -3.13
CA HIS A 162 18.18 5.14 -1.92
C HIS A 162 17.48 4.63 -0.65
N ASP A 163 18.04 3.64 -0.01
CA ASP A 163 17.40 3.11 1.23
C ASP A 163 17.81 3.95 2.44
N HIS A 164 17.58 5.23 2.39
CA HIS A 164 17.95 6.11 3.54
C HIS A 164 16.71 6.79 4.12
N ASP A 165 15.56 6.53 3.55
CA ASP A 165 14.32 7.17 4.06
C ASP A 165 14.04 6.70 5.50
N GLY A 166 12.89 7.05 6.03
CA GLY A 166 12.56 6.63 7.41
C GLY A 166 13.11 7.65 8.41
N CYS A 167 13.59 7.20 9.54
CA CYS A 167 14.14 8.14 10.55
C CYS A 167 14.56 7.38 11.81
N CYS A 168 15.81 6.99 11.89
CA CYS A 168 16.28 6.24 13.09
C CYS A 168 17.72 6.63 13.42
N GLY A 169 17.93 7.32 14.51
CA GLY A 169 19.31 7.73 14.87
C GLY A 169 19.75 6.95 16.12
N GLY A 170 18.86 6.80 17.08
CA GLY A 170 19.24 6.05 18.31
C GLY A 170 18.27 6.44 19.44
N HIS A 171 18.79 6.67 20.62
CA HIS A 171 17.91 7.05 21.76
C HIS A 171 17.27 8.42 21.51
N GLY A 172 15.99 8.46 21.29
CA GLY A 172 15.32 9.76 21.04
C GLY A 172 14.79 10.34 22.36
N HIS A 173 13.60 10.85 22.35
CA HIS A 173 13.03 11.42 23.61
C HIS A 173 12.02 10.45 24.22
N ASP A 174 10.92 10.22 23.55
CA ASP A 174 9.90 9.27 24.10
C ASP A 174 8.77 9.07 23.08
N HIS A 175 7.99 10.09 22.84
CA HIS A 175 6.87 9.96 21.86
C HIS A 175 7.22 10.69 20.56
N GLY A 176 6.34 10.64 19.60
CA GLY A 176 6.62 11.33 18.31
C GLY A 176 6.22 10.42 17.13
N HIS A 177 5.15 10.75 16.46
CA HIS A 177 4.71 9.90 15.32
C HIS A 177 3.76 10.69 14.41
N GLU A 178 2.97 10.00 13.62
CA GLU A 178 2.03 10.72 12.71
C GLU A 178 0.58 10.47 13.16
N HIS A 179 0.32 9.34 13.75
CA HIS A 179 -1.07 9.03 14.20
C HIS A 179 -1.24 9.41 15.68
N GLY A 180 -1.72 10.59 15.95
CA GLY A 180 -1.92 11.02 17.36
C GLY A 180 -3.41 11.05 17.70
N GLY A 181 -3.77 10.75 18.92
CA GLY A 181 -5.21 10.76 19.30
C GLY A 181 -5.80 12.12 18.99
N GLU A 182 -6.81 12.16 18.15
CA GLU A 182 -7.45 13.47 17.81
C GLU A 182 -8.92 13.25 17.45
N GLY A 183 -9.81 13.76 18.25
CA GLY A 183 -11.27 13.59 17.95
C GLY A 183 -11.95 14.96 17.93
N CYS A 184 -12.79 15.20 16.95
CA CYS A 184 -13.48 16.52 16.88
C CYS A 184 -14.61 16.46 15.85
N CYS A 185 -15.82 16.33 16.29
CA CYS A 185 -16.96 16.27 15.34
C CYS A 185 -18.10 17.20 15.79
N GLY A 186 -18.21 18.35 15.19
CA GLY A 186 -19.28 19.30 15.59
C GLY A 186 -18.94 20.69 15.07
N GLY A 187 -19.85 21.32 14.36
CA GLY A 187 -19.58 22.68 13.84
C GLY A 187 -20.83 23.54 13.98
N LYS A 188 -20.77 24.55 14.82
CA LYS A 188 -21.97 25.43 15.00
C LYS A 188 -23.15 24.60 15.51
N GLY A 189 -23.51 24.75 16.75
CA GLY A 189 -24.66 23.99 17.31
C GLY A 189 -25.95 24.79 17.12
N ASN A 190 -27.08 24.14 17.19
CA ASN A 190 -28.37 24.88 17.02
C ASN A 190 -28.36 26.15 17.86
N GLY A 191 -28.41 27.29 17.22
CA GLY A 191 -28.41 28.57 17.99
C GLY A 191 -29.63 28.62 18.91
N GLY A 192 -29.95 29.77 19.43
CA GLY A 192 -31.13 29.88 20.33
C GLY A 192 -31.09 31.23 21.07
N CYS A 193 -32.17 31.95 21.04
CA CYS A 193 -32.19 33.28 21.75
C CYS A 193 -32.95 33.16 23.07
N GLY A 194 -33.50 32.01 23.35
CA GLY A 194 -34.24 31.84 24.63
C GLY A 194 -35.01 30.51 24.60
N CYS A 195 -35.53 30.09 25.72
CA CYS A 195 -36.29 28.81 25.76
C CYS A 195 -35.49 27.70 25.05
N HIS A 196 -34.27 27.49 25.45
CA HIS A 196 -33.45 26.43 24.79
C HIS A 196 -32.25 26.06 25.67
#